data_2CN2
#
_entry.id   2CN2
#
_cell.length_a   100.437
_cell.length_b   97.941
_cell.length_c   199.122
_cell.angle_alpha   90.00
_cell.angle_beta   97.62
_cell.angle_gamma   90.00
#
_symmetry.space_group_name_H-M   'P 1 21 1'
#
loop_
_entity.id
_entity.type
_entity.pdbx_description
1 polymer 'BETA-1,4-XYLOGLUCAN HYDROLASE'
2 non-polymer 'CADMIUM ION'
3 water water
#
_entity_poly.entity_id   1
_entity_poly.type   'polypeptide(L)'
_entity_poly.pdbx_seq_one_letter_code
;ISSQAVTSVPYKWDNVVIGGGGGF(MSE)PGIVFNETEKDLIYARADIGGAYRWDPSTETWIPLLDHFQ(MSE)DEYSYY
GVESIATDPVDPNRVYIVAG(MSE)YTNDWLPN(MSE)GAILRSTDRGETWEKTILPFK(MSE)GGN(MSE)PGRS
(MSE)GERLAIDPNDNRILYLGTRCGNGLWRSTDYGVTWSKVESFPNPGTYIYDPNFDYTKDIIGVVWVVFDKSSSTPGN
PTKTIYVGVADKNESIYRSTDGGVTWKAVPGQPKGLLPHHGVLASNG(MSE)LYITYGDTCGPYDGNGKGQVWKFNTRTG
EWIDITPIPYSSSDNRFCFAGLAVDRQNPDII(MSE)VTS(MSE)NAWWPDEYIFRSTDGGATWKNIWEWG(MSE)YPER
ILHYEIDISAAPWLDWGTEKQLPEINPKLGW(MSE)IGDIEIDPFNSDR(MSE)(MSE)YVTGATIYGCDNLTDWDRGGK
VKIEVKATGIEECAVLDLVSPPEGAPLVSAVGDLVGFVHDDLKVGPKK(MSE)HVPSYSSGTGIDYAELVPNF(MSE)AL
VAKADLYDVKKISFSYDGGRNWFQPPNEAPNSVGGGSVAVAADAKSVIWTPENASPAVTTDNGNSWKVCTNLG(MSE)GA
VVASDRVNGKKFYAFYNGKFYISTDGGLTFTDTKAPQLPKSVNKIKAVPGKEGHVWLAAREGGLWRSTDGGYTFEKLSNV
DTAHVVGFGKAAPGQDY(MSE)AIYITGKIDNVLGFFRSDDAGKTWVRINDDEHGYGAVDTAITGDPRVYGRVYIATNGR
GIVYGEPASDEPV
;
_entity_poly.pdbx_strand_id   A,B,C,D
#
# COMPACT_ATOMS: atom_id res chain seq x y z
N VAL A 6 -41.94 -8.56 2.21
CA VAL A 6 -40.44 -8.43 2.22
C VAL A 6 -39.79 -9.44 3.17
N THR A 7 -38.93 -10.29 2.61
CA THR A 7 -38.20 -11.28 3.38
C THR A 7 -36.91 -10.67 3.94
N SER A 8 -36.29 -11.36 4.89
CA SER A 8 -35.04 -10.91 5.49
C SER A 8 -33.90 -11.85 5.14
N VAL A 9 -32.69 -11.31 5.13
CA VAL A 9 -31.46 -12.10 5.01
C VAL A 9 -30.57 -11.80 6.23
N PRO A 10 -29.91 -12.82 6.79
CA PRO A 10 -29.13 -12.60 8.01
C PRO A 10 -27.88 -11.73 7.78
N TYR A 11 -27.71 -10.72 8.64
CA TYR A 11 -26.56 -9.83 8.55
C TYR A 11 -25.80 -9.79 9.87
N LYS A 12 -24.52 -9.45 9.78
CA LYS A 12 -23.66 -9.23 10.95
C LYS A 12 -23.40 -7.74 11.07
N TRP A 13 -23.83 -7.14 12.18
CA TRP A 13 -23.79 -5.68 12.38
C TRP A 13 -22.75 -5.30 13.40
N ASP A 14 -22.06 -4.21 13.13
CA ASP A 14 -21.01 -3.71 14.02
C ASP A 14 -20.76 -2.21 13.77
N ASN A 15 -20.06 -1.56 14.69
CA ASN A 15 -19.61 -0.18 14.49
C ASN A 15 -18.31 -0.17 13.71
N VAL A 16 -18.18 0.76 12.77
CA VAL A 16 -16.87 1.18 12.28
C VAL A 16 -16.24 1.94 13.44
N VAL A 17 -15.00 1.63 13.78
CA VAL A 17 -14.37 2.25 14.97
C VAL A 17 -13.91 3.69 14.74
N ILE A 18 -14.49 4.62 15.49
CA ILE A 18 -13.94 5.96 15.65
C ILE A 18 -13.09 5.97 16.93
N GLY A 19 -13.61 5.32 17.97
CA GLY A 19 -12.90 5.13 19.22
C GLY A 19 -13.23 6.18 20.25
N GLY A 20 -13.35 5.76 21.51
CA GLY A 20 -13.44 6.67 22.64
C GLY A 20 -14.73 7.46 22.77
N GLY A 21 -15.80 6.94 22.20
CA GLY A 21 -17.12 7.56 22.31
C GLY A 21 -17.39 8.64 21.27
N GLY A 22 -16.82 9.82 21.50
CA GLY A 22 -16.91 10.92 20.53
C GLY A 22 -17.95 11.99 20.83
N GLY A 23 -18.68 11.81 21.92
CA GLY A 23 -19.77 12.71 22.29
C GLY A 23 -19.87 12.90 23.77
N PHE A 24 -21.03 13.41 24.20
CA PHE A 24 -21.28 13.67 25.61
C PHE A 24 -22.09 12.53 26.23
N PRO A 26 -23.64 12.08 29.63
CA PRO A 26 -23.92 12.92 30.80
C PRO A 26 -23.88 12.21 32.17
N GLY A 27 -23.92 10.87 32.18
CA GLY A 27 -23.87 10.12 33.44
C GLY A 27 -23.20 8.75 33.42
N ILE A 28 -22.53 8.42 34.53
CA ILE A 28 -22.04 7.07 34.81
C ILE A 28 -22.68 6.57 36.11
N VAL A 29 -23.18 5.33 36.13
CA VAL A 29 -23.80 4.80 37.36
C VAL A 29 -23.21 3.43 37.75
N PHE A 30 -22.55 3.39 38.92
CA PHE A 30 -22.08 2.15 39.52
C PHE A 30 -23.20 1.51 40.33
N ASN A 31 -23.28 0.19 40.28
CA ASN A 31 -24.12 -0.56 41.21
C ASN A 31 -23.51 -0.54 42.62
N GLU A 32 -24.34 -0.29 43.62
CA GLU A 32 -23.88 -0.18 45.02
C GLU A 32 -23.45 -1.50 45.64
N THR A 33 -23.91 -2.62 45.10
CA THR A 33 -23.68 -3.92 45.75
C THR A 33 -22.86 -4.93 44.93
N GLU A 34 -22.91 -4.86 43.60
CA GLU A 34 -22.07 -5.74 42.78
C GLU A 34 -20.87 -5.04 42.18
N LYS A 35 -19.69 -5.57 42.50
CA LYS A 35 -18.42 -5.08 41.99
C LYS A 35 -18.39 -5.20 40.46
N ASP A 36 -17.80 -4.20 39.81
CA ASP A 36 -17.61 -4.17 38.34
C ASP A 36 -18.89 -4.00 37.51
N LEU A 37 -20.01 -3.77 38.18
CA LEU A 37 -21.25 -3.47 37.48
C LEU A 37 -21.43 -1.96 37.29
N ILE A 38 -21.24 -1.51 36.05
CA ILE A 38 -21.34 -0.09 35.71
C ILE A 38 -22.18 0.11 34.46
N TYR A 39 -22.96 1.19 34.46
CA TYR A 39 -23.70 1.64 33.30
C TYR A 39 -23.32 3.07 32.90
N ALA A 40 -23.51 3.42 31.64
CA ALA A 40 -23.29 4.79 31.19
C ALA A 40 -24.41 5.22 30.26
N ARG A 41 -24.89 6.45 30.46
CA ARG A 41 -25.99 6.98 29.67
C ARG A 41 -25.52 8.09 28.71
N ALA A 42 -26.14 8.13 27.54
CA ALA A 42 -25.82 9.09 26.50
C ALA A 42 -26.98 10.06 26.33
N ASP A 43 -26.71 11.24 25.77
CA ASP A 43 -27.77 12.20 25.51
C ASP A 43 -28.52 11.93 24.20
N ILE A 44 -27.83 11.43 23.19
CA ILE A 44 -28.46 11.08 21.92
C ILE A 44 -28.18 9.62 21.56
N GLY A 45 -27.64 8.87 22.51
CA GLY A 45 -26.64 7.87 22.21
C GLY A 45 -26.91 6.54 22.91
N GLY A 46 -28.04 6.47 23.59
CA GLY A 46 -28.48 5.23 24.22
C GLY A 46 -27.82 4.99 25.56
N ALA A 47 -27.66 3.73 25.93
CA ALA A 47 -26.97 3.37 27.16
C ALA A 47 -26.07 2.15 26.94
N TYR A 48 -25.09 2.01 27.83
CA TYR A 48 -24.07 0.95 27.79
C TYR A 48 -23.90 0.32 29.16
N ARG A 49 -23.52 -0.97 29.16
CA ARG A 49 -23.06 -1.67 30.35
C ARG A 49 -21.58 -1.99 30.17
N TRP A 50 -20.82 -1.85 31.25
CA TRP A 50 -19.39 -2.11 31.25
C TRP A 50 -19.13 -3.61 31.22
N ASP A 51 -18.17 -4.01 30.38
CA ASP A 51 -17.63 -5.36 30.40
C ASP A 51 -16.25 -5.27 31.03
N PRO A 52 -16.14 -5.73 32.29
CA PRO A 52 -14.87 -5.59 33.01
C PRO A 52 -13.76 -6.55 32.55
N SER A 53 -14.10 -7.58 31.78
CA SER A 53 -13.08 -8.50 31.26
C SER A 53 -12.24 -7.88 30.13
N THR A 54 -12.83 -6.95 29.39
CA THR A 54 -12.13 -6.31 28.25
C THR A 54 -11.91 -4.79 28.37
N GLU A 55 -12.42 -4.17 29.43
CA GLU A 55 -12.45 -2.70 29.57
C GLU A 55 -13.22 -2.04 28.42
N THR A 56 -14.38 -2.59 28.10
CA THR A 56 -15.22 -2.08 27.01
C THR A 56 -16.67 -1.89 27.46
N TRP A 57 -17.41 -1.09 26.70
CA TRP A 57 -18.82 -0.88 26.98
C TRP A 57 -19.68 -1.59 25.93
N ILE A 58 -20.77 -2.19 26.38
CA ILE A 58 -21.72 -2.87 25.50
C ILE A 58 -23.02 -2.06 25.34
N PRO A 59 -23.38 -1.71 24.08
CA PRO A 59 -24.59 -0.92 23.83
C PRO A 59 -25.88 -1.71 24.10
N LEU A 60 -26.86 -1.04 24.71
CA LEU A 60 -28.03 -1.74 25.27
C LEU A 60 -29.35 -1.48 24.57
N LEU A 61 -29.43 -0.38 23.81
CA LEU A 61 -30.73 0.09 23.29
C LEU A 61 -30.84 0.08 21.77
N ASP A 62 -29.98 -0.67 21.10
CA ASP A 62 -29.90 -0.68 19.63
C ASP A 62 -31.11 -1.28 18.93
N HIS A 63 -31.98 -1.95 19.68
CA HIS A 63 -33.23 -2.46 19.12
C HIS A 63 -34.21 -1.34 18.69
N PHE A 64 -34.05 -0.13 19.25
CA PHE A 64 -34.96 0.96 18.90
C PHE A 64 -34.79 1.35 17.42
N GLN A 65 -35.91 1.31 16.69
CA GLN A 65 -35.93 1.61 15.26
C GLN A 65 -36.10 3.11 15.07
N ASP A 67 -38.50 5.04 14.21
CA ASP A 67 -39.70 5.64 14.78
C ASP A 67 -39.60 5.82 16.30
N GLU A 68 -38.54 5.28 16.90
CA GLU A 68 -38.30 5.41 18.34
C GLU A 68 -36.89 5.92 18.67
N TYR A 69 -36.36 6.73 17.76
CA TYR A 69 -35.09 7.41 17.95
C TYR A 69 -35.03 8.18 19.28
N SER A 70 -36.16 8.77 19.68
CA SER A 70 -36.22 9.53 20.93
C SER A 70 -35.73 8.76 22.14
N TYR A 71 -35.87 7.44 22.11
CA TYR A 71 -35.47 6.59 23.24
C TYR A 71 -33.97 6.31 23.36
N TYR A 72 -33.18 6.85 22.43
CA TYR A 72 -31.72 6.91 22.59
C TYR A 72 -31.30 8.05 23.51
N GLY A 73 -32.21 8.99 23.77
CA GLY A 73 -31.98 10.03 24.77
C GLY A 73 -32.24 9.48 26.16
N VAL A 74 -31.17 9.26 26.91
CA VAL A 74 -31.27 8.62 28.21
C VAL A 74 -31.16 9.66 29.33
N GLU A 75 -32.32 10.06 29.85
CA GLU A 75 -32.45 11.03 30.92
C GLU A 75 -31.82 10.54 32.23
N SER A 76 -32.02 9.25 32.54
CA SER A 76 -31.50 8.67 33.76
C SER A 76 -31.37 7.16 33.63
N ILE A 77 -30.41 6.59 34.34
CA ILE A 77 -30.32 5.14 34.44
C ILE A 77 -30.19 4.75 35.92
N ALA A 78 -30.92 3.71 36.32
CA ALA A 78 -30.79 3.21 37.69
C ALA A 78 -30.58 1.70 37.73
N THR A 79 -29.62 1.29 38.57
CA THR A 79 -29.26 -0.11 38.69
C THR A 79 -29.59 -0.63 40.09
N ASP A 80 -30.34 -1.73 40.12
CA ASP A 80 -30.94 -2.25 41.35
C ASP A 80 -29.86 -2.81 42.30
N PRO A 81 -29.75 -2.24 43.53
CA PRO A 81 -28.78 -2.72 44.52
C PRO A 81 -29.21 -4.02 45.21
N VAL A 82 -30.51 -4.28 45.22
CA VAL A 82 -31.06 -5.49 45.85
C VAL A 82 -30.91 -6.67 44.90
N ASP A 83 -31.29 -6.44 43.65
CA ASP A 83 -31.18 -7.42 42.58
C ASP A 83 -30.44 -6.80 41.39
N PRO A 84 -29.09 -6.89 41.37
CA PRO A 84 -28.26 -6.30 40.29
C PRO A 84 -28.63 -6.73 38.86
N ASN A 85 -29.47 -7.75 38.70
CA ASN A 85 -30.00 -8.10 37.37
C ASN A 85 -30.94 -7.03 36.80
N ARG A 86 -31.58 -6.24 37.66
CA ARG A 86 -32.54 -5.24 37.20
C ARG A 86 -31.90 -3.88 36.93
N VAL A 87 -32.35 -3.24 35.85
CA VAL A 87 -31.87 -1.92 35.46
C VAL A 87 -33.00 -1.19 34.74
N TYR A 88 -33.14 0.09 35.04
CA TYR A 88 -34.22 0.90 34.47
C TYR A 88 -33.67 2.14 33.77
N ILE A 89 -34.31 2.52 32.67
CA ILE A 89 -33.99 3.76 31.98
C ILE A 89 -35.23 4.64 31.82
N VAL A 90 -35.08 5.92 32.15
CA VAL A 90 -36.03 6.93 31.71
C VAL A 90 -35.62 7.54 30.37
N ALA A 91 -36.44 7.34 29.35
CA ALA A 91 -36.02 7.53 27.97
C ALA A 91 -36.90 8.53 27.25
N GLY A 92 -36.29 9.40 26.45
CA GLY A 92 -37.01 10.47 25.77
C GLY A 92 -36.04 11.61 25.58
N TYR A 94 -36.35 14.81 23.73
CA TYR A 94 -36.77 16.22 23.77
C TYR A 94 -38.13 16.40 24.44
N THR A 95 -38.27 17.46 25.23
CA THR A 95 -39.55 17.78 25.88
C THR A 95 -40.48 18.59 24.97
N ASN A 96 -39.97 18.95 23.80
CA ASN A 96 -40.72 19.69 22.79
C ASN A 96 -41.20 18.77 21.66
N ASP A 97 -41.55 19.37 20.53
CA ASP A 97 -42.15 18.65 19.40
C ASP A 97 -41.19 18.25 18.29
N TRP A 98 -39.88 18.29 18.57
CA TRP A 98 -38.89 17.85 17.59
C TRP A 98 -39.10 16.37 17.29
N LEU A 99 -39.53 15.62 18.31
CA LEU A 99 -39.93 14.22 18.15
C LEU A 99 -41.31 14.00 18.81
N PRO A 100 -42.13 13.09 18.25
CA PRO A 100 -43.51 12.94 18.73
C PRO A 100 -43.69 12.03 19.96
N ASN A 101 -42.71 11.18 20.26
CA ASN A 101 -42.83 10.17 21.31
C ASN A 101 -43.00 10.76 22.72
N GLY A 103 -42.40 10.27 26.72
CA GLY A 103 -41.31 9.66 27.47
C GLY A 103 -41.68 8.26 27.94
N ALA A 104 -40.66 7.45 28.23
CA ALA A 104 -40.88 6.08 28.68
C ALA A 104 -39.94 5.67 29.81
N ILE A 105 -40.41 4.77 30.67
CA ILE A 105 -39.54 4.06 31.60
C ILE A 105 -39.26 2.68 30.98
N LEU A 106 -37.98 2.40 30.75
CA LEU A 106 -37.57 1.11 30.22
C LEU A 106 -37.13 0.25 31.39
N ARG A 107 -37.53 -1.03 31.38
CA ARG A 107 -37.23 -1.94 32.47
C ARG A 107 -36.64 -3.24 31.96
N SER A 108 -35.53 -3.66 32.57
CA SER A 108 -34.87 -4.90 32.19
C SER A 108 -34.51 -5.72 33.43
N THR A 109 -34.59 -7.05 33.29
CA THR A 109 -34.23 -7.95 34.37
C THR A 109 -33.03 -8.81 34.00
N ASP A 110 -32.46 -8.55 32.83
CA ASP A 110 -31.21 -9.18 32.43
C ASP A 110 -30.13 -8.15 32.13
N ARG A 111 -30.18 -7.03 32.85
CA ARG A 111 -29.12 -6.02 32.78
C ARG A 111 -29.05 -5.41 31.38
N GLY A 112 -30.20 -5.33 30.71
CA GLY A 112 -30.36 -4.45 29.56
C GLY A 112 -30.13 -5.19 28.26
N GLU A 113 -30.06 -6.51 28.33
CA GLU A 113 -30.10 -7.35 27.13
C GLU A 113 -31.50 -7.34 26.48
N THR A 114 -32.55 -7.33 27.30
CA THR A 114 -33.91 -7.19 26.80
C THR A 114 -34.67 -6.16 27.65
N TRP A 115 -35.69 -5.56 27.06
CA TRP A 115 -36.39 -4.44 27.65
C TRP A 115 -37.90 -4.51 27.46
N GLU A 116 -38.62 -4.12 28.50
CA GLU A 116 -40.03 -3.73 28.36
C GLU A 116 -40.11 -2.22 28.62
N LYS A 117 -41.17 -1.58 28.16
CA LYS A 117 -41.36 -0.17 28.47
C LYS A 117 -42.75 0.18 28.97
N THR A 118 -42.80 1.20 29.82
CA THR A 118 -44.04 1.85 30.21
C THR A 118 -44.04 3.27 29.63
N ILE A 119 -44.99 3.55 28.76
CA ILE A 119 -45.13 4.91 28.19
C ILE A 119 -45.72 5.84 29.27
N LEU A 120 -45.12 7.03 29.41
CA LEU A 120 -45.56 8.01 30.40
C LEU A 120 -46.45 9.08 29.77
N PRO A 121 -47.27 9.78 30.58
CA PRO A 121 -48.10 10.84 29.99
C PRO A 121 -47.36 12.17 29.79
N PHE A 122 -46.03 12.13 29.78
CA PHE A 122 -45.18 13.31 29.56
C PHE A 122 -43.86 12.91 28.88
N LYS A 123 -43.03 13.90 28.56
CA LYS A 123 -41.79 13.70 27.82
C LYS A 123 -40.54 13.85 28.70
N GLY A 125 -36.14 14.75 28.61
CA GLY A 125 -35.23 15.62 27.88
C GLY A 125 -33.80 15.12 27.94
N GLY A 126 -33.58 13.90 27.49
CA GLY A 126 -32.25 13.29 27.44
C GLY A 126 -31.21 14.17 26.76
N ASN A 127 -31.65 14.91 25.73
CA ASN A 127 -30.78 15.88 25.03
C ASN A 127 -31.18 17.35 25.28
N PRO A 129 -31.07 20.95 28.08
CA PRO A 129 -30.18 21.57 29.08
C PRO A 129 -30.23 20.91 30.46
N GLY A 130 -29.07 20.84 31.10
CA GLY A 130 -28.96 20.29 32.44
C GLY A 130 -28.96 18.77 32.53
N ARG A 131 -28.72 18.10 31.41
CA ARG A 131 -28.78 16.64 31.30
C ARG A 131 -27.79 15.83 32.19
N SER A 132 -26.70 16.46 32.60
CA SER A 132 -25.75 15.78 33.50
C SER A 132 -26.14 15.85 34.98
N GLY A 134 -28.30 14.72 37.97
CA GLY A 134 -28.92 13.41 38.19
C GLY A 134 -28.40 12.66 39.42
N GLU A 135 -28.80 11.40 39.58
CA GLU A 135 -29.73 10.73 38.69
C GLU A 135 -31.17 10.94 39.13
N ARG A 136 -32.02 11.32 38.16
CA ARG A 136 -33.45 11.56 38.39
C ARG A 136 -34.22 10.30 38.80
N LEU A 137 -33.77 9.14 38.30
CA LEU A 137 -34.40 7.85 38.56
C LEU A 137 -33.65 7.07 39.64
N ALA A 138 -34.36 6.66 40.67
CA ALA A 138 -33.72 5.96 41.81
C ALA A 138 -34.54 4.78 42.32
N ILE A 139 -33.86 3.72 42.75
CA ILE A 139 -34.48 2.50 43.27
C ILE A 139 -34.28 2.44 44.78
N ASP A 140 -35.37 2.21 45.52
CA ASP A 140 -35.34 2.03 46.97
C ASP A 140 -34.45 0.83 47.34
N PRO A 141 -33.36 1.08 48.10
CA PRO A 141 -32.40 0.03 48.47
C PRO A 141 -32.89 -0.94 49.55
N ASN A 142 -34.00 -0.61 50.21
CA ASN A 142 -34.62 -1.52 51.19
C ASN A 142 -35.80 -2.28 50.61
N ASP A 143 -36.54 -1.63 49.72
CA ASP A 143 -37.70 -2.22 49.09
C ASP A 143 -37.66 -1.90 47.60
N ASN A 144 -37.01 -2.79 46.82
CA ASN A 144 -36.77 -2.51 45.39
C ASN A 144 -37.99 -2.56 44.48
N ARG A 145 -39.16 -2.79 45.08
CA ARG A 145 -40.45 -2.62 44.39
C ARG A 145 -40.68 -1.15 44.03
N ILE A 146 -40.05 -0.26 44.80
CA ILE A 146 -40.31 1.17 44.78
C ILE A 146 -39.23 1.95 44.01
N LEU A 147 -39.68 2.76 43.05
CA LEU A 147 -38.79 3.67 42.32
C LEU A 147 -39.34 5.09 42.32
N TYR A 148 -38.45 6.07 42.46
CA TYR A 148 -38.79 7.49 42.32
C TYR A 148 -38.18 8.08 41.05
N LEU A 149 -38.91 9.02 40.44
CA LEU A 149 -38.49 9.67 39.22
C LEU A 149 -38.68 11.19 39.28
N GLY A 150 -37.58 11.91 39.19
CA GLY A 150 -37.60 13.36 38.96
C GLY A 150 -37.87 13.65 37.49
N THR A 151 -38.73 14.64 37.24
CA THR A 151 -39.15 14.94 35.87
C THR A 151 -38.93 16.41 35.49
N ARG A 152 -38.93 16.67 34.19
CA ARG A 152 -38.84 18.02 33.65
C ARG A 152 -40.21 18.67 33.48
N CYS A 153 -40.23 19.95 33.14
CA CYS A 153 -41.44 20.68 32.71
C CYS A 153 -42.55 20.79 33.75
N GLY A 154 -42.20 20.77 35.03
CA GLY A 154 -43.19 20.98 36.09
C GLY A 154 -44.04 19.76 36.43
N ASN A 155 -43.73 18.62 35.81
CA ASN A 155 -44.41 17.37 36.11
C ASN A 155 -44.08 16.79 37.50
N GLY A 156 -43.00 17.29 38.10
CA GLY A 156 -42.66 17.01 39.50
C GLY A 156 -41.95 15.70 39.79
N LEU A 157 -42.29 15.12 40.94
CA LEU A 157 -41.74 13.85 41.40
C LEU A 157 -42.76 12.75 41.17
N TRP A 158 -42.31 11.67 40.55
CA TRP A 158 -43.19 10.54 40.25
C TRP A 158 -42.67 9.28 40.93
N ARG A 159 -43.55 8.27 41.05
CA ARG A 159 -43.24 7.05 41.81
C ARG A 159 -43.92 5.81 41.23
N SER A 160 -43.23 4.68 41.37
CA SER A 160 -43.77 3.37 41.08
C SER A 160 -43.58 2.48 42.30
N THR A 161 -44.55 1.63 42.58
CA THR A 161 -44.42 0.67 43.68
C THR A 161 -44.54 -0.77 43.17
N ASP A 162 -44.47 -0.95 41.85
CA ASP A 162 -44.54 -2.28 41.24
C ASP A 162 -43.40 -2.52 40.24
N TYR A 163 -42.17 -2.23 40.65
CA TYR A 163 -40.96 -2.46 39.84
C TYR A 163 -41.00 -1.70 38.50
N GLY A 164 -41.55 -0.49 38.54
CA GLY A 164 -41.54 0.40 37.38
C GLY A 164 -42.58 0.14 36.32
N VAL A 165 -43.50 -0.79 36.57
CA VAL A 165 -44.55 -1.14 35.59
C VAL A 165 -45.57 0.00 35.45
N THR A 166 -46.01 0.55 36.59
CA THR A 166 -47.00 1.63 36.58
C THR A 166 -46.48 2.81 37.38
N TRP A 167 -46.83 4.01 36.93
CA TRP A 167 -46.30 5.22 37.50
C TRP A 167 -47.39 6.23 37.84
N SER A 168 -47.20 6.92 38.96
CA SER A 168 -48.10 8.01 39.36
C SER A 168 -47.31 9.17 39.95
N LYS A 169 -47.88 10.37 39.86
CA LYS A 169 -47.32 11.58 40.45
C LYS A 169 -47.39 11.52 41.99
N VAL A 170 -46.30 11.91 42.64
CA VAL A 170 -46.28 12.10 44.09
C VAL A 170 -46.92 13.46 44.36
N GLU A 171 -48.23 13.45 44.59
CA GLU A 171 -49.03 14.68 44.70
C GLU A 171 -48.55 15.59 45.84
N SER A 172 -48.12 14.97 46.93
CA SER A 172 -47.64 15.71 48.11
C SER A 172 -46.26 16.36 47.98
N PHE A 173 -45.58 16.14 46.85
CA PHE A 173 -44.28 16.78 46.65
C PHE A 173 -44.45 18.27 46.33
N PRO A 174 -43.75 19.16 47.07
CA PRO A 174 -44.07 20.59 47.10
C PRO A 174 -43.63 21.42 45.88
N ASN A 175 -42.55 21.03 45.20
CA ASN A 175 -41.89 21.91 44.25
C ASN A 175 -41.28 21.18 43.04
N PRO A 176 -41.94 21.27 41.87
CA PRO A 176 -41.45 20.62 40.64
C PRO A 176 -40.36 21.43 39.93
N GLY A 177 -39.98 22.58 40.49
CA GLY A 177 -39.02 23.49 39.87
C GLY A 177 -39.67 24.58 39.03
N THR A 178 -38.93 25.67 38.80
CA THR A 178 -39.42 26.85 38.05
C THR A 178 -38.54 27.25 36.86
N ILE A 191 -38.42 24.33 32.11
CA ILE A 191 -38.27 23.87 33.50
C ILE A 191 -37.40 22.62 33.57
N ILE A 192 -36.21 22.78 34.16
CA ILE A 192 -35.27 21.68 34.36
C ILE A 192 -35.85 20.64 35.32
N GLY A 193 -36.58 21.12 36.32
CA GLY A 193 -37.40 20.27 37.18
C GLY A 193 -36.69 19.60 38.33
N VAL A 194 -37.15 18.39 38.65
CA VAL A 194 -36.65 17.60 39.78
C VAL A 194 -35.48 16.74 39.29
N VAL A 195 -34.30 16.91 39.90
CA VAL A 195 -33.05 16.46 39.28
C VAL A 195 -32.37 15.22 39.88
N TRP A 196 -32.62 14.93 41.16
CA TRP A 196 -32.10 13.71 41.79
C TRP A 196 -32.85 13.25 43.03
N VAL A 197 -32.79 11.94 43.27
CA VAL A 197 -33.41 11.32 44.44
C VAL A 197 -32.35 10.47 45.13
N VAL A 198 -32.16 10.74 46.43
CA VAL A 198 -31.21 10.00 47.27
C VAL A 198 -31.97 9.36 48.42
N PHE A 199 -31.86 8.04 48.56
CA PHE A 199 -32.47 7.34 49.68
C PHE A 199 -31.47 7.30 50.84
N ASP A 200 -31.98 7.38 52.07
CA ASP A 200 -31.16 7.11 53.25
C ASP A 200 -31.45 5.69 53.72
N LYS A 201 -30.64 4.74 53.27
CA LYS A 201 -30.80 3.31 53.56
C LYS A 201 -30.96 2.96 55.06
N SER A 202 -30.25 3.69 55.93
CA SER A 202 -30.27 3.41 57.37
C SER A 202 -31.58 3.79 58.07
N SER A 203 -32.47 4.48 57.36
CA SER A 203 -33.76 4.90 57.94
C SER A 203 -34.77 3.77 58.08
N SER A 204 -34.58 2.69 57.31
CA SER A 204 -35.40 1.48 57.43
C SER A 204 -34.53 0.23 57.45
N THR A 205 -35.16 -0.93 57.54
CA THR A 205 -34.48 -2.22 57.48
C THR A 205 -34.92 -2.95 56.20
N PRO A 206 -34.07 -3.86 55.67
CA PRO A 206 -34.38 -4.51 54.39
C PRO A 206 -35.78 -5.10 54.37
N GLY A 207 -36.47 -4.95 53.23
CA GLY A 207 -37.83 -5.44 53.08
C GLY A 207 -38.88 -4.36 53.30
N ASN A 208 -38.52 -3.32 54.04
CA ASN A 208 -39.44 -2.20 54.34
C ASN A 208 -39.13 -0.96 53.51
N PRO A 209 -40.17 -0.24 53.05
CA PRO A 209 -39.98 1.03 52.35
C PRO A 209 -39.05 1.98 53.10
N THR A 210 -38.01 2.46 52.42
CA THR A 210 -37.12 3.46 53.00
C THR A 210 -37.93 4.71 53.39
N LYS A 211 -37.78 5.11 54.65
CA LYS A 211 -38.59 6.21 55.20
C LYS A 211 -38.03 7.59 54.88
N THR A 212 -36.70 7.74 54.94
CA THR A 212 -36.06 9.03 54.65
C THR A 212 -35.52 9.11 53.22
N ILE A 213 -36.06 10.08 52.47
CA ILE A 213 -35.71 10.32 51.07
C ILE A 213 -35.39 11.80 50.89
N TYR A 214 -34.24 12.09 50.28
CA TYR A 214 -33.85 13.44 49.91
C TYR A 214 -34.07 13.66 48.41
N VAL A 215 -34.51 14.85 48.04
CA VAL A 215 -34.78 15.17 46.64
C VAL A 215 -34.18 16.55 46.30
N GLY A 216 -33.43 16.59 45.20
CA GLY A 216 -32.88 17.82 44.66
C GLY A 216 -33.73 18.33 43.50
N VAL A 217 -33.99 19.64 43.52
CA VAL A 217 -34.89 20.30 42.58
C VAL A 217 -34.14 21.50 42.01
N ALA A 218 -34.29 21.76 40.71
CA ALA A 218 -33.67 22.93 40.09
C ALA A 218 -34.51 24.20 40.35
N ASP A 219 -34.26 24.81 41.50
CA ASP A 219 -34.93 26.03 41.93
C ASP A 219 -33.94 26.71 42.85
N LYS A 220 -33.49 27.90 42.47
CA LYS A 220 -32.49 28.63 43.25
C LYS A 220 -32.98 29.02 44.65
N ASN A 221 -34.29 29.17 44.81
CA ASN A 221 -34.87 29.66 46.07
C ASN A 221 -35.14 28.58 47.11
N GLU A 222 -35.42 27.36 46.65
CA GLU A 222 -35.61 26.21 47.52
C GLU A 222 -35.39 24.92 46.72
N SER A 223 -34.26 24.24 47.00
CA SER A 223 -33.80 23.14 46.15
C SER A 223 -33.74 21.75 46.81
N ILE A 224 -33.61 21.70 48.14
CA ILE A 224 -33.38 20.44 48.85
C ILE A 224 -34.57 20.06 49.74
N TYR A 225 -35.16 18.90 49.45
CA TYR A 225 -36.37 18.45 50.13
C TYR A 225 -36.17 17.08 50.77
N ARG A 226 -36.89 16.85 51.86
CA ARG A 226 -36.78 15.61 52.61
C ARG A 226 -38.15 15.10 53.05
N SER A 227 -38.34 13.78 52.92
CA SER A 227 -39.43 13.07 53.57
C SER A 227 -38.84 12.15 54.64
N THR A 228 -39.54 12.01 55.76
CA THR A 228 -39.15 11.06 56.81
C THR A 228 -40.23 10.00 57.06
N ASP A 229 -41.29 10.04 56.27
CA ASP A 229 -42.38 9.08 56.38
C ASP A 229 -42.59 8.22 55.14
N GLY A 230 -41.51 7.95 54.40
CA GLY A 230 -41.58 7.08 53.22
C GLY A 230 -42.23 7.73 52.02
N GLY A 231 -42.12 9.05 51.92
CA GLY A 231 -42.61 9.78 50.77
C GLY A 231 -44.05 10.26 50.87
N VAL A 232 -44.64 10.15 52.06
CA VAL A 232 -46.01 10.62 52.28
C VAL A 232 -46.05 12.16 52.37
N THR A 233 -45.19 12.73 53.20
CA THR A 233 -45.07 14.17 53.32
C THR A 233 -43.63 14.58 53.02
N TRP A 234 -43.46 15.84 52.62
CA TRP A 234 -42.14 16.39 52.29
C TRP A 234 -41.99 17.77 52.93
N LYS A 235 -40.80 18.03 53.46
CA LYS A 235 -40.46 19.36 53.95
C LYS A 235 -39.12 19.78 53.33
N ALA A 236 -38.93 21.08 53.14
CA ALA A 236 -37.64 21.60 52.69
C ALA A 236 -36.67 21.55 53.85
N VAL A 237 -35.43 21.17 53.56
CA VAL A 237 -34.41 21.06 54.60
C VAL A 237 -34.06 22.46 55.12
N PRO A 238 -34.25 22.69 56.44
CA PRO A 238 -33.92 23.98 57.05
C PRO A 238 -32.43 24.28 56.97
N GLY A 239 -32.08 25.54 56.74
CA GLY A 239 -30.68 25.98 56.73
C GLY A 239 -29.94 25.83 55.42
N GLN A 240 -30.62 25.35 54.39
CA GLN A 240 -30.00 25.10 53.09
C GLN A 240 -29.56 26.39 52.40
N PRO A 241 -28.49 26.34 51.58
CA PRO A 241 -28.11 27.53 50.81
C PRO A 241 -29.11 27.88 49.71
N LYS A 242 -29.09 29.13 49.28
CA LYS A 242 -29.97 29.61 48.20
C LYS A 242 -29.12 30.27 47.14
N GLY A 243 -29.65 30.39 45.93
CA GLY A 243 -28.96 31.10 44.87
C GLY A 243 -28.48 30.23 43.72
N LEU A 244 -28.23 28.94 43.99
CA LEU A 244 -27.67 28.03 42.99
C LEU A 244 -28.51 26.76 42.81
N LEU A 245 -28.18 25.96 41.79
CA LEU A 245 -28.90 24.72 41.49
C LEU A 245 -28.05 23.51 41.87
N PRO A 246 -28.66 22.49 42.50
CA PRO A 246 -27.93 21.30 42.97
C PRO A 246 -27.73 20.28 41.85
N HIS A 247 -26.49 20.00 41.47
CA HIS A 247 -26.22 19.10 40.33
C HIS A 247 -26.28 17.63 40.72
N HIS A 248 -25.67 17.31 41.85
CA HIS A 248 -25.67 15.96 42.39
C HIS A 248 -25.79 16.02 43.90
N GLY A 249 -26.39 14.98 44.46
CA GLY A 249 -26.38 14.78 45.91
C GLY A 249 -25.89 13.37 46.18
N VAL A 250 -24.99 13.25 47.15
CA VAL A 250 -24.48 11.94 47.56
C VAL A 250 -24.47 11.83 49.08
N LEU A 251 -25.20 10.86 49.61
CA LEU A 251 -25.19 10.59 51.04
C LEU A 251 -24.11 9.56 51.37
N ALA A 252 -23.07 10.02 52.06
CA ALA A 252 -21.96 9.18 52.48
C ALA A 252 -22.34 8.34 53.70
N SER A 253 -21.53 7.31 53.97
CA SER A 253 -21.76 6.34 55.05
C SER A 253 -21.71 6.91 56.48
N ASN A 254 -21.18 8.12 56.63
CA ASN A 254 -21.10 8.76 57.94
C ASN A 254 -22.27 9.72 58.22
N GLY A 255 -23.23 9.75 57.29
CA GLY A 255 -24.40 10.60 57.43
C GLY A 255 -24.25 12.00 56.82
N LEU A 257 -24.47 14.41 53.80
CA LEU A 257 -25.01 14.60 52.46
C LEU A 257 -24.22 15.67 51.74
N TYR A 258 -23.44 15.26 50.75
CA TYR A 258 -22.67 16.20 49.92
C TYR A 258 -23.48 16.61 48.70
N ILE A 259 -23.39 17.89 48.34
CA ILE A 259 -24.15 18.47 47.23
C ILE A 259 -23.29 19.48 46.49
N THR A 260 -23.20 19.34 45.17
CA THR A 260 -22.54 20.33 44.33
C THR A 260 -23.57 21.27 43.70
N TYR A 261 -23.18 22.53 43.56
CA TYR A 261 -24.07 23.59 43.10
C TYR A 261 -23.44 24.42 41.99
N GLY A 262 -24.26 24.84 41.03
CA GLY A 262 -23.84 25.75 39.97
C GLY A 262 -25.02 26.57 39.49
N ASP A 263 -24.78 27.52 38.60
CA ASP A 263 -25.87 28.33 38.04
C ASP A 263 -25.96 28.25 36.52
N GLY A 272 -19.95 31.40 35.29
CA GLY A 272 -20.85 31.02 36.39
C GLY A 272 -20.27 31.16 37.78
N LYS A 273 -20.95 30.55 38.76
CA LYS A 273 -20.49 30.49 40.14
C LYS A 273 -20.82 29.09 40.67
N GLY A 274 -20.13 28.68 41.74
CA GLY A 274 -20.36 27.38 42.30
C GLY A 274 -20.08 27.25 43.78
N GLN A 275 -20.78 26.32 44.40
CA GLN A 275 -20.52 25.95 45.79
C GLN A 275 -20.55 24.44 45.92
N VAL A 276 -19.89 23.95 46.98
CA VAL A 276 -20.04 22.58 47.41
C VAL A 276 -20.43 22.65 48.89
N TRP A 277 -21.46 21.89 49.27
CA TRP A 277 -21.89 21.89 50.66
C TRP A 277 -21.95 20.47 51.18
N LYS A 278 -21.82 20.33 52.50
CA LYS A 278 -22.16 19.10 53.17
C LYS A 278 -23.19 19.34 54.28
N PHE A 279 -24.24 18.52 54.28
CA PHE A 279 -25.32 18.61 55.26
C PHE A 279 -25.27 17.40 56.20
N ASN A 280 -25.14 17.68 57.49
CA ASN A 280 -25.14 16.63 58.51
C ASN A 280 -26.56 16.17 58.76
N THR A 281 -26.87 14.94 58.35
CA THR A 281 -28.23 14.41 58.41
C THR A 281 -28.62 14.03 59.84
N ARG A 282 -27.63 13.80 60.69
CA ARG A 282 -27.86 13.41 62.08
C ARG A 282 -28.03 14.63 63.00
N THR A 283 -27.46 15.78 62.64
CA THR A 283 -27.54 16.97 63.47
C THR A 283 -28.32 18.12 62.84
N GLY A 284 -28.27 18.21 61.52
CA GLY A 284 -28.96 19.29 60.81
C GLY A 284 -28.06 20.44 60.37
N GLU A 285 -26.78 20.33 60.69
CA GLU A 285 -25.79 21.38 60.38
C GLU A 285 -25.37 21.42 58.92
N TRP A 286 -25.26 22.63 58.36
CA TRP A 286 -24.72 22.86 57.02
C TRP A 286 -23.30 23.45 57.11
N ILE A 287 -22.37 22.86 56.36
CA ILE A 287 -20.99 23.35 56.31
C ILE A 287 -20.60 23.62 54.87
N ASP A 288 -20.13 24.84 54.60
CA ASP A 288 -19.65 25.20 53.27
C ASP A 288 -18.24 24.64 53.05
N ILE A 289 -18.10 23.84 52.00
CA ILE A 289 -16.83 23.17 51.67
C ILE A 289 -16.34 23.44 50.24
N THR A 290 -16.73 24.58 49.68
CA THR A 290 -16.32 24.99 48.34
C THR A 290 -14.79 25.13 48.24
N PRO A 291 -14.16 24.40 47.30
CA PRO A 291 -12.69 24.42 47.10
C PRO A 291 -12.13 25.82 46.89
N ILE A 292 -12.85 26.62 46.16
CA ILE A 292 -12.53 28.00 45.93
C ILE A 292 -13.73 28.81 46.40
N PRO A 293 -13.51 29.78 47.29
CA PRO A 293 -14.57 30.50 47.96
C PRO A 293 -15.47 31.22 47.01
N TYR A 294 -16.77 31.19 47.28
CA TYR A 294 -17.75 31.75 46.35
C TYR A 294 -17.67 33.28 46.32
N SER A 295 -17.08 33.85 47.37
CA SER A 295 -16.86 35.29 47.43
C SER A 295 -15.54 35.67 46.77
N SER A 296 -14.68 34.68 46.55
CA SER A 296 -13.51 34.84 45.70
C SER A 296 -13.91 34.96 44.23
N SER A 297 -13.20 35.81 43.49
CA SER A 297 -13.50 36.03 42.08
C SER A 297 -12.77 35.02 41.21
N ASP A 298 -11.95 34.17 41.84
CA ASP A 298 -11.48 32.95 41.20
C ASP A 298 -12.63 32.00 40.92
N ASN A 299 -13.67 32.06 41.75
CA ASN A 299 -14.89 31.29 41.51
C ASN A 299 -15.69 31.85 40.34
N ARG A 300 -15.53 31.24 39.17
CA ARG A 300 -16.21 31.69 37.96
C ARG A 300 -16.79 30.50 37.19
N PHE A 301 -17.09 29.42 37.90
CA PHE A 301 -17.72 28.25 37.29
C PHE A 301 -18.54 27.47 38.31
N CYS A 302 -19.58 26.80 37.84
CA CYS A 302 -20.22 25.73 38.60
C CYS A 302 -19.19 24.72 39.09
N PHE A 303 -19.42 24.16 40.27
CA PHE A 303 -19.02 22.79 40.56
C PHE A 303 -20.14 21.81 40.28
N ALA A 304 -19.83 20.77 39.50
CA ALA A 304 -20.83 19.90 38.96
C ALA A 304 -20.68 18.44 39.37
N GLY A 305 -19.66 17.77 38.86
CA GLY A 305 -19.35 16.40 39.21
C GLY A 305 -19.07 16.25 40.70
N LEU A 306 -19.65 15.21 41.29
CA LEU A 306 -19.46 14.89 42.70
C LEU A 306 -19.28 13.40 42.90
N ALA A 307 -18.17 13.03 43.51
CA ALA A 307 -17.87 11.64 43.86
C ALA A 307 -17.48 11.55 45.33
N VAL A 308 -18.00 10.52 46.01
CA VAL A 308 -17.62 10.21 47.37
C VAL A 308 -17.15 8.75 47.38
N ASP A 309 -16.01 8.51 48.02
CA ASP A 309 -15.48 7.16 48.16
C ASP A 309 -16.37 6.40 49.13
N ARG A 310 -16.95 5.29 48.68
CA ARG A 310 -17.87 4.53 49.54
C ARG A 310 -17.15 3.89 50.73
N GLN A 311 -15.86 3.64 50.56
CA GLN A 311 -15.07 2.96 51.56
C GLN A 311 -14.47 3.92 52.59
N ASN A 312 -14.38 5.20 52.21
CA ASN A 312 -13.94 6.27 53.10
C ASN A 312 -14.74 7.56 52.81
N PRO A 313 -15.81 7.80 53.60
CA PRO A 313 -16.72 8.96 53.42
C PRO A 313 -16.06 10.34 53.51
N ASP A 314 -14.80 10.38 53.95
CA ASP A 314 -14.02 11.61 54.01
C ASP A 314 -13.32 11.92 52.67
N ILE A 315 -13.22 10.91 51.81
CA ILE A 315 -12.63 11.08 50.48
C ILE A 315 -13.70 11.50 49.47
N ILE A 316 -13.55 12.70 48.95
CA ILE A 316 -14.53 13.24 48.01
C ILE A 316 -13.83 13.95 46.85
N VAL A 318 -14.66 16.81 43.44
CA VAL A 318 -15.56 17.66 42.66
C VAL A 318 -14.88 18.18 41.39
N THR A 319 -15.69 18.50 40.39
CA THR A 319 -15.18 19.00 39.12
C THR A 319 -15.82 20.32 38.75
N SER A 320 -15.06 21.15 38.05
CA SER A 320 -15.56 22.40 37.51
C SER A 320 -16.33 22.17 36.20
N ASN A 322 -18.01 25.36 33.71
CA ASN A 322 -16.76 25.09 33.02
C ASN A 322 -15.78 26.23 33.22
N ALA A 323 -14.56 25.90 33.62
CA ALA A 323 -13.48 26.88 33.69
C ALA A 323 -12.97 27.23 32.30
N TRP A 324 -12.99 26.24 31.39
CA TRP A 324 -12.49 26.35 30.00
C TRP A 324 -10.98 26.60 29.90
N TRP A 325 -10.49 27.65 30.57
CA TRP A 325 -9.08 28.02 30.55
C TRP A 325 -8.50 27.96 31.96
N PRO A 326 -7.28 27.39 32.12
CA PRO A 326 -6.49 26.73 31.06
C PRO A 326 -6.99 25.31 30.76
N ASP A 327 -7.62 24.71 31.77
CA ASP A 327 -8.25 23.41 31.69
C ASP A 327 -9.29 23.40 32.80
N GLU A 328 -9.96 22.27 33.00
CA GLU A 328 -10.89 22.16 34.10
C GLU A 328 -10.18 21.84 35.41
N TYR A 329 -10.92 21.94 36.50
CA TYR A 329 -10.44 21.64 37.84
C TYR A 329 -11.05 20.31 38.28
N ILE A 330 -10.22 19.46 38.89
CA ILE A 330 -10.68 18.26 39.54
C ILE A 330 -10.08 18.34 40.94
N PHE A 331 -10.93 18.64 41.92
CA PHE A 331 -10.48 18.80 43.31
C PHE A 331 -10.71 17.51 44.11
N ARG A 332 -9.74 17.15 44.93
CA ARG A 332 -9.84 15.98 45.80
C ARG A 332 -9.62 16.37 47.27
N SER A 333 -10.44 15.80 48.14
CA SER A 333 -10.32 15.98 49.59
C SER A 333 -10.24 14.62 50.25
N THR A 334 -9.37 14.47 51.24
CA THR A 334 -9.30 13.24 52.03
C THR A 334 -9.78 13.46 53.48
N ASP A 335 -10.27 14.66 53.75
CA ASP A 335 -10.75 15.07 55.07
C ASP A 335 -12.15 15.71 55.02
N GLY A 336 -13.03 15.09 54.23
CA GLY A 336 -14.43 15.53 54.11
C GLY A 336 -14.68 16.96 53.67
N GLY A 337 -13.77 17.52 52.88
CA GLY A 337 -13.98 18.85 52.31
C GLY A 337 -13.34 19.98 53.08
N ALA A 338 -12.77 19.67 54.24
CA ALA A 338 -12.05 20.68 55.03
C ALA A 338 -10.94 21.32 54.21
N THR A 339 -10.15 20.48 53.53
CA THR A 339 -9.11 20.96 52.61
C THR A 339 -9.13 20.21 51.25
N TRP A 340 -8.76 20.92 50.18
CA TRP A 340 -8.77 20.37 48.83
C TRP A 340 -7.42 20.50 48.12
N LYS A 341 -7.13 19.55 47.23
CA LYS A 341 -6.02 19.67 46.28
C LYS A 341 -6.55 19.52 44.84
N ASN A 342 -6.13 20.41 43.95
CA ASN A 342 -6.44 20.31 42.54
C ASN A 342 -5.48 19.37 41.80
N ILE A 343 -5.98 18.71 40.74
CA ILE A 343 -5.17 17.79 39.94
C ILE A 343 -4.05 18.49 39.14
N TRP A 344 -4.09 19.82 39.10
CA TRP A 344 -2.94 20.62 38.63
C TRP A 344 -2.74 21.88 39.48
N GLU A 345 -1.51 22.38 39.50
CA GLU A 345 -1.16 23.62 40.18
C GLU A 345 -0.45 24.57 39.22
N TRP A 346 -0.59 25.87 39.46
CA TRP A 346 0.20 26.85 38.72
C TRP A 346 1.67 26.79 39.15
N GLY A 347 2.57 26.98 38.19
CA GLY A 347 4.00 27.14 38.48
C GLY A 347 4.49 28.47 37.93
N TYR A 349 4.52 30.65 35.40
CA TYR A 349 3.62 30.88 34.29
C TYR A 349 4.42 31.13 33.07
N PRO A 350 4.37 30.21 32.11
CA PRO A 350 3.15 29.74 31.45
C PRO A 350 2.61 28.42 31.99
N GLU A 351 2.90 28.07 33.20
CA GLU A 351 3.42 26.77 33.38
C GLU A 351 2.83 26.09 34.57
N ARG A 352 2.52 24.83 34.41
CA ARG A 352 1.60 24.16 35.34
C ARG A 352 2.18 22.88 35.78
N ILE A 353 1.99 22.53 37.04
CA ILE A 353 2.44 21.26 37.57
C ILE A 353 1.33 20.22 37.56
N LEU A 354 1.49 19.21 36.72
CA LEU A 354 0.46 18.19 36.55
C LEU A 354 0.68 17.02 37.51
N HIS A 355 -0.29 16.78 38.37
CA HIS A 355 -0.33 15.54 39.14
C HIS A 355 -1.09 14.45 38.39
N TYR A 356 -0.97 14.45 37.07
CA TYR A 356 -1.61 13.46 36.23
C TYR A 356 -0.88 13.27 34.91
N GLU A 357 -1.03 12.10 34.30
CA GLU A 357 -0.86 11.94 32.86
C GLU A 357 -2.17 11.57 32.18
N ILE A 358 -2.25 11.83 30.88
CA ILE A 358 -3.35 11.32 30.07
C ILE A 358 -2.80 10.42 28.96
N ASP A 359 -3.31 9.19 28.93
CA ASP A 359 -3.02 8.24 27.86
C ASP A 359 -4.24 8.13 26.96
N ILE A 360 -4.06 8.49 25.69
CA ILE A 360 -5.15 8.47 24.71
C ILE A 360 -4.90 7.46 23.60
N SER A 361 -4.11 6.44 23.89
CA SER A 361 -3.82 5.38 22.92
C SER A 361 -5.08 4.70 22.34
N ALA A 362 -6.15 4.66 23.14
CA ALA A 362 -7.42 4.06 22.70
C ALA A 362 -8.31 4.98 21.86
N ALA A 363 -7.98 6.27 21.81
CA ALA A 363 -8.68 7.23 20.94
C ALA A 363 -7.79 8.44 20.66
N PRO A 364 -6.77 8.27 19.79
CA PRO A 364 -5.72 9.25 19.62
C PRO A 364 -6.14 10.58 18.99
N TRP A 365 -7.36 10.68 18.47
CA TRP A 365 -7.90 11.94 17.93
C TRP A 365 -8.13 12.99 19.05
N LEU A 366 -8.04 12.53 20.30
CA LEU A 366 -8.33 13.35 21.48
C LEU A 366 -7.37 14.52 21.75
N ASP A 367 -6.20 14.52 21.12
CA ASP A 367 -5.31 15.68 21.20
C ASP A 367 -5.55 16.66 20.04
N TRP A 368 -6.55 16.34 19.20
CA TRP A 368 -6.90 17.14 18.01
C TRP A 368 -5.72 17.33 17.03
N GLY A 369 -4.76 16.42 17.08
CA GLY A 369 -3.52 16.53 16.29
C GLY A 369 -2.84 17.88 16.40
N THR A 370 -3.03 18.56 17.53
CA THR A 370 -2.59 19.94 17.70
C THR A 370 -1.84 20.15 19.02
N GLU A 371 -0.60 20.62 18.91
CA GLU A 371 0.18 21.00 20.07
C GLU A 371 -0.23 22.42 20.47
N LYS A 372 -0.44 22.63 21.76
CA LYS A 372 -0.95 23.92 22.22
C LYS A 372 0.17 24.74 22.85
N GLN A 373 0.00 26.05 22.83
CA GLN A 373 0.90 26.96 23.53
C GLN A 373 0.50 27.02 25.00
N LEU A 374 1.48 26.89 25.89
CA LEU A 374 1.23 26.88 27.32
C LEU A 374 0.58 28.19 27.77
N PRO A 375 -0.34 28.09 28.72
CA PRO A 375 -0.36 26.97 29.66
C PRO A 375 -1.33 25.87 29.22
N GLU A 376 -2.04 26.11 28.13
CA GLU A 376 -2.88 25.09 27.52
C GLU A 376 -2.05 23.87 27.10
N ILE A 377 -2.62 22.69 27.31
CA ILE A 377 -2.01 21.41 26.89
C ILE A 377 -3.07 20.49 26.31
N ASN A 378 -2.80 19.97 25.12
CA ASN A 378 -3.57 18.87 24.54
C ASN A 378 -2.83 17.55 24.79
N PRO A 379 -3.56 16.48 25.13
CA PRO A 379 -5.01 16.47 25.41
C PRO A 379 -5.36 17.10 26.76
N LYS A 380 -6.55 17.67 26.85
CA LYS A 380 -7.07 18.26 28.08
C LYS A 380 -7.66 17.21 29.00
N LEU A 381 -7.71 17.52 30.29
CA LEU A 381 -8.52 16.77 31.24
C LEU A 381 -9.96 16.62 30.69
N GLY A 382 -10.49 17.69 30.12
CA GLY A 382 -11.80 17.65 29.50
C GLY A 382 -12.57 18.96 29.55
N TRP A 383 -13.87 18.86 29.29
CA TRP A 383 -14.84 19.95 29.36
C TRP A 383 -16.20 19.27 29.53
N ILE A 385 -17.60 18.47 32.31
CA ILE A 385 -17.39 17.40 33.28
C ILE A 385 -18.49 17.44 34.35
N GLY A 386 -19.69 17.03 33.95
CA GLY A 386 -20.87 17.09 34.82
C GLY A 386 -21.04 15.90 35.74
N ASP A 387 -20.15 14.91 35.60
CA ASP A 387 -20.23 13.69 36.37
C ASP A 387 -18.86 13.08 36.60
N ILE A 388 -18.58 12.73 37.86
CA ILE A 388 -17.38 11.98 38.24
C ILE A 388 -17.76 10.90 39.26
N GLU A 389 -17.13 9.75 39.16
CA GLU A 389 -17.49 8.60 39.98
C GLU A 389 -16.27 7.90 40.55
N ILE A 390 -16.33 7.54 41.83
CA ILE A 390 -15.34 6.65 42.44
C ILE A 390 -15.97 5.27 42.60
N ASP A 391 -15.25 4.24 42.16
CA ASP A 391 -15.69 2.86 42.28
C ASP A 391 -15.96 2.52 43.75
N PRO A 392 -17.21 2.17 44.10
CA PRO A 392 -17.56 1.84 45.49
C PRO A 392 -16.83 0.61 46.05
N PHE A 393 -16.21 -0.17 45.16
CA PHE A 393 -15.42 -1.34 45.57
C PHE A 393 -13.91 -1.20 45.35
N ASN A 394 -13.48 0.01 45.00
CA ASN A 394 -12.07 0.26 44.68
C ASN A 394 -11.76 1.75 44.71
N SER A 395 -11.08 2.19 45.78
CA SER A 395 -10.68 3.58 45.98
C SER A 395 -9.70 4.07 44.92
N ASP A 396 -9.04 3.13 44.24
CA ASP A 396 -8.09 3.47 43.18
C ASP A 396 -8.74 3.68 41.81
N ARG A 397 -10.00 3.26 41.67
CA ARG A 397 -10.69 3.40 40.39
C ARG A 397 -11.67 4.57 40.39
N TYR A 400 -14.68 9.74 34.84
CA TYR A 400 -15.44 10.99 34.64
C TYR A 400 -15.76 11.22 33.17
N VAL A 401 -16.82 12.00 32.93
CA VAL A 401 -17.31 12.26 31.59
C VAL A 401 -16.80 13.59 31.05
N THR A 402 -16.72 13.68 29.73
CA THR A 402 -16.44 14.95 29.07
C THR A 402 -17.35 15.03 27.86
N GLY A 403 -17.36 16.20 27.21
CA GLY A 403 -18.17 16.41 26.02
C GLY A 403 -17.71 15.59 24.82
N ALA A 404 -16.59 14.87 24.96
CA ALA A 404 -16.04 14.04 23.89
C ALA A 404 -15.77 12.58 24.26
N THR A 405 -15.57 12.28 25.54
CA THR A 405 -15.15 10.93 25.93
C THR A 405 -15.45 10.60 27.39
N ILE A 406 -15.09 9.40 27.81
CA ILE A 406 -15.03 9.05 29.23
C ILE A 406 -13.57 8.76 29.55
N TYR A 407 -13.08 9.43 30.59
CA TYR A 407 -11.73 9.21 31.10
C TYR A 407 -11.81 8.52 32.45
N GLY A 408 -10.71 7.91 32.87
CA GLY A 408 -10.62 7.28 34.18
C GLY A 408 -9.23 6.79 34.51
N CYS A 409 -9.05 6.29 35.73
CA CYS A 409 -7.75 5.81 36.21
C CYS A 409 -7.90 4.58 37.12
N ASP A 410 -6.80 3.89 37.38
CA ASP A 410 -6.80 2.70 38.24
C ASP A 410 -5.80 2.79 39.39
N ASN A 411 -5.20 3.97 39.56
CA ASN A 411 -4.21 4.23 40.60
C ASN A 411 -4.52 5.51 41.35
N LEU A 412 -5.80 5.76 41.62
CA LEU A 412 -6.24 7.06 42.13
C LEU A 412 -5.51 7.52 43.41
N THR A 413 -5.35 6.60 44.37
CA THR A 413 -4.74 6.94 45.66
C THR A 413 -3.24 7.26 45.61
N ASP A 414 -2.59 7.00 44.47
CA ASP A 414 -1.19 7.43 44.26
C ASP A 414 -1.05 8.93 44.45
N TRP A 415 -2.13 9.65 44.15
CA TRP A 415 -2.21 11.11 44.28
C TRP A 415 -2.01 11.51 45.74
N ASP A 416 -2.59 10.71 46.64
CA ASP A 416 -2.50 10.95 48.09
C ASP A 416 -1.07 10.76 48.62
N ARG A 417 -0.28 9.95 47.90
CA ARG A 417 1.11 9.68 48.25
C ARG A 417 2.09 10.47 47.38
N GLY A 418 1.58 11.48 46.68
CA GLY A 418 2.43 12.37 45.89
C GLY A 418 2.91 11.82 44.55
N GLY A 419 2.18 10.87 44.00
CA GLY A 419 2.47 10.33 42.67
C GLY A 419 1.49 10.90 41.66
N LYS A 420 1.56 10.44 40.42
CA LYS A 420 0.66 10.93 39.37
C LYS A 420 -0.51 9.99 39.11
N VAL A 421 -1.69 10.57 39.01
CA VAL A 421 -2.88 9.85 38.56
C VAL A 421 -2.69 9.52 37.08
N LYS A 422 -2.72 8.24 36.75
CA LYS A 422 -2.56 7.82 35.36
C LYS A 422 -3.93 7.68 34.72
N ILE A 423 -4.36 8.77 34.08
CA ILE A 423 -5.65 8.83 33.40
C ILE A 423 -5.52 8.19 32.00
N GLU A 424 -6.58 7.49 31.60
CA GLU A 424 -6.65 6.88 30.29
C GLU A 424 -8.09 6.98 29.80
N VAL A 425 -8.26 6.80 28.49
CA VAL A 425 -9.58 6.65 27.87
C VAL A 425 -10.26 5.40 28.43
N LYS A 426 -11.50 5.57 28.89
CA LYS A 426 -12.33 4.49 29.40
C LYS A 426 -13.68 4.42 28.69
N ALA A 427 -13.66 4.64 27.38
CA ALA A 427 -14.88 4.74 26.59
C ALA A 427 -14.85 3.81 25.37
N THR A 428 -13.92 2.86 25.37
CA THR A 428 -13.82 1.89 24.29
C THR A 428 -15.12 1.07 24.22
N GLY A 429 -15.67 0.95 23.01
CA GLY A 429 -16.97 0.33 22.79
C GLY A 429 -18.07 1.37 22.62
N ILE A 430 -17.88 2.55 23.19
CA ILE A 430 -18.86 3.63 22.98
C ILE A 430 -18.59 4.27 21.63
N GLU A 431 -19.65 4.37 20.81
CA GLU A 431 -19.61 5.11 19.56
C GLU A 431 -20.82 6.03 19.58
N GLU A 432 -20.60 7.32 19.85
CA GLU A 432 -21.70 8.24 20.09
C GLU A 432 -21.79 9.38 19.08
N CYS A 433 -21.04 9.28 17.98
CA CYS A 433 -21.03 10.36 16.98
C CYS A 433 -22.35 10.48 16.20
N ALA A 434 -22.68 11.72 15.84
CA ALA A 434 -23.69 12.01 14.85
C ALA A 434 -22.95 12.11 13.52
N VAL A 435 -23.28 11.18 12.61
CA VAL A 435 -22.61 11.04 11.34
C VAL A 435 -23.43 11.74 10.26
N LEU A 436 -22.76 12.64 9.55
CA LEU A 436 -23.42 13.57 8.62
C LEU A 436 -23.27 13.15 7.15
N ASP A 437 -22.16 12.48 6.83
CA ASP A 437 -21.92 12.02 5.45
C ASP A 437 -20.88 10.91 5.39
N LEU A 438 -20.97 10.07 4.36
CA LEU A 438 -20.09 8.91 4.20
C LEU A 438 -19.83 8.60 2.74
N VAL A 439 -18.57 8.33 2.40
CA VAL A 439 -18.21 7.80 1.09
C VAL A 439 -17.30 6.58 1.20
N SER A 440 -17.49 5.63 0.29
CA SER A 440 -16.65 4.45 0.19
C SER A 440 -16.00 4.48 -1.19
N PRO A 441 -14.78 5.02 -1.28
CA PRO A 441 -14.10 5.20 -2.58
C PRO A 441 -13.66 3.87 -3.19
N PRO A 442 -13.63 3.78 -4.54
CA PRO A 442 -13.20 2.54 -5.21
C PRO A 442 -11.69 2.28 -5.10
N GLU A 443 -10.94 3.29 -4.69
CA GLU A 443 -9.51 3.16 -4.39
C GLU A 443 -9.22 3.87 -3.08
N GLY A 444 -8.27 3.35 -2.33
CA GLY A 444 -7.85 3.95 -1.08
C GLY A 444 -8.49 3.28 0.12
N ALA A 445 -8.77 4.06 1.16
CA ALA A 445 -9.42 3.56 2.37
C ALA A 445 -10.84 3.09 2.04
N PRO A 446 -11.35 2.08 2.77
CA PRO A 446 -12.74 1.61 2.56
C PRO A 446 -13.83 2.63 2.92
N LEU A 447 -13.51 3.58 3.80
CA LEU A 447 -14.50 4.58 4.23
C LEU A 447 -13.85 5.91 4.61
N VAL A 448 -14.53 6.99 4.25
CA VAL A 448 -14.18 8.34 4.70
C VAL A 448 -15.43 9.03 5.20
N SER A 449 -15.34 9.61 6.40
CA SER A 449 -16.52 10.13 7.08
C SER A 449 -16.49 11.64 7.30
N ALA A 450 -17.68 12.18 7.51
CA ALA A 450 -17.87 13.57 7.93
C ALA A 450 -18.83 13.49 9.10
N VAL A 451 -18.38 13.95 10.27
CA VAL A 451 -19.15 13.78 11.50
C VAL A 451 -19.26 15.07 12.29
N GLY A 452 -20.25 15.12 13.19
CA GLY A 452 -20.36 16.20 14.16
C GLY A 452 -19.17 16.23 15.10
N ASP A 453 -18.71 17.43 15.43
CA ASP A 453 -17.87 17.64 16.60
C ASP A 453 -16.43 17.20 16.35
N LEU A 454 -16.28 16.13 15.56
CA LEU A 454 -14.98 15.53 15.34
C LEU A 454 -14.55 15.63 13.89
N VAL A 455 -15.33 16.37 13.11
CA VAL A 455 -15.03 16.62 11.68
C VAL A 455 -15.19 15.39 10.80
N GLY A 456 -14.49 14.30 11.13
CA GLY A 456 -14.53 13.08 10.32
C GLY A 456 -13.15 12.50 10.11
N PHE A 457 -13.09 11.30 9.53
CA PHE A 457 -11.83 10.54 9.47
C PHE A 457 -11.68 9.77 8.16
N VAL A 458 -10.44 9.43 7.84
CA VAL A 458 -10.14 8.35 6.89
C VAL A 458 -10.10 7.06 7.71
N HIS A 459 -10.92 6.09 7.31
CA HIS A 459 -10.95 4.80 8.00
C HIS A 459 -10.17 3.77 7.20
N ASP A 460 -8.86 3.72 7.43
CA ASP A 460 -7.98 2.79 6.72
C ASP A 460 -8.40 1.36 6.97
N ASP A 461 -8.89 1.13 8.18
CA ASP A 461 -9.29 -0.18 8.63
C ASP A 461 -10.53 -0.01 9.51
N LEU A 462 -11.59 -0.74 9.17
CA LEU A 462 -12.88 -0.56 9.83
C LEU A 462 -12.91 -0.88 11.34
N LYS A 463 -11.94 -1.69 11.79
CA LYS A 463 -11.84 -2.05 13.20
C LYS A 463 -10.59 -1.48 13.87
N VAL A 464 -10.06 -0.41 13.29
CA VAL A 464 -8.94 0.35 13.83
C VAL A 464 -9.35 1.82 13.90
N GLY A 465 -9.31 2.40 15.09
CA GLY A 465 -9.62 3.81 15.28
C GLY A 465 -8.60 4.72 14.60
N PRO A 466 -9.08 5.70 13.83
CA PRO A 466 -8.18 6.69 13.20
C PRO A 466 -7.40 7.51 14.25
N LYS A 467 -6.22 8.00 13.88
CA LYS A 467 -5.37 8.76 14.79
C LYS A 467 -5.76 10.23 14.91
N LYS A 468 -6.42 10.75 13.87
CA LYS A 468 -6.64 12.18 13.73
C LYS A 468 -7.76 12.46 12.74
N HIS A 470 -9.80 14.94 9.93
CA HIS A 470 -9.39 15.63 8.70
C HIS A 470 -8.74 17.00 8.92
N VAL A 471 -9.43 17.88 9.64
CA VAL A 471 -9.05 19.29 9.76
C VAL A 471 -9.38 19.75 11.19
N PRO A 472 -8.36 19.75 12.09
CA PRO A 472 -8.54 20.03 13.52
C PRO A 472 -9.22 21.35 13.84
N SER A 473 -9.15 22.31 12.92
CA SER A 473 -9.72 23.63 13.13
C SER A 473 -11.20 23.68 12.75
N TYR A 474 -11.69 22.63 12.11
CA TYR A 474 -13.15 22.52 11.85
C TYR A 474 -13.87 21.99 13.09
N SER A 475 -15.17 22.19 13.17
CA SER A 475 -15.96 21.59 14.25
C SER A 475 -16.74 20.38 13.76
N SER A 476 -17.55 20.56 12.71
CA SER A 476 -18.33 19.46 12.14
C SER A 476 -18.11 19.34 10.66
N GLY A 477 -17.86 18.12 10.17
CA GLY A 477 -17.85 17.85 8.74
C GLY A 477 -19.28 17.53 8.35
N THR A 478 -19.79 18.24 7.36
CA THR A 478 -21.22 18.13 7.02
C THR A 478 -21.45 17.44 5.68
N GLY A 479 -20.41 17.43 4.86
CA GLY A 479 -20.49 16.87 3.51
C GLY A 479 -19.12 16.46 3.01
N ILE A 480 -19.09 15.38 2.22
CA ILE A 480 -17.87 14.87 1.61
C ILE A 480 -18.17 14.17 0.28
N ASP A 481 -17.30 14.34 -0.70
CA ASP A 481 -17.38 13.62 -1.96
C ASP A 481 -15.98 13.39 -2.54
N TYR A 482 -15.86 12.42 -3.45
CA TYR A 482 -14.61 12.14 -4.16
C TYR A 482 -14.89 12.17 -5.66
N ALA A 483 -13.87 12.46 -6.46
CA ALA A 483 -13.97 12.33 -7.91
C ALA A 483 -13.98 10.86 -8.26
N GLU A 484 -15.04 10.39 -8.91
CA GLU A 484 -15.20 8.96 -9.18
C GLU A 484 -14.06 8.37 -10.00
N LEU A 485 -13.57 9.15 -10.98
CA LEU A 485 -12.53 8.70 -11.91
C LEU A 485 -11.15 9.12 -11.42
N VAL A 486 -11.12 9.99 -10.41
CA VAL A 486 -9.88 10.42 -9.72
C VAL A 486 -10.13 10.33 -8.20
N PRO A 487 -10.28 9.09 -7.67
CA PRO A 487 -10.80 8.91 -6.31
C PRO A 487 -9.90 9.39 -5.17
N ASN A 488 -8.65 9.71 -5.48
CA ASN A 488 -7.75 10.34 -4.52
C ASN A 488 -8.10 11.82 -4.28
N PHE A 489 -8.88 12.40 -5.18
CA PHE A 489 -9.34 13.79 -5.00
C PHE A 489 -10.68 13.81 -4.28
N ALA A 491 -13.39 16.48 -1.65
CA ALA A 491 -13.75 17.75 -1.04
C ALA A 491 -14.56 17.48 0.22
N LEU A 492 -14.29 18.25 1.26
CA LEU A 492 -14.96 18.18 2.55
C LEU A 492 -15.48 19.56 2.88
N VAL A 493 -16.77 19.66 3.21
CA VAL A 493 -17.34 20.91 3.73
C VAL A 493 -17.66 20.79 5.22
N ALA A 494 -17.58 21.91 5.93
CA ALA A 494 -17.61 21.89 7.38
C ALA A 494 -18.07 23.20 8.01
N LYS A 495 -18.38 23.12 9.29
CA LYS A 495 -18.56 24.26 10.16
C LYS A 495 -17.32 24.40 11.02
N ALA A 496 -17.07 25.60 11.53
CA ALA A 496 -15.92 25.85 12.40
C ALA A 496 -16.28 26.87 13.49
N VAL A 501 -10.86 30.22 9.60
CA VAL A 501 -10.54 29.15 8.64
C VAL A 501 -11.61 29.07 7.55
N LYS A 502 -11.18 28.74 6.33
CA LYS A 502 -12.11 28.58 5.22
C LYS A 502 -12.74 27.20 5.31
N LYS A 503 -14.04 27.12 5.06
CA LYS A 503 -14.85 25.98 5.48
C LYS A 503 -15.06 24.87 4.43
N ILE A 504 -14.28 24.94 3.34
CA ILE A 504 -14.11 23.80 2.44
C ILE A 504 -12.63 23.40 2.42
N SER A 505 -12.37 22.09 2.29
CA SER A 505 -11.00 21.58 2.19
C SER A 505 -10.95 20.61 1.04
N PHE A 506 -9.79 20.55 0.38
CA PHE A 506 -9.57 19.60 -0.70
C PHE A 506 -8.39 18.70 -0.35
N SER A 507 -8.38 17.50 -0.93
CA SER A 507 -7.29 16.56 -0.78
C SER A 507 -6.99 15.91 -2.13
N TYR A 508 -5.71 15.65 -2.41
CA TYR A 508 -5.30 14.88 -3.58
C TYR A 508 -4.72 13.50 -3.24
N ASP A 509 -4.72 13.15 -1.96
CA ASP A 509 -4.20 11.85 -1.53
C ASP A 509 -5.23 11.05 -0.72
N GLY A 510 -6.48 11.14 -1.14
CA GLY A 510 -7.56 10.36 -0.52
C GLY A 510 -7.84 10.70 0.94
N GLY A 511 -7.59 11.94 1.33
CA GLY A 511 -7.92 12.42 2.67
C GLY A 511 -6.86 12.31 3.73
N ARG A 512 -5.67 11.83 3.35
CA ARG A 512 -4.51 11.82 4.25
C ARG A 512 -4.07 13.24 4.63
N ASN A 513 -4.03 14.11 3.62
CA ASN A 513 -3.68 15.52 3.78
C ASN A 513 -4.71 16.41 3.12
N TRP A 514 -5.01 17.52 3.77
CA TRP A 514 -6.04 18.46 3.31
C TRP A 514 -5.46 19.87 3.19
N PHE A 515 -6.04 20.66 2.29
CA PHE A 515 -5.73 22.08 2.17
C PHE A 515 -7.00 22.92 1.95
N GLN A 516 -6.93 24.17 2.39
CA GLN A 516 -8.05 25.12 2.25
C GLN A 516 -7.75 26.14 1.16
N PRO A 517 -8.78 26.54 0.40
CA PRO A 517 -8.63 27.56 -0.63
C PRO A 517 -8.58 28.97 -0.02
N PRO A 518 -8.23 29.99 -0.83
CA PRO A 518 -8.34 31.35 -0.32
C PRO A 518 -9.79 31.85 -0.11
N ASN A 519 -10.74 31.35 -0.91
CA ASN A 519 -12.13 31.83 -0.87
C ASN A 519 -13.21 30.76 -0.69
N GLU A 520 -14.35 31.18 -0.14
CA GLU A 520 -15.51 30.31 0.02
C GLU A 520 -16.64 30.71 -0.90
N ALA A 521 -17.47 29.74 -1.26
CA ALA A 521 -18.78 30.02 -1.81
C ALA A 521 -19.53 30.91 -0.82
N PRO A 522 -20.41 31.82 -1.31
CA PRO A 522 -21.19 32.65 -0.39
C PRO A 522 -21.96 31.80 0.63
N ASN A 523 -21.87 32.19 1.90
CA ASN A 523 -22.39 31.39 3.00
C ASN A 523 -22.41 32.18 4.29
N SER A 524 -23.18 31.70 5.26
CA SER A 524 -23.24 32.34 6.58
C SER A 524 -22.48 31.53 7.63
N VAL A 525 -22.65 30.20 7.60
CA VAL A 525 -22.03 29.32 8.60
C VAL A 525 -21.25 28.15 8.00
N GLY A 526 -20.89 28.26 6.73
CA GLY A 526 -20.31 27.17 5.97
C GLY A 526 -21.27 26.00 5.91
N GLY A 527 -20.77 24.81 6.24
CA GLY A 527 -21.58 23.59 6.31
C GLY A 527 -22.21 23.21 4.99
N GLY A 528 -23.38 22.58 5.06
CA GLY A 528 -24.11 22.14 3.89
C GLY A 528 -23.50 20.91 3.25
N SER A 529 -23.60 20.81 1.93
CA SER A 529 -23.16 19.62 1.21
C SER A 529 -22.18 19.95 0.07
N VAL A 530 -21.66 18.91 -0.58
CA VAL A 530 -20.66 19.09 -1.62
C VAL A 530 -20.73 17.97 -2.66
N ALA A 531 -20.57 18.34 -3.93
CA ALA A 531 -20.56 17.38 -5.03
C ALA A 531 -19.31 17.57 -5.90
N VAL A 532 -18.59 16.48 -6.14
CA VAL A 532 -17.32 16.55 -6.88
C VAL A 532 -17.47 15.91 -8.25
N ALA A 533 -17.03 16.62 -9.29
CA ALA A 533 -17.06 16.12 -10.67
C ALA A 533 -16.31 14.81 -10.79
N ALA A 534 -16.80 13.94 -11.68
CA ALA A 534 -16.22 12.61 -11.88
C ALA A 534 -14.75 12.70 -12.25
N ASP A 535 -14.37 13.80 -12.91
CA ASP A 535 -12.98 14.03 -13.37
C ASP A 535 -12.17 14.99 -12.49
N ALA A 536 -12.72 15.36 -11.33
CA ALA A 536 -12.06 16.24 -10.34
C ALA A 536 -11.86 17.69 -10.80
N LYS A 537 -12.53 18.09 -11.88
CA LYS A 537 -12.32 19.42 -12.46
C LYS A 537 -13.28 20.51 -11.97
N SER A 538 -14.37 20.12 -11.32
CA SER A 538 -15.24 21.10 -10.65
C SER A 538 -15.84 20.54 -9.36
N VAL A 539 -16.20 21.46 -8.46
CA VAL A 539 -16.79 21.10 -7.18
C VAL A 539 -17.94 22.06 -6.91
N ILE A 540 -19.13 21.51 -6.64
CA ILE A 540 -20.26 22.34 -6.19
C ILE A 540 -20.45 22.25 -4.68
N TRP A 541 -20.27 23.39 -4.01
CA TRP A 541 -20.54 23.54 -2.59
C TRP A 541 -21.95 24.12 -2.46
N THR A 542 -22.84 23.43 -1.74
CA THR A 542 -24.13 24.02 -1.37
C THR A 542 -24.12 24.23 0.14
N PRO A 543 -23.66 25.41 0.59
CA PRO A 543 -23.56 25.66 2.04
C PRO A 543 -24.94 25.75 2.71
N GLU A 544 -24.96 25.58 4.03
CA GLU A 544 -26.20 25.61 4.81
C GLU A 544 -26.91 26.96 4.64
N ASN A 545 -28.18 26.92 4.24
CA ASN A 545 -29.01 28.12 3.96
C ASN A 545 -28.45 29.05 2.88
N ALA A 546 -27.73 28.46 1.92
CA ALA A 546 -27.14 29.23 0.83
C ALA A 546 -27.35 28.51 -0.51
N SER A 547 -27.02 29.18 -1.60
CA SER A 547 -27.21 28.63 -2.93
C SER A 547 -26.01 27.82 -3.39
N PRO A 548 -26.23 26.79 -4.24
CA PRO A 548 -25.13 26.09 -4.91
C PRO A 548 -24.19 27.06 -5.61
N ALA A 549 -22.89 26.85 -5.41
CA ALA A 549 -21.85 27.61 -6.12
C ALA A 549 -20.75 26.66 -6.58
N VAL A 550 -20.25 26.89 -7.78
CA VAL A 550 -19.27 26.02 -8.43
C VAL A 550 -17.88 26.66 -8.43
N THR A 551 -16.85 25.83 -8.25
CA THR A 551 -15.47 26.23 -8.47
C THR A 551 -14.83 25.27 -9.46
N THR A 552 -14.16 25.82 -10.46
CA THR A 552 -13.28 25.06 -11.34
C THR A 552 -11.84 25.39 -10.97
N ASP A 553 -11.69 26.08 -9.84
CA ASP A 553 -10.47 26.72 -9.38
C ASP A 553 -9.86 26.05 -8.14
N ASN A 554 -10.51 25.01 -7.62
CA ASN A 554 -10.24 24.55 -6.25
C ASN A 554 -10.38 25.70 -5.24
N GLY A 555 -11.44 26.47 -5.39
CA GLY A 555 -11.82 27.48 -4.40
C GLY A 555 -11.17 28.84 -4.49
N ASN A 556 -10.36 29.09 -5.51
CA ASN A 556 -9.80 30.44 -5.74
C ASN A 556 -10.95 31.41 -6.06
N SER A 557 -11.85 30.98 -6.95
CA SER A 557 -13.06 31.74 -7.29
C SER A 557 -14.29 30.84 -7.34
N TRP A 558 -15.45 31.42 -7.03
CA TRP A 558 -16.73 30.70 -7.02
C TRP A 558 -17.81 31.40 -7.83
N LYS A 559 -18.65 30.61 -8.49
CA LYS A 559 -19.79 31.13 -9.24
C LYS A 559 -21.08 30.43 -8.84
N VAL A 560 -22.07 31.22 -8.43
CA VAL A 560 -23.40 30.70 -8.09
C VAL A 560 -24.02 30.01 -9.31
N CYS A 561 -24.47 28.76 -9.13
CA CYS A 561 -25.05 27.97 -10.22
C CYS A 561 -26.38 28.57 -10.64
N THR A 562 -26.48 28.91 -11.92
CA THR A 562 -27.69 29.56 -12.42
C THR A 562 -28.90 28.64 -12.30
N ASN A 563 -30.04 29.24 -11.97
CA ASN A 563 -31.33 28.55 -11.89
C ASN A 563 -31.58 27.72 -10.62
N LEU A 564 -30.61 27.70 -9.71
CA LEU A 564 -30.77 27.02 -8.42
C LEU A 564 -30.82 28.00 -7.25
N GLY A 565 -30.99 27.48 -6.04
CA GLY A 565 -31.04 28.30 -4.84
C GLY A 565 -31.05 27.49 -3.55
N GLY A 567 -31.62 25.27 -0.42
CA GLY A 567 -32.29 23.99 -0.21
C GLY A 567 -32.18 23.01 -1.35
N ALA A 568 -31.55 23.44 -2.45
CA ALA A 568 -31.29 22.56 -3.59
C ALA A 568 -30.48 21.36 -3.16
N VAL A 569 -30.85 20.20 -3.70
CA VAL A 569 -30.16 18.95 -3.43
C VAL A 569 -29.36 18.59 -4.68
N VAL A 570 -28.03 18.74 -4.58
CA VAL A 570 -27.11 18.64 -5.72
C VAL A 570 -26.29 17.34 -5.64
N ALA A 571 -26.16 16.66 -6.79
CA ALA A 571 -25.28 15.50 -6.92
C ALA A 571 -24.54 15.49 -8.26
N SER A 572 -23.34 14.92 -8.27
CA SER A 572 -22.57 14.86 -9.49
C SER A 572 -22.77 13.53 -10.22
N ASP A 573 -22.73 13.57 -11.55
CA ASP A 573 -22.67 12.34 -12.33
C ASP A 573 -21.33 11.64 -12.05
N ARG A 574 -21.33 10.31 -12.10
CA ARG A 574 -20.15 9.52 -11.73
C ARG A 574 -19.29 9.11 -12.93
N VAL A 575 -19.80 9.33 -14.13
CA VAL A 575 -19.08 8.98 -15.35
C VAL A 575 -18.59 10.24 -16.04
N ASN A 576 -19.48 11.22 -16.15
CA ASN A 576 -19.24 12.41 -16.94
C ASN A 576 -19.02 13.63 -16.04
N GLY A 577 -17.78 14.12 -16.03
CA GLY A 577 -17.41 15.25 -15.19
C GLY A 577 -18.08 16.57 -15.56
N LYS A 578 -18.70 16.60 -16.74
CA LYS A 578 -19.49 17.75 -17.20
C LYS A 578 -20.92 17.76 -16.62
N LYS A 579 -21.37 16.60 -16.14
CA LYS A 579 -22.76 16.45 -15.70
C LYS A 579 -22.96 16.48 -14.18
N PHE A 580 -23.85 17.37 -13.75
CA PHE A 580 -24.29 17.50 -12.37
C PHE A 580 -25.83 17.50 -12.37
N TYR A 581 -26.42 17.13 -11.24
CA TYR A 581 -27.87 17.07 -11.12
C TYR A 581 -28.35 17.82 -9.87
N ALA A 582 -29.61 18.27 -9.89
CA ALA A 582 -30.17 18.98 -8.74
C ALA A 582 -31.68 18.85 -8.65
N PHE A 583 -32.18 18.65 -7.43
CA PHE A 583 -33.60 18.76 -7.15
C PHE A 583 -33.81 20.05 -6.37
N TYR A 584 -34.68 20.91 -6.89
CA TYR A 584 -34.86 22.24 -6.33
C TYR A 584 -36.29 22.75 -6.53
N ASN A 585 -36.95 23.06 -5.41
CA ASN A 585 -38.35 23.53 -5.40
C ASN A 585 -39.29 22.69 -6.28
N GLY A 586 -39.29 21.38 -6.04
CA GLY A 586 -40.18 20.46 -6.75
C GLY A 586 -39.83 20.16 -8.19
N LYS A 587 -38.69 20.67 -8.67
CA LYS A 587 -38.25 20.43 -10.05
C LYS A 587 -36.87 19.78 -10.11
N PHE A 588 -36.60 19.04 -11.18
CA PHE A 588 -35.29 18.43 -11.42
C PHE A 588 -34.48 19.22 -12.46
N TYR A 589 -33.18 19.35 -12.22
CA TYR A 589 -32.28 20.14 -13.05
C TYR A 589 -31.04 19.35 -13.48
N ILE A 590 -30.63 19.55 -14.73
CA ILE A 590 -29.38 18.99 -15.24
C ILE A 590 -28.39 20.11 -15.58
N SER A 591 -27.11 19.84 -15.32
CA SER A 591 -26.02 20.67 -15.82
C SER A 591 -25.17 19.82 -16.73
N THR A 592 -24.75 20.40 -17.86
CA THR A 592 -23.89 19.69 -18.81
C THR A 592 -22.62 20.48 -19.11
N ASP A 593 -22.41 21.56 -18.36
CA ASP A 593 -21.20 22.36 -18.47
C ASP A 593 -20.36 22.38 -17.16
N GLY A 594 -20.39 21.26 -16.44
CA GLY A 594 -19.62 21.11 -15.20
C GLY A 594 -20.13 21.92 -14.02
N GLY A 595 -21.44 22.20 -14.02
CA GLY A 595 -22.09 22.84 -12.87
C GLY A 595 -22.20 24.35 -12.89
N LEU A 596 -21.78 24.98 -13.99
CA LEU A 596 -21.89 26.42 -14.13
C LEU A 596 -23.35 26.85 -14.33
N THR A 597 -24.07 26.14 -15.19
CA THR A 597 -25.48 26.42 -15.44
C THR A 597 -26.33 25.15 -15.37
N PHE A 598 -27.53 25.28 -14.80
CA PHE A 598 -28.48 24.18 -14.70
C PHE A 598 -29.76 24.47 -15.50
N THR A 599 -30.36 23.41 -16.04
CA THR A 599 -31.59 23.51 -16.82
C THR A 599 -32.66 22.56 -16.27
N ASP A 600 -33.83 23.13 -15.97
CA ASP A 600 -35.03 22.37 -15.65
C ASP A 600 -35.28 21.30 -16.72
N THR A 601 -35.23 20.02 -16.33
CA THR A 601 -35.42 18.92 -17.30
C THR A 601 -36.90 18.76 -17.72
N LYS A 602 -37.80 19.41 -16.98
CA LYS A 602 -39.26 19.34 -17.18
C LYS A 602 -39.84 17.93 -16.98
N ALA A 603 -39.26 17.18 -16.05
CA ALA A 603 -39.71 15.83 -15.73
C ALA A 603 -41.21 15.82 -15.39
N PRO A 604 -42.00 15.02 -16.13
CA PRO A 604 -43.46 14.95 -16.00
C PRO A 604 -43.98 14.46 -14.65
N GLN A 605 -43.22 13.60 -13.98
CA GLN A 605 -43.62 13.04 -12.68
C GLN A 605 -42.45 13.03 -11.68
N LEU A 606 -42.61 13.78 -10.60
CA LEU A 606 -41.60 13.89 -9.55
C LEU A 606 -42.24 13.81 -8.16
N PRO A 607 -41.44 13.49 -7.12
CA PRO A 607 -41.94 13.67 -5.76
C PRO A 607 -42.07 15.16 -5.45
N LYS A 608 -42.80 15.50 -4.39
CA LYS A 608 -42.94 16.91 -3.99
C LYS A 608 -41.63 17.47 -3.44
N SER A 609 -40.88 16.60 -2.76
CA SER A 609 -39.59 16.95 -2.16
C SER A 609 -38.69 15.72 -2.10
N VAL A 610 -37.39 15.96 -1.93
CA VAL A 610 -36.42 14.88 -1.70
C VAL A 610 -35.53 15.19 -0.51
N ASN A 611 -34.97 14.13 0.07
CA ASN A 611 -33.97 14.26 1.11
C ASN A 611 -32.58 14.20 0.46
N LYS A 612 -32.39 13.19 -0.39
CA LYS A 612 -31.11 12.95 -1.06
C LYS A 612 -31.31 12.56 -2.51
N ILE A 613 -30.32 12.91 -3.34
CA ILE A 613 -30.24 12.39 -4.69
C ILE A 613 -28.84 11.81 -4.91
N LYS A 614 -28.74 10.78 -5.74
CA LYS A 614 -27.45 10.13 -5.98
C LYS A 614 -27.38 9.44 -7.34
N ALA A 615 -26.28 9.68 -8.04
CA ALA A 615 -26.00 9.04 -9.32
C ALA A 615 -25.16 7.77 -9.14
N VAL A 616 -25.25 6.86 -10.10
CA VAL A 616 -24.61 5.56 -10.03
C VAL A 616 -23.19 5.54 -10.66
N PRO A 617 -22.17 5.13 -9.87
CA PRO A 617 -20.86 4.77 -10.45
C PRO A 617 -20.98 3.83 -11.64
N GLY A 618 -20.35 4.22 -12.74
CA GLY A 618 -20.31 3.41 -13.96
C GLY A 618 -21.54 3.48 -14.86
N LYS A 619 -22.54 4.27 -14.47
CA LYS A 619 -23.78 4.37 -15.22
C LYS A 619 -24.18 5.83 -15.41
N GLU A 620 -23.84 6.39 -16.57
CA GLU A 620 -24.09 7.80 -16.86
C GLU A 620 -25.58 8.12 -16.93
N GLY A 621 -25.97 9.20 -16.27
CA GLY A 621 -27.37 9.62 -16.23
C GLY A 621 -28.29 8.79 -15.37
N HIS A 622 -27.75 7.84 -14.61
CA HIS A 622 -28.54 7.05 -13.69
C HIS A 622 -28.60 7.80 -12.35
N VAL A 623 -29.76 8.38 -12.07
CA VAL A 623 -29.96 9.22 -10.88
C VAL A 623 -31.10 8.66 -10.03
N TRP A 624 -30.84 8.50 -8.74
CA TRP A 624 -31.84 8.01 -7.81
C TRP A 624 -32.27 9.09 -6.82
N LEU A 625 -33.56 9.11 -6.51
CA LEU A 625 -34.13 10.10 -5.60
C LEU A 625 -34.63 9.41 -4.34
N ALA A 626 -34.09 9.82 -3.19
CA ALA A 626 -34.60 9.33 -1.90
C ALA A 626 -35.55 10.40 -1.34
N ALA A 627 -36.84 10.14 -1.48
CA ALA A 627 -37.87 11.17 -1.25
C ALA A 627 -38.60 10.98 0.08
N ARG A 628 -37.94 10.34 1.04
CA ARG A 628 -38.55 9.96 2.32
C ARG A 628 -39.88 9.25 2.07
N GLU A 629 -40.97 9.76 2.64
CA GLU A 629 -42.32 9.20 2.48
C GLU A 629 -42.82 9.25 1.03
N GLY A 630 -42.21 10.14 0.23
CA GLY A 630 -42.46 10.20 -1.20
C GLY A 630 -41.88 9.05 -1.99
N GLY A 631 -41.10 8.19 -1.33
CA GLY A 631 -40.61 6.95 -1.94
C GLY A 631 -39.22 7.00 -2.56
N LEU A 632 -38.95 6.01 -3.41
CA LEU A 632 -37.67 5.91 -4.13
C LEU A 632 -37.90 5.97 -5.63
N TRP A 633 -37.24 6.93 -6.28
CA TRP A 633 -37.41 7.17 -7.72
C TRP A 633 -36.09 6.92 -8.46
N ARG A 634 -36.19 6.49 -9.72
CA ARG A 634 -35.01 6.29 -10.55
C ARG A 634 -35.17 6.91 -11.94
N SER A 635 -34.07 7.45 -12.44
CA SER A 635 -33.94 7.84 -13.84
C SER A 635 -32.70 7.18 -14.46
N THR A 636 -32.75 6.98 -15.77
CA THR A 636 -31.60 6.45 -16.51
C THR A 636 -31.28 7.35 -17.71
N ASP A 637 -31.83 8.56 -17.72
CA ASP A 637 -31.66 9.46 -18.86
C ASP A 637 -31.27 10.89 -18.44
N GLY A 638 -30.54 10.99 -17.33
CA GLY A 638 -30.06 12.28 -16.81
C GLY A 638 -31.15 13.12 -16.18
N GLY A 639 -32.21 12.46 -15.71
CA GLY A 639 -33.28 13.11 -14.98
C GLY A 639 -34.39 13.75 -15.80
N TYR A 640 -34.49 13.36 -17.07
CA TYR A 640 -35.59 13.85 -17.90
C TYR A 640 -36.89 13.12 -17.58
N THR A 641 -36.81 11.81 -17.40
CA THR A 641 -37.95 11.02 -16.91
C THR A 641 -37.57 10.18 -15.68
N PHE A 642 -38.45 10.16 -14.69
CA PHE A 642 -38.28 9.35 -13.48
C PHE A 642 -39.38 8.30 -13.33
N GLU A 643 -39.02 7.19 -12.66
CA GLU A 643 -39.97 6.15 -12.30
C GLU A 643 -39.96 6.00 -10.77
N LYS A 644 -41.14 6.12 -10.16
CA LYS A 644 -41.30 5.80 -8.75
C LYS A 644 -41.42 4.28 -8.64
N LEU A 645 -40.56 3.68 -7.82
CA LEU A 645 -40.62 2.25 -7.60
C LEU A 645 -41.82 1.94 -6.71
N SER A 646 -42.70 1.09 -7.22
CA SER A 646 -43.97 0.79 -6.53
C SER A 646 -43.79 -0.03 -5.25
N ASN A 647 -42.68 -0.78 -5.17
CA ASN A 647 -42.43 -1.68 -4.02
C ASN A 647 -41.69 -1.06 -2.83
N VAL A 648 -41.56 0.27 -2.82
CA VAL A 648 -40.90 0.99 -1.74
C VAL A 648 -41.83 2.07 -1.24
N ASP A 649 -42.11 2.05 0.06
CA ASP A 649 -42.94 3.05 0.71
C ASP A 649 -42.11 4.29 1.05
N THR A 650 -41.08 4.10 1.88
CA THR A 650 -40.24 5.21 2.36
C THR A 650 -38.76 4.92 2.04
N ALA A 651 -38.07 5.92 1.50
CA ALA A 651 -36.63 5.85 1.30
C ALA A 651 -36.01 7.16 1.75
N HIS A 652 -35.37 7.16 2.91
CA HIS A 652 -34.76 8.38 3.45
C HIS A 652 -33.42 8.68 2.80
N VAL A 653 -32.67 7.62 2.48
CA VAL A 653 -31.36 7.74 1.85
C VAL A 653 -31.17 6.57 0.89
N VAL A 654 -30.30 6.76 -0.10
CA VAL A 654 -30.02 5.74 -1.11
C VAL A 654 -28.51 5.67 -1.43
N GLY A 655 -27.98 4.45 -1.55
CA GLY A 655 -26.57 4.24 -1.81
C GLY A 655 -26.33 2.95 -2.55
N PHE A 656 -25.10 2.77 -3.02
CA PHE A 656 -24.77 1.64 -3.90
C PHE A 656 -23.46 0.96 -3.50
N GLY A 657 -23.38 -0.33 -3.82
CA GLY A 657 -22.20 -1.14 -3.56
C GLY A 657 -22.01 -2.16 -4.65
N LYS A 658 -21.01 -3.03 -4.48
CA LYS A 658 -20.64 -4.02 -5.49
C LYS A 658 -21.84 -4.88 -5.90
N ALA A 659 -21.99 -5.11 -7.20
CA ALA A 659 -23.07 -5.96 -7.72
C ALA A 659 -22.93 -7.38 -7.17
N ALA A 660 -24.08 -7.99 -6.88
CA ALA A 660 -24.15 -9.41 -6.49
C ALA A 660 -23.60 -10.28 -7.61
N PRO A 661 -22.96 -11.42 -7.26
CA PRO A 661 -22.37 -12.26 -8.30
C PRO A 661 -23.39 -12.59 -9.40
N GLY A 662 -23.01 -12.31 -10.65
CA GLY A 662 -23.87 -12.60 -11.80
C GLY A 662 -24.79 -11.47 -12.21
N GLN A 663 -24.98 -10.49 -11.33
CA GLN A 663 -25.87 -9.35 -11.59
C GLN A 663 -25.17 -8.25 -12.39
N ASP A 664 -25.95 -7.46 -13.12
CA ASP A 664 -25.43 -6.40 -13.99
C ASP A 664 -25.72 -4.99 -13.48
N TYR A 665 -26.24 -4.89 -12.26
CA TYR A 665 -26.40 -3.59 -11.62
C TYR A 665 -25.84 -3.67 -10.22
N ALA A 667 -25.59 -3.25 -6.27
CA ALA A 667 -26.56 -3.43 -5.19
C ALA A 667 -27.01 -2.08 -4.67
N ILE A 668 -28.31 -1.93 -4.42
CA ILE A 668 -28.88 -0.68 -3.93
C ILE A 668 -29.26 -0.83 -2.45
N TYR A 669 -28.91 0.18 -1.65
CA TYR A 669 -29.18 0.18 -0.22
C TYR A 669 -29.99 1.40 0.16
N ILE A 670 -31.04 1.17 0.94
CA ILE A 670 -31.87 2.26 1.43
C ILE A 670 -32.15 2.06 2.90
N THR A 671 -32.54 3.14 3.57
CA THR A 671 -33.21 3.06 4.87
C THR A 671 -34.62 3.62 4.69
N GLY A 672 -35.56 3.13 5.48
CA GLY A 672 -36.94 3.56 5.39
C GLY A 672 -37.92 2.45 5.70
N LYS A 673 -38.91 2.29 4.82
CA LYS A 673 -40.06 1.42 5.09
C LYS A 673 -40.48 0.66 3.83
N ILE A 674 -40.56 -0.67 3.95
CA ILE A 674 -41.10 -1.52 2.88
C ILE A 674 -42.14 -2.45 3.51
N ASP A 675 -43.35 -2.47 2.96
CA ASP A 675 -44.43 -3.35 3.43
C ASP A 675 -44.63 -3.28 4.95
N ASN A 676 -44.78 -2.06 5.46
CA ASN A 676 -44.94 -1.81 6.90
C ASN A 676 -43.84 -2.37 7.82
N VAL A 677 -42.65 -2.53 7.25
CA VAL A 677 -41.47 -2.87 8.04
C VAL A 677 -40.46 -1.74 7.94
N LEU A 678 -40.04 -1.23 9.10
CA LEU A 678 -38.98 -0.22 9.16
C LEU A 678 -37.62 -0.90 9.22
N GLY A 679 -36.65 -0.32 8.53
CA GLY A 679 -35.28 -0.81 8.59
C GLY A 679 -34.40 -0.45 7.42
N PHE A 680 -33.44 -1.32 7.15
CA PHE A 680 -32.49 -1.12 6.07
C PHE A 680 -32.74 -2.22 5.05
N PHE A 681 -32.69 -1.87 3.77
CA PHE A 681 -33.05 -2.82 2.71
C PHE A 681 -32.02 -2.86 1.57
N ARG A 682 -31.83 -4.04 1.01
CA ARG A 682 -30.95 -4.22 -0.15
C ARG A 682 -31.74 -4.74 -1.36
N SER A 683 -31.38 -4.24 -2.54
CA SER A 683 -31.85 -4.82 -3.79
C SER A 683 -30.68 -5.19 -4.70
N ASP A 684 -30.64 -6.46 -5.10
CA ASP A 684 -29.58 -7.01 -5.96
C ASP A 684 -29.95 -7.00 -7.44
N ASP A 685 -31.14 -6.47 -7.76
CA ASP A 685 -31.67 -6.50 -9.14
C ASP A 685 -32.28 -5.17 -9.57
N ALA A 686 -31.56 -4.08 -9.30
CA ALA A 686 -31.95 -2.72 -9.70
C ALA A 686 -33.32 -2.28 -9.16
N GLY A 687 -33.70 -2.80 -8.00
CA GLY A 687 -34.91 -2.39 -7.31
C GLY A 687 -36.14 -3.22 -7.65
N LYS A 688 -35.95 -4.33 -8.36
CA LYS A 688 -37.09 -5.17 -8.71
C LYS A 688 -37.59 -5.98 -7.51
N THR A 689 -36.67 -6.50 -6.70
CA THR A 689 -37.02 -7.10 -5.41
C THR A 689 -36.12 -6.56 -4.29
N TRP A 690 -36.63 -6.61 -3.05
CA TRP A 690 -35.92 -6.11 -1.88
C TRP A 690 -35.92 -7.15 -0.76
N VAL A 691 -34.82 -7.20 -0.02
CA VAL A 691 -34.75 -7.93 1.25
C VAL A 691 -34.38 -6.98 2.39
N ARG A 692 -34.86 -7.28 3.60
CA ARG A 692 -34.48 -6.52 4.78
C ARG A 692 -33.14 -7.03 5.30
N ILE A 693 -32.20 -6.12 5.51
CA ILE A 693 -30.86 -6.51 5.95
C ILE A 693 -30.58 -6.27 7.45
N ASN A 694 -31.35 -5.38 8.08
CA ASN A 694 -31.31 -5.31 9.55
C ASN A 694 -32.37 -6.23 10.20
N ASP A 695 -32.51 -6.14 11.51
CA ASP A 695 -33.52 -6.91 12.24
C ASP A 695 -34.07 -6.11 13.41
N ASP A 696 -34.86 -6.76 14.26
CA ASP A 696 -35.51 -6.08 15.38
C ASP A 696 -34.55 -5.69 16.50
N GLU A 697 -33.39 -6.36 16.54
CA GLU A 697 -32.35 -6.07 17.52
C GLU A 697 -31.32 -5.05 17.02
N HIS A 698 -31.41 -4.68 15.74
CA HIS A 698 -30.46 -3.75 15.11
C HIS A 698 -31.16 -2.61 14.37
N GLY A 699 -31.68 -1.66 15.14
CA GLY A 699 -32.30 -0.45 14.60
C GLY A 699 -31.34 0.72 14.46
N TYR A 700 -30.68 1.07 15.55
CA TYR A 700 -29.68 2.18 15.58
C TYR A 700 -30.23 3.61 15.43
N GLY A 701 -31.55 3.77 15.45
CA GLY A 701 -32.18 5.09 15.54
C GLY A 701 -32.33 5.84 14.23
N ALA A 702 -31.99 7.12 14.25
CA ALA A 702 -32.13 7.98 13.09
C ALA A 702 -31.07 7.67 12.04
N VAL A 703 -31.53 7.22 10.87
CA VAL A 703 -30.65 6.78 9.78
C VAL A 703 -31.02 7.45 8.45
N ASP A 704 -31.18 8.78 8.49
CA ASP A 704 -31.60 9.55 7.32
C ASP A 704 -30.57 10.59 6.87
N THR A 705 -29.29 10.37 7.17
CA THR A 705 -28.27 11.33 6.75
C THR A 705 -27.36 10.80 5.63
N ALA A 706 -26.96 9.54 5.70
CA ALA A 706 -26.07 8.96 4.68
C ALA A 706 -26.09 7.43 4.68
N ILE A 707 -26.08 6.86 3.48
CA ILE A 707 -25.84 5.44 3.32
C ILE A 707 -24.96 5.22 2.09
N THR A 708 -24.11 4.20 2.15
CA THR A 708 -23.36 3.76 0.99
C THR A 708 -23.01 2.28 1.11
N GLY A 709 -23.03 1.58 -0.02
CA GLY A 709 -22.41 0.27 -0.10
C GLY A 709 -20.92 0.45 -0.31
N ASP A 710 -20.24 -0.66 -0.52
CA ASP A 710 -18.81 -0.66 -0.78
C ASP A 710 -18.64 -1.17 -2.22
N PRO A 711 -18.04 -0.34 -3.10
CA PRO A 711 -17.86 -0.75 -4.50
C PRO A 711 -16.93 -1.95 -4.67
N ARG A 712 -16.17 -2.29 -3.62
CA ARG A 712 -15.17 -3.36 -3.64
C ARG A 712 -15.57 -4.63 -2.85
N VAL A 713 -16.61 -4.53 -2.02
CA VAL A 713 -17.03 -5.65 -1.16
C VAL A 713 -18.54 -5.86 -1.28
N TYR A 714 -18.94 -6.98 -1.86
CA TYR A 714 -20.37 -7.24 -2.04
C TYR A 714 -21.10 -7.41 -0.71
N GLY A 715 -22.27 -6.78 -0.59
CA GLY A 715 -23.14 -7.00 0.55
C GLY A 715 -22.89 -6.07 1.71
N ARG A 716 -21.67 -5.53 1.79
CA ARG A 716 -21.32 -4.58 2.85
C ARG A 716 -22.04 -3.24 2.68
N VAL A 717 -22.51 -2.71 3.81
CA VAL A 717 -23.20 -1.42 3.80
C VAL A 717 -22.74 -0.56 4.98
N TYR A 718 -22.55 0.73 4.74
CA TYR A 718 -22.18 1.69 5.76
C TYR A 718 -23.32 2.66 6.00
N ILE A 719 -23.68 2.85 7.26
CA ILE A 719 -24.86 3.66 7.61
C ILE A 719 -24.51 4.68 8.70
N ALA A 720 -24.83 5.94 8.39
CA ALA A 720 -24.66 7.05 9.33
C ALA A 720 -25.82 7.08 10.32
N THR A 721 -25.51 7.08 11.61
CA THR A 721 -26.52 7.23 12.65
C THR A 721 -26.34 8.58 13.33
N ASN A 722 -27.33 8.95 14.14
CA ASN A 722 -27.34 10.18 14.89
C ASN A 722 -27.18 9.89 16.39
N GLY A 723 -25.98 9.46 16.76
CA GLY A 723 -25.67 9.16 18.15
C GLY A 723 -25.13 7.76 18.42
N ARG A 724 -25.08 6.92 17.41
CA ARG A 724 -24.48 5.59 17.52
C ARG A 724 -23.32 5.40 16.52
N GLY A 725 -22.72 6.52 16.14
CA GLY A 725 -21.57 6.52 15.23
C GLY A 725 -21.88 5.94 13.87
N ILE A 726 -20.88 5.28 13.28
CA ILE A 726 -21.01 4.69 11.95
C ILE A 726 -21.23 3.20 12.13
N VAL A 727 -22.30 2.67 11.56
CA VAL A 727 -22.50 1.23 11.59
C VAL A 727 -22.29 0.61 10.21
N TYR A 728 -21.79 -0.61 10.19
CA TYR A 728 -21.69 -1.35 8.95
C TYR A 728 -22.19 -2.77 9.11
N GLY A 729 -22.75 -3.31 8.04
CA GLY A 729 -23.25 -4.68 8.03
C GLY A 729 -22.70 -5.48 6.88
N GLU A 730 -22.68 -6.80 7.06
CA GLU A 730 -22.26 -7.74 6.03
C GLU A 730 -23.13 -8.99 6.11
N PRO A 731 -23.38 -9.66 4.97
CA PRO A 731 -24.09 -10.94 5.02
C PRO A 731 -23.45 -11.88 6.03
N ALA A 732 -24.27 -12.49 6.88
CA ALA A 732 -23.80 -13.43 7.90
C ALA A 732 -23.72 -14.85 7.35
N SER A 733 -22.79 -15.63 7.90
CA SER A 733 -22.60 -17.03 7.50
C SER A 733 -23.65 -17.95 8.15
N VAL B 6 -13.80 -4.80 -40.20
CA VAL B 6 -13.30 -4.44 -38.83
C VAL B 6 -12.56 -3.10 -38.86
N THR B 7 -12.86 -2.23 -37.91
CA THR B 7 -12.17 -0.94 -37.82
C THR B 7 -11.07 -0.98 -36.75
N SER B 8 -10.21 0.02 -36.77
CA SER B 8 -9.15 0.15 -35.78
C SER B 8 -9.40 1.31 -34.85
N VAL B 9 -9.01 1.14 -33.59
CA VAL B 9 -8.99 2.25 -32.65
C VAL B 9 -7.53 2.51 -32.30
N PRO B 10 -7.13 3.79 -32.20
CA PRO B 10 -5.74 4.12 -31.87
C PRO B 10 -5.32 3.66 -30.47
N TYR B 11 -4.18 3.00 -30.39
CA TYR B 11 -3.59 2.57 -29.12
C TYR B 11 -2.17 3.08 -28.96
N LYS B 12 -1.73 3.25 -27.71
CA LYS B 12 -0.32 3.48 -27.43
C LYS B 12 0.28 2.17 -26.90
N TRP B 13 1.36 1.72 -27.55
CA TRP B 13 2.03 0.46 -27.24
C TRP B 13 3.40 0.67 -26.63
N ASP B 14 3.71 -0.15 -25.64
CA ASP B 14 5.00 -0.07 -24.94
C ASP B 14 5.33 -1.43 -24.32
N ASN B 15 6.59 -1.60 -23.90
CA ASN B 15 6.98 -2.77 -23.11
C ASN B 15 6.69 -2.52 -21.63
N VAL B 16 6.17 -3.55 -20.96
CA VAL B 16 6.27 -3.61 -19.50
C VAL B 16 7.75 -3.86 -19.23
N VAL B 17 8.32 -3.16 -18.25
CA VAL B 17 9.77 -3.23 -18.06
C VAL B 17 10.20 -4.47 -17.25
N ILE B 18 11.06 -5.28 -17.85
CA ILE B 18 11.79 -6.32 -17.13
C ILE B 18 13.21 -5.80 -16.90
N GLY B 19 13.72 -5.10 -17.91
CA GLY B 19 15.01 -4.42 -17.81
C GLY B 19 16.15 -5.31 -18.21
N GLY B 20 17.15 -4.74 -18.89
CA GLY B 20 18.40 -5.43 -19.16
C GLY B 20 18.35 -6.48 -20.23
N GLY B 21 17.33 -6.43 -21.08
CA GLY B 21 17.19 -7.39 -22.17
C GLY B 21 16.53 -8.70 -21.78
N GLY B 22 17.27 -9.54 -21.07
CA GLY B 22 16.71 -10.80 -20.58
C GLY B 22 17.01 -12.06 -21.39
N GLY B 23 17.59 -11.89 -22.58
CA GLY B 23 17.91 -13.02 -23.44
C GLY B 23 19.30 -12.93 -24.04
N PHE B 24 19.51 -13.70 -25.10
CA PHE B 24 20.77 -13.70 -25.83
C PHE B 24 20.71 -12.78 -27.07
N PRO B 26 23.13 -12.16 -29.89
CA PRO B 26 24.37 -12.75 -30.42
C PRO B 26 25.42 -11.79 -31.01
N GLY B 27 25.02 -10.55 -31.33
CA GLY B 27 25.94 -9.63 -31.97
C GLY B 27 25.68 -8.16 -31.70
N ILE B 28 26.77 -7.41 -31.63
CA ILE B 28 26.74 -5.94 -31.57
C ILE B 28 27.60 -5.44 -32.73
N VAL B 29 27.12 -4.42 -33.44
CA VAL B 29 27.84 -3.90 -34.61
C VAL B 29 27.93 -2.37 -34.55
N PHE B 30 29.17 -1.87 -34.46
CA PHE B 30 29.48 -0.44 -34.51
C PHE B 30 29.70 -0.02 -35.96
N ASN B 31 29.23 1.19 -36.30
CA ASN B 31 29.58 1.79 -37.58
C ASN B 31 31.03 2.26 -37.54
N GLU B 32 31.76 2.07 -38.64
CA GLU B 32 33.20 2.36 -38.72
C GLU B 32 33.53 3.83 -38.92
N THR B 33 32.56 4.61 -39.37
CA THR B 33 32.80 6.02 -39.70
C THR B 33 31.99 7.03 -38.86
N GLU B 34 30.79 6.65 -38.42
CA GLU B 34 29.99 7.54 -37.56
C GLU B 34 30.01 7.14 -36.07
N LYS B 35 30.55 8.04 -35.25
CA LYS B 35 30.58 7.90 -33.80
C LYS B 35 29.16 7.74 -33.23
N ASP B 36 29.03 6.88 -32.22
CA ASP B 36 27.75 6.63 -31.51
C ASP B 36 26.68 5.85 -32.28
N LEU B 37 27.03 5.37 -33.47
CA LEU B 37 26.13 4.58 -34.27
C LEU B 37 26.38 3.10 -34.06
N ILE B 38 25.46 2.46 -33.30
CA ILE B 38 25.57 1.05 -32.91
C ILE B 38 24.25 0.33 -33.14
N TYR B 39 24.34 -0.91 -33.59
CA TYR B 39 23.21 -1.80 -33.73
C TYR B 39 23.45 -3.07 -32.92
N ALA B 40 22.36 -3.71 -32.51
CA ALA B 40 22.43 -5.01 -31.82
C ALA B 40 21.38 -5.96 -32.41
N ARG B 41 21.77 -7.20 -32.62
CA ARG B 41 20.87 -8.22 -33.17
C ARG B 41 20.51 -9.27 -32.13
N ALA B 42 19.28 -9.77 -32.22
CA ALA B 42 18.73 -10.77 -31.32
C ALA B 42 18.50 -12.07 -32.09
N ASP B 43 18.52 -13.19 -31.38
CA ASP B 43 18.23 -14.47 -32.00
C ASP B 43 16.73 -14.70 -32.21
N ILE B 44 15.90 -14.22 -31.27
CA ILE B 44 14.44 -14.34 -31.40
C ILE B 44 13.71 -12.99 -31.29
N GLY B 45 14.47 -11.92 -31.06
CA GLY B 45 13.84 -10.65 -30.69
C GLY B 45 14.12 -9.40 -31.52
N GLY B 46 14.39 -9.58 -32.81
CA GLY B 46 14.57 -8.43 -33.71
C GLY B 46 15.94 -7.78 -33.63
N ALA B 47 15.98 -6.48 -33.91
CA ALA B 47 17.22 -5.70 -33.87
C ALA B 47 16.96 -4.34 -33.25
N TYR B 48 18.04 -3.71 -32.75
CA TYR B 48 17.98 -2.42 -32.06
C TYR B 48 19.03 -1.44 -32.58
N ARG B 49 18.74 -0.14 -32.47
CA ARG B 49 19.72 0.91 -32.72
C ARG B 49 19.96 1.65 -31.41
N TRP B 50 21.23 1.98 -31.15
CA TRP B 50 21.61 2.72 -29.94
C TRP B 50 21.15 4.17 -29.99
N ASP B 51 20.64 4.63 -28.85
CA ASP B 51 20.35 6.04 -28.64
C ASP B 51 21.36 6.52 -27.60
N PRO B 52 22.41 7.24 -28.06
CA PRO B 52 23.50 7.69 -27.21
C PRO B 52 23.10 8.80 -26.23
N SER B 53 22.01 9.51 -26.50
CA SER B 53 21.56 10.58 -25.63
C SER B 53 20.99 10.04 -24.31
N THR B 54 20.41 8.85 -24.34
CA THR B 54 19.82 8.23 -23.15
C THR B 54 20.45 6.90 -22.70
N GLU B 55 21.45 6.40 -23.44
CA GLU B 55 22.01 5.07 -23.17
C GLU B 55 20.94 3.99 -23.29
N THR B 56 20.10 4.07 -24.33
CA THR B 56 19.05 3.08 -24.52
C THR B 56 19.08 2.55 -25.94
N TRP B 57 18.39 1.42 -26.12
CA TRP B 57 18.25 0.78 -27.42
C TRP B 57 16.84 0.95 -27.94
N ILE B 58 16.73 1.13 -29.26
CA ILE B 58 15.46 1.35 -29.94
C ILE B 58 15.13 0.17 -30.86
N PRO B 59 14.00 -0.52 -30.62
CA PRO B 59 13.65 -1.70 -31.43
C PRO B 59 13.26 -1.28 -32.84
N LEU B 60 13.71 -2.04 -33.83
CA LEU B 60 13.61 -1.63 -35.23
C LEU B 60 12.63 -2.45 -36.08
N LEU B 61 12.23 -3.62 -35.58
CA LEU B 61 11.54 -4.62 -36.40
C LEU B 61 10.12 -5.00 -35.93
N ASP B 62 9.53 -4.17 -35.07
CA ASP B 62 8.25 -4.47 -34.41
C ASP B 62 7.03 -4.47 -35.34
N HIS B 63 7.20 -3.97 -36.57
CA HIS B 63 6.16 -4.01 -37.58
C HIS B 63 5.82 -5.42 -38.05
N PHE B 64 6.76 -6.37 -37.88
CA PHE B 64 6.54 -7.74 -38.33
C PHE B 64 5.42 -8.40 -37.52
N GLN B 65 4.40 -8.88 -38.23
CA GLN B 65 3.22 -9.46 -37.58
C GLN B 65 3.44 -10.96 -37.36
N ASP B 67 2.56 -13.67 -38.81
CA ASP B 67 2.90 -14.49 -39.96
C ASP B 67 4.33 -14.24 -40.47
N GLU B 68 5.02 -13.26 -39.88
CA GLU B 68 6.43 -13.01 -40.18
C GLU B 68 7.30 -12.98 -38.93
N TYR B 69 6.91 -13.78 -37.94
CA TYR B 69 7.64 -13.93 -36.69
C TYR B 69 9.11 -14.33 -36.95
N SER B 70 9.31 -15.16 -37.96
CA SER B 70 10.66 -15.58 -38.40
C SER B 70 11.66 -14.41 -38.53
N TYR B 71 11.17 -13.26 -38.99
CA TYR B 71 12.05 -12.12 -39.27
C TYR B 71 12.53 -11.37 -38.02
N TYR B 72 12.12 -11.84 -36.85
CA TYR B 72 12.75 -11.42 -35.59
C TYR B 72 14.03 -12.20 -35.31
N GLY B 73 14.27 -13.27 -36.07
CA GLY B 73 15.54 -13.99 -36.01
C GLY B 73 16.58 -13.25 -36.83
N VAL B 74 17.47 -12.53 -36.17
CA VAL B 74 18.44 -11.70 -36.91
C VAL B 74 19.79 -12.38 -36.99
N GLU B 75 20.05 -12.97 -38.15
CA GLU B 75 21.27 -13.71 -38.42
C GLU B 75 22.49 -12.78 -38.49
N SER B 76 22.31 -11.60 -39.08
CA SER B 76 23.40 -10.66 -39.27
C SER B 76 22.87 -9.25 -39.46
N ILE B 77 23.67 -8.27 -39.09
CA ILE B 77 23.34 -6.88 -39.35
C ILE B 77 24.58 -6.17 -39.85
N ALA B 78 24.41 -5.33 -40.88
CA ALA B 78 25.53 -4.59 -41.45
C ALA B 78 25.20 -3.10 -41.56
N THR B 79 26.11 -2.27 -41.08
CA THR B 79 25.94 -0.82 -41.12
C THR B 79 26.97 -0.17 -42.03
N ASP B 80 26.47 0.63 -42.98
CA ASP B 80 27.25 1.17 -44.11
C ASP B 80 28.26 2.24 -43.66
N PRO B 81 29.57 2.02 -43.93
CA PRO B 81 30.57 3.01 -43.54
C PRO B 81 30.68 4.20 -44.49
N VAL B 82 30.21 4.05 -45.73
CA VAL B 82 30.20 5.12 -46.72
C VAL B 82 28.97 6.01 -46.51
N ASP B 83 27.80 5.39 -46.39
CA ASP B 83 26.58 6.11 -46.05
C ASP B 83 25.91 5.51 -44.81
N PRO B 84 26.26 6.03 -43.60
CA PRO B 84 25.73 5.53 -42.32
C PRO B 84 24.21 5.54 -42.16
N ASN B 85 23.48 6.14 -43.13
CA ASN B 85 22.03 6.07 -43.14
C ASN B 85 21.54 4.70 -43.59
N ARG B 86 22.41 3.96 -44.29
CA ARG B 86 22.07 2.61 -44.74
C ARG B 86 22.38 1.54 -43.70
N VAL B 87 21.46 0.60 -43.56
CA VAL B 87 21.59 -0.55 -42.68
C VAL B 87 20.85 -1.73 -43.29
N TYR B 88 21.44 -2.91 -43.16
CA TYR B 88 20.88 -4.14 -43.70
C TYR B 88 20.83 -5.23 -42.66
N ILE B 89 19.83 -6.09 -42.79
CA ILE B 89 19.62 -7.21 -41.86
C ILE B 89 19.37 -8.48 -42.65
N VAL B 90 20.04 -9.55 -42.23
CA VAL B 90 19.75 -10.87 -42.73
C VAL B 90 18.80 -11.53 -41.71
N ALA B 91 17.57 -11.77 -42.15
CA ALA B 91 16.50 -12.17 -41.25
C ALA B 91 15.89 -13.52 -41.63
N GLY B 92 15.58 -14.32 -40.61
CA GLY B 92 15.01 -15.63 -40.78
C GLY B 92 15.52 -16.46 -39.63
N TYR B 94 14.81 -19.98 -38.46
CA TYR B 94 15.17 -21.39 -38.53
C TYR B 94 15.37 -21.82 -39.97
N THR B 95 16.33 -22.71 -40.18
CA THR B 95 16.66 -23.19 -41.52
C THR B 95 15.81 -24.43 -41.90
N ASN B 96 14.89 -24.78 -41.02
CA ASN B 96 14.05 -25.95 -41.20
C ASN B 96 12.58 -25.56 -41.40
N ASP B 97 11.68 -26.50 -41.12
CA ASP B 97 10.24 -26.30 -41.34
C ASP B 97 9.48 -25.75 -40.13
N TRP B 98 10.19 -25.43 -39.04
CA TRP B 98 9.52 -24.88 -37.87
C TRP B 98 8.77 -23.60 -38.18
N LEU B 99 9.30 -22.80 -39.11
CA LEU B 99 8.60 -21.67 -39.70
C LEU B 99 8.68 -21.76 -41.22
N PRO B 100 7.60 -21.37 -41.94
CA PRO B 100 7.59 -21.50 -43.42
C PRO B 100 8.40 -20.45 -44.21
N ASN B 101 8.65 -19.29 -43.61
CA ASN B 101 9.21 -18.16 -44.34
C ASN B 101 10.58 -18.43 -44.95
N GLY B 103 14.26 -16.86 -46.11
CA GLY B 103 15.12 -15.80 -45.56
C GLY B 103 14.92 -14.49 -46.30
N ALA B 104 15.27 -13.39 -45.66
CA ALA B 104 15.13 -12.09 -46.29
C ALA B 104 16.32 -11.21 -45.96
N ILE B 105 16.71 -10.38 -46.92
CA ILE B 105 17.57 -9.25 -46.62
C ILE B 105 16.64 -8.06 -46.44
N LEU B 106 16.66 -7.47 -45.24
CA LEU B 106 15.95 -6.26 -44.93
C LEU B 106 16.91 -5.11 -45.17
N ARG B 107 16.45 -4.10 -45.89
CA ARG B 107 17.29 -2.98 -46.27
C ARG B 107 16.62 -1.66 -45.97
N SER B 108 17.35 -0.76 -45.31
CA SER B 108 16.80 0.53 -44.92
C SER B 108 17.75 1.67 -45.28
N THR B 109 17.20 2.83 -45.56
CA THR B 109 18.00 4.01 -45.89
C THR B 109 17.84 5.10 -44.84
N ASP B 110 17.10 4.79 -43.77
CA ASP B 110 16.91 5.72 -42.67
C ASP B 110 17.26 5.08 -41.33
N ARG B 111 18.22 4.15 -41.36
CA ARG B 111 18.80 3.62 -40.14
C ARG B 111 17.80 2.74 -39.38
N GLY B 112 16.88 2.13 -40.13
CA GLY B 112 16.04 1.08 -39.58
C GLY B 112 14.71 1.60 -39.08
N GLU B 113 14.45 2.88 -39.34
CA GLU B 113 13.12 3.45 -39.11
C GLU B 113 12.09 2.80 -40.03
N THR B 114 12.44 2.63 -41.30
CA THR B 114 11.62 1.93 -42.28
C THR B 114 12.45 0.91 -43.07
N TRP B 115 11.77 -0.09 -43.62
CA TRP B 115 12.42 -1.19 -44.30
C TRP B 115 11.75 -1.56 -45.62
N GLU B 116 12.58 -1.92 -46.60
CA GLU B 116 12.16 -2.74 -47.74
C GLU B 116 12.84 -4.09 -47.51
N LYS B 117 12.38 -5.12 -48.21
CA LYS B 117 13.00 -6.43 -48.08
C LYS B 117 13.07 -7.18 -49.41
N THR B 118 14.08 -8.04 -49.52
CA THR B 118 14.25 -8.92 -50.65
C THR B 118 14.20 -10.33 -50.10
N ILE B 119 13.24 -11.12 -50.59
CA ILE B 119 13.12 -12.52 -50.17
C ILE B 119 14.17 -13.38 -50.90
N LEU B 120 14.78 -14.29 -50.17
CA LEU B 120 15.84 -15.14 -50.71
C LEU B 120 15.32 -16.54 -51.05
N PRO B 121 16.02 -17.29 -51.91
CA PRO B 121 15.60 -18.68 -52.20
C PRO B 121 16.08 -19.71 -51.17
N PHE B 122 16.54 -19.25 -50.02
CA PHE B 122 16.96 -20.17 -48.95
C PHE B 122 16.61 -19.53 -47.61
N LYS B 123 16.79 -20.29 -46.55
CA LYS B 123 16.47 -19.84 -45.20
C LYS B 123 17.70 -19.40 -44.40
N GLY B 125 19.27 -18.76 -40.22
CA GLY B 125 19.19 -19.40 -38.92
C GLY B 125 19.47 -18.51 -37.72
N GLY B 126 18.76 -17.40 -37.62
CA GLY B 126 18.88 -16.47 -36.50
C GLY B 126 18.89 -17.12 -35.13
N ASN B 127 18.13 -18.21 -34.97
CA ASN B 127 18.07 -18.95 -33.70
C ASN B 127 18.61 -20.39 -33.82
N PRO B 129 22.19 -23.07 -33.96
CA PRO B 129 23.54 -23.14 -33.34
C PRO B 129 24.58 -22.29 -34.06
N GLY B 130 25.52 -21.73 -33.29
CA GLY B 130 26.59 -20.88 -33.84
C GLY B 130 26.18 -19.48 -34.24
N ARG B 131 25.05 -19.00 -33.71
CA ARG B 131 24.51 -17.69 -34.07
C ARG B 131 25.39 -16.45 -33.69
N SER B 132 26.27 -16.59 -32.69
CA SER B 132 27.19 -15.48 -32.36
C SER B 132 28.37 -15.37 -33.34
N GLY B 134 29.91 -14.39 -36.71
CA GLY B 134 29.52 -13.30 -37.58
C GLY B 134 30.63 -12.26 -37.77
N GLU B 135 30.32 -11.17 -38.47
CA GLU B 135 29.02 -10.98 -39.11
C GLU B 135 29.02 -11.58 -40.53
N ARG B 136 27.97 -12.33 -40.84
CA ARG B 136 27.81 -12.98 -42.15
C ARG B 136 27.60 -11.98 -43.29
N LEU B 137 26.93 -10.88 -42.97
CA LEU B 137 26.61 -9.83 -43.93
C LEU B 137 27.59 -8.65 -43.81
N ALA B 138 28.15 -8.21 -44.93
CA ALA B 138 29.15 -7.13 -44.95
C ALA B 138 29.03 -6.23 -46.18
N ILE B 139 29.28 -4.94 -45.96
CA ILE B 139 29.21 -3.92 -47.00
C ILE B 139 30.63 -3.53 -47.45
N ASP B 140 30.83 -3.52 -48.76
CA ASP B 140 32.07 -3.05 -49.38
C ASP B 140 32.32 -1.58 -48.99
N PRO B 141 33.47 -1.31 -48.31
CA PRO B 141 33.71 0.03 -47.77
C PRO B 141 34.26 1.05 -48.79
N ASN B 142 34.51 0.59 -50.02
CA ASN B 142 34.93 1.48 -51.11
C ASN B 142 33.81 1.70 -52.13
N ASP B 143 33.02 0.67 -52.36
CA ASP B 143 31.89 0.74 -53.27
C ASP B 143 30.67 0.11 -52.59
N ASN B 144 29.95 0.91 -51.81
CA ASN B 144 28.84 0.45 -50.96
C ASN B 144 27.60 -0.10 -51.68
N ARG B 145 27.66 -0.14 -53.02
CA ARG B 145 26.65 -0.85 -53.81
C ARG B 145 26.76 -2.37 -53.59
N ILE B 146 27.95 -2.82 -53.19
CA ILE B 146 28.31 -4.23 -53.07
C ILE B 146 28.20 -4.73 -51.63
N LEU B 147 27.47 -5.82 -51.47
CA LEU B 147 27.38 -6.54 -50.19
C LEU B 147 27.65 -8.04 -50.39
N TYR B 148 28.26 -8.66 -49.38
CA TYR B 148 28.45 -10.11 -49.33
C TYR B 148 27.69 -10.70 -48.15
N LEU B 149 27.25 -11.94 -48.33
CA LEU B 149 26.47 -12.65 -47.33
C LEU B 149 26.90 -14.10 -47.25
N GLY B 150 27.35 -14.51 -46.06
CA GLY B 150 27.59 -15.90 -45.74
C GLY B 150 26.31 -16.59 -45.33
N THR B 151 26.10 -17.80 -45.85
CA THR B 151 24.85 -18.51 -45.60
C THR B 151 25.09 -19.83 -44.91
N ARG B 152 24.01 -20.39 -44.35
CA ARG B 152 24.00 -21.71 -43.73
C ARG B 152 23.58 -22.78 -44.75
N CYS B 153 23.63 -24.04 -44.33
CA CYS B 153 23.08 -25.19 -45.07
C CYS B 153 23.70 -25.48 -46.42
N GLY B 154 24.94 -25.06 -46.64
CA GLY B 154 25.63 -25.37 -47.89
C GLY B 154 25.33 -24.43 -49.05
N ASN B 155 24.59 -23.35 -48.77
CA ASN B 155 24.31 -22.32 -49.79
C ASN B 155 25.49 -21.40 -50.13
N GLY B 156 26.54 -21.46 -49.33
CA GLY B 156 27.81 -20.79 -49.64
C GLY B 156 27.84 -19.29 -49.48
N LEU B 157 28.46 -18.62 -50.45
CA LEU B 157 28.64 -17.19 -50.42
C LEU B 157 27.78 -16.52 -51.49
N TRP B 158 27.02 -15.51 -51.05
CA TRP B 158 26.10 -14.77 -51.93
C TRP B 158 26.53 -13.30 -51.95
N ARG B 159 26.10 -12.57 -52.96
CA ARG B 159 26.58 -11.22 -53.25
C ARG B 159 25.49 -10.36 -53.92
N SER B 160 25.47 -9.08 -53.54
CA SER B 160 24.64 -8.09 -54.19
C SER B 160 25.54 -6.99 -54.72
N THR B 161 25.21 -6.47 -55.89
CA THR B 161 25.92 -5.30 -56.41
C THR B 161 24.97 -4.11 -56.66
N ASP B 162 23.75 -4.19 -56.14
CA ASP B 162 22.75 -3.12 -56.30
C ASP B 162 22.11 -2.69 -54.96
N TYR B 163 22.94 -2.45 -53.95
CA TYR B 163 22.49 -2.02 -52.62
C TYR B 163 21.58 -3.05 -51.96
N GLY B 164 21.88 -4.33 -52.18
CA GLY B 164 21.15 -5.42 -51.55
C GLY B 164 19.78 -5.76 -52.11
N VAL B 165 19.40 -5.14 -53.24
CA VAL B 165 18.07 -5.34 -53.85
C VAL B 165 17.97 -6.70 -54.54
N THR B 166 19.01 -7.07 -55.29
CA THR B 166 19.07 -8.40 -55.89
C THR B 166 20.32 -9.13 -55.41
N TRP B 167 20.21 -10.45 -55.33
CA TRP B 167 21.26 -11.32 -54.79
C TRP B 167 21.51 -12.51 -55.69
N SER B 168 22.77 -12.90 -55.82
CA SER B 168 23.11 -14.12 -56.55
C SER B 168 24.28 -14.85 -55.88
N LYS B 169 24.35 -16.15 -56.12
CA LYS B 169 25.39 -17.00 -55.56
C LYS B 169 26.74 -16.67 -56.17
N VAL B 170 27.76 -16.59 -55.30
CA VAL B 170 29.15 -16.48 -55.75
C VAL B 170 29.65 -17.89 -56.05
N GLU B 171 29.47 -18.29 -57.32
CA GLU B 171 29.73 -19.67 -57.75
C GLU B 171 31.18 -20.11 -57.60
N SER B 172 32.10 -19.17 -57.67
CA SER B 172 33.54 -19.46 -57.60
C SER B 172 34.06 -19.70 -56.19
N PHE B 173 33.22 -19.43 -55.18
CA PHE B 173 33.64 -19.64 -53.81
C PHE B 173 33.76 -21.16 -53.52
N PRO B 174 34.93 -21.61 -53.03
CA PRO B 174 35.24 -23.04 -53.08
C PRO B 174 34.61 -23.92 -52.02
N ASN B 175 34.18 -23.33 -50.90
CA ASN B 175 33.76 -24.14 -49.73
C ASN B 175 32.59 -23.50 -48.98
N PRO B 176 31.41 -24.13 -49.04
CA PRO B 176 30.26 -23.58 -48.31
C PRO B 176 30.21 -24.00 -46.83
N GLY B 177 31.15 -24.80 -46.38
CA GLY B 177 31.13 -25.31 -45.02
C GLY B 177 30.68 -26.77 -45.00
N THR B 178 31.29 -27.55 -44.12
CA THR B 178 31.09 -29.00 -44.08
C THR B 178 30.66 -29.45 -42.69
N ILE B 191 24.70 -27.72 -41.37
CA ILE B 191 25.85 -27.01 -41.93
C ILE B 191 25.81 -25.57 -41.46
N ILE B 192 26.74 -25.22 -40.56
CA ILE B 192 26.86 -23.87 -40.02
C ILE B 192 27.22 -22.89 -41.15
N GLY B 193 28.10 -23.32 -42.05
CA GLY B 193 28.33 -22.64 -43.32
C GLY B 193 29.32 -21.49 -43.28
N VAL B 194 29.02 -20.45 -44.04
CA VAL B 194 29.95 -19.35 -44.24
C VAL B 194 29.62 -18.27 -43.21
N VAL B 195 30.58 -18.00 -42.31
CA VAL B 195 30.28 -17.29 -41.05
C VAL B 195 30.66 -15.81 -40.99
N TRP B 196 31.64 -15.37 -41.79
CA TRP B 196 31.95 -13.94 -41.80
C TRP B 196 32.67 -13.49 -43.05
N VAL B 197 32.52 -12.21 -43.36
CA VAL B 197 33.12 -11.60 -44.54
C VAL B 197 33.78 -10.30 -44.12
N VAL B 198 35.07 -10.17 -44.40
CA VAL B 198 35.83 -9.00 -44.01
C VAL B 198 36.52 -8.41 -45.26
N PHE B 199 36.38 -7.10 -45.45
CA PHE B 199 36.96 -6.40 -46.60
C PHE B 199 38.29 -5.75 -46.22
N ASP B 200 39.24 -5.76 -47.15
CA ASP B 200 40.47 -4.98 -46.99
C ASP B 200 40.32 -3.64 -47.73
N LYS B 201 40.01 -2.59 -46.98
CA LYS B 201 39.70 -1.27 -47.56
C LYS B 201 40.89 -0.66 -48.32
N SER B 202 42.11 -0.92 -47.85
CA SER B 202 43.33 -0.39 -48.47
C SER B 202 43.64 -1.02 -49.83
N SER B 203 42.94 -2.08 -50.19
CA SER B 203 43.17 -2.81 -51.44
C SER B 203 42.50 -2.13 -52.65
N SER B 204 41.76 -1.06 -52.37
CA SER B 204 41.21 -0.19 -53.39
C SER B 204 41.10 1.26 -52.90
N THR B 205 40.71 2.14 -53.82
CA THR B 205 40.44 3.54 -53.53
C THR B 205 38.93 3.75 -53.61
N PRO B 206 38.38 4.76 -52.88
CA PRO B 206 36.93 5.00 -52.85
C PRO B 206 36.30 5.10 -54.23
N GLY B 207 35.12 4.50 -54.38
CA GLY B 207 34.41 4.48 -55.66
C GLY B 207 34.57 3.18 -56.45
N ASN B 208 35.61 2.42 -56.12
CA ASN B 208 35.92 1.18 -56.83
C ASN B 208 35.66 -0.06 -55.96
N PRO B 209 35.20 -1.17 -56.58
CA PRO B 209 35.00 -2.39 -55.80
C PRO B 209 36.27 -2.80 -55.05
N THR B 210 36.13 -3.13 -53.76
CA THR B 210 37.25 -3.58 -52.93
C THR B 210 37.79 -4.89 -53.51
N LYS B 211 39.10 -4.93 -53.77
CA LYS B 211 39.69 -6.07 -54.46
C LYS B 211 40.04 -7.24 -53.53
N THR B 212 40.43 -6.93 -52.30
CA THR B 212 40.80 -7.98 -51.35
C THR B 212 39.74 -8.20 -50.26
N ILE B 213 39.26 -9.44 -50.21
CA ILE B 213 38.16 -9.85 -49.34
C ILE B 213 38.55 -11.13 -48.60
N TYR B 214 38.29 -11.18 -47.30
CA TYR B 214 38.52 -12.38 -46.49
C TYR B 214 37.20 -12.97 -46.06
N VAL B 215 37.14 -14.30 -46.09
CA VAL B 215 35.91 -15.01 -45.74
C VAL B 215 36.21 -16.17 -44.80
N GLY B 216 35.45 -16.24 -43.70
CA GLY B 216 35.56 -17.31 -42.73
C GLY B 216 34.47 -18.34 -42.93
N VAL B 217 34.85 -19.61 -42.87
CA VAL B 217 33.95 -20.74 -43.13
C VAL B 217 34.04 -21.71 -41.95
N ALA B 218 32.90 -22.26 -41.53
CA ALA B 218 32.89 -23.29 -40.48
C ALA B 218 33.30 -24.63 -41.08
N ASP B 219 34.61 -24.85 -41.11
CA ASP B 219 35.24 -26.06 -41.64
C ASP B 219 36.57 -26.21 -40.91
N LYS B 220 36.71 -27.31 -40.17
CA LYS B 220 37.90 -27.52 -39.34
C LYS B 220 39.19 -27.70 -40.12
N ASN B 221 39.08 -28.13 -41.38
CA ASN B 221 40.25 -28.45 -42.20
C ASN B 221 40.73 -27.29 -43.09
N GLU B 222 39.80 -26.42 -43.45
CA GLU B 222 40.11 -25.28 -44.31
C GLU B 222 39.03 -24.21 -44.18
N SER B 223 39.34 -23.15 -43.44
CA SER B 223 38.32 -22.19 -42.97
C SER B 223 38.46 -20.75 -43.45
N ILE B 224 39.68 -20.31 -43.73
CA ILE B 224 39.95 -18.93 -44.11
C ILE B 224 40.29 -18.81 -45.58
N TYR B 225 39.49 -18.03 -46.29
CA TYR B 225 39.61 -17.83 -47.73
C TYR B 225 39.84 -16.36 -48.06
N ARG B 226 40.47 -16.14 -49.21
CA ARG B 226 40.83 -14.80 -49.67
C ARG B 226 40.63 -14.67 -51.18
N SER B 227 40.05 -13.54 -51.58
CA SER B 227 40.09 -13.07 -52.96
C SER B 227 41.00 -11.83 -53.03
N THR B 228 41.70 -11.66 -54.15
CA THR B 228 42.48 -10.44 -54.39
C THR B 228 42.09 -9.81 -55.72
N ASP B 229 41.01 -10.30 -56.30
CA ASP B 229 40.50 -9.76 -57.56
C ASP B 229 39.02 -9.38 -57.49
N GLY B 230 38.58 -8.95 -56.31
CA GLY B 230 37.21 -8.43 -56.13
C GLY B 230 36.14 -9.51 -56.15
N GLY B 231 36.49 -10.71 -55.72
CA GLY B 231 35.54 -11.80 -55.58
C GLY B 231 35.32 -12.66 -56.81
N VAL B 232 36.19 -12.51 -57.81
CA VAL B 232 36.07 -13.35 -59.01
C VAL B 232 36.62 -14.74 -58.72
N THR B 233 37.82 -14.77 -58.14
CA THR B 233 38.45 -16.05 -57.73
C THR B 233 38.81 -16.04 -56.24
N TRP B 234 38.92 -17.23 -55.66
CA TRP B 234 39.18 -17.39 -54.23
C TRP B 234 40.25 -18.46 -54.00
N LYS B 235 41.05 -18.26 -52.95
CA LYS B 235 42.06 -19.22 -52.55
C LYS B 235 41.99 -19.37 -51.03
N ALA B 236 42.24 -20.58 -50.54
CA ALA B 236 42.48 -20.76 -49.12
C ALA B 236 43.77 -20.03 -48.78
N VAL B 237 43.80 -19.34 -47.65
CA VAL B 237 45.01 -18.63 -47.20
C VAL B 237 46.06 -19.65 -46.75
N PRO B 238 47.26 -19.62 -47.37
CA PRO B 238 48.32 -20.60 -47.01
C PRO B 238 48.81 -20.47 -45.57
N GLY B 239 49.08 -21.61 -44.94
CA GLY B 239 49.66 -21.66 -43.59
C GLY B 239 48.68 -21.53 -42.44
N GLN B 240 47.38 -21.54 -42.74
CA GLN B 240 46.35 -21.36 -41.72
C GLN B 240 46.24 -22.55 -40.76
N PRO B 241 45.88 -22.30 -39.49
CA PRO B 241 45.69 -23.40 -38.55
C PRO B 241 44.50 -24.28 -38.92
N LYS B 242 44.47 -25.50 -38.37
CA LYS B 242 43.40 -26.46 -38.65
C LYS B 242 42.89 -27.00 -37.32
N GLY B 243 41.68 -27.53 -37.32
CA GLY B 243 41.13 -28.24 -36.15
C GLY B 243 39.97 -27.56 -35.43
N LEU B 244 39.80 -26.26 -35.67
CA LEU B 244 38.77 -25.47 -35.00
C LEU B 244 38.01 -24.57 -35.98
N LEU B 245 36.98 -23.89 -35.47
CA LEU B 245 36.13 -23.02 -36.30
C LEU B 245 36.35 -21.54 -35.96
N PRO B 246 36.53 -20.70 -36.98
CA PRO B 246 36.71 -19.25 -36.77
C PRO B 246 35.40 -18.51 -36.42
N HIS B 247 35.25 -18.10 -35.16
CA HIS B 247 34.03 -17.39 -34.73
C HIS B 247 33.95 -15.98 -35.26
N HIS B 248 35.08 -15.27 -35.23
CA HIS B 248 35.15 -13.88 -35.71
C HIS B 248 36.48 -13.66 -36.42
N GLY B 249 36.48 -12.75 -37.40
CA GLY B 249 37.70 -12.27 -38.03
C GLY B 249 37.66 -10.74 -38.05
N VAL B 250 38.72 -10.11 -37.55
CA VAL B 250 38.79 -8.66 -37.56
C VAL B 250 40.08 -8.20 -38.22
N LEU B 251 39.95 -7.47 -39.33
CA LEU B 251 41.11 -6.94 -40.02
C LEU B 251 41.38 -5.50 -39.60
N ALA B 252 42.46 -5.30 -38.85
CA ALA B 252 42.91 -3.97 -38.42
C ALA B 252 43.55 -3.21 -39.58
N SER B 253 43.61 -1.88 -39.47
CA SER B 253 44.22 -1.04 -40.52
C SER B 253 45.70 -1.36 -40.71
N ASN B 254 46.34 -1.91 -39.69
CA ASN B 254 47.75 -2.31 -39.78
C ASN B 254 48.00 -3.61 -40.56
N GLY B 255 46.95 -4.12 -41.24
CA GLY B 255 47.09 -5.34 -42.03
C GLY B 255 47.03 -6.64 -41.25
N LEU B 257 45.06 -9.55 -39.45
CA LEU B 257 43.76 -10.21 -39.36
C LEU B 257 43.77 -11.08 -38.10
N TYR B 258 42.95 -10.67 -37.14
CA TYR B 258 42.81 -11.42 -35.91
C TYR B 258 41.62 -12.36 -36.04
N ILE B 259 41.78 -13.58 -35.53
CA ILE B 259 40.75 -14.61 -35.64
C ILE B 259 40.66 -15.41 -34.34
N THR B 260 39.44 -15.52 -33.81
CA THR B 260 39.17 -16.42 -32.70
C THR B 260 38.62 -17.75 -33.21
N TYR B 261 39.03 -18.82 -32.56
CA TYR B 261 38.64 -20.18 -32.95
C TYR B 261 38.13 -20.97 -31.76
N GLY B 262 37.13 -21.81 -32.02
CA GLY B 262 36.62 -22.73 -31.02
C GLY B 262 36.06 -23.99 -31.67
N ASP B 263 35.65 -24.96 -30.85
CA ASP B 263 34.96 -26.14 -31.36
C ASP B 263 33.63 -26.40 -30.66
N GLY B 272 35.40 -27.74 -24.37
CA GLY B 272 35.89 -27.24 -25.66
C GLY B 272 37.38 -26.94 -25.69
N LYS B 273 37.85 -26.43 -26.83
CA LYS B 273 39.23 -25.97 -27.01
C LYS B 273 39.18 -24.67 -27.79
N GLY B 274 40.19 -23.84 -27.60
CA GLY B 274 40.21 -22.52 -28.26
C GLY B 274 41.57 -22.07 -28.73
N GLN B 275 41.58 -21.29 -29.81
CA GLN B 275 42.79 -20.61 -30.28
C GLN B 275 42.49 -19.18 -30.72
N VAL B 276 43.50 -18.33 -30.65
CA VAL B 276 43.46 -17.01 -31.24
C VAL B 276 44.70 -16.87 -32.12
N TRP B 277 44.49 -16.49 -33.38
CA TRP B 277 45.60 -16.28 -34.30
C TRP B 277 45.62 -14.86 -34.83
N LYS B 278 46.79 -14.41 -35.26
CA LYS B 278 46.87 -13.25 -36.13
C LYS B 278 47.59 -13.57 -37.44
N PHE B 279 46.94 -13.19 -38.53
CA PHE B 279 47.50 -13.36 -39.85
C PHE B 279 47.95 -12.02 -40.37
N ASN B 280 49.23 -11.95 -40.76
CA ASN B 280 49.76 -10.75 -41.36
C ASN B 280 49.49 -10.77 -42.84
N THR B 281 48.43 -10.09 -43.26
CA THR B 281 47.97 -10.07 -44.64
C THR B 281 49.01 -9.54 -45.64
N ARG B 282 49.95 -8.73 -45.15
CA ARG B 282 50.94 -8.16 -46.04
C ARG B 282 52.18 -9.03 -46.20
N THR B 283 52.39 -9.97 -45.29
CA THR B 283 53.59 -10.84 -45.35
C THR B 283 53.27 -12.32 -45.50
N GLY B 284 52.08 -12.73 -45.05
CA GLY B 284 51.67 -14.13 -45.09
C GLY B 284 52.00 -14.91 -43.83
N GLU B 285 52.52 -14.23 -42.81
CA GLU B 285 52.90 -14.89 -41.57
C GLU B 285 51.70 -15.14 -40.64
N TRP B 286 51.61 -16.35 -40.09
CA TRP B 286 50.65 -16.69 -39.05
C TRP B 286 51.34 -16.72 -37.70
N ILE B 287 50.72 -16.08 -36.70
CA ILE B 287 51.22 -16.12 -35.33
C ILE B 287 50.12 -16.57 -34.35
N ASP B 288 50.42 -17.63 -33.61
CA ASP B 288 49.57 -18.09 -32.53
C ASP B 288 49.66 -17.16 -31.32
N ILE B 289 48.55 -16.49 -31.01
CA ILE B 289 48.49 -15.56 -29.87
C ILE B 289 47.47 -16.00 -28.83
N THR B 290 47.24 -17.31 -28.73
CA THR B 290 46.25 -17.86 -27.79
C THR B 290 46.64 -17.55 -26.35
N PRO B 291 45.74 -16.86 -25.60
CA PRO B 291 46.05 -16.44 -24.22
C PRO B 291 46.39 -17.57 -23.28
N ILE B 292 45.79 -18.75 -23.50
CA ILE B 292 46.13 -19.97 -22.77
C ILE B 292 46.50 -21.01 -23.81
N PRO B 293 47.75 -21.51 -23.78
CA PRO B 293 48.26 -22.42 -24.81
C PRO B 293 47.29 -23.57 -25.07
N TYR B 294 47.05 -23.88 -26.33
CA TYR B 294 46.20 -24.97 -26.77
C TYR B 294 46.56 -26.30 -26.17
N SER B 295 47.83 -26.46 -25.91
CA SER B 295 48.38 -27.66 -25.34
C SER B 295 48.16 -27.78 -23.85
N SER B 296 47.87 -26.69 -23.15
CA SER B 296 47.50 -26.80 -21.76
C SER B 296 46.10 -27.34 -21.53
N SER B 297 45.89 -27.99 -20.41
CA SER B 297 44.61 -28.57 -20.12
C SER B 297 43.76 -27.55 -19.43
N ASP B 298 44.37 -26.40 -19.18
CA ASP B 298 43.74 -25.17 -18.76
C ASP B 298 42.93 -24.53 -19.92
N ASN B 299 43.37 -24.75 -21.14
CA ASN B 299 42.60 -24.51 -22.34
C ASN B 299 41.51 -25.56 -22.49
N ARG B 300 40.34 -25.24 -22.00
CA ARG B 300 39.24 -26.18 -22.01
C ARG B 300 37.95 -25.48 -22.45
N PHE B 301 38.10 -24.47 -23.27
CA PHE B 301 37.00 -23.71 -23.83
C PHE B 301 37.41 -23.00 -25.14
N CYS B 302 36.43 -22.72 -25.97
CA CYS B 302 36.51 -21.80 -27.04
C CYS B 302 36.94 -20.38 -26.68
N PHE B 303 37.71 -19.77 -27.53
CA PHE B 303 37.70 -18.35 -27.66
C PHE B 303 36.70 -17.91 -28.73
N ALA B 304 35.81 -17.00 -28.39
CA ALA B 304 34.71 -16.61 -29.27
C ALA B 304 34.74 -15.12 -29.56
N GLY B 305 34.42 -14.30 -28.55
CA GLY B 305 34.39 -12.85 -28.73
C GLY B 305 35.75 -12.31 -29.10
N LEU B 306 35.77 -11.39 -30.08
CA LEU B 306 37.01 -10.76 -30.49
C LEU B 306 36.82 -9.26 -30.73
N ALA B 307 37.64 -8.44 -30.07
CA ALA B 307 37.58 -7.00 -30.26
C ALA B 307 38.95 -6.47 -30.59
N VAL B 308 39.01 -5.57 -31.56
CA VAL B 308 40.22 -4.84 -31.87
C VAL B 308 39.91 -3.34 -31.73
N ASP B 309 40.78 -2.63 -31.02
CA ASP B 309 40.70 -1.17 -30.90
C ASP B 309 41.12 -0.56 -32.24
N ARG B 310 40.17 0.03 -32.95
CA ARG B 310 40.47 0.71 -34.23
C ARG B 310 41.45 1.87 -34.08
N GLN B 311 41.47 2.50 -32.93
CA GLN B 311 42.37 3.62 -32.69
C GLN B 311 43.80 3.20 -32.32
N ASN B 312 43.94 2.02 -31.71
CA ASN B 312 45.25 1.39 -31.48
C ASN B 312 45.12 -0.11 -31.71
N PRO B 313 45.48 -0.58 -32.92
CA PRO B 313 45.26 -2.00 -33.34
C PRO B 313 46.10 -3.04 -32.59
N ASP B 314 47.01 -2.61 -31.73
CA ASP B 314 47.70 -3.50 -30.80
C ASP B 314 46.85 -3.84 -29.59
N ILE B 315 45.75 -3.10 -29.42
CA ILE B 315 44.83 -3.38 -28.32
C ILE B 315 43.74 -4.30 -28.83
N ILE B 316 43.69 -5.49 -28.24
CA ILE B 316 42.72 -6.52 -28.64
C ILE B 316 42.16 -7.23 -27.40
N VAL B 318 39.68 -10.78 -26.16
CA VAL B 318 39.00 -12.03 -26.48
C VAL B 318 38.24 -12.55 -25.26
N THR B 319 37.20 -13.35 -25.52
CA THR B 319 36.40 -13.92 -24.45
C THR B 319 36.33 -15.45 -24.56
N SER B 320 36.21 -16.10 -23.41
CA SER B 320 35.95 -17.51 -23.38
C SER B 320 34.46 -17.75 -23.63
N ASN B 322 32.61 -21.68 -23.40
CA ASN B 322 32.31 -21.19 -22.08
C ASN B 322 33.22 -21.89 -21.08
N ALA B 323 33.82 -21.12 -20.18
CA ALA B 323 34.53 -21.69 -19.05
C ALA B 323 33.55 -22.20 -17.99
N TRP B 324 32.44 -21.47 -17.84
CA TRP B 324 31.40 -21.72 -16.83
C TRP B 324 31.84 -21.49 -15.38
N TRP B 325 32.98 -22.05 -15.00
CA TRP B 325 33.49 -21.96 -13.63
C TRP B 325 34.93 -21.43 -13.62
N PRO B 326 35.25 -20.51 -12.69
CA PRO B 326 34.37 -19.85 -11.70
C PRO B 326 33.51 -18.76 -12.35
N ASP B 327 33.90 -18.35 -13.55
CA ASP B 327 33.26 -17.32 -14.34
C ASP B 327 34.00 -17.34 -15.67
N GLU B 328 33.52 -16.56 -16.64
CA GLU B 328 34.21 -16.47 -17.91
C GLU B 328 35.50 -15.66 -17.82
N TYR B 329 36.33 -15.80 -18.85
CA TYR B 329 37.58 -15.09 -19.00
C TYR B 329 37.41 -13.96 -20.03
N ILE B 330 37.88 -12.78 -19.67
CA ILE B 330 37.98 -11.68 -20.64
C ILE B 330 39.43 -11.23 -20.65
N PHE B 331 40.11 -11.55 -21.74
CA PHE B 331 41.54 -11.29 -21.90
C PHE B 331 41.75 -10.00 -22.68
N ARG B 332 42.70 -9.18 -22.21
CA ARG B 332 43.08 -7.95 -22.91
C ARG B 332 44.59 -7.97 -23.17
N SER B 333 44.97 -7.56 -24.37
CA SER B 333 46.36 -7.37 -24.74
C SER B 333 46.55 -5.95 -25.25
N THR B 334 47.68 -5.33 -24.93
CA THR B 334 48.03 -4.01 -25.47
C THR B 334 49.24 -4.07 -26.40
N ASP B 335 49.71 -5.29 -26.67
CA ASP B 335 50.87 -5.49 -27.54
C ASP B 335 50.57 -6.48 -28.66
N GLY B 336 49.36 -6.39 -29.22
CA GLY B 336 48.96 -7.19 -30.37
C GLY B 336 48.96 -8.70 -30.14
N GLY B 337 48.73 -9.13 -28.90
CA GLY B 337 48.65 -10.56 -28.58
C GLY B 337 49.92 -11.21 -28.07
N ALA B 338 51.02 -10.46 -28.02
CA ALA B 338 52.24 -11.00 -27.43
C ALA B 338 52.03 -11.40 -25.97
N THR B 339 51.37 -10.53 -25.20
CA THR B 339 51.01 -10.83 -23.81
C THR B 339 49.54 -10.50 -23.57
N TRP B 340 48.95 -11.16 -22.58
CA TRP B 340 47.55 -10.94 -22.22
C TRP B 340 47.39 -10.76 -20.72
N LYS B 341 46.31 -10.08 -20.32
CA LYS B 341 45.88 -10.03 -18.91
C LYS B 341 44.40 -10.35 -18.82
N ASN B 342 44.04 -11.21 -17.87
CA ASN B 342 42.65 -11.55 -17.64
C ASN B 342 42.01 -10.53 -16.70
N ILE B 343 40.72 -10.31 -16.86
CA ILE B 343 40.00 -9.32 -16.05
C ILE B 343 39.85 -9.76 -14.57
N TRP B 344 40.14 -11.03 -14.28
CA TRP B 344 40.32 -11.49 -12.90
C TRP B 344 41.52 -12.44 -12.77
N GLU B 345 42.04 -12.56 -11.56
CA GLU B 345 43.15 -13.46 -11.24
C GLU B 345 42.81 -14.29 -10.03
N TRP B 346 43.33 -15.52 -9.97
CA TRP B 346 43.19 -16.31 -8.75
C TRP B 346 44.00 -15.66 -7.65
N GLY B 347 43.41 -15.52 -6.49
CA GLY B 347 44.17 -15.22 -5.31
C GLY B 347 44.59 -16.46 -4.58
N TYR B 349 43.03 -19.38 -3.08
CA TYR B 349 41.76 -20.10 -3.14
C TYR B 349 41.02 -20.05 -1.82
N PRO B 350 39.80 -19.57 -1.89
CA PRO B 350 39.09 -19.50 -3.13
C PRO B 350 38.72 -18.07 -3.50
N GLU B 351 39.39 -17.13 -2.89
CA GLU B 351 39.52 -15.79 -3.33
C GLU B 351 40.05 -15.60 -4.73
N ARG B 352 39.52 -14.61 -5.40
CA ARG B 352 39.91 -14.16 -6.72
C ARG B 352 40.05 -12.64 -6.71
N ILE B 353 41.06 -12.14 -7.38
CA ILE B 353 41.29 -10.74 -7.53
C ILE B 353 40.57 -10.20 -8.75
N LEU B 354 39.72 -9.24 -8.55
CA LEU B 354 38.91 -8.69 -9.59
C LEU B 354 39.45 -7.38 -10.05
N HIS B 355 39.67 -7.28 -11.34
CA HIS B 355 39.99 -6.04 -11.96
C HIS B 355 38.78 -5.29 -12.54
N TYR B 356 37.62 -5.53 -11.98
CA TYR B 356 36.37 -4.99 -12.46
C TYR B 356 35.35 -4.83 -11.30
N GLU B 357 34.34 -4.01 -11.51
CA GLU B 357 33.12 -3.99 -10.72
C GLU B 357 31.97 -4.13 -11.71
N ILE B 358 30.85 -4.68 -11.24
CA ILE B 358 29.63 -4.73 -12.05
C ILE B 358 28.51 -4.00 -11.31
N ASP B 359 27.94 -3.00 -11.98
CA ASP B 359 26.74 -2.34 -11.50
C ASP B 359 25.53 -2.88 -12.26
N ILE B 360 24.55 -3.40 -11.53
CA ILE B 360 23.33 -3.93 -12.15
C ILE B 360 22.09 -3.10 -11.76
N SER B 361 22.30 -1.83 -11.41
CA SER B 361 21.18 -0.95 -11.05
C SER B 361 20.11 -0.86 -12.14
N ALA B 362 20.50 -1.02 -13.42
CA ALA B 362 19.55 -0.95 -14.53
C ALA B 362 18.77 -2.26 -14.75
N ALA B 363 19.23 -3.36 -14.15
CA ALA B 363 18.48 -4.64 -14.15
C ALA B 363 18.90 -5.51 -12.96
N PRO B 364 18.38 -5.20 -11.76
CA PRO B 364 18.90 -5.81 -10.53
C PRO B 364 18.67 -7.32 -10.39
N TRP B 365 17.85 -7.92 -11.25
CA TRP B 365 17.61 -9.38 -11.22
C TRP B 365 18.83 -10.16 -11.67
N LEU B 366 19.82 -9.45 -12.22
CA LEU B 366 21.03 -10.09 -12.79
C LEU B 366 21.90 -10.82 -11.76
N ASP B 367 21.73 -10.53 -10.47
CA ASP B 367 22.43 -11.30 -9.44
C ASP B 367 21.66 -12.55 -8.98
N TRP B 368 20.52 -12.80 -9.61
CA TRP B 368 19.61 -13.91 -9.28
C TRP B 368 19.14 -13.92 -7.82
N GLY B 369 19.21 -12.76 -7.17
CA GLY B 369 18.92 -12.65 -5.73
C GLY B 369 19.67 -13.66 -4.86
N THR B 370 20.87 -14.05 -5.28
CA THR B 370 21.60 -15.16 -4.68
C THR B 370 23.06 -14.85 -4.42
N GLU B 371 23.46 -14.93 -3.15
CA GLU B 371 24.87 -14.84 -2.81
C GLU B 371 25.47 -16.20 -3.07
N LYS B 372 26.59 -16.21 -3.79
CA LYS B 372 27.28 -17.44 -4.14
C LYS B 372 28.41 -17.73 -3.17
N GLN B 373 28.85 -18.98 -3.17
CA GLN B 373 30.02 -19.40 -2.40
C GLN B 373 31.26 -19.21 -3.28
N LEU B 374 32.23 -18.44 -2.78
CA LEU B 374 33.53 -18.30 -3.44
C LEU B 374 34.08 -19.67 -3.85
N PRO B 375 34.73 -19.76 -5.04
CA PRO B 375 35.15 -18.66 -5.93
C PRO B 375 34.06 -18.02 -6.79
N GLU B 376 32.84 -18.54 -6.73
CA GLU B 376 31.72 -18.00 -7.50
C GLU B 376 31.20 -16.70 -6.89
N ILE B 377 30.82 -15.76 -7.75
CA ILE B 377 30.31 -14.44 -7.34
C ILE B 377 29.19 -14.01 -8.29
N ASN B 378 28.01 -13.71 -7.74
CA ASN B 378 26.93 -13.05 -8.49
C ASN B 378 26.94 -11.54 -8.20
N PRO B 379 26.67 -10.70 -9.23
CA PRO B 379 26.47 -11.07 -10.65
C PRO B 379 27.75 -11.51 -11.33
N LYS B 380 27.62 -12.43 -12.30
CA LYS B 380 28.77 -12.92 -13.09
C LYS B 380 29.08 -11.95 -14.20
N LEU B 381 30.33 -11.97 -14.65
CA LEU B 381 30.72 -11.31 -15.89
C LEU B 381 29.78 -11.71 -17.02
N GLY B 382 29.45 -13.00 -17.07
CA GLY B 382 28.43 -13.51 -17.98
C GLY B 382 28.63 -14.96 -18.34
N TRP B 383 28.01 -15.34 -19.45
CA TRP B 383 28.13 -16.64 -20.11
C TRP B 383 27.61 -16.42 -21.53
N ILE B 385 29.35 -15.49 -24.02
CA ILE B 385 29.96 -14.22 -24.44
C ILE B 385 30.58 -14.44 -25.82
N GLY B 386 29.71 -14.46 -26.82
CA GLY B 386 30.13 -14.76 -28.19
C GLY B 386 30.52 -13.55 -29.00
N ASP B 387 30.41 -12.37 -28.40
CA ASP B 387 30.74 -11.11 -29.07
C ASP B 387 31.19 -10.05 -28.07
N ILE B 388 32.27 -9.36 -28.41
CA ILE B 388 32.79 -8.25 -27.62
C ILE B 388 33.28 -7.16 -28.58
N GLU B 389 33.00 -5.92 -28.23
CA GLU B 389 33.30 -4.79 -29.10
C GLU B 389 33.99 -3.67 -28.35
N ILE B 390 35.04 -3.09 -28.94
CA ILE B 390 35.57 -1.81 -28.48
C ILE B 390 35.03 -0.72 -29.42
N ASP B 391 34.54 0.38 -28.86
CA ASP B 391 34.05 1.53 -29.65
C ASP B 391 35.20 2.02 -30.54
N PRO B 392 35.00 2.04 -31.88
CA PRO B 392 36.08 2.46 -32.78
C PRO B 392 36.41 3.96 -32.67
N PHE B 393 35.62 4.67 -31.88
CA PHE B 393 35.82 6.10 -31.63
C PHE B 393 36.13 6.43 -30.18
N ASN B 394 36.20 5.39 -29.34
CA ASN B 394 36.48 5.55 -27.91
C ASN B 394 37.10 4.32 -27.26
N SER B 395 38.42 4.35 -27.08
CA SER B 395 39.15 3.24 -26.47
C SER B 395 38.65 2.88 -25.07
N ASP B 396 37.98 3.83 -24.42
CA ASP B 396 37.45 3.60 -23.07
C ASP B 396 36.09 2.92 -23.03
N ARG B 397 35.47 2.76 -24.19
CA ARG B 397 34.16 2.12 -24.25
C ARG B 397 34.18 0.77 -24.97
N TYR B 400 29.85 -6.08 -24.39
CA TYR B 400 29.83 -7.49 -24.70
C TYR B 400 28.47 -8.11 -24.38
N VAL B 401 28.16 -9.18 -25.07
CA VAL B 401 26.88 -9.84 -24.93
C VAL B 401 26.99 -11.04 -24.00
N THR B 402 25.89 -11.35 -23.32
CA THR B 402 25.79 -12.58 -22.55
C THR B 402 24.47 -13.28 -22.88
N GLY B 403 24.25 -14.44 -22.29
CA GLY B 403 23.00 -15.18 -22.45
C GLY B 403 21.80 -14.49 -21.83
N ALA B 404 22.05 -13.44 -21.04
CA ALA B 404 20.96 -12.70 -20.36
C ALA B 404 20.94 -11.18 -20.61
N THR B 405 22.07 -10.58 -20.99
CA THR B 405 22.13 -9.12 -21.07
C THR B 405 23.23 -8.59 -22.01
N ILE B 406 23.38 -7.27 -22.04
CA ILE B 406 24.57 -6.62 -22.63
C ILE B 406 25.25 -5.81 -21.54
N TYR B 407 26.53 -6.11 -21.32
CA TYR B 407 27.34 -5.36 -20.37
C TYR B 407 28.28 -4.45 -21.15
N GLY B 408 28.83 -3.45 -20.46
CA GLY B 408 29.84 -2.58 -21.05
C GLY B 408 30.40 -1.59 -20.05
N CYS B 409 31.38 -0.82 -20.49
CA CYS B 409 32.04 0.09 -19.59
C CYS B 409 32.35 1.38 -20.32
N ASP B 410 32.67 2.42 -19.55
CA ASP B 410 33.10 3.70 -20.12
C ASP B 410 34.50 4.16 -19.68
N ASN B 411 35.20 3.30 -18.95
CA ASN B 411 36.57 3.60 -18.48
C ASN B 411 37.56 2.47 -18.80
N LEU B 412 37.39 1.82 -19.94
CA LEU B 412 38.19 0.62 -20.26
C LEU B 412 39.70 0.73 -20.00
N THR B 413 40.31 1.84 -20.41
CA THR B 413 41.78 1.99 -20.29
C THR B 413 42.30 2.14 -18.88
N ASP B 414 41.41 2.37 -17.90
CA ASP B 414 41.79 2.38 -16.49
C ASP B 414 42.48 1.07 -16.12
N TRP B 415 42.04 -0.02 -16.75
CA TRP B 415 42.65 -1.34 -16.61
C TRP B 415 44.15 -1.27 -16.90
N ASP B 416 44.51 -0.54 -17.95
CA ASP B 416 45.89 -0.43 -18.42
C ASP B 416 46.79 0.36 -17.46
N ARG B 417 46.19 1.13 -16.57
CA ARG B 417 46.96 1.88 -15.59
C ARG B 417 46.67 1.42 -14.16
N GLY B 418 46.20 0.18 -14.02
CA GLY B 418 46.05 -0.45 -12.71
C GLY B 418 44.74 -0.19 -11.97
N GLY B 419 43.79 0.44 -12.65
CA GLY B 419 42.46 0.66 -12.09
C GLY B 419 41.46 -0.40 -12.48
N LYS B 420 40.25 -0.33 -11.94
CA LYS B 420 39.21 -1.31 -12.21
C LYS B 420 38.27 -0.87 -13.32
N VAL B 421 37.92 -1.83 -14.17
CA VAL B 421 36.89 -1.63 -15.19
C VAL B 421 35.53 -1.48 -14.50
N LYS B 422 34.82 -0.41 -14.82
CA LYS B 422 33.48 -0.22 -14.28
C LYS B 422 32.44 -0.67 -15.29
N ILE B 423 32.08 -1.94 -15.17
CA ILE B 423 31.07 -2.58 -16.00
C ILE B 423 29.68 -2.24 -15.48
N GLU B 424 28.77 -1.96 -16.41
CA GLU B 424 27.38 -1.74 -16.09
C GLU B 424 26.50 -2.38 -17.16
N VAL B 425 25.23 -2.58 -16.83
CA VAL B 425 24.21 -2.98 -17.79
C VAL B 425 24.13 -1.93 -18.91
N LYS B 426 24.22 -2.43 -20.14
CA LYS B 426 24.16 -1.58 -21.34
C LYS B 426 23.07 -2.10 -22.27
N ALA B 427 22.00 -2.67 -21.69
CA ALA B 427 20.89 -3.24 -22.46
C ALA B 427 19.55 -2.57 -22.19
N THR B 428 19.56 -1.36 -21.63
CA THR B 428 18.30 -0.67 -21.34
C THR B 428 17.55 -0.35 -22.64
N GLY B 429 16.26 -0.65 -22.66
CA GLY B 429 15.45 -0.55 -23.87
C GLY B 429 15.29 -1.89 -24.58
N ILE B 430 16.24 -2.79 -24.39
CA ILE B 430 16.08 -4.15 -24.93
C ILE B 430 15.13 -4.93 -24.03
N GLU B 431 14.12 -5.53 -24.64
CA GLU B 431 13.24 -6.48 -23.98
C GLU B 431 13.17 -7.70 -24.87
N GLU B 432 13.85 -8.77 -24.46
CA GLU B 432 14.01 -9.96 -25.30
C GLU B 432 13.40 -11.24 -24.74
N CYS B 433 12.66 -11.15 -23.63
CA CYS B 433 12.09 -12.35 -23.00
C CYS B 433 11.02 -13.04 -23.85
N ALA B 434 11.02 -14.38 -23.75
CA ALA B 434 9.93 -15.20 -24.24
C ALA B 434 8.95 -15.35 -23.08
N VAL B 435 7.77 -14.76 -23.22
CA VAL B 435 6.80 -14.72 -22.13
C VAL B 435 5.82 -15.85 -22.30
N LEU B 436 5.68 -16.65 -21.24
CA LEU B 436 4.90 -17.87 -21.29
C LEU B 436 3.50 -17.75 -20.66
N ASP B 437 3.35 -16.93 -19.61
CA ASP B 437 2.06 -16.71 -18.98
C ASP B 437 2.00 -15.37 -18.27
N LEU B 438 0.78 -14.84 -18.11
CA LEU B 438 0.55 -13.51 -17.54
C LEU B 438 -0.79 -13.45 -16.81
N VAL B 439 -0.78 -12.87 -15.61
CA VAL B 439 -2.03 -12.56 -14.92
C VAL B 439 -2.06 -11.12 -14.42
N SER B 440 -3.23 -10.52 -14.47
CA SER B 440 -3.44 -9.20 -13.90
C SER B 440 -4.47 -9.35 -12.77
N PRO B 441 -3.99 -9.59 -11.53
CA PRO B 441 -4.93 -9.84 -10.42
C PRO B 441 -5.75 -8.60 -10.05
N PRO B 442 -6.97 -8.81 -9.52
CA PRO B 442 -7.87 -7.72 -9.18
C PRO B 442 -7.43 -6.95 -7.92
N GLU B 443 -6.45 -7.50 -7.21
CA GLU B 443 -5.79 -6.82 -6.08
C GLU B 443 -4.29 -7.07 -6.15
N GLY B 444 -3.49 -6.15 -5.61
CA GLY B 444 -2.03 -6.30 -5.61
C GLY B 444 -1.43 -5.68 -6.86
N ALA B 445 -0.34 -6.25 -7.33
CA ALA B 445 0.38 -5.75 -8.51
C ALA B 445 -0.50 -5.76 -9.78
N PRO B 446 -0.30 -4.79 -10.70
CA PRO B 446 -1.11 -4.84 -11.93
C PRO B 446 -0.80 -6.07 -12.80
N LEU B 447 0.36 -6.69 -12.60
CA LEU B 447 0.80 -7.78 -13.47
C LEU B 447 1.80 -8.70 -12.79
N VAL B 448 1.65 -10.01 -13.05
CA VAL B 448 2.59 -11.02 -12.56
C VAL B 448 2.86 -11.96 -13.72
N SER B 449 4.13 -12.18 -14.03
CA SER B 449 4.49 -12.89 -15.24
C SER B 449 5.19 -14.21 -15.00
N ALA B 450 5.24 -15.03 -16.04
CA ALA B 450 5.98 -16.26 -16.07
C ALA B 450 6.73 -16.26 -17.40
N VAL B 451 8.05 -16.30 -17.33
CA VAL B 451 8.87 -16.12 -18.53
C VAL B 451 9.99 -17.17 -18.60
N GLY B 452 10.47 -17.44 -19.81
CA GLY B 452 11.65 -18.25 -20.02
C GLY B 452 12.88 -17.66 -19.34
N ASP B 453 13.67 -18.51 -18.71
CA ASP B 453 15.05 -18.17 -18.38
C ASP B 453 15.13 -17.37 -17.08
N LEU B 454 14.19 -16.43 -16.91
CA LEU B 454 14.21 -15.53 -15.77
C LEU B 454 13.07 -15.85 -14.80
N VAL B 455 12.29 -16.88 -15.13
CA VAL B 455 11.23 -17.36 -14.23
C VAL B 455 9.96 -16.51 -14.29
N GLY B 456 10.09 -15.22 -14.03
CA GLY B 456 8.96 -14.33 -14.02
C GLY B 456 9.07 -13.40 -12.83
N PHE B 457 8.19 -12.40 -12.81
CA PHE B 457 8.30 -11.30 -11.84
C PHE B 457 6.93 -10.81 -11.42
N VAL B 458 6.89 -10.18 -10.24
CA VAL B 458 5.80 -9.30 -9.88
C VAL B 458 6.14 -7.91 -10.43
N HIS B 459 5.25 -7.37 -11.26
CA HIS B 459 5.43 -6.03 -11.81
C HIS B 459 4.57 -5.05 -11.02
N ASP B 460 5.15 -4.45 -9.99
CA ASP B 460 4.43 -3.50 -9.12
C ASP B 460 4.10 -2.21 -9.86
N ASP B 461 5.01 -1.82 -10.76
CA ASP B 461 4.84 -0.64 -11.56
C ASP B 461 5.37 -1.03 -12.93
N LEU B 462 4.57 -0.80 -13.96
CA LEU B 462 4.88 -1.25 -15.33
C LEU B 462 6.09 -0.55 -15.97
N LYS B 463 6.45 0.62 -15.44
CA LYS B 463 7.59 1.40 -15.96
C LYS B 463 8.85 1.19 -15.12
N VAL B 464 8.74 0.33 -14.09
CA VAL B 464 9.88 0.04 -13.21
C VAL B 464 10.27 -1.44 -13.31
N GLY B 465 11.53 -1.68 -13.63
CA GLY B 465 12.08 -3.04 -13.65
C GLY B 465 12.04 -3.71 -12.28
N PRO B 466 11.58 -4.97 -12.22
CA PRO B 466 11.55 -5.73 -10.97
C PRO B 466 12.97 -6.01 -10.48
N LYS B 467 13.13 -6.15 -9.17
CA LYS B 467 14.44 -6.37 -8.55
C LYS B 467 14.89 -7.82 -8.61
N LYS B 468 13.92 -8.74 -8.60
CA LYS B 468 14.20 -10.16 -8.39
C LYS B 468 13.10 -11.02 -9.00
N HIS B 470 10.80 -14.69 -9.30
CA HIS B 470 9.98 -15.39 -8.28
C HIS B 470 10.77 -16.39 -7.46
N VAL B 471 11.44 -17.30 -8.17
CA VAL B 471 12.17 -18.41 -7.58
C VAL B 471 13.46 -18.61 -8.37
N PRO B 472 14.58 -18.10 -7.83
CA PRO B 472 15.92 -18.15 -8.45
C PRO B 472 16.42 -19.52 -8.87
N SER B 473 15.98 -20.58 -8.19
CA SER B 473 16.42 -21.95 -8.49
C SER B 473 15.69 -22.54 -9.71
N TYR B 474 14.64 -21.85 -10.17
CA TYR B 474 13.94 -22.24 -11.39
C TYR B 474 14.64 -21.63 -12.62
N SER B 475 14.33 -22.18 -13.79
CA SER B 475 14.80 -21.60 -15.05
C SER B 475 13.66 -20.87 -15.77
N SER B 476 12.62 -21.59 -16.15
CA SER B 476 11.48 -20.96 -16.86
C SER B 476 10.18 -21.12 -16.08
N GLY B 477 9.47 -20.03 -15.84
CA GLY B 477 8.10 -20.12 -15.34
C GLY B 477 7.18 -20.34 -16.54
N THR B 478 6.34 -21.36 -16.49
CA THR B 478 5.56 -21.80 -17.66
C THR B 478 4.07 -21.56 -17.48
N GLY B 479 3.64 -21.42 -16.23
CA GLY B 479 2.24 -21.17 -15.97
C GLY B 479 2.07 -20.45 -14.65
N ILE B 480 1.04 -19.62 -14.58
CA ILE B 480 0.73 -18.94 -13.33
C ILE B 480 -0.77 -18.68 -13.24
N ASP B 481 -1.32 -18.79 -12.03
CA ASP B 481 -2.72 -18.42 -11.76
C ASP B 481 -2.87 -17.92 -10.33
N TYR B 482 -3.92 -17.15 -10.09
CA TYR B 482 -4.28 -16.65 -8.77
C TYR B 482 -5.72 -17.11 -8.46
N ALA B 483 -6.07 -17.14 -7.19
CA ALA B 483 -7.44 -17.47 -6.76
C ALA B 483 -8.28 -16.22 -6.95
N GLU B 484 -9.32 -16.30 -7.77
CA GLU B 484 -10.08 -15.10 -8.09
C GLU B 484 -10.58 -14.36 -6.85
N LEU B 485 -11.06 -15.12 -5.86
CA LEU B 485 -11.67 -14.55 -4.65
C LEU B 485 -10.67 -14.34 -3.53
N VAL B 486 -9.48 -14.93 -3.69
CA VAL B 486 -8.37 -14.78 -2.74
C VAL B 486 -7.12 -14.43 -3.58
N PRO B 487 -7.07 -13.20 -4.15
CA PRO B 487 -6.05 -12.89 -5.18
C PRO B 487 -4.60 -12.79 -4.71
N ASN B 488 -4.39 -12.73 -3.39
CA ASN B 488 -3.04 -12.85 -2.82
C ASN B 488 -2.47 -14.25 -2.97
N PHE B 489 -3.33 -15.25 -3.13
CA PHE B 489 -2.90 -16.65 -3.31
C PHE B 489 -2.69 -16.96 -4.78
N ALA B 491 -0.25 -19.74 -7.65
CA ALA B 491 0.61 -20.89 -7.90
C ALA B 491 1.45 -20.63 -9.17
N LEU B 492 2.68 -21.10 -9.15
CA LEU B 492 3.56 -20.95 -10.28
C LEU B 492 4.19 -22.29 -10.61
N VAL B 493 4.07 -22.71 -11.87
CA VAL B 493 4.75 -23.90 -12.33
C VAL B 493 5.92 -23.54 -13.23
N ALA B 494 6.94 -24.38 -13.22
CA ALA B 494 8.19 -24.04 -13.86
C ALA B 494 9.02 -25.27 -14.21
N LYS B 495 10.08 -25.02 -14.97
CA LYS B 495 11.14 -25.99 -15.19
C LYS B 495 12.33 -25.56 -14.36
N ALA B 496 13.22 -26.51 -14.06
CA ALA B 496 14.43 -26.21 -13.30
C ALA B 496 15.59 -27.10 -13.75
N VAL B 501 14.89 -29.29 -6.89
CA VAL B 501 13.84 -28.33 -6.49
C VAL B 501 12.46 -28.77 -7.00
N LYS B 502 11.44 -28.59 -6.16
CA LYS B 502 10.06 -28.88 -6.53
C LYS B 502 9.52 -27.80 -7.45
N LYS B 503 8.92 -28.22 -8.57
CA LYS B 503 8.66 -27.31 -9.72
C LYS B 503 7.30 -26.63 -9.76
N ILE B 504 6.60 -26.64 -8.62
CA ILE B 504 5.47 -25.75 -8.38
C ILE B 504 5.78 -24.93 -7.13
N SER B 505 5.39 -23.66 -7.16
CA SER B 505 5.49 -22.81 -5.97
C SER B 505 4.16 -22.15 -5.68
N PHE B 506 3.95 -21.82 -4.41
CA PHE B 506 2.74 -21.13 -3.97
C PHE B 506 3.12 -19.84 -3.24
N SER B 507 2.24 -18.86 -3.30
CA SER B 507 2.42 -17.61 -2.59
C SER B 507 1.11 -17.26 -1.91
N TYR B 508 1.21 -16.68 -0.71
CA TYR B 508 0.05 -16.08 -0.05
C TYR B 508 0.09 -14.55 -0.02
N ASP B 509 1.13 -13.95 -0.59
CA ASP B 509 1.26 -12.49 -0.58
C ASP B 509 1.36 -11.84 -1.96
N GLY B 510 0.66 -12.41 -2.95
CA GLY B 510 0.61 -11.84 -4.30
C GLY B 510 1.91 -11.92 -5.07
N GLY B 511 2.71 -12.94 -4.76
CA GLY B 511 3.95 -13.22 -5.50
C GLY B 511 5.21 -12.62 -4.93
N ARG B 512 5.08 -11.91 -3.81
CA ARG B 512 6.24 -11.33 -3.11
C ARG B 512 7.15 -12.42 -2.53
N ASN B 513 6.53 -13.43 -1.92
CA ASN B 513 7.26 -14.56 -1.35
C ASN B 513 6.63 -15.87 -1.79
N TRP B 514 7.47 -16.85 -2.11
CA TRP B 514 7.04 -18.15 -2.62
C TRP B 514 7.57 -19.31 -1.79
N PHE B 515 6.82 -20.40 -1.77
CA PHE B 515 7.31 -21.63 -1.17
C PHE B 515 6.99 -22.84 -2.04
N GLN B 516 7.76 -23.90 -1.85
CA GLN B 516 7.59 -25.13 -2.59
C GLN B 516 7.02 -26.20 -1.68
N PRO B 517 6.14 -27.08 -2.22
CA PRO B 517 5.65 -28.22 -1.46
C PRO B 517 6.67 -29.36 -1.39
N PRO B 518 6.40 -30.40 -0.57
CA PRO B 518 7.31 -31.55 -0.53
C PRO B 518 7.19 -32.48 -1.75
N ASN B 519 6.06 -32.37 -2.46
CA ASN B 519 5.73 -33.29 -3.56
C ASN B 519 5.26 -32.57 -4.82
N GLU B 520 5.59 -33.16 -5.97
CA GLU B 520 5.09 -32.68 -7.26
C GLU B 520 3.97 -33.58 -7.78
N ALA B 521 3.14 -33.03 -8.68
CA ALA B 521 2.29 -33.86 -9.53
C ALA B 521 3.20 -34.73 -10.40
N PRO B 522 2.76 -35.97 -10.75
CA PRO B 522 3.60 -36.79 -11.61
C PRO B 522 4.04 -36.02 -12.86
N ASN B 523 5.34 -36.03 -13.13
CA ASN B 523 5.92 -35.26 -14.22
C ASN B 523 7.30 -35.78 -14.58
N SER B 524 7.77 -35.40 -15.75
CA SER B 524 9.13 -35.69 -16.18
C SER B 524 10.05 -34.45 -16.09
N VAL B 525 9.54 -33.30 -16.54
CA VAL B 525 10.34 -32.07 -16.60
C VAL B 525 9.66 -30.85 -15.93
N GLY B 526 8.63 -31.10 -15.12
CA GLY B 526 7.81 -30.03 -14.53
C GLY B 526 7.12 -29.27 -15.63
N GLY B 527 7.09 -27.94 -15.50
CA GLY B 527 6.51 -27.08 -16.53
C GLY B 527 5.01 -27.23 -16.70
N GLY B 528 4.54 -27.06 -17.93
CA GLY B 528 3.12 -27.11 -18.23
C GLY B 528 2.35 -25.92 -17.71
N SER B 529 1.14 -26.17 -17.25
CA SER B 529 0.23 -25.09 -16.83
C SER B 529 -0.42 -25.37 -15.48
N VAL B 530 -1.08 -24.35 -14.93
CA VAL B 530 -1.66 -24.44 -13.60
C VAL B 530 -2.98 -23.68 -13.54
N ALA B 531 -3.93 -24.23 -12.77
CA ALA B 531 -5.24 -23.63 -12.57
C ALA B 531 -5.58 -23.61 -11.08
N VAL B 532 -5.98 -22.45 -10.59
CA VAL B 532 -6.19 -22.26 -9.15
C VAL B 532 -7.67 -22.02 -8.90
N ALA B 533 -8.25 -22.78 -7.97
CA ALA B 533 -9.64 -22.60 -7.54
C ALA B 533 -9.92 -21.17 -7.14
N ALA B 534 -11.12 -20.70 -7.48
CA ALA B 534 -11.55 -19.35 -7.14
C ALA B 534 -11.37 -19.04 -5.65
N ASP B 535 -11.51 -20.06 -4.80
CA ASP B 535 -11.45 -19.87 -3.35
C ASP B 535 -10.13 -20.30 -2.73
N ALA B 536 -9.11 -20.51 -3.57
CA ALA B 536 -7.76 -20.94 -3.16
C ALA B 536 -7.68 -22.33 -2.50
N LYS B 537 -8.72 -23.14 -2.62
CA LYS B 537 -8.78 -24.42 -1.89
C LYS B 537 -8.33 -25.66 -2.65
N SER B 538 -8.16 -25.54 -3.96
CA SER B 538 -7.47 -26.57 -4.74
C SER B 538 -6.70 -25.97 -5.91
N VAL B 539 -5.73 -26.73 -6.41
CA VAL B 539 -4.88 -26.31 -7.51
C VAL B 539 -4.66 -27.50 -8.45
N ILE B 540 -4.94 -27.30 -9.75
CA ILE B 540 -4.66 -28.31 -10.76
C ILE B 540 -3.40 -27.96 -11.55
N TRP B 541 -2.41 -28.85 -11.47
CA TRP B 541 -1.18 -28.77 -12.24
C TRP B 541 -1.23 -29.78 -13.38
N THR B 542 -1.08 -29.30 -14.62
CA THR B 542 -0.92 -30.18 -15.79
C THR B 542 0.52 -30.01 -16.31
N PRO B 543 1.44 -30.84 -15.80
CA PRO B 543 2.85 -30.73 -16.19
C PRO B 543 3.07 -31.05 -17.67
N GLU B 544 4.20 -30.61 -18.22
CA GLU B 544 4.49 -30.84 -19.62
C GLU B 544 4.53 -32.35 -19.92
N ASN B 545 3.78 -32.75 -20.94
CA ASN B 545 3.65 -34.16 -21.34
C ASN B 545 3.19 -35.09 -20.21
N ALA B 546 2.26 -34.61 -19.39
CA ALA B 546 1.72 -35.37 -18.27
C ALA B 546 0.25 -35.00 -18.09
N SER B 547 -0.46 -35.78 -17.28
CA SER B 547 -1.90 -35.57 -17.02
C SER B 547 -2.12 -34.51 -15.94
N PRO B 548 -3.28 -33.83 -16.01
CA PRO B 548 -3.69 -32.95 -14.91
C PRO B 548 -3.74 -33.70 -13.58
N ALA B 549 -3.19 -33.08 -12.54
CA ALA B 549 -3.26 -33.61 -11.19
C ALA B 549 -3.62 -32.51 -10.18
N VAL B 550 -4.49 -32.85 -9.23
CA VAL B 550 -5.03 -31.87 -8.30
C VAL B 550 -4.43 -32.01 -6.91
N THR B 551 -4.30 -30.88 -6.23
CA THR B 551 -3.92 -30.85 -4.81
C THR B 551 -4.91 -30.00 -4.02
N THR B 552 -5.26 -30.47 -2.84
CA THR B 552 -6.09 -29.71 -1.89
C THR B 552 -5.21 -29.45 -0.66
N ASP B 553 -3.95 -29.81 -0.83
CA ASP B 553 -2.95 -29.93 0.21
C ASP B 553 -1.89 -28.82 0.16
N ASN B 554 -2.04 -27.89 -0.79
CA ASN B 554 -0.89 -27.09 -1.25
C ASN B 554 0.33 -27.98 -1.58
N GLY B 555 0.07 -29.07 -2.30
CA GLY B 555 1.14 -29.91 -2.85
C GLY B 555 1.73 -30.97 -1.93
N ASN B 556 1.13 -31.19 -0.77
CA ASN B 556 1.50 -32.36 0.03
C ASN B 556 1.12 -33.68 -0.61
N SER B 557 -0.08 -33.72 -1.17
CA SER B 557 -0.56 -34.90 -1.86
C SER B 557 -1.17 -34.48 -3.19
N TRP B 558 -1.08 -35.38 -4.16
CA TRP B 558 -1.56 -35.12 -5.50
C TRP B 558 -2.41 -36.30 -5.97
N LYS B 559 -3.48 -35.99 -6.69
CA LYS B 559 -4.36 -36.98 -7.26
C LYS B 559 -4.54 -36.68 -8.73
N VAL B 560 -4.22 -37.64 -9.59
CA VAL B 560 -4.44 -37.50 -11.04
C VAL B 560 -5.95 -37.33 -11.30
N CYS B 561 -6.31 -36.28 -12.02
CA CYS B 561 -7.71 -35.99 -12.32
C CYS B 561 -8.34 -37.10 -13.19
N THR B 562 -9.48 -37.61 -12.75
CA THR B 562 -10.17 -38.69 -13.47
C THR B 562 -10.63 -38.19 -14.83
N ASN B 563 -10.52 -39.04 -15.83
CA ASN B 563 -11.05 -38.80 -17.19
C ASN B 563 -10.29 -37.77 -18.03
N LEU B 564 -9.15 -37.31 -17.53
CA LEU B 564 -8.28 -36.43 -18.31
C LEU B 564 -6.98 -37.15 -18.65
N GLY B 565 -6.08 -36.46 -19.35
CA GLY B 565 -4.81 -37.03 -19.78
C GLY B 565 -3.88 -35.96 -20.34
N GLY B 567 -1.92 -33.36 -22.54
CA GLY B 567 -2.42 -32.47 -23.58
C GLY B 567 -3.70 -31.73 -23.21
N ALA B 568 -4.32 -32.13 -22.08
CA ALA B 568 -5.55 -31.48 -21.62
C ALA B 568 -5.30 -30.01 -21.27
N VAL B 569 -6.25 -29.16 -21.66
CA VAL B 569 -6.19 -27.73 -21.44
C VAL B 569 -7.19 -27.36 -20.32
N VAL B 570 -6.65 -27.03 -19.15
CA VAL B 570 -7.43 -26.91 -17.92
C VAL B 570 -7.51 -25.45 -17.44
N ALA B 571 -8.69 -25.04 -17.01
CA ALA B 571 -8.92 -23.74 -16.38
C ALA B 571 -9.88 -23.87 -15.20
N SER B 572 -9.77 -22.96 -14.24
CA SER B 572 -10.71 -22.88 -13.13
C SER B 572 -11.82 -21.90 -13.42
N ASP B 573 -13.00 -22.17 -12.85
CA ASP B 573 -14.06 -21.18 -12.80
C ASP B 573 -13.62 -20.06 -11.86
N ARG B 574 -14.07 -18.83 -12.11
CA ARG B 574 -13.61 -17.65 -11.37
C ARG B 574 -14.55 -17.23 -10.24
N VAL B 575 -15.70 -17.90 -10.14
CA VAL B 575 -16.71 -17.56 -9.13
C VAL B 575 -16.82 -18.70 -8.13
N ASN B 576 -16.90 -19.92 -8.66
CA ASN B 576 -17.14 -21.12 -7.88
C ASN B 576 -15.90 -21.99 -7.78
N GLY B 577 -15.34 -22.09 -6.57
CA GLY B 577 -14.12 -22.84 -6.32
C GLY B 577 -14.23 -24.34 -6.51
N LYS B 578 -15.45 -24.86 -6.60
CA LYS B 578 -15.66 -26.29 -6.84
C LYS B 578 -15.53 -26.64 -8.31
N LYS B 579 -15.61 -25.63 -9.17
CA LYS B 579 -15.72 -25.84 -10.62
C LYS B 579 -14.41 -25.59 -11.38
N PHE B 580 -14.04 -26.59 -12.19
CA PHE B 580 -12.93 -26.50 -13.12
C PHE B 580 -13.41 -27.02 -14.48
N TYR B 581 -12.70 -26.65 -15.54
CA TYR B 581 -13.04 -27.06 -16.90
C TYR B 581 -11.82 -27.60 -17.60
N ALA B 582 -12.02 -28.48 -18.58
CA ALA B 582 -10.94 -29.00 -19.39
C ALA B 582 -11.39 -29.30 -20.81
N PHE B 583 -10.54 -29.00 -21.77
CA PHE B 583 -10.74 -29.47 -23.13
C PHE B 583 -9.68 -30.53 -23.35
N TYR B 584 -10.12 -31.75 -23.62
CA TYR B 584 -9.22 -32.89 -23.78
C TYR B 584 -9.69 -33.84 -24.87
N ASN B 585 -8.76 -34.21 -25.76
CA ASN B 585 -9.03 -35.06 -26.93
C ASN B 585 -10.35 -34.77 -27.63
N GLY B 586 -10.56 -33.50 -27.97
CA GLY B 586 -11.74 -33.07 -28.73
C GLY B 586 -13.04 -32.98 -27.93
N LYS B 587 -12.97 -33.20 -26.63
CA LYS B 587 -14.16 -33.19 -25.77
C LYS B 587 -14.02 -32.20 -24.60
N PHE B 588 -15.14 -31.67 -24.14
CA PHE B 588 -15.16 -30.75 -23.01
C PHE B 588 -15.61 -31.43 -21.72
N TYR B 589 -14.98 -31.03 -20.61
CA TYR B 589 -15.18 -31.66 -19.32
C TYR B 589 -15.44 -30.62 -18.23
N ILE B 590 -16.27 -30.98 -17.26
CA ILE B 590 -16.52 -30.15 -16.07
C ILE B 590 -16.20 -30.94 -14.81
N SER B 591 -15.62 -30.26 -13.83
CA SER B 591 -15.45 -30.80 -12.49
C SER B 591 -16.29 -29.92 -11.59
N THR B 592 -17.05 -30.53 -10.69
CA THR B 592 -17.85 -29.79 -9.73
C THR B 592 -17.44 -30.13 -8.30
N ASP B 593 -16.36 -30.90 -8.17
CA ASP B 593 -15.81 -31.27 -6.85
C ASP B 593 -14.41 -30.71 -6.58
N GLY B 594 -14.10 -29.56 -7.19
CA GLY B 594 -12.82 -28.90 -6.97
C GLY B 594 -11.64 -29.51 -7.70
N GLY B 595 -11.91 -30.25 -8.76
CA GLY B 595 -10.86 -30.79 -9.63
C GLY B 595 -10.53 -32.26 -9.48
N LEU B 596 -11.17 -32.95 -8.54
CA LEU B 596 -10.91 -34.37 -8.30
C LEU B 596 -11.41 -35.28 -9.42
N THR B 597 -12.61 -34.98 -9.93
CA THR B 597 -13.23 -35.77 -11.00
C THR B 597 -13.80 -34.87 -12.07
N PHE B 598 -13.61 -35.27 -13.33
CA PHE B 598 -14.16 -34.55 -14.48
C PHE B 598 -15.15 -35.43 -15.25
N THR B 599 -16.14 -34.79 -15.85
CA THR B 599 -17.18 -35.49 -16.62
C THR B 599 -17.39 -34.82 -17.96
N ASP B 600 -17.42 -35.64 -19.01
CA ASP B 600 -17.72 -35.20 -20.38
C ASP B 600 -19.08 -34.51 -20.39
N THR B 601 -19.09 -33.24 -20.80
CA THR B 601 -20.34 -32.48 -20.85
C THR B 601 -21.17 -32.86 -22.06
N LYS B 602 -20.57 -33.65 -22.94
CA LYS B 602 -21.20 -34.12 -24.18
C LYS B 602 -21.73 -32.94 -24.99
N ALA B 603 -20.90 -31.92 -25.12
CA ALA B 603 -21.23 -30.74 -25.92
C ALA B 603 -21.39 -31.13 -27.38
N PRO B 604 -22.51 -30.75 -28.01
CA PRO B 604 -22.81 -31.15 -29.39
C PRO B 604 -21.94 -30.46 -30.46
N GLN B 605 -21.63 -29.18 -30.27
CA GLN B 605 -20.78 -28.42 -31.19
C GLN B 605 -19.47 -27.96 -30.52
N LEU B 606 -18.34 -28.46 -31.02
CA LEU B 606 -17.02 -28.11 -30.48
C LEU B 606 -15.96 -27.98 -31.59
N PRO B 607 -14.89 -27.18 -31.34
CA PRO B 607 -13.77 -27.21 -32.29
C PRO B 607 -12.98 -28.50 -32.14
N LYS B 608 -12.19 -28.86 -33.15
CA LYS B 608 -11.36 -30.09 -33.10
C LYS B 608 -10.30 -30.06 -31.99
N SER B 609 -9.69 -28.89 -31.80
CA SER B 609 -8.67 -28.67 -30.78
C SER B 609 -8.71 -27.23 -30.30
N VAL B 610 -8.09 -26.98 -29.15
CA VAL B 610 -7.94 -25.62 -28.61
C VAL B 610 -6.50 -25.35 -28.17
N ASN B 611 -6.11 -24.08 -28.22
CA ASN B 611 -4.86 -23.64 -27.63
C ASN B 611 -5.06 -23.27 -26.16
N LYS B 612 -6.11 -22.49 -25.89
CA LYS B 612 -6.36 -21.96 -24.54
C LYS B 612 -7.84 -22.01 -24.20
N ILE B 613 -8.14 -22.25 -22.91
CA ILE B 613 -9.48 -22.01 -22.39
C ILE B 613 -9.39 -21.13 -21.15
N LYS B 614 -10.38 -20.25 -21.00
CA LYS B 614 -10.42 -19.33 -19.89
C LYS B 614 -11.85 -19.06 -19.46
N ALA B 615 -12.09 -19.05 -18.15
CA ALA B 615 -13.37 -18.62 -17.58
C ALA B 615 -13.34 -17.14 -17.17
N VAL B 616 -14.52 -16.54 -17.03
CA VAL B 616 -14.68 -15.10 -16.83
C VAL B 616 -14.81 -14.70 -15.35
N PRO B 617 -13.94 -13.79 -14.87
CA PRO B 617 -14.17 -13.25 -13.53
C PRO B 617 -15.57 -12.67 -13.36
N GLY B 618 -16.27 -13.10 -12.30
CA GLY B 618 -17.61 -12.62 -11.99
C GLY B 618 -18.77 -13.28 -12.73
N LYS B 619 -18.47 -14.20 -13.66
CA LYS B 619 -19.51 -14.90 -14.42
C LYS B 619 -19.33 -16.41 -14.34
N GLU B 620 -20.04 -17.03 -13.40
CA GLU B 620 -19.95 -18.49 -13.19
C GLU B 620 -20.38 -19.21 -14.46
N GLY B 621 -19.59 -20.18 -14.90
CA GLY B 621 -19.90 -20.99 -16.07
C GLY B 621 -19.62 -20.36 -17.43
N HIS B 622 -19.18 -19.10 -17.44
CA HIS B 622 -18.81 -18.45 -18.71
C HIS B 622 -17.40 -18.88 -19.08
N VAL B 623 -17.29 -19.74 -20.09
CA VAL B 623 -16.01 -20.30 -20.54
C VAL B 623 -15.78 -19.98 -22.00
N TRP B 624 -14.58 -19.49 -22.33
CA TRP B 624 -14.24 -19.15 -23.69
C TRP B 624 -13.14 -20.06 -24.21
N LEU B 625 -13.25 -20.48 -25.47
CA LEU B 625 -12.25 -21.32 -26.09
C LEU B 625 -11.49 -20.56 -27.17
N ALA B 626 -10.17 -20.56 -27.08
CA ALA B 626 -9.33 -20.03 -28.14
C ALA B 626 -8.74 -21.20 -28.92
N ALA B 627 -9.34 -21.46 -30.09
CA ALA B 627 -9.07 -22.65 -30.88
C ALA B 627 -8.17 -22.34 -32.09
N ARG B 628 -7.47 -21.21 -32.04
CA ARG B 628 -6.62 -20.76 -33.15
C ARG B 628 -7.47 -20.60 -34.42
N GLU B 629 -7.11 -21.28 -35.49
CA GLU B 629 -7.86 -21.20 -36.76
C GLU B 629 -9.22 -21.88 -36.70
N GLY B 630 -9.45 -22.68 -35.65
CA GLY B 630 -10.79 -23.18 -35.32
C GLY B 630 -11.72 -22.12 -34.73
N GLY B 631 -11.19 -20.93 -34.46
CA GLY B 631 -12.00 -19.79 -34.04
C GLY B 631 -12.09 -19.51 -32.55
N LEU B 632 -13.08 -18.67 -32.20
CA LEU B 632 -13.38 -18.31 -30.82
C LEU B 632 -14.77 -18.81 -30.47
N TRP B 633 -14.88 -19.48 -29.32
CA TRP B 633 -16.12 -20.10 -28.86
C TRP B 633 -16.45 -19.67 -27.42
N ARG B 634 -17.74 -19.58 -27.10
CA ARG B 634 -18.20 -19.19 -25.76
C ARG B 634 -19.27 -20.14 -25.21
N SER B 635 -19.18 -20.42 -23.92
CA SER B 635 -20.24 -21.11 -23.20
C SER B 635 -20.68 -20.22 -22.05
N THR B 636 -21.96 -20.27 -21.72
CA THR B 636 -22.47 -19.59 -20.52
C THR B 636 -23.13 -20.57 -19.57
N ASP B 637 -22.93 -21.87 -19.80
CA ASP B 637 -23.56 -22.89 -18.96
C ASP B 637 -22.59 -23.98 -18.47
N GLY B 638 -21.34 -23.60 -18.26
CA GLY B 638 -20.33 -24.51 -17.73
C GLY B 638 -19.76 -25.45 -18.78
N GLY B 639 -20.00 -25.14 -20.05
CA GLY B 639 -19.45 -25.92 -21.14
C GLY B 639 -20.32 -27.07 -21.63
N TYR B 640 -21.62 -27.02 -21.32
CA TYR B 640 -22.57 -27.98 -21.86
C TYR B 640 -22.95 -27.67 -23.30
N THR B 641 -23.11 -26.37 -23.60
CA THR B 641 -23.28 -25.91 -24.97
C THR B 641 -22.32 -24.76 -25.29
N PHE B 642 -21.71 -24.82 -26.47
CA PHE B 642 -20.84 -23.78 -26.98
C PHE B 642 -21.36 -23.16 -28.26
N GLU B 643 -21.17 -21.85 -28.39
CA GLU B 643 -21.49 -21.11 -29.60
C GLU B 643 -20.16 -20.67 -30.23
N LYS B 644 -20.01 -20.92 -31.53
CA LYS B 644 -18.87 -20.37 -32.28
C LYS B 644 -19.22 -18.97 -32.75
N LEU B 645 -18.37 -18.00 -32.40
CA LEU B 645 -18.58 -16.62 -32.85
C LEU B 645 -18.23 -16.53 -34.33
N SER B 646 -19.22 -16.19 -35.15
CA SER B 646 -19.05 -16.21 -36.61
C SER B 646 -18.13 -15.08 -37.11
N ASN B 647 -17.95 -14.05 -36.29
CA ASN B 647 -17.17 -12.87 -36.69
C ASN B 647 -15.67 -12.89 -36.37
N VAL B 648 -15.18 -14.04 -35.89
CA VAL B 648 -13.75 -14.22 -35.59
C VAL B 648 -13.22 -15.41 -36.37
N ASP B 649 -12.21 -15.15 -37.21
CA ASP B 649 -11.53 -16.17 -37.97
C ASP B 649 -10.56 -17.00 -37.09
N THR B 650 -9.59 -16.31 -36.49
CA THR B 650 -8.55 -16.95 -35.68
C THR B 650 -8.43 -16.30 -34.30
N ALA B 651 -8.45 -17.13 -33.25
CA ALA B 651 -8.18 -16.69 -31.90
C ALA B 651 -7.17 -17.62 -31.25
N HIS B 652 -5.93 -17.16 -31.12
CA HIS B 652 -4.87 -17.96 -30.51
C HIS B 652 -4.98 -17.99 -29.00
N VAL B 653 -5.33 -16.84 -28.44
CA VAL B 653 -5.41 -16.62 -27.00
C VAL B 653 -6.59 -15.68 -26.71
N VAL B 654 -7.13 -15.77 -25.49
CA VAL B 654 -8.27 -14.94 -25.08
C VAL B 654 -8.07 -14.46 -23.64
N GLY B 655 -8.42 -13.20 -23.39
CA GLY B 655 -8.33 -12.62 -22.06
C GLY B 655 -9.41 -11.59 -21.82
N PHE B 656 -9.49 -11.13 -20.57
CA PHE B 656 -10.56 -10.20 -20.19
C PHE B 656 -10.04 -9.03 -19.36
N GLY B 657 -10.65 -7.87 -19.54
CA GLY B 657 -10.35 -6.71 -18.70
C GLY B 657 -11.61 -5.96 -18.30
N LYS B 658 -11.43 -4.92 -17.48
CA LYS B 658 -12.53 -4.02 -17.09
C LYS B 658 -13.48 -3.70 -18.25
N ALA B 659 -14.78 -3.84 -18.00
CA ALA B 659 -15.84 -3.48 -18.97
C ALA B 659 -15.79 -2.01 -19.36
N ALA B 660 -16.10 -1.73 -20.63
CA ALA B 660 -16.22 -0.34 -21.12
C ALA B 660 -17.31 0.38 -20.35
N PRO B 661 -17.21 1.72 -20.22
CA PRO B 661 -18.27 2.44 -19.54
C PRO B 661 -19.66 2.15 -20.11
N GLY B 662 -20.56 1.71 -19.22
CA GLY B 662 -21.95 1.47 -19.59
C GLY B 662 -22.24 0.02 -19.90
N GLN B 663 -21.20 -0.74 -20.21
CA GLN B 663 -21.33 -2.13 -20.65
C GLN B 663 -21.44 -3.12 -19.49
N ASP B 664 -22.09 -4.25 -19.74
CA ASP B 664 -22.37 -5.24 -18.71
C ASP B 664 -21.56 -6.53 -18.87
N TYR B 665 -20.58 -6.49 -19.78
CA TYR B 665 -19.62 -7.58 -19.91
C TYR B 665 -18.21 -7.01 -19.94
N ALA B 667 -14.47 -6.44 -21.10
CA ALA B 667 -13.90 -6.36 -22.44
C ALA B 667 -13.11 -7.62 -22.71
N ILE B 668 -13.22 -8.13 -23.94
CA ILE B 668 -12.54 -9.35 -24.35
C ILE B 668 -11.38 -8.99 -25.29
N TYR B 669 -10.24 -9.63 -25.09
CA TYR B 669 -9.07 -9.37 -25.91
C TYR B 669 -8.58 -10.67 -26.52
N ILE B 670 -8.22 -10.62 -27.80
CA ILE B 670 -7.70 -11.80 -28.50
C ILE B 670 -6.52 -11.42 -29.38
N THR B 671 -5.70 -12.40 -29.71
CA THR B 671 -4.79 -12.29 -30.85
C THR B 671 -5.25 -13.31 -31.88
N GLY B 672 -5.09 -12.96 -33.15
CA GLY B 672 -5.45 -13.87 -34.22
C GLY B 672 -5.82 -13.11 -35.47
N LYS B 673 -6.96 -13.47 -36.06
CA LYS B 673 -7.39 -12.90 -37.34
C LYS B 673 -8.89 -12.62 -37.39
N ILE B 674 -9.23 -11.40 -37.77
CA ILE B 674 -10.60 -10.96 -38.02
C ILE B 674 -10.62 -10.23 -39.36
N ASP B 675 -11.58 -10.59 -40.21
CA ASP B 675 -11.75 -10.02 -41.56
C ASP B 675 -10.44 -9.95 -42.34
N ASN B 676 -9.69 -11.06 -42.34
CA ASN B 676 -8.37 -11.11 -43.00
C ASN B 676 -7.33 -10.09 -42.55
N VAL B 677 -7.47 -9.61 -41.31
CA VAL B 677 -6.51 -8.71 -40.71
C VAL B 677 -5.88 -9.43 -39.52
N LEU B 678 -4.55 -9.52 -39.53
CA LEU B 678 -3.82 -10.15 -38.42
C LEU B 678 -3.50 -9.12 -37.36
N GLY B 679 -3.61 -9.51 -36.09
CA GLY B 679 -3.27 -8.62 -34.99
C GLY B 679 -4.00 -8.89 -33.68
N PHE B 680 -4.22 -7.81 -32.92
CA PHE B 680 -4.84 -7.87 -31.61
C PHE B 680 -6.18 -7.14 -31.67
N PHE B 681 -7.19 -7.74 -31.05
CA PHE B 681 -8.57 -7.23 -31.15
C PHE B 681 -9.27 -7.11 -29.79
N ARG B 682 -10.22 -6.17 -29.71
CA ARG B 682 -10.99 -5.95 -28.51
C ARG B 682 -12.50 -5.95 -28.79
N SER B 683 -13.26 -6.66 -27.96
CA SER B 683 -14.71 -6.54 -27.97
C SER B 683 -15.22 -5.92 -26.67
N ASP B 684 -16.05 -4.88 -26.79
CA ASP B 684 -16.66 -4.22 -25.64
C ASP B 684 -18.10 -4.66 -25.38
N ASP B 685 -18.61 -5.60 -26.20
CA ASP B 685 -20.01 -6.04 -26.14
C ASP B 685 -20.18 -7.57 -26.24
N ALA B 686 -19.39 -8.30 -25.44
CA ALA B 686 -19.40 -9.78 -25.39
C ALA B 686 -19.21 -10.48 -26.75
N GLY B 687 -18.45 -9.87 -27.65
CA GLY B 687 -18.10 -10.50 -28.92
C GLY B 687 -19.02 -10.16 -30.07
N LYS B 688 -19.99 -9.27 -29.84
CA LYS B 688 -20.91 -8.86 -30.91
C LYS B 688 -20.17 -8.09 -32.00
N THR B 689 -19.24 -7.21 -31.59
CA THR B 689 -18.39 -6.47 -32.51
C THR B 689 -16.94 -6.41 -32.01
N TRP B 690 -16.02 -6.23 -32.94
CA TRP B 690 -14.60 -6.19 -32.64
C TRP B 690 -13.94 -4.97 -33.27
N VAL B 691 -12.91 -4.45 -32.61
CA VAL B 691 -12.01 -3.48 -33.20
C VAL B 691 -10.58 -3.98 -33.10
N ARG B 692 -9.75 -3.64 -34.10
CA ARG B 692 -8.33 -3.91 -34.07
C ARG B 692 -7.66 -2.86 -33.18
N ILE B 693 -6.87 -3.30 -32.21
CA ILE B 693 -6.23 -2.40 -31.27
C ILE B 693 -4.73 -2.17 -31.54
N ASN B 694 -4.11 -3.07 -32.30
CA ASN B 694 -2.76 -2.84 -32.81
C ASN B 694 -2.81 -2.25 -34.22
N ASP B 695 -1.63 -2.11 -34.83
CA ASP B 695 -1.52 -1.56 -36.17
C ASP B 695 -0.34 -2.22 -36.88
N ASP B 696 -0.12 -1.85 -38.13
CA ASP B 696 0.90 -2.48 -38.97
C ASP B 696 2.34 -2.17 -38.55
N GLU B 697 2.51 -1.22 -37.63
CA GLU B 697 3.82 -0.99 -37.06
C GLU B 697 4.02 -1.57 -35.65
N HIS B 698 2.99 -2.24 -35.15
CA HIS B 698 3.03 -2.86 -33.84
C HIS B 698 2.48 -4.26 -33.94
N GLY B 699 3.33 -5.17 -34.41
CA GLY B 699 2.96 -6.57 -34.54
C GLY B 699 3.54 -7.40 -33.42
N TYR B 700 4.83 -7.20 -33.16
CA TYR B 700 5.58 -7.89 -32.10
C TYR B 700 5.73 -9.42 -32.26
N GLY B 701 5.44 -9.94 -33.47
CA GLY B 701 5.72 -11.36 -33.77
C GLY B 701 4.72 -12.36 -33.20
N ALA B 702 5.23 -13.40 -32.54
CA ALA B 702 4.39 -14.51 -32.06
C ALA B 702 3.72 -14.17 -30.74
N VAL B 703 2.40 -14.16 -30.75
CA VAL B 703 1.59 -13.68 -29.63
C VAL B 703 0.49 -14.71 -29.30
N ASP B 704 0.90 -15.97 -29.15
CA ASP B 704 -0.06 -17.06 -28.99
C ASP B 704 0.12 -17.85 -27.68
N THR B 705 0.66 -17.19 -26.66
CA THR B 705 0.89 -17.84 -25.36
C THR B 705 0.02 -17.30 -24.22
N ALA B 706 -0.15 -15.98 -24.13
CA ALA B 706 -0.97 -15.39 -23.08
C ALA B 706 -1.46 -14.01 -23.44
N ILE B 707 -2.69 -13.70 -23.04
CA ILE B 707 -3.23 -12.36 -23.13
C ILE B 707 -4.16 -12.10 -21.95
N THR B 708 -4.06 -10.90 -21.38
CA THR B 708 -5.01 -10.50 -20.38
C THR B 708 -5.30 -9.00 -20.42
N GLY B 709 -6.57 -8.66 -20.19
CA GLY B 709 -6.93 -7.29 -19.87
C GLY B 709 -6.61 -7.04 -18.42
N ASP B 710 -6.92 -5.83 -17.98
CA ASP B 710 -6.68 -5.41 -16.61
C ASP B 710 -8.07 -5.24 -15.97
N PRO B 711 -8.38 -6.02 -14.92
CA PRO B 711 -9.71 -5.87 -14.29
C PRO B 711 -9.90 -4.50 -13.65
N ARG B 712 -8.82 -3.75 -13.42
CA ARG B 712 -8.92 -2.42 -12.82
C ARG B 712 -8.82 -1.24 -13.80
N VAL B 713 -8.38 -1.49 -15.03
CA VAL B 713 -8.15 -0.39 -15.98
C VAL B 713 -8.76 -0.74 -17.33
N TYR B 714 -9.79 0.02 -17.72
CA TYR B 714 -10.40 -0.17 -19.04
C TYR B 714 -9.42 0.12 -20.18
N GLY B 715 -9.44 -0.76 -21.19
CA GLY B 715 -8.69 -0.56 -22.42
C GLY B 715 -7.31 -1.17 -22.40
N ARG B 716 -6.75 -1.32 -21.21
CA ARG B 716 -5.41 -1.88 -21.06
C ARG B 716 -5.35 -3.37 -21.39
N VAL B 717 -4.33 -3.74 -22.16
CA VAL B 717 -4.12 -5.14 -22.54
C VAL B 717 -2.66 -5.50 -22.38
N TYR B 718 -2.43 -6.68 -21.82
CA TYR B 718 -1.07 -7.22 -21.63
C TYR B 718 -0.92 -8.43 -22.54
N ILE B 719 0.17 -8.45 -23.31
CA ILE B 719 0.39 -9.49 -24.30
C ILE B 719 1.79 -10.10 -24.18
N ALA B 720 1.84 -11.43 -24.09
CA ALA B 720 3.09 -12.16 -24.04
C ALA B 720 3.62 -12.35 -25.44
N THR B 721 4.88 -11.98 -25.65
CA THR B 721 5.51 -12.19 -26.95
C THR B 721 6.63 -13.21 -26.80
N ASN B 722 7.11 -13.70 -27.94
CA ASN B 722 8.20 -14.69 -27.97
C ASN B 722 9.50 -14.03 -28.44
N GLY B 723 10.04 -13.14 -27.60
CA GLY B 723 11.32 -12.49 -27.91
C GLY B 723 11.30 -10.98 -27.85
N ARG B 724 10.12 -10.41 -27.62
CA ARG B 724 10.01 -8.97 -27.41
C ARG B 724 9.43 -8.64 -26.02
N GLY B 725 9.60 -9.55 -25.07
CA GLY B 725 9.12 -9.36 -23.70
C GLY B 725 7.61 -9.24 -23.56
N ILE B 726 7.18 -8.51 -22.54
CA ILE B 726 5.77 -8.23 -22.29
C ILE B 726 5.42 -6.89 -22.90
N VAL B 727 4.46 -6.88 -23.82
CA VAL B 727 3.96 -5.61 -24.35
C VAL B 727 2.59 -5.28 -23.75
N TYR B 728 2.34 -4.00 -23.54
CA TYR B 728 1.02 -3.59 -23.08
C TYR B 728 0.54 -2.35 -23.84
N GLY B 729 -0.75 -2.28 -24.07
CA GLY B 729 -1.37 -1.22 -24.84
C GLY B 729 -2.54 -0.58 -24.13
N GLU B 730 -2.71 0.72 -24.37
CA GLU B 730 -3.83 1.48 -23.82
C GLU B 730 -4.40 2.36 -24.92
N PRO B 731 -5.71 2.66 -24.88
CA PRO B 731 -6.28 3.58 -25.86
C PRO B 731 -5.50 4.90 -25.89
N ALA B 732 -5.21 5.38 -27.10
CA ALA B 732 -4.46 6.61 -27.30
C ALA B 732 -5.36 7.83 -27.29
N SER B 733 -4.97 8.84 -26.54
CA SER B 733 -5.62 10.16 -26.59
C SER B 733 -4.92 11.02 -27.65
N VAL C 6 -28.00 -27.92 4.56
CA VAL C 6 -28.02 -28.19 6.02
C VAL C 6 -28.27 -26.92 6.84
N THR C 7 -29.23 -26.99 7.76
CA THR C 7 -29.54 -25.84 8.60
C THR C 7 -28.88 -26.00 9.98
N SER C 8 -28.92 -24.94 10.78
CA SER C 8 -28.33 -24.95 12.10
C SER C 8 -29.40 -24.76 13.16
N VAL C 9 -29.15 -25.32 14.34
CA VAL C 9 -29.98 -25.10 15.52
C VAL C 9 -29.08 -24.56 16.63
N PRO C 10 -29.54 -23.53 17.38
CA PRO C 10 -28.67 -22.85 18.35
C PRO C 10 -28.30 -23.73 19.55
N TYR C 11 -27.01 -23.76 19.86
CA TYR C 11 -26.49 -24.53 20.98
C TYR C 11 -25.65 -23.67 21.91
N LYS C 12 -25.64 -24.01 23.20
CA LYS C 12 -24.69 -23.47 24.16
C LYS C 12 -23.52 -24.45 24.29
N TRP C 13 -22.30 -23.93 24.12
CA TRP C 13 -21.07 -24.73 24.21
C TRP C 13 -20.21 -24.34 25.42
N ASP C 14 -19.58 -25.32 26.05
CA ASP C 14 -18.72 -25.11 27.21
C ASP C 14 -17.80 -26.31 27.40
N ASN C 15 -16.77 -26.13 28.23
CA ASN C 15 -15.97 -27.24 28.72
C ASN C 15 -16.64 -27.98 29.86
N VAL C 16 -16.65 -29.31 29.78
CA VAL C 16 -16.60 -30.15 30.98
C VAL C 16 -15.32 -29.91 31.77
N VAL C 17 -15.47 -29.60 33.05
CA VAL C 17 -14.36 -29.11 33.86
C VAL C 17 -13.47 -30.25 34.34
N ILE C 18 -12.25 -30.30 33.81
CA ILE C 18 -11.20 -31.15 34.39
C ILE C 18 -10.45 -30.31 35.43
N GLY C 19 -10.23 -29.04 35.11
CA GLY C 19 -9.65 -28.09 36.04
C GLY C 19 -8.13 -28.04 35.96
N GLY C 20 -7.58 -26.84 36.11
CA GLY C 20 -6.13 -26.61 36.16
C GLY C 20 -5.33 -26.81 34.87
N GLY C 21 -5.99 -26.75 33.73
CA GLY C 21 -5.29 -26.89 32.44
C GLY C 21 -5.13 -28.32 31.96
N GLY C 22 -4.17 -29.03 32.57
CA GLY C 22 -3.95 -30.44 32.25
C GLY C 22 -2.84 -30.73 31.25
N GLY C 23 -2.28 -29.67 30.65
CA GLY C 23 -1.22 -29.82 29.65
C GLY C 23 -0.10 -28.84 29.84
N PHE C 24 0.69 -28.64 28.78
CA PHE C 24 1.86 -27.74 28.79
C PHE C 24 1.50 -26.41 28.12
N PRO C 26 3.50 -23.40 27.17
CA PRO C 26 4.90 -22.98 27.05
C PRO C 26 5.22 -21.51 27.42
N GLY C 27 4.22 -20.64 27.45
CA GLY C 27 4.49 -19.23 27.72
C GLY C 27 3.34 -18.45 28.33
N ILE C 28 3.69 -17.51 29.21
CA ILE C 28 2.76 -16.54 29.81
C ILE C 28 3.30 -15.16 29.45
N VAL C 29 2.45 -14.24 28.98
CA VAL C 29 2.93 -12.90 28.64
C VAL C 29 2.10 -11.78 29.33
N PHE C 30 2.76 -11.05 30.22
CA PHE C 30 2.17 -9.86 30.83
C PHE C 30 2.36 -8.69 29.88
N ASN C 31 1.34 -7.84 29.78
CA ASN C 31 1.49 -6.55 29.12
C ASN C 31 2.32 -5.66 30.05
N GLU C 32 3.28 -4.96 29.46
CA GLU C 32 4.24 -4.14 30.19
C GLU C 32 3.64 -2.84 30.77
N THR C 33 2.52 -2.37 30.21
CA THR C 33 1.99 -1.06 30.61
C THR C 33 0.53 -1.13 31.07
N GLU C 34 -0.14 -2.26 30.82
CA GLU C 34 -1.53 -2.45 31.19
C GLU C 34 -1.65 -3.47 32.32
N LYS C 35 -2.02 -2.99 33.50
CA LYS C 35 -2.18 -3.85 34.69
C LYS C 35 -3.30 -4.88 34.49
N ASP C 36 -3.02 -6.11 34.94
CA ASP C 36 -3.95 -7.23 34.89
C ASP C 36 -4.29 -7.70 33.49
N LEU C 37 -3.47 -7.32 32.52
CA LEU C 37 -3.56 -7.87 31.18
C LEU C 37 -2.48 -8.92 30.97
N ILE C 38 -2.93 -10.17 30.88
CA ILE C 38 -2.05 -11.32 30.74
C ILE C 38 -2.63 -12.26 29.69
N TYR C 39 -1.74 -12.91 28.95
CA TYR C 39 -2.09 -13.93 27.97
C TYR C 39 -1.27 -15.18 28.23
N ALA C 40 -1.78 -16.33 27.79
CA ALA C 40 -1.06 -17.59 27.92
C ALA C 40 -1.16 -18.34 26.60
N ARG C 41 -0.08 -19.01 26.22
CA ARG C 41 -0.06 -19.78 24.98
C ARG C 41 0.13 -21.25 25.25
N ALA C 42 -0.55 -22.06 24.44
CA ALA C 42 -0.52 -23.52 24.54
C ALA C 42 0.21 -24.07 23.32
N ASP C 43 0.77 -25.28 23.45
CA ASP C 43 1.40 -25.95 22.32
C ASP C 43 0.40 -26.64 21.39
N ILE C 44 -0.71 -27.14 21.94
CA ILE C 44 -1.75 -27.81 21.15
C ILE C 44 -3.16 -27.26 21.41
N GLY C 45 -3.26 -26.28 22.30
CA GLY C 45 -4.59 -25.80 22.71
C GLY C 45 -4.88 -24.32 22.69
N GLY C 46 -4.27 -23.59 21.74
CA GLY C 46 -4.65 -22.20 21.49
C GLY C 46 -4.06 -21.20 22.46
N ALA C 47 -4.81 -20.14 22.74
CA ALA C 47 -4.32 -19.05 23.61
C ALA C 47 -5.44 -18.57 24.52
N TYR C 48 -5.07 -17.94 25.64
CA TYR C 48 -6.04 -17.46 26.62
C TYR C 48 -5.71 -16.03 27.02
N ARG C 49 -6.75 -15.27 27.38
CA ARG C 49 -6.57 -13.97 28.01
C ARG C 49 -7.07 -14.08 29.46
N TRP C 50 -6.33 -13.49 30.38
CA TRP C 50 -6.72 -13.44 31.77
C TRP C 50 -7.91 -12.51 31.99
N ASP C 51 -8.85 -12.97 32.82
CA ASP C 51 -9.98 -12.16 33.23
C ASP C 51 -9.81 -11.89 34.72
N PRO C 52 -9.33 -10.69 35.09
CA PRO C 52 -9.15 -10.34 36.50
C PRO C 52 -10.48 -10.22 37.28
N SER C 53 -11.60 -10.07 36.58
CA SER C 53 -12.90 -9.91 37.24
C SER C 53 -13.48 -11.23 37.71
N THR C 54 -12.95 -12.35 37.20
CA THR C 54 -13.35 -13.70 37.65
C THR C 54 -12.15 -14.53 38.10
N GLU C 55 -10.94 -14.01 37.88
CA GLU C 55 -9.70 -14.75 38.07
C GLU C 55 -9.67 -16.11 37.32
N THR C 56 -10.14 -16.07 36.07
CA THR C 56 -10.10 -17.23 35.20
C THR C 56 -9.51 -16.83 33.85
N TRP C 57 -9.14 -17.83 33.07
CA TRP C 57 -8.59 -17.60 31.75
C TRP C 57 -9.68 -17.77 30.71
N ILE C 58 -9.71 -16.87 29.73
CA ILE C 58 -10.68 -16.96 28.62
C ILE C 58 -10.03 -17.48 27.32
N PRO C 59 -10.56 -18.58 26.73
CA PRO C 59 -10.03 -19.11 25.46
C PRO C 59 -10.32 -18.18 24.27
N LEU C 60 -9.31 -17.97 23.42
CA LEU C 60 -9.35 -16.92 22.38
C LEU C 60 -9.49 -17.41 20.94
N LEU C 61 -9.16 -18.67 20.71
CA LEU C 61 -9.03 -19.18 19.35
C LEU C 61 -10.00 -20.31 18.96
N ASP C 62 -11.08 -20.50 19.73
CA ASP C 62 -12.01 -21.63 19.51
C ASP C 62 -12.77 -21.59 18.18
N HIS C 63 -12.73 -20.46 17.48
CA HIS C 63 -13.34 -20.37 16.15
C HIS C 63 -12.69 -21.30 15.11
N PHE C 64 -11.42 -21.66 15.33
CA PHE C 64 -10.72 -22.49 14.35
C PHE C 64 -11.35 -23.88 14.25
N GLN C 65 -11.78 -24.22 13.03
CA GLN C 65 -12.45 -25.49 12.77
C GLN C 65 -11.42 -26.57 12.53
N ASP C 67 -10.23 -28.13 9.96
CA ASP C 67 -9.28 -27.93 8.88
C ASP C 67 -8.22 -26.87 9.24
N GLU C 68 -8.38 -26.23 10.40
CA GLU C 68 -7.40 -25.25 10.90
C GLU C 68 -6.91 -25.55 12.33
N TYR C 69 -6.94 -26.83 12.69
CA TYR C 69 -6.42 -27.31 13.97
C TYR C 69 -4.98 -26.84 14.27
N SER C 70 -4.16 -26.73 13.23
CA SER C 70 -2.78 -26.30 13.36
C SER C 70 -2.64 -24.99 14.12
N TYR C 71 -3.60 -24.08 13.92
CA TYR C 71 -3.56 -22.75 14.51
C TYR C 71 -3.86 -22.67 16.01
N TYR C 72 -4.13 -23.83 16.63
CA TYR C 72 -4.15 -23.96 18.09
C TYR C 72 -2.71 -24.10 18.63
N GLY C 73 -1.75 -24.36 17.73
CA GLY C 73 -0.35 -24.39 18.08
C GLY C 73 0.19 -22.97 18.15
N VAL C 74 0.35 -22.45 19.37
CA VAL C 74 0.75 -21.06 19.55
C VAL C 74 2.25 -20.93 19.87
N GLU C 75 3.00 -20.60 18.83
CA GLU C 75 4.43 -20.41 18.87
C GLU C 75 4.84 -19.21 19.72
N SER C 76 4.07 -18.14 19.63
CA SER C 76 4.38 -16.90 20.33
C SER C 76 3.15 -16.01 20.42
N ILE C 77 3.11 -15.18 21.46
CA ILE C 77 2.07 -14.17 21.59
C ILE C 77 2.72 -12.83 22.01
N ALA C 78 2.22 -11.75 21.44
CA ALA C 78 2.73 -10.43 21.73
C ALA C 78 1.58 -9.50 22.06
N THR C 79 1.71 -8.81 23.18
CA THR C 79 0.69 -7.85 23.62
C THR C 79 1.26 -6.43 23.62
N ASP C 80 0.56 -5.53 22.95
CA ASP C 80 1.07 -4.20 22.59
C ASP C 80 1.16 -3.26 23.81
N PRO C 81 2.38 -2.79 24.16
CA PRO C 81 2.53 -1.91 25.32
C PRO C 81 2.11 -0.46 25.07
N VAL C 82 2.01 -0.07 23.80
CA VAL C 82 1.56 1.27 23.42
C VAL C 82 0.03 1.28 23.40
N ASP C 83 -0.56 0.32 22.71
CA ASP C 83 -2.00 0.16 22.66
C ASP C 83 -2.37 -1.25 23.11
N PRO C 84 -2.69 -1.43 24.40
CA PRO C 84 -3.00 -2.75 24.96
C PRO C 84 -4.21 -3.45 24.36
N ASN C 85 -4.98 -2.77 23.50
CA ASN C 85 -6.07 -3.46 22.77
C ASN C 85 -5.56 -4.38 21.67
N ARG C 86 -4.32 -4.14 21.24
CA ARG C 86 -3.73 -4.93 20.19
C ARG C 86 -3.01 -6.14 20.77
N VAL C 87 -3.21 -7.28 20.12
CA VAL C 87 -2.52 -8.51 20.46
C VAL C 87 -2.30 -9.29 19.17
N TYR C 88 -1.17 -10.00 19.10
CA TYR C 88 -0.84 -10.78 17.93
C TYR C 88 -0.40 -12.18 18.32
N ILE C 89 -0.67 -13.14 17.44
CA ILE C 89 -0.24 -14.52 17.66
C ILE C 89 0.50 -15.08 16.45
N VAL C 90 1.59 -15.77 16.72
CA VAL C 90 2.24 -16.54 15.69
C VAL C 90 1.77 -17.99 15.85
N ALA C 91 1.04 -18.48 14.83
CA ALA C 91 0.28 -19.72 14.97
C ALA C 91 0.65 -20.74 13.92
N GLY C 92 0.64 -22.00 14.33
CA GLY C 92 1.08 -23.09 13.48
C GLY C 92 1.75 -24.12 14.34
N TYR C 94 3.06 -27.57 13.57
CA TYR C 94 4.21 -28.39 13.16
C TYR C 94 4.93 -27.77 11.97
N THR C 95 6.25 -27.95 11.95
CA THR C 95 7.06 -27.46 10.82
C THR C 95 7.20 -28.57 9.78
N ASN C 96 6.70 -29.76 10.09
CA ASN C 96 6.71 -30.87 9.15
C ASN C 96 5.39 -30.97 8.37
N ASP C 97 5.13 -32.13 7.80
CA ASP C 97 3.97 -32.29 6.93
C ASP C 97 2.81 -33.01 7.62
N TRP C 98 2.88 -33.13 8.97
CA TRP C 98 1.77 -33.71 9.74
C TRP C 98 0.49 -32.92 9.55
N LEU C 99 0.62 -31.60 9.36
CA LEU C 99 -0.49 -30.73 9.00
C LEU C 99 -0.07 -29.85 7.81
N PRO C 100 -1.00 -29.59 6.87
CA PRO C 100 -0.73 -28.85 5.62
C PRO C 100 -0.61 -27.32 5.73
N ASN C 101 -1.29 -26.73 6.72
CA ASN C 101 -1.39 -25.27 6.88
C ASN C 101 -0.02 -24.59 6.96
N GLY C 103 2.20 -21.32 8.30
CA GLY C 103 2.15 -20.49 9.50
C GLY C 103 1.31 -19.24 9.27
N ALA C 104 0.85 -18.61 10.35
CA ALA C 104 0.04 -17.42 10.25
C ALA C 104 0.34 -16.46 11.38
N ILE C 105 0.26 -15.16 11.11
CA ILE C 105 0.24 -14.16 12.17
C ILE C 105 -1.21 -13.72 12.34
N LEU C 106 -1.78 -14.02 13.51
CA LEU C 106 -3.14 -13.61 13.84
C LEU C 106 -3.07 -12.25 14.52
N ARG C 107 -4.01 -11.38 14.20
CA ARG C 107 -3.96 -10.00 14.68
C ARG C 107 -5.33 -9.57 15.17
N SER C 108 -5.34 -8.87 16.30
CA SER C 108 -6.57 -8.48 16.94
C SER C 108 -6.41 -7.07 17.46
N THR C 109 -7.49 -6.31 17.44
CA THR C 109 -7.52 -4.99 18.04
C THR C 109 -8.55 -4.93 19.16
N ASP C 110 -9.04 -6.08 19.59
CA ASP C 110 -9.96 -6.13 20.69
C ASP C 110 -9.59 -7.16 21.74
N ARG C 111 -8.30 -7.25 21.95
CA ARG C 111 -7.69 -8.12 22.87
C ARG C 111 -8.01 -9.59 22.56
N GLY C 112 -8.14 -9.98 21.30
CA GLY C 112 -8.29 -11.42 21.09
C GLY C 112 -9.73 -11.87 21.07
N GLU C 113 -10.67 -10.92 21.17
CA GLU C 113 -12.08 -11.21 20.96
C GLU C 113 -12.35 -11.58 19.51
N THR C 114 -11.77 -10.83 18.57
CA THR C 114 -11.88 -11.16 17.15
C THR C 114 -10.50 -11.12 16.50
N TRP C 115 -10.33 -11.91 15.44
CA TRP C 115 -9.03 -12.05 14.78
C TRP C 115 -9.10 -11.89 13.26
N GLU C 116 -8.05 -11.31 12.70
CA GLU C 116 -7.75 -11.48 11.28
C GLU C 116 -6.40 -12.16 11.20
N LYS C 117 -6.03 -12.66 10.03
CA LYS C 117 -4.76 -13.36 9.90
C LYS C 117 -4.06 -13.10 8.58
N THR C 118 -2.73 -13.17 8.64
CA THR C 118 -1.87 -13.11 7.47
C THR C 118 -1.12 -14.43 7.39
N ILE C 119 -1.30 -15.13 6.26
CA ILE C 119 -0.63 -16.39 6.02
C ILE C 119 0.80 -16.13 5.54
N LEU C 120 1.74 -16.89 6.09
CA LEU C 120 3.16 -16.74 5.82
C LEU C 120 3.65 -17.84 4.86
N PRO C 121 4.83 -17.63 4.24
CA PRO C 121 5.34 -18.63 3.29
C PRO C 121 6.16 -19.74 3.95
N PHE C 122 5.93 -19.96 5.24
CA PHE C 122 6.62 -21.00 6.01
C PHE C 122 5.76 -21.42 7.21
N LYS C 123 6.18 -22.48 7.89
CA LYS C 123 5.43 -23.02 9.01
C LYS C 123 5.95 -22.55 10.37
N GLY C 125 6.15 -23.79 14.65
CA GLY C 125 6.21 -25.05 15.40
C GLY C 125 5.74 -24.91 16.83
N GLY C 126 4.48 -24.55 17.01
CA GLY C 126 3.87 -24.47 18.35
C GLY C 126 4.00 -25.74 19.18
N ASN C 127 3.99 -26.90 18.53
CA ASN C 127 4.18 -28.19 19.22
C ASN C 127 5.50 -28.91 18.83
N PRO C 129 10.03 -29.11 19.29
CA PRO C 129 11.04 -28.90 20.34
C PRO C 129 11.44 -27.45 20.57
N GLY C 130 11.72 -27.12 21.83
CA GLY C 130 12.10 -25.78 22.22
C GLY C 130 10.97 -24.75 22.33
N ARG C 131 9.72 -25.22 22.40
CA ARG C 131 8.54 -24.35 22.34
C ARG C 131 8.41 -23.30 23.46
N SER C 132 9.05 -23.55 24.60
CA SER C 132 9.02 -22.60 25.72
C SER C 132 10.05 -21.47 25.56
N GLY C 134 11.37 -18.22 23.90
CA GLY C 134 10.56 -17.10 23.42
C GLY C 134 10.72 -15.81 24.19
N GLU C 135 9.93 -14.79 23.87
CA GLU C 135 8.93 -14.83 22.81
C GLU C 135 9.52 -14.47 21.46
N ARG C 136 9.18 -15.25 20.45
CA ARG C 136 9.65 -15.03 19.07
C ARG C 136 9.05 -13.79 18.43
N LEU C 137 7.83 -13.45 18.85
CA LEU C 137 7.07 -12.31 18.31
C LEU C 137 7.14 -11.13 19.30
N ALA C 138 7.49 -9.94 18.79
CA ALA C 138 7.67 -8.76 19.64
C ALA C 138 7.26 -7.47 18.95
N ILE C 139 6.69 -6.55 19.72
CA ILE C 139 6.20 -5.27 19.24
C ILE C 139 7.10 -4.15 19.75
N ASP C 140 7.49 -3.26 18.84
CA ASP C 140 8.30 -2.10 19.17
C ASP C 140 7.56 -1.21 20.21
N PRO C 141 8.16 -1.02 21.40
CA PRO C 141 7.46 -0.30 22.47
C PRO C 141 7.44 1.23 22.33
N ASN C 142 8.14 1.75 21.31
CA ASN C 142 8.12 3.18 20.99
C ASN C 142 7.29 3.44 19.74
N ASP C 143 7.43 2.59 18.74
CA ASP C 143 6.66 2.68 17.51
C ASP C 143 5.94 1.34 17.28
N ASN C 144 4.72 1.23 17.79
CA ASN C 144 3.99 -0.04 17.76
C ASN C 144 3.52 -0.55 16.37
N ARG C 145 3.79 0.23 15.31
CA ARG C 145 3.65 -0.22 13.91
C ARG C 145 4.60 -1.37 13.59
N ILE C 146 5.72 -1.44 14.31
CA ILE C 146 6.82 -2.34 14.03
C ILE C 146 6.74 -3.60 14.89
N LEU C 147 6.79 -4.75 14.22
CA LEU C 147 6.86 -6.07 14.87
C LEU C 147 7.99 -6.89 14.26
N TYR C 148 8.67 -7.69 15.08
CA TYR C 148 9.64 -8.66 14.58
C TYR C 148 9.21 -10.09 14.91
N LEU C 149 9.63 -11.04 14.08
CA LEU C 149 9.32 -12.45 14.29
C LEU C 149 10.54 -13.36 14.07
N GLY C 150 10.96 -14.03 15.13
CA GLY C 150 11.95 -15.10 15.01
C GLY C 150 11.29 -16.37 14.51
N THR C 151 11.95 -17.04 13.57
CA THR C 151 11.33 -18.20 12.93
C THR C 151 12.19 -19.45 13.07
N ARG C 152 11.56 -20.59 12.81
CA ARG C 152 12.24 -21.88 12.80
C ARG C 152 12.68 -22.23 11.37
N CYS C 153 13.38 -23.36 11.23
CA CYS C 153 13.70 -23.98 9.93
C CYS C 153 14.64 -23.18 9.04
N GLY C 154 15.41 -22.27 9.62
CA GLY C 154 16.36 -21.47 8.85
C GLY C 154 15.73 -20.29 8.12
N ASN C 155 14.49 -19.96 8.46
CA ASN C 155 13.84 -18.80 7.84
C ASN C 155 14.26 -17.44 8.38
N GLY C 156 15.06 -17.45 9.46
CA GLY C 156 15.64 -16.21 9.99
C GLY C 156 14.71 -15.30 10.77
N LEU C 157 14.92 -14.00 10.62
CA LEU C 157 14.15 -12.97 11.30
C LEU C 157 13.27 -12.23 10.29
N TRP C 158 11.98 -12.10 10.62
CA TRP C 158 11.00 -11.42 9.77
C TRP C 158 10.45 -10.17 10.47
N ARG C 159 9.83 -9.29 9.69
CA ARG C 159 9.39 -8.00 10.21
C ARG C 159 8.14 -7.49 9.51
N SER C 160 7.34 -6.76 10.30
CA SER C 160 6.23 -5.98 9.82
C SER C 160 6.43 -4.54 10.27
N THR C 161 6.05 -3.60 9.40
CA THR C 161 6.07 -2.19 9.76
C THR C 161 4.67 -1.59 9.60
N ASP C 162 3.66 -2.43 9.44
CA ASP C 162 2.28 -1.97 9.28
C ASP C 162 1.31 -2.69 10.23
N TYR C 163 1.70 -2.77 11.51
CA TYR C 163 0.93 -3.48 12.55
C TYR C 163 0.63 -4.94 12.19
N GLY C 164 1.62 -5.67 11.67
CA GLY C 164 1.48 -7.12 11.43
C GLY C 164 0.64 -7.56 10.24
N VAL C 165 0.21 -6.60 9.41
CA VAL C 165 -0.60 -6.91 8.22
C VAL C 165 0.23 -7.62 7.14
N THR C 166 1.38 -7.03 6.82
CA THR C 166 2.28 -7.62 5.86
C THR C 166 3.64 -7.87 6.51
N TRP C 167 4.34 -8.87 5.98
CA TRP C 167 5.58 -9.36 6.57
C TRP C 167 6.63 -9.60 5.49
N SER C 168 7.88 -9.27 5.80
CA SER C 168 8.99 -9.61 4.92
C SER C 168 10.21 -9.98 5.73
N LYS C 169 11.14 -10.66 5.07
CA LYS C 169 12.34 -11.14 5.72
C LYS C 169 13.29 -9.97 6.02
N VAL C 170 13.94 -10.02 7.18
CA VAL C 170 15.05 -9.11 7.47
C VAL C 170 16.30 -9.77 6.89
N GLU C 171 16.59 -9.43 5.64
CA GLU C 171 17.68 -10.07 4.90
C GLU C 171 19.07 -9.82 5.49
N SER C 172 19.23 -8.69 6.18
CA SER C 172 20.50 -8.35 6.80
C SER C 172 20.78 -9.11 8.11
N PHE C 173 19.83 -9.89 8.60
CA PHE C 173 20.07 -10.61 9.85
C PHE C 173 21.03 -11.76 9.57
N PRO C 174 22.14 -11.84 10.34
CA PRO C 174 23.30 -12.71 10.01
C PRO C 174 23.11 -14.21 10.22
N ASN C 175 22.23 -14.60 11.13
CA ASN C 175 22.20 -16.00 11.57
C ASN C 175 20.79 -16.53 11.82
N PRO C 176 20.31 -17.40 10.91
CA PRO C 176 19.00 -18.03 11.09
C PRO C 176 19.00 -19.20 12.09
N GLY C 177 20.18 -19.61 12.56
CA GLY C 177 20.29 -20.72 13.50
C GLY C 177 20.72 -22.03 12.87
N THR C 178 21.39 -22.88 13.68
CA THR C 178 21.86 -24.19 13.21
C THR C 178 20.94 -25.35 13.64
N ILE C 191 16.10 -27.23 12.94
CA ILE C 191 16.54 -25.84 13.15
C ILE C 191 15.53 -25.10 14.04
N ILE C 192 15.86 -25.04 15.33
CA ILE C 192 15.11 -24.29 16.34
C ILE C 192 14.99 -22.82 15.94
N GLY C 193 16.09 -22.23 15.45
CA GLY C 193 16.07 -20.91 14.83
C GLY C 193 16.20 -19.69 15.74
N VAL C 194 15.53 -18.61 15.35
CA VAL C 194 15.61 -17.32 16.07
C VAL C 194 14.50 -17.33 17.15
N VAL C 195 14.90 -17.21 18.42
CA VAL C 195 14.03 -17.57 19.56
C VAL C 195 13.38 -16.41 20.34
N TRP C 196 14.00 -15.24 20.32
CA TRP C 196 13.41 -14.07 20.98
C TRP C 196 13.97 -12.74 20.47
N VAL C 197 13.15 -11.70 20.62
CA VAL C 197 13.52 -10.36 20.23
C VAL C 197 13.26 -9.43 21.40
N VAL C 198 14.28 -8.66 21.79
CA VAL C 198 14.15 -7.76 22.92
C VAL C 198 14.49 -6.34 22.49
N PHE C 199 13.55 -5.44 22.62
CA PHE C 199 13.76 -4.02 22.32
C PHE C 199 14.35 -3.30 23.54
N ASP C 200 15.32 -2.42 23.29
CA ASP C 200 15.81 -1.49 24.30
C ASP C 200 14.98 -0.20 24.19
N LYS C 201 13.95 -0.07 25.03
CA LYS C 201 13.01 1.04 24.95
C LYS C 201 13.68 2.39 25.15
N SER C 202 14.73 2.42 25.97
CA SER C 202 15.48 3.64 26.23
C SER C 202 16.25 4.16 25.00
N SER C 203 16.38 3.33 23.97
CA SER C 203 17.22 3.71 22.81
C SER C 203 16.57 4.74 21.88
N SER C 204 15.28 4.99 22.09
CA SER C 204 14.51 5.97 21.32
C SER C 204 13.46 6.56 22.25
N THR C 205 12.81 7.63 21.78
CA THR C 205 11.72 8.26 22.53
C THR C 205 10.37 7.85 21.94
N PRO C 206 9.27 7.93 22.73
CA PRO C 206 7.96 7.46 22.25
C PRO C 206 7.58 7.99 20.86
N GLY C 207 7.04 7.12 20.02
CA GLY C 207 6.65 7.49 18.66
C GLY C 207 7.67 7.17 17.58
N ASN C 208 8.93 7.04 17.97
CA ASN C 208 10.02 6.79 17.01
C ASN C 208 10.48 5.32 17.03
N PRO C 209 10.86 4.76 15.86
CA PRO C 209 11.39 3.39 15.85
C PRO C 209 12.52 3.18 16.86
N THR C 210 12.39 2.13 17.66
CA THR C 210 13.41 1.76 18.63
C THR C 210 14.71 1.41 17.88
N LYS C 211 15.80 2.09 18.23
CA LYS C 211 17.07 1.98 17.51
C LYS C 211 17.87 0.76 17.90
N THR C 212 17.87 0.40 19.19
CA THR C 212 18.62 -0.77 19.64
C THR C 212 17.72 -1.97 19.93
N ILE C 213 18.08 -3.09 19.29
CA ILE C 213 17.31 -4.32 19.34
C ILE C 213 18.27 -5.47 19.56
N TYR C 214 17.90 -6.40 20.44
CA TYR C 214 18.69 -7.59 20.74
C TYR C 214 17.91 -8.80 20.29
N VAL C 215 18.61 -9.78 19.70
CA VAL C 215 17.96 -10.97 19.17
C VAL C 215 18.72 -12.23 19.61
N GLY C 216 18.00 -13.20 20.16
CA GLY C 216 18.59 -14.49 20.54
C GLY C 216 18.35 -15.55 19.48
N VAL C 217 19.37 -16.35 19.20
CA VAL C 217 19.33 -17.38 18.18
C VAL C 217 19.79 -18.69 18.80
N ALA C 218 19.12 -19.78 18.45
CA ALA C 218 19.53 -21.11 18.93
C ALA C 218 20.76 -21.58 18.15
N ASP C 219 21.93 -21.13 18.60
CA ASP C 219 23.21 -21.49 18.00
C ASP C 219 24.26 -21.42 19.10
N LYS C 220 24.88 -22.56 19.41
CA LYS C 220 25.89 -22.65 20.48
C LYS C 220 27.15 -21.79 20.27
N ASN C 221 27.49 -21.50 19.02
CA ASN C 221 28.71 -20.74 18.70
C ASN C 221 28.53 -19.23 18.71
N GLU C 222 27.33 -18.78 18.36
CA GLU C 222 27.02 -17.35 18.28
C GLU C 222 25.50 -17.16 18.32
N SER C 223 25.02 -16.63 19.44
CA SER C 223 23.58 -16.67 19.73
C SER C 223 22.92 -15.31 19.98
N ILE C 224 23.72 -14.30 20.34
CA ILE C 224 23.19 -13.00 20.74
C ILE C 224 23.59 -11.93 19.74
N TYR C 225 22.58 -11.27 19.16
CA TYR C 225 22.77 -10.28 18.11
C TYR C 225 22.16 -8.93 18.51
N ARG C 226 22.74 -7.85 17.99
CA ARG C 226 22.28 -6.52 18.29
C ARG C 226 22.28 -5.64 17.04
N SER C 227 21.24 -4.82 16.94
CA SER C 227 21.20 -3.69 16.01
C SER C 227 21.16 -2.42 16.83
N THR C 228 21.84 -1.38 16.35
CA THR C 228 21.74 -0.07 16.98
C THR C 228 21.23 0.98 15.98
N ASP C 229 20.81 0.52 14.80
CA ASP C 229 20.28 1.41 13.77
C ASP C 229 18.85 1.05 13.33
N GLY C 230 18.06 0.54 14.27
CA GLY C 230 16.65 0.27 14.03
C GLY C 230 16.36 -0.97 13.21
N GLY C 231 17.28 -1.94 13.27
CA GLY C 231 17.11 -3.22 12.58
C GLY C 231 17.66 -3.27 11.16
N VAL C 232 18.33 -2.19 10.75
CA VAL C 232 18.95 -2.14 9.42
C VAL C 232 20.18 -3.06 9.30
N THR C 233 21.08 -2.99 10.27
CA THR C 233 22.27 -3.84 10.30
C THR C 233 22.38 -4.51 11.65
N TRP C 234 23.10 -5.65 11.70
CA TRP C 234 23.19 -6.48 12.90
C TRP C 234 24.63 -6.93 13.13
N LYS C 235 25.02 -7.06 14.40
CA LYS C 235 26.30 -7.67 14.77
C LYS C 235 26.18 -8.51 16.03
N ALA C 236 26.93 -9.61 16.07
CA ALA C 236 27.11 -10.38 17.30
C ALA C 236 27.64 -9.48 18.41
N VAL C 237 27.03 -9.60 19.59
CA VAL C 237 27.49 -8.84 20.77
C VAL C 237 28.85 -9.41 21.22
N PRO C 238 29.89 -8.54 21.28
CA PRO C 238 31.21 -9.00 21.67
C PRO C 238 31.23 -9.59 23.08
N GLY C 239 32.01 -10.65 23.25
CA GLY C 239 32.35 -11.16 24.58
C GLY C 239 31.33 -12.12 25.15
N GLN C 240 30.33 -12.48 24.33
CA GLN C 240 29.26 -13.37 24.76
C GLN C 240 29.73 -14.81 25.00
N PRO C 241 29.04 -15.54 25.90
CA PRO C 241 29.38 -16.94 26.15
C PRO C 241 28.99 -17.84 24.98
N LYS C 242 29.67 -18.97 24.88
CA LYS C 242 29.40 -19.98 23.86
C LYS C 242 29.10 -21.34 24.46
N GLY C 243 28.44 -22.20 23.69
CA GLY C 243 28.21 -23.60 24.07
C GLY C 243 26.77 -23.97 24.42
N LEU C 244 25.94 -22.96 24.66
CA LEU C 244 24.57 -23.18 25.12
C LEU C 244 23.58 -22.34 24.33
N LEU C 245 22.29 -22.59 24.55
CA LEU C 245 21.24 -21.92 23.79
C LEU C 245 20.46 -20.96 24.69
N PRO C 246 20.27 -19.70 24.23
CA PRO C 246 19.56 -18.70 25.06
C PRO C 246 18.03 -18.89 25.04
N HIS C 247 17.46 -19.30 26.18
CA HIS C 247 16.02 -19.56 26.27
C HIS C 247 15.15 -18.32 26.34
N HIS C 248 15.57 -17.35 27.16
CA HIS C 248 14.87 -16.08 27.33
C HIS C 248 15.90 -14.97 27.48
N GLY C 249 15.46 -13.75 27.18
CA GLY C 249 16.23 -12.55 27.40
C GLY C 249 15.28 -11.51 27.93
N VAL C 250 15.66 -10.85 29.03
CA VAL C 250 14.88 -9.75 29.59
C VAL C 250 15.83 -8.57 29.84
N LEU C 251 15.54 -7.43 29.22
CA LEU C 251 16.31 -6.22 29.49
C LEU C 251 15.70 -5.43 30.64
N ALA C 252 16.45 -5.33 31.73
CA ALA C 252 15.96 -4.64 32.94
C ALA C 252 16.07 -3.12 32.82
N SER C 253 15.33 -2.43 33.67
CA SER C 253 15.28 -0.96 33.71
C SER C 253 16.64 -0.31 34.00
N ASN C 254 17.55 -1.06 34.61
CA ASN C 254 18.91 -0.57 34.87
C ASN C 254 19.91 -0.89 33.75
N GLY C 255 19.39 -1.32 32.60
CA GLY C 255 20.24 -1.59 31.42
C GLY C 255 20.99 -2.92 31.45
N LEU C 257 20.89 -6.73 30.65
CA LEU C 257 20.21 -7.74 29.85
C LEU C 257 20.48 -9.13 30.46
N TYR C 258 19.44 -9.72 31.03
CA TYR C 258 19.54 -11.05 31.65
C TYR C 258 19.20 -12.12 30.63
N ILE C 259 19.95 -13.22 30.66
CA ILE C 259 19.76 -14.29 29.67
C ILE C 259 19.98 -15.65 30.34
N THR C 260 19.02 -16.55 30.17
CA THR C 260 19.16 -17.94 30.61
C THR C 260 19.61 -18.83 29.45
N TYR C 261 20.45 -19.83 29.76
CA TYR C 261 20.99 -20.72 28.75
C TYR C 261 20.86 -22.17 29.15
N GLY C 262 20.69 -23.04 28.17
CA GLY C 262 20.74 -24.48 28.39
C GLY C 262 21.06 -25.19 27.09
N ASP C 263 21.26 -26.50 27.17
CA ASP C 263 21.51 -27.28 25.96
C ASP C 263 20.43 -28.33 25.73
N GLY C 272 21.28 -32.27 31.30
CA GLY C 272 21.82 -31.10 30.58
C GLY C 272 22.77 -30.22 31.36
N LYS C 273 23.06 -29.04 30.82
CA LYS C 273 23.88 -28.01 31.47
C LYS C 273 23.21 -26.65 31.28
N GLY C 274 23.44 -25.74 32.23
CA GLY C 274 22.82 -24.42 32.17
C GLY C 274 23.70 -23.30 32.67
N GLN C 275 23.44 -22.11 32.17
CA GLN C 275 24.07 -20.89 32.64
C GLN C 275 23.05 -19.76 32.70
N VAL C 276 23.37 -18.74 33.51
CA VAL C 276 22.61 -17.50 33.54
C VAL C 276 23.64 -16.39 33.51
N TRP C 277 23.47 -15.43 32.60
CA TRP C 277 24.38 -14.31 32.44
C TRP C 277 23.66 -12.98 32.52
N LYS C 278 24.40 -11.93 32.86
CA LYS C 278 23.93 -10.58 32.64
C LYS C 278 24.91 -9.77 31.78
N PHE C 279 24.36 -9.13 30.76
CA PHE C 279 25.12 -8.27 29.87
C PHE C 279 24.77 -6.81 30.21
N ASN C 280 25.80 -6.05 30.54
CA ASN C 280 25.64 -4.63 30.81
C ASN C 280 25.62 -3.89 29.49
N THR C 281 24.43 -3.52 29.03
CA THR C 281 24.25 -2.83 27.74
C THR C 281 24.98 -1.47 27.65
N ARG C 282 25.28 -0.86 28.80
CA ARG C 282 25.95 0.43 28.86
C ARG C 282 27.48 0.34 28.76
N THR C 283 28.05 -0.78 29.20
CA THR C 283 29.51 -0.93 29.24
C THR C 283 30.04 -2.04 28.36
N GLY C 284 29.18 -2.98 27.98
CA GLY C 284 29.58 -4.13 27.17
C GLY C 284 30.13 -5.31 27.98
N GLU C 285 29.99 -5.24 29.30
CA GLU C 285 30.51 -6.29 30.19
C GLU C 285 29.52 -7.45 30.37
N TRP C 286 30.03 -8.68 30.25
CA TRP C 286 29.28 -9.89 30.57
C TRP C 286 29.65 -10.43 31.95
N ILE C 287 28.64 -10.69 32.77
CA ILE C 287 28.85 -11.28 34.10
C ILE C 287 28.08 -12.59 34.22
N ASP C 288 28.81 -13.65 34.58
CA ASP C 288 28.23 -14.97 34.86
C ASP C 288 27.54 -14.97 36.22
N ILE C 289 26.22 -15.17 36.22
CA ILE C 289 25.42 -15.19 37.46
C ILE C 289 24.72 -16.54 37.71
N THR C 290 25.25 -17.61 37.10
CA THR C 290 24.64 -18.95 37.20
C THR C 290 24.53 -19.36 38.67
N PRO C 291 23.32 -19.72 39.14
CA PRO C 291 23.08 -20.11 40.54
C PRO C 291 23.92 -21.30 41.02
N ILE C 292 24.11 -22.29 40.15
CA ILE C 292 25.00 -23.42 40.41
C ILE C 292 26.09 -23.34 39.35
N PRO C 293 27.36 -23.14 39.78
CA PRO C 293 28.42 -22.94 38.78
C PRO C 293 28.42 -24.03 37.70
N TYR C 294 28.61 -23.61 36.44
CA TYR C 294 28.66 -24.52 35.29
C TYR C 294 29.72 -25.63 35.47
N SER C 295 30.82 -25.26 36.12
CA SER C 295 31.94 -26.16 36.41
C SER C 295 31.58 -27.27 37.38
N SER C 296 30.59 -27.04 38.21
CA SER C 296 30.14 -28.05 39.14
C SER C 296 29.26 -29.06 38.51
N SER C 297 29.12 -30.19 39.17
CA SER C 297 28.45 -31.34 38.61
C SER C 297 27.07 -31.51 39.21
N ASP C 298 26.82 -30.75 40.26
CA ASP C 298 25.54 -30.23 40.62
C ASP C 298 24.78 -29.51 39.46
N ASN C 299 25.48 -28.84 38.58
CA ASN C 299 24.90 -28.25 37.38
C ASN C 299 24.64 -29.31 36.35
N ARG C 300 23.42 -29.76 36.32
CA ARG C 300 23.02 -30.93 35.52
C ARG C 300 21.68 -30.72 34.76
N PHE C 301 21.32 -29.45 34.64
CA PHE C 301 20.14 -29.03 33.92
C PHE C 301 20.35 -27.65 33.33
N CYS C 302 19.58 -27.39 32.30
CA CYS C 302 19.26 -26.09 31.83
C CYS C 302 18.64 -25.17 32.86
N PHE C 303 19.03 -23.94 32.80
CA PHE C 303 18.23 -22.83 33.22
C PHE C 303 17.37 -22.28 32.08
N ALA C 304 16.09 -22.19 32.33
CA ALA C 304 15.14 -21.89 31.28
C ALA C 304 14.33 -20.64 31.61
N GLY C 305 13.37 -20.76 32.52
CA GLY C 305 12.54 -19.63 32.95
C GLY C 305 13.35 -18.46 33.48
N LEU C 306 12.93 -17.26 33.12
CA LEU C 306 13.59 -16.02 33.51
C LEU C 306 12.55 -14.93 33.77
N ALA C 307 12.51 -14.45 35.00
CA ALA C 307 11.64 -13.33 35.37
C ALA C 307 12.47 -12.22 35.97
N VAL C 308 12.15 -10.99 35.60
CA VAL C 308 12.75 -9.82 36.23
C VAL C 308 11.61 -8.91 36.74
N ASP C 309 11.76 -8.44 37.97
CA ASP C 309 10.77 -7.58 38.60
C ASP C 309 10.87 -6.16 38.00
N ARG C 310 9.81 -5.70 37.33
CA ARG C 310 9.83 -4.38 36.68
C ARG C 310 10.06 -3.22 37.65
N GLN C 311 9.73 -3.41 38.92
CA GLN C 311 9.79 -2.35 39.92
C GLN C 311 11.11 -2.36 40.69
N ASN C 312 11.88 -3.44 40.53
CA ASN C 312 13.22 -3.58 41.09
C ASN C 312 14.06 -4.50 40.20
N PRO C 313 14.95 -3.91 39.38
CA PRO C 313 15.76 -4.60 38.38
C PRO C 313 16.80 -5.57 38.97
N ASP C 314 17.00 -5.50 40.28
CA ASP C 314 17.90 -6.42 40.98
C ASP C 314 17.18 -7.69 41.43
N ILE C 315 15.86 -7.71 41.32
CA ILE C 315 15.08 -8.88 41.68
C ILE C 315 14.83 -9.73 40.45
N ILE C 316 15.40 -10.94 40.48
CA ILE C 316 15.32 -11.86 39.34
C ILE C 316 15.04 -13.28 39.82
N VAL C 318 15.04 -17.50 38.24
CA VAL C 318 15.27 -18.49 37.17
C VAL C 318 14.80 -19.87 37.60
N THR C 319 14.48 -20.69 36.62
CA THR C 319 14.01 -22.05 36.87
C THR C 319 14.86 -23.09 36.17
N SER C 320 14.90 -24.28 36.77
CA SER C 320 15.57 -25.42 36.16
C SER C 320 14.65 -26.11 35.16
N ASN C 322 15.49 -29.81 32.98
CA ASN C 322 14.73 -30.31 34.11
C ASN C 322 15.68 -30.99 35.07
N ALA C 323 15.58 -30.66 36.35
CA ALA C 323 16.29 -31.40 37.38
C ALA C 323 15.63 -32.77 37.60
N TRP C 324 14.30 -32.82 37.46
CA TRP C 324 13.44 -34.00 37.68
C TRP C 324 13.35 -34.47 39.14
N TRP C 325 14.51 -34.67 39.75
CA TRP C 325 14.59 -35.20 41.11
C TRP C 325 15.45 -34.26 41.98
N PRO C 326 15.00 -33.99 43.23
CA PRO C 326 13.74 -34.45 43.84
C PRO C 326 12.53 -33.63 43.39
N ASP C 327 12.82 -32.46 42.81
CA ASP C 327 11.84 -31.52 42.27
C ASP C 327 12.68 -30.49 41.51
N GLU C 328 12.01 -29.62 40.75
CA GLU C 328 12.69 -28.52 40.07
C GLU C 328 13.20 -27.47 41.06
N TYR C 329 14.07 -26.61 40.55
CA TYR C 329 14.63 -25.49 41.29
C TYR C 329 14.00 -24.19 40.81
N ILE C 330 13.62 -23.35 41.77
CA ILE C 330 13.19 -21.98 41.51
C ILE C 330 14.08 -21.05 42.33
N PHE C 331 15.02 -20.41 41.63
CA PHE C 331 16.01 -19.54 42.27
C PHE C 331 15.53 -18.09 42.23
N ARG C 332 15.70 -17.38 43.35
CA ARG C 332 15.40 -15.97 43.44
C ARG C 332 16.62 -15.19 43.92
N SER C 333 16.84 -14.03 43.30
CA SER C 333 17.89 -13.13 43.72
C SER C 333 17.30 -11.74 43.90
N THR C 334 17.74 -11.04 44.94
CA THR C 334 17.37 -9.63 45.12
C THR C 334 18.59 -8.71 45.02
N ASP C 335 19.70 -9.25 44.52
CA ASP C 335 20.90 -8.46 44.29
C ASP C 335 21.48 -8.61 42.87
N GLY C 336 20.61 -8.77 41.88
CA GLY C 336 21.05 -8.83 40.48
C GLY C 336 21.85 -10.07 40.13
N GLY C 337 21.59 -11.16 40.85
CA GLY C 337 22.28 -12.42 40.61
C GLY C 337 23.62 -12.60 41.29
N ALA C 338 24.02 -11.66 42.14
CA ALA C 338 25.23 -11.83 42.97
C ALA C 338 25.08 -13.04 43.89
N THR C 339 23.90 -13.15 44.49
CA THR C 339 23.53 -14.31 45.31
C THR C 339 22.13 -14.78 44.97
N TRP C 340 21.87 -16.06 45.21
CA TRP C 340 20.56 -16.66 44.95
C TRP C 340 20.12 -17.48 46.14
N LYS C 341 18.81 -17.66 46.28
CA LYS C 341 18.26 -18.64 47.21
C LYS C 341 17.29 -19.51 46.43
N ASN C 342 17.28 -20.81 46.73
CA ASN C 342 16.31 -21.74 46.14
C ASN C 342 15.04 -21.77 46.99
N ILE C 343 13.91 -22.03 46.35
CA ILE C 343 12.62 -22.10 47.05
C ILE C 343 12.49 -23.30 48.03
N TRP C 344 13.41 -24.26 47.92
CA TRP C 344 13.58 -25.31 48.92
C TRP C 344 15.06 -25.52 49.15
N GLU C 345 15.40 -26.03 50.34
CA GLU C 345 16.77 -26.41 50.67
C GLU C 345 16.79 -27.82 51.21
N TRP C 346 17.87 -28.53 50.97
CA TRP C 346 18.23 -29.71 51.72
C TRP C 346 18.20 -29.57 53.23
N GLY C 347 17.38 -30.37 53.84
CA GLY C 347 17.54 -30.65 55.24
C GLY C 347 18.51 -31.75 55.55
N TYR C 349 19.06 -35.35 55.17
CA TYR C 349 18.49 -36.22 54.15
C TYR C 349 17.71 -37.34 54.78
N PRO C 350 16.47 -37.55 54.39
CA PRO C 350 15.93 -37.17 53.10
C PRO C 350 15.08 -35.91 53.16
N GLU C 351 15.11 -35.18 54.24
CA GLU C 351 14.32 -34.03 54.35
C GLU C 351 14.68 -32.83 53.51
N ARG C 352 13.68 -32.13 53.05
CA ARG C 352 13.82 -30.81 52.49
C ARG C 352 13.02 -29.73 53.22
N ILE C 353 13.59 -28.56 53.32
CA ILE C 353 12.97 -27.33 53.87
C ILE C 353 12.39 -26.45 52.75
N LEU C 354 11.10 -26.30 52.86
CA LEU C 354 10.28 -25.67 51.91
C LEU C 354 9.97 -24.29 52.33
N HIS C 355 10.23 -23.40 51.40
CA HIS C 355 9.88 -22.01 51.47
C HIS C 355 8.58 -21.69 50.74
N TYR C 356 7.76 -22.68 50.53
CA TYR C 356 6.46 -22.57 49.87
C TYR C 356 5.50 -23.59 50.44
N GLU C 357 4.22 -23.40 50.21
CA GLU C 357 3.18 -24.42 50.31
C GLU C 357 2.50 -24.42 48.94
N ILE C 358 1.87 -25.54 48.58
CA ILE C 358 1.06 -25.61 47.34
C ILE C 358 -0.39 -25.98 47.63
N ASP C 359 -1.30 -25.13 47.19
CA ASP C 359 -2.73 -25.33 47.31
C ASP C 359 -3.21 -25.79 45.94
N ILE C 360 -3.72 -27.03 45.88
CA ILE C 360 -4.26 -27.59 44.63
C ILE C 360 -5.77 -27.82 44.69
N SER C 361 -6.47 -27.01 45.50
CA SER C 361 -7.92 -27.12 45.59
C SER C 361 -8.64 -26.81 44.26
N ALA C 362 -8.00 -26.03 43.39
CA ALA C 362 -8.58 -25.72 42.08
C ALA C 362 -8.34 -26.83 41.04
N ALA C 363 -7.52 -27.82 41.39
CA ALA C 363 -7.25 -28.98 40.50
C ALA C 363 -6.63 -30.11 41.32
N PRO C 364 -7.44 -30.76 42.18
CA PRO C 364 -6.88 -31.68 43.19
C PRO C 364 -6.20 -32.93 42.62
N TRP C 365 -6.39 -33.20 41.32
CA TRP C 365 -5.72 -34.35 40.68
C TRP C 365 -4.19 -34.16 40.59
N LEU C 366 -3.73 -32.93 40.82
CA LEU C 366 -2.29 -32.59 40.75
C LEU C 366 -1.37 -33.31 41.74
N ASP C 367 -1.91 -34.00 42.73
CA ASP C 367 -1.07 -34.80 43.62
C ASP C 367 -0.99 -36.26 43.17
N TRP C 368 -1.58 -36.55 42.01
CA TRP C 368 -1.66 -37.91 41.47
C TRP C 368 -2.22 -38.92 42.48
N GLY C 369 -2.97 -38.42 43.48
CA GLY C 369 -3.53 -39.24 44.55
C GLY C 369 -2.52 -40.12 45.25
N THR C 370 -1.27 -39.67 45.27
CA THR C 370 -0.14 -40.52 45.69
C THR C 370 0.79 -39.76 46.60
N GLU C 371 0.92 -40.25 47.83
CA GLU C 371 1.92 -39.78 48.77
C GLU C 371 3.27 -40.37 48.36
N LYS C 372 4.27 -39.52 48.27
CA LYS C 372 5.59 -39.96 47.84
C LYS C 372 6.52 -40.20 49.02
N GLN C 373 7.57 -40.98 48.78
CA GLN C 373 8.64 -41.15 49.74
C GLN C 373 9.65 -40.02 49.58
N LEU C 374 10.04 -39.42 50.71
CA LEU C 374 11.03 -38.35 50.73
C LEU C 374 12.37 -38.79 50.14
N PRO C 375 13.08 -37.87 49.46
CA PRO C 375 12.86 -36.43 49.30
C PRO C 375 11.73 -35.98 48.33
N GLU C 376 11.05 -36.93 47.68
CA GLU C 376 9.94 -36.58 46.80
C GLU C 376 8.69 -36.21 47.57
N ILE C 377 8.01 -35.17 47.10
CA ILE C 377 6.73 -34.72 47.65
C ILE C 377 5.76 -34.39 46.52
N ASN C 378 4.56 -34.94 46.59
CA ASN C 378 3.44 -34.53 45.73
C ASN C 378 2.46 -33.66 46.50
N PRO C 379 1.91 -32.61 45.85
CA PRO C 379 2.26 -32.13 44.50
C PRO C 379 3.65 -31.51 44.41
N LYS C 380 4.29 -31.67 43.26
CA LYS C 380 5.60 -31.07 42.96
C LYS C 380 5.43 -29.60 42.57
N LEU C 381 6.47 -28.82 42.74
CA LEU C 381 6.62 -27.51 42.09
C LEU C 381 6.30 -27.55 40.60
N GLY C 382 6.83 -28.54 39.91
CA GLY C 382 6.43 -28.84 38.57
C GLY C 382 7.51 -29.58 37.83
N TRP C 383 7.44 -29.50 36.52
CA TRP C 383 8.38 -30.02 35.56
C TRP C 383 8.12 -29.23 34.25
N ILE C 385 9.40 -26.40 33.37
CA ILE C 385 9.18 -25.03 33.81
C ILE C 385 10.01 -24.10 32.93
N GLY C 386 9.52 -23.86 31.72
CA GLY C 386 10.27 -23.13 30.71
C GLY C 386 10.01 -21.64 30.73
N ASP C 387 9.16 -21.20 31.66
CA ASP C 387 8.72 -19.81 31.71
C ASP C 387 8.26 -19.46 33.12
N ILE C 388 8.69 -18.28 33.58
CA ILE C 388 8.28 -17.76 34.87
C ILE C 388 8.14 -16.25 34.75
N GLU C 389 7.12 -15.70 35.38
CA GLU C 389 6.79 -14.29 35.22
C GLU C 389 6.50 -13.64 36.56
N ILE C 390 7.08 -12.46 36.79
CA ILE C 390 6.70 -11.59 37.89
C ILE C 390 5.82 -10.47 37.33
N ASP C 391 4.64 -10.27 37.93
CA ASP C 391 3.72 -9.20 37.52
C ASP C 391 4.46 -7.85 37.53
N PRO C 392 4.46 -7.13 36.38
CA PRO C 392 5.22 -5.88 36.36
C PRO C 392 4.56 -4.77 37.21
N PHE C 393 3.37 -5.04 37.73
CA PHE C 393 2.67 -4.08 38.56
C PHE C 393 2.47 -4.57 39.99
N ASN C 394 3.07 -5.72 40.31
CA ASN C 394 2.91 -6.33 41.62
C ASN C 394 4.04 -7.31 41.91
N SER C 395 5.00 -6.86 42.72
CA SER C 395 6.18 -7.64 43.11
C SER C 395 5.86 -8.93 43.84
N ASP C 396 4.64 -8.99 44.39
CA ASP C 396 4.16 -10.15 45.15
C ASP C 396 3.50 -11.20 44.27
N ARG C 397 3.22 -10.87 43.01
CA ARG C 397 2.50 -11.77 42.16
C ARG C 397 3.43 -12.37 41.11
N TYR C 400 4.19 -19.35 37.00
CA TYR C 400 5.07 -20.14 36.17
C TYR C 400 4.33 -21.33 35.58
N VAL C 401 4.86 -21.83 34.47
CA VAL C 401 4.25 -22.93 33.74
C VAL C 401 4.86 -24.28 34.13
N THR C 402 4.08 -25.35 33.99
CA THR C 402 4.60 -26.71 34.15
C THR C 402 4.01 -27.54 33.01
N GLY C 403 4.42 -28.80 32.90
CA GLY C 403 3.84 -29.69 31.90
C GLY C 403 2.40 -30.11 32.16
N ALA C 404 1.83 -29.69 33.29
CA ALA C 404 0.45 -30.02 33.64
C ALA C 404 -0.46 -28.84 33.96
N THR C 405 0.11 -27.69 34.34
CA THR C 405 -0.70 -26.60 34.87
C THR C 405 0.03 -25.26 34.82
N ILE C 406 -0.64 -24.21 35.31
CA ILE C 406 0.05 -22.96 35.66
C ILE C 406 -0.12 -22.74 37.15
N TYR C 407 1.00 -22.55 37.83
CA TYR C 407 1.03 -22.25 39.24
C TYR C 407 1.33 -20.77 39.40
N GLY C 408 1.01 -20.23 40.57
CA GLY C 408 1.27 -18.83 40.84
C GLY C 408 1.01 -18.46 42.29
N CYS C 409 1.39 -17.25 42.67
CA CYS C 409 1.20 -16.77 44.03
C CYS C 409 0.81 -15.31 44.07
N ASP C 410 0.38 -14.86 45.24
CA ASP C 410 -0.01 -13.49 45.48
C ASP C 410 0.75 -12.88 46.65
N ASN C 411 1.71 -13.62 47.20
CA ASN C 411 2.51 -13.17 48.33
C ASN C 411 4.02 -13.40 48.17
N LEU C 412 4.53 -13.29 46.95
CA LEU C 412 5.92 -13.63 46.65
C LEU C 412 7.00 -13.05 47.59
N THR C 413 6.87 -11.79 47.97
CA THR C 413 7.91 -11.15 48.81
C THR C 413 7.94 -11.66 50.26
N ASP C 414 6.93 -12.43 50.68
CA ASP C 414 6.98 -13.18 51.95
C ASP C 414 8.24 -14.04 52.03
N TRP C 415 8.67 -14.56 50.88
CA TRP C 415 9.93 -15.29 50.74
C TRP C 415 11.10 -14.44 51.23
N ASP C 416 11.18 -13.19 50.76
CA ASP C 416 12.27 -12.28 51.13
C ASP C 416 12.27 -11.95 52.64
N ARG C 417 11.12 -12.15 53.28
CA ARG C 417 10.95 -11.86 54.71
C ARG C 417 11.12 -13.09 55.62
N GLY C 418 11.41 -14.25 55.03
CA GLY C 418 11.54 -15.49 55.80
C GLY C 418 10.23 -16.23 56.01
N GLY C 419 9.18 -15.82 55.28
CA GLY C 419 7.88 -16.50 55.33
C GLY C 419 7.75 -17.57 54.24
N LYS C 420 6.53 -18.00 53.94
CA LYS C 420 6.31 -19.00 52.89
C LYS C 420 5.49 -18.47 51.72
N VAL C 421 5.99 -18.70 50.50
CA VAL C 421 5.25 -18.42 49.28
C VAL C 421 4.03 -19.35 49.22
N LYS C 422 2.84 -18.77 49.10
CA LYS C 422 1.62 -19.53 48.98
C LYS C 422 1.31 -19.77 47.49
N ILE C 423 1.83 -20.87 46.96
CA ILE C 423 1.61 -21.27 45.57
C ILE C 423 0.24 -21.93 45.40
N GLU C 424 -0.46 -21.57 44.33
CA GLU C 424 -1.75 -22.18 44.06
C GLU C 424 -1.97 -22.34 42.55
N VAL C 425 -2.95 -23.15 42.18
CA VAL C 425 -3.30 -23.31 40.78
C VAL C 425 -3.82 -21.98 40.23
N LYS C 426 -3.16 -21.48 39.19
CA LYS C 426 -3.57 -20.24 38.52
C LYS C 426 -4.04 -20.51 37.09
N ALA C 427 -4.54 -21.72 36.83
CA ALA C 427 -4.92 -22.12 35.46
C ALA C 427 -6.42 -22.35 35.28
N THR C 428 -7.23 -21.90 36.24
CA THR C 428 -8.68 -22.05 36.13
C THR C 428 -9.21 -21.40 34.84
N GLY C 429 -9.97 -22.18 34.09
CA GLY C 429 -10.49 -21.74 32.79
C GLY C 429 -9.74 -22.40 31.62
N ILE C 430 -8.49 -22.77 31.86
CA ILE C 430 -7.69 -23.49 30.85
C ILE C 430 -8.08 -24.96 30.85
N GLU C 431 -8.40 -25.48 29.67
CA GLU C 431 -8.65 -26.90 29.46
C GLU C 431 -7.84 -27.29 28.22
N GLU C 432 -6.72 -27.99 28.45
CA GLU C 432 -5.73 -28.25 27.39
C GLU C 432 -5.51 -29.75 27.13
N CYS C 433 -6.37 -30.60 27.72
CA CYS C 433 -6.22 -32.05 27.59
C CYS C 433 -6.48 -32.54 26.18
N ALA C 434 -5.75 -33.58 25.80
CA ALA C 434 -6.05 -34.36 24.61
C ALA C 434 -6.92 -35.51 25.07
N VAL C 435 -8.14 -35.53 24.58
CA VAL C 435 -9.12 -36.51 25.03
C VAL C 435 -9.20 -37.63 24.01
N LEU C 436 -9.14 -38.87 24.52
CA LEU C 436 -8.96 -40.06 23.69
C LEU C 436 -10.23 -40.90 23.58
N ASP C 437 -10.97 -40.98 24.69
CA ASP C 437 -12.27 -41.69 24.70
C ASP C 437 -13.22 -41.10 25.74
N LEU C 438 -14.51 -41.32 25.53
CA LEU C 438 -15.57 -40.81 26.43
C LEU C 438 -16.77 -41.76 26.43
N VAL C 439 -17.32 -42.04 27.61
CA VAL C 439 -18.62 -42.74 27.70
C VAL C 439 -19.58 -41.99 28.61
N SER C 440 -20.85 -41.95 28.21
CA SER C 440 -21.91 -41.44 29.06
C SER C 440 -22.85 -42.60 29.41
N PRO C 441 -22.61 -43.27 30.54
CA PRO C 441 -23.40 -44.48 30.86
C PRO C 441 -24.88 -44.20 31.19
N PRO C 442 -25.75 -45.21 30.97
CA PRO C 442 -27.19 -45.03 31.24
C PRO C 442 -27.53 -44.89 32.73
N GLU C 443 -26.63 -45.37 33.60
CA GLU C 443 -26.70 -45.13 35.04
C GLU C 443 -25.33 -44.71 35.52
N GLY C 444 -25.29 -43.98 36.63
CA GLY C 444 -24.05 -43.50 37.21
C GLY C 444 -23.77 -42.08 36.79
N ALA C 445 -22.48 -41.73 36.70
CA ALA C 445 -22.06 -40.38 36.36
C ALA C 445 -22.45 -39.97 34.94
N PRO C 446 -22.70 -38.67 34.71
CA PRO C 446 -22.92 -38.14 33.37
C PRO C 446 -21.83 -38.49 32.35
N LEU C 447 -20.58 -38.60 32.81
CA LEU C 447 -19.46 -38.81 31.89
C LEU C 447 -18.26 -39.46 32.56
N VAL C 448 -17.64 -40.41 31.86
CA VAL C 448 -16.37 -40.99 32.31
C VAL C 448 -15.39 -40.90 31.15
N SER C 449 -14.21 -40.32 31.39
CA SER C 449 -13.30 -39.94 30.30
C SER C 449 -12.01 -40.74 30.30
N ALA C 450 -11.37 -40.81 29.14
CA ALA C 450 -10.03 -41.34 29.01
C ALA C 450 -9.22 -40.29 28.27
N VAL C 451 -8.15 -39.81 28.89
CA VAL C 451 -7.41 -38.67 28.37
C VAL C 451 -5.91 -38.93 28.43
N GLY C 452 -5.16 -38.26 27.56
CA GLY C 452 -3.70 -38.31 27.59
C GLY C 452 -3.12 -37.65 28.82
N ASP C 453 -2.01 -38.20 29.31
CA ASP C 453 -1.22 -37.63 30.41
C ASP C 453 -1.88 -37.75 31.78
N LEU C 454 -3.20 -37.52 31.84
CA LEU C 454 -3.93 -37.44 33.10
C LEU C 454 -4.83 -38.65 33.34
N VAL C 455 -4.75 -39.64 32.44
CA VAL C 455 -5.51 -40.91 32.50
C VAL C 455 -7.02 -40.80 32.18
N GLY C 456 -7.74 -39.98 32.95
CA GLY C 456 -9.18 -39.81 32.78
C GLY C 456 -9.90 -39.72 34.11
N PHE C 457 -11.19 -39.39 34.08
CA PHE C 457 -11.92 -39.09 35.31
C PHE C 457 -13.36 -39.58 35.25
N VAL C 458 -13.96 -39.76 36.43
CA VAL C 458 -15.40 -39.78 36.57
C VAL C 458 -15.80 -38.31 36.71
N HIS C 459 -16.80 -37.88 35.92
CA HIS C 459 -17.28 -36.52 35.99
C HIS C 459 -18.69 -36.50 36.58
N ASP C 460 -18.78 -36.33 37.90
CA ASP C 460 -20.09 -36.28 38.59
C ASP C 460 -20.88 -35.01 38.29
N ASP C 461 -20.14 -33.90 38.17
CA ASP C 461 -20.70 -32.60 37.89
C ASP C 461 -19.84 -31.93 36.80
N LEU C 462 -20.47 -31.62 35.67
CA LEU C 462 -19.76 -31.07 34.51
C LEU C 462 -19.12 -29.71 34.80
N LYS C 463 -19.55 -29.06 35.88
CA LYS C 463 -19.07 -27.74 36.27
C LYS C 463 -18.05 -27.78 37.40
N VAL C 464 -17.77 -28.99 37.90
CA VAL C 464 -16.84 -29.16 39.00
C VAL C 464 -15.76 -30.16 38.62
N GLY C 465 -14.50 -29.76 38.83
CA GLY C 465 -13.35 -30.59 38.50
C GLY C 465 -13.24 -31.83 39.37
N PRO C 466 -12.85 -32.96 38.76
CA PRO C 466 -12.64 -34.20 39.51
C PRO C 466 -11.47 -34.07 40.48
N LYS C 467 -11.54 -34.82 41.57
CA LYS C 467 -10.54 -34.76 42.63
C LYS C 467 -9.38 -35.71 42.34
N LYS C 468 -9.63 -36.75 41.56
CA LYS C 468 -8.66 -37.80 41.30
C LYS C 468 -8.82 -38.47 39.93
N HIS C 470 -8.24 -41.84 37.32
CA HIS C 470 -8.61 -43.25 37.46
C HIS C 470 -7.54 -44.09 38.14
N VAL C 471 -6.36 -44.13 37.53
CA VAL C 471 -5.27 -45.00 37.95
C VAL C 471 -4.01 -44.17 37.82
N PRO C 472 -3.50 -43.66 38.96
CA PRO C 472 -2.34 -42.77 39.03
C PRO C 472 -1.07 -43.34 38.37
N SER C 473 -0.90 -44.66 38.36
CA SER C 473 0.32 -45.25 37.76
C SER C 473 0.23 -45.37 36.23
N TYR C 474 -0.94 -45.07 35.66
CA TYR C 474 -1.06 -44.95 34.21
C TYR C 474 -0.60 -43.56 33.75
N SER C 475 -0.23 -43.46 32.48
CA SER C 475 0.09 -42.16 31.88
C SER C 475 -1.09 -41.65 31.04
N SER C 476 -1.50 -42.41 30.03
CA SER C 476 -2.63 -42.03 29.19
C SER C 476 -3.71 -43.10 29.19
N GLY C 477 -4.97 -42.68 29.34
CA GLY C 477 -6.09 -43.59 29.16
C GLY C 477 -6.51 -43.51 27.71
N THR C 478 -6.51 -44.62 27.00
CA THR C 478 -6.71 -44.62 25.54
C THR C 478 -8.07 -45.16 25.11
N GLY C 479 -8.68 -45.96 25.96
CA GLY C 479 -9.99 -46.53 25.67
C GLY C 479 -10.78 -46.82 26.94
N ILE C 480 -12.08 -46.66 26.86
CA ILE C 480 -12.97 -46.99 27.98
C ILE C 480 -14.29 -47.49 27.43
N ASP C 481 -14.89 -48.44 28.14
CA ASP C 481 -16.23 -48.92 27.82
C ASP C 481 -16.92 -49.41 29.08
N TYR C 482 -18.25 -49.47 29.03
CA TYR C 482 -19.08 -49.94 30.14
C TYR C 482 -19.98 -51.04 29.59
N ALA C 483 -20.42 -51.95 30.44
CA ALA C 483 -21.42 -52.96 30.07
C ALA C 483 -22.79 -52.29 29.98
N GLU C 484 -23.39 -52.28 28.79
CA GLU C 484 -24.64 -51.56 28.58
C GLU C 484 -25.74 -51.94 29.59
N LEU C 485 -25.83 -53.22 29.92
CA LEU C 485 -26.88 -53.70 30.81
C LEU C 485 -26.40 -53.85 32.25
N VAL C 486 -25.09 -53.73 32.46
CA VAL C 486 -24.49 -53.72 33.81
C VAL C 486 -23.60 -52.46 33.94
N PRO C 487 -24.22 -51.26 33.89
CA PRO C 487 -23.52 -49.97 33.67
C PRO C 487 -22.42 -49.66 34.69
N ASN C 488 -22.50 -50.24 35.88
CA ASN C 488 -21.45 -50.11 36.89
C ASN C 488 -20.13 -50.82 36.52
N PHE C 489 -20.21 -51.81 35.62
CA PHE C 489 -19.00 -52.51 35.17
C PHE C 489 -18.34 -51.79 33.98
N ALA C 491 -14.33 -51.04 31.77
CA ALA C 491 -12.94 -51.39 31.49
C ALA C 491 -12.21 -50.19 30.92
N LEU C 492 -11.00 -49.97 31.41
CA LEU C 492 -10.14 -48.90 30.94
C LEU C 492 -8.81 -49.46 30.47
N VAL C 493 -8.42 -49.12 29.25
CA VAL C 493 -7.08 -49.49 28.74
C VAL C 493 -6.18 -48.26 28.66
N ALA C 494 -4.89 -48.47 28.86
CA ALA C 494 -3.99 -47.34 29.06
C ALA C 494 -2.56 -47.59 28.64
N LYS C 495 -1.81 -46.50 28.56
CA LYS C 495 -0.37 -46.57 28.50
C LYS C 495 0.17 -46.25 29.89
N ALA C 496 1.37 -46.72 30.20
CA ALA C 496 1.99 -46.47 31.50
C ALA C 496 3.48 -46.24 31.34
N VAL C 501 3.13 -52.07 35.89
CA VAL C 501 1.68 -52.02 36.11
C VAL C 501 0.92 -52.65 34.94
N LYS C 502 -0.15 -53.39 35.26
CA LYS C 502 -1.00 -54.01 34.24
C LYS C 502 -1.93 -52.97 33.62
N LYS C 503 -1.95 -52.93 32.29
CA LYS C 503 -2.44 -51.77 31.55
C LYS C 503 -3.89 -51.84 31.08
N ILE C 504 -4.63 -52.78 31.64
CA ILE C 504 -6.09 -52.75 31.64
C ILE C 504 -6.53 -52.70 33.11
N SER C 505 -7.61 -51.97 33.36
CA SER C 505 -8.24 -51.91 34.66
C SER C 505 -9.73 -52.20 34.53
N PHE C 506 -10.33 -52.70 35.61
CA PHE C 506 -11.77 -52.91 35.65
C PHE C 506 -12.39 -52.19 36.85
N SER C 507 -13.66 -51.85 36.72
CA SER C 507 -14.39 -51.18 37.79
C SER C 507 -15.78 -51.78 37.92
N TYR C 508 -16.24 -51.96 39.17
CA TYR C 508 -17.59 -52.44 39.45
C TYR C 508 -18.48 -51.35 40.04
N ASP C 509 -17.91 -50.17 40.27
CA ASP C 509 -18.70 -49.06 40.80
C ASP C 509 -18.80 -47.86 39.86
N GLY C 510 -18.87 -48.15 38.56
CA GLY C 510 -19.06 -47.11 37.54
C GLY C 510 -17.86 -46.19 37.35
N GLY C 511 -16.67 -46.72 37.67
CA GLY C 511 -15.43 -46.00 37.41
C GLY C 511 -14.85 -45.25 38.59
N ARG C 512 -15.52 -45.31 39.74
CA ARG C 512 -15.04 -44.64 40.93
C ARG C 512 -13.74 -45.26 41.43
N ASN C 513 -13.66 -46.59 41.37
CA ASN C 513 -12.48 -47.33 41.80
C ASN C 513 -12.11 -48.44 40.82
N TRP C 514 -10.81 -48.66 40.64
CA TRP C 514 -10.34 -49.61 39.63
C TRP C 514 -9.42 -50.65 40.24
N PHE C 515 -9.42 -51.85 39.64
CA PHE C 515 -8.40 -52.87 39.94
C PHE C 515 -7.80 -53.40 38.65
N GLN C 516 -6.54 -53.83 38.73
CA GLN C 516 -5.84 -54.42 37.59
C GLN C 516 -5.83 -55.94 37.73
N PRO C 517 -6.02 -56.66 36.61
CA PRO C 517 -5.97 -58.12 36.63
C PRO C 517 -4.54 -58.61 36.78
N PRO C 518 -4.33 -59.93 36.96
CA PRO C 518 -2.94 -60.40 36.99
C PRO C 518 -2.27 -60.46 35.61
N ASN C 519 -3.06 -60.49 34.54
CA ASN C 519 -2.51 -60.69 33.19
C ASN C 519 -3.07 -59.72 32.15
N GLU C 520 -2.26 -59.46 31.13
CA GLU C 520 -2.63 -58.59 30.01
C GLU C 520 -2.86 -59.41 28.75
N ALA C 521 -3.63 -58.86 27.83
CA ALA C 521 -3.62 -59.33 26.44
C ALA C 521 -2.18 -59.15 25.90
N PRO C 522 -1.75 -59.97 24.93
CA PRO C 522 -0.42 -59.74 24.38
C PRO C 522 -0.30 -58.30 23.83
N ASN C 523 0.73 -57.59 24.25
CA ASN C 523 0.87 -56.17 23.91
C ASN C 523 2.30 -55.67 24.04
N SER C 524 2.61 -54.60 23.32
CA SER C 524 3.93 -53.97 23.45
C SER C 524 3.90 -52.75 24.40
N VAL C 525 2.89 -51.89 24.27
CA VAL C 525 2.83 -50.61 25.00
C VAL C 525 1.49 -50.38 25.71
N GLY C 526 0.69 -51.44 25.86
CA GLY C 526 -0.68 -51.33 26.36
C GLY C 526 -1.54 -50.57 25.37
N GLY C 527 -2.33 -49.64 25.88
CA GLY C 527 -3.11 -48.73 25.06
C GLY C 527 -4.12 -49.39 24.13
N GLY C 528 -4.39 -48.73 23.01
CA GLY C 528 -5.39 -49.20 22.07
C GLY C 528 -6.81 -48.95 22.55
N SER C 529 -7.71 -49.88 22.26
CA SER C 529 -9.11 -49.71 22.59
C SER C 529 -9.70 -50.90 23.34
N VAL C 530 -10.89 -50.70 23.90
CA VAL C 530 -11.55 -51.73 24.67
C VAL C 530 -13.04 -51.78 24.34
N ALA C 531 -13.60 -52.99 24.31
CA ALA C 531 -15.02 -53.22 24.10
C ALA C 531 -15.51 -54.19 25.18
N VAL C 532 -16.62 -53.82 25.83
CA VAL C 532 -17.19 -54.57 26.94
C VAL C 532 -18.57 -55.14 26.56
N ALA C 533 -18.76 -56.43 26.82
CA ALA C 533 -20.02 -57.12 26.54
C ALA C 533 -21.21 -56.44 27.23
N ALA C 534 -22.37 -56.48 26.57
CA ALA C 534 -23.60 -55.86 27.08
C ALA C 534 -23.95 -56.35 28.49
N ASP C 535 -23.67 -57.63 28.74
CA ASP C 535 -23.91 -58.26 30.04
C ASP C 535 -22.67 -58.37 30.93
N ALA C 536 -21.56 -57.74 30.52
CA ALA C 536 -20.32 -57.71 31.30
C ALA C 536 -19.59 -59.06 31.41
N LYS C 537 -19.99 -60.04 30.60
CA LYS C 537 -19.41 -61.39 30.68
C LYS C 537 -18.10 -61.56 29.90
N SER C 538 -17.82 -60.67 28.97
CA SER C 538 -16.53 -60.66 28.27
C SER C 538 -16.05 -59.25 27.90
N VAL C 539 -14.74 -59.11 27.74
CA VAL C 539 -14.11 -57.83 27.40
C VAL C 539 -13.05 -58.10 26.33
N ILE C 540 -13.13 -57.37 25.22
CA ILE C 540 -12.11 -57.45 24.17
C ILE C 540 -11.17 -56.23 24.24
N TRP C 541 -9.90 -56.50 24.48
CA TRP C 541 -8.84 -55.50 24.45
C TRP C 541 -8.12 -55.60 23.10
N THR C 542 -8.13 -54.50 22.34
CA THR C 542 -7.30 -54.39 21.15
C THR C 542 -6.13 -53.42 21.44
N PRO C 543 -5.01 -53.94 21.97
CA PRO C 543 -3.92 -53.04 22.38
C PRO C 543 -3.24 -52.42 21.17
N GLU C 544 -2.53 -51.32 21.40
CA GLU C 544 -1.84 -50.64 20.30
C GLU C 544 -0.84 -51.57 19.62
N ASN C 545 -0.93 -51.63 18.29
CA ASN C 545 -0.09 -52.50 17.45
C ASN C 545 -0.16 -53.98 17.80
N ALA C 546 -1.33 -54.42 18.23
CA ALA C 546 -1.53 -55.81 18.61
C ALA C 546 -2.95 -56.21 18.24
N SER C 547 -3.23 -57.50 18.32
CA SER C 547 -4.50 -58.05 17.87
C SER C 547 -5.53 -58.07 18.99
N PRO C 548 -6.83 -57.96 18.64
CA PRO C 548 -7.89 -58.11 19.64
C PRO C 548 -7.69 -59.40 20.43
N ALA C 549 -7.85 -59.31 21.74
CA ALA C 549 -7.87 -60.45 22.62
C ALA C 549 -9.04 -60.33 23.59
N VAL C 550 -9.69 -61.46 23.88
CA VAL C 550 -10.88 -61.49 24.73
C VAL C 550 -10.60 -62.15 26.07
N THR C 551 -11.24 -61.64 27.11
CA THR C 551 -11.26 -62.28 28.41
C THR C 551 -12.69 -62.56 28.86
N THR C 552 -12.90 -63.71 29.50
CA THR C 552 -14.18 -64.06 30.13
C THR C 552 -13.87 -64.21 31.62
N ASP C 553 -12.68 -63.72 31.99
CA ASP C 553 -11.97 -64.01 33.23
C ASP C 553 -11.83 -62.77 34.11
N ASN C 554 -12.34 -61.63 33.64
CA ASN C 554 -11.88 -60.32 34.11
C ASN C 554 -10.34 -60.26 34.08
N GLY C 555 -9.75 -60.79 33.01
CA GLY C 555 -8.32 -60.68 32.77
C GLY C 555 -7.39 -61.65 33.50
N ASN C 556 -7.94 -62.71 34.09
CA ASN C 556 -7.08 -63.78 34.62
C ASN C 556 -6.39 -64.47 33.46
N SER C 557 -7.12 -64.61 32.35
CA SER C 557 -6.57 -65.17 31.13
C SER C 557 -7.14 -64.46 29.91
N TRP C 558 -6.34 -64.48 28.84
CA TRP C 558 -6.69 -63.84 27.58
C TRP C 558 -6.58 -64.80 26.40
N LYS C 559 -7.41 -64.56 25.39
CA LYS C 559 -7.48 -65.40 24.22
C LYS C 559 -7.54 -64.52 22.99
N VAL C 560 -6.59 -64.69 22.07
CA VAL C 560 -6.55 -63.90 20.84
C VAL C 560 -7.78 -64.27 19.99
N CYS C 561 -8.51 -63.25 19.53
CA CYS C 561 -9.72 -63.43 18.75
C CYS C 561 -9.39 -63.96 17.35
N THR C 562 -10.09 -65.01 16.93
CA THR C 562 -9.88 -65.58 15.59
C THR C 562 -10.28 -64.58 14.50
N ASN C 563 -9.50 -64.57 13.42
CA ASN C 563 -9.81 -63.87 12.17
C ASN C 563 -9.60 -62.35 12.18
N LEU C 564 -9.08 -61.82 13.28
CA LEU C 564 -8.79 -60.40 13.35
C LEU C 564 -7.29 -60.17 13.47
N GLY C 565 -6.90 -58.92 13.67
CA GLY C 565 -5.49 -58.57 13.81
C GLY C 565 -5.27 -57.10 14.10
N GLY C 567 -4.87 -53.23 14.13
CA GLY C 567 -5.62 -52.15 13.49
C GLY C 567 -7.12 -52.37 13.38
N ALA C 568 -7.58 -53.57 13.74
CA ALA C 568 -9.03 -53.87 13.73
C ALA C 568 -9.78 -52.93 14.67
N VAL C 569 -10.97 -52.51 14.24
CA VAL C 569 -11.79 -51.56 14.99
C VAL C 569 -12.96 -52.34 15.60
N VAL C 570 -12.88 -52.60 16.91
CA VAL C 570 -13.83 -53.48 17.60
C VAL C 570 -14.87 -52.70 18.42
N ALA C 571 -16.14 -53.14 18.32
CA ALA C 571 -17.23 -52.65 19.16
C ALA C 571 -18.11 -53.80 19.62
N SER C 572 -18.69 -53.67 20.82
CA SER C 572 -19.62 -54.66 21.35
C SER C 572 -21.06 -54.26 21.02
N ASP C 573 -21.92 -55.27 20.88
CA ASP C 573 -23.37 -55.03 20.78
C ASP C 573 -23.87 -54.51 22.13
N ARG C 574 -24.89 -53.67 22.11
CA ARG C 574 -25.41 -53.03 23.33
C ARG C 574 -26.62 -53.77 23.94
N VAL C 575 -27.08 -54.80 23.25
CA VAL C 575 -28.21 -55.59 23.74
C VAL C 575 -27.74 -57.00 24.05
N ASN C 576 -27.16 -57.67 23.05
CA ASN C 576 -26.71 -59.05 23.18
C ASN C 576 -25.24 -59.19 23.57
N GLY C 577 -25.00 -59.67 24.80
CA GLY C 577 -23.64 -59.83 25.35
C GLY C 577 -22.76 -60.85 24.64
N LYS C 578 -23.36 -61.66 23.76
CA LYS C 578 -22.62 -62.63 22.97
C LYS C 578 -22.14 -62.02 21.65
N LYS C 579 -22.68 -60.84 21.32
CA LYS C 579 -22.38 -60.21 20.04
C LYS C 579 -21.34 -59.08 20.12
N PHE C 580 -20.31 -59.22 19.29
CA PHE C 580 -19.30 -58.20 19.09
C PHE C 580 -19.13 -58.01 17.59
N TYR C 581 -18.57 -56.87 17.21
CA TYR C 581 -18.36 -56.50 15.80
C TYR C 581 -16.95 -55.97 15.59
N ALA C 582 -16.46 -56.09 14.35
CA ALA C 582 -15.14 -55.58 13.99
C ALA C 582 -15.04 -55.26 12.52
N PHE C 583 -14.44 -54.11 12.23
CA PHE C 583 -14.06 -53.76 10.87
C PHE C 583 -12.56 -53.96 10.82
N TYR C 584 -12.13 -54.87 9.97
CA TYR C 584 -10.72 -55.25 9.90
C TYR C 584 -10.30 -55.48 8.46
N ASN C 585 -9.19 -54.82 8.08
CA ASN C 585 -8.60 -54.90 6.73
C ASN C 585 -9.64 -54.87 5.60
N GLY C 586 -10.52 -53.87 5.64
CA GLY C 586 -11.53 -53.66 4.60
C GLY C 586 -12.76 -54.55 4.70
N LYS C 587 -12.81 -55.42 5.70
CA LYS C 587 -13.93 -56.37 5.83
C LYS C 587 -14.64 -56.26 7.19
N PHE C 588 -15.93 -56.61 7.21
CA PHE C 588 -16.70 -56.60 8.46
C PHE C 588 -16.84 -57.99 9.06
N TYR C 589 -16.75 -58.07 10.39
CA TYR C 589 -16.78 -59.33 11.12
C TYR C 589 -17.80 -59.30 12.25
N ILE C 590 -18.44 -60.44 12.49
CA ILE C 590 -19.36 -60.59 13.62
C ILE C 590 -18.93 -61.76 14.51
N SER C 591 -19.08 -61.57 15.82
CA SER C 591 -18.89 -62.64 16.78
C SER C 591 -20.22 -62.91 17.49
N THR C 592 -20.56 -64.18 17.67
CA THR C 592 -21.79 -64.57 18.36
C THR C 592 -21.53 -65.47 19.58
N ASP C 593 -20.26 -65.61 19.95
CA ASP C 593 -19.86 -66.41 21.10
C ASP C 593 -19.08 -65.58 22.13
N GLY C 594 -19.39 -64.29 22.19
CA GLY C 594 -18.81 -63.39 23.18
C GLY C 594 -17.42 -62.85 22.87
N GLY C 595 -17.05 -62.88 21.60
CA GLY C 595 -15.76 -62.36 21.15
C GLY C 595 -14.65 -63.39 20.98
N LEU C 596 -14.95 -64.66 21.22
CA LEU C 596 -13.96 -65.74 21.04
C LEU C 596 -13.59 -65.90 19.57
N THR C 597 -14.61 -65.91 18.72
CA THR C 597 -14.40 -66.14 17.29
C THR C 597 -15.15 -65.11 16.44
N PHE C 598 -14.51 -64.63 15.39
CA PHE C 598 -15.14 -63.70 14.47
C PHE C 598 -15.30 -64.32 13.09
N THR C 599 -16.37 -63.95 12.39
CA THR C 599 -16.64 -64.45 11.06
C THR C 599 -16.88 -63.26 10.14
N ASP C 600 -16.24 -63.30 8.97
CA ASP C 600 -16.45 -62.34 7.89
C ASP C 600 -17.93 -62.42 7.46
N THR C 601 -18.62 -61.28 7.54
CA THR C 601 -20.04 -61.20 7.15
C THR C 601 -20.23 -61.20 5.64
N LYS C 602 -19.15 -60.89 4.91
CA LYS C 602 -19.18 -60.79 3.44
C LYS C 602 -20.06 -59.65 2.93
N ALA C 603 -20.15 -58.57 3.69
CA ALA C 603 -20.99 -57.41 3.28
C ALA C 603 -20.64 -56.94 1.87
N PRO C 604 -21.64 -56.88 0.97
CA PRO C 604 -21.41 -56.54 -0.43
C PRO C 604 -20.88 -55.13 -0.67
N GLN C 605 -21.20 -54.20 0.24
CA GLN C 605 -20.75 -52.81 0.14
C GLN C 605 -20.24 -52.28 1.47
N LEU C 606 -18.99 -51.83 1.46
CA LEU C 606 -18.32 -51.30 2.65
C LEU C 606 -17.40 -50.15 2.25
N PRO C 607 -17.07 -49.25 3.20
CA PRO C 607 -16.04 -48.27 2.88
C PRO C 607 -14.66 -48.94 2.92
N LYS C 608 -13.65 -48.30 2.34
CA LYS C 608 -12.29 -48.87 2.31
C LYS C 608 -11.68 -48.98 3.70
N SER C 609 -11.97 -47.99 4.54
CA SER C 609 -11.48 -47.95 5.90
C SER C 609 -12.46 -47.20 6.81
N VAL C 610 -12.32 -47.42 8.12
CA VAL C 610 -13.11 -46.70 9.10
C VAL C 610 -12.22 -46.18 10.23
N ASN C 611 -12.65 -45.08 10.83
CA ASN C 611 -11.99 -44.57 12.03
C ASN C 611 -12.60 -45.23 13.28
N LYS C 612 -13.93 -45.32 13.29
CA LYS C 612 -14.66 -45.84 14.45
C LYS C 612 -15.87 -46.63 13.97
N ILE C 613 -16.25 -47.62 14.77
CA ILE C 613 -17.54 -48.28 14.63
C ILE C 613 -18.22 -48.27 16.00
N LYS C 614 -19.55 -48.25 16.01
CA LYS C 614 -20.28 -48.18 17.28
C LYS C 614 -21.68 -48.77 17.14
N ALA C 615 -22.05 -49.60 18.12
CA ALA C 615 -23.38 -50.20 18.17
C ALA C 615 -24.35 -49.36 19.02
N VAL C 616 -25.65 -49.49 18.75
CA VAL C 616 -26.66 -48.62 19.34
C VAL C 616 -27.29 -49.25 20.58
N PRO C 617 -27.34 -48.52 21.72
CA PRO C 617 -28.10 -48.99 22.89
C PRO C 617 -29.57 -49.23 22.55
N GLY C 618 -30.10 -50.39 22.98
CA GLY C 618 -31.48 -50.77 22.74
C GLY C 618 -31.84 -51.25 21.34
N LYS C 619 -30.83 -51.37 20.47
CA LYS C 619 -31.05 -51.84 19.09
C LYS C 619 -30.04 -52.93 18.70
N GLU C 620 -30.40 -54.20 18.93
CA GLU C 620 -29.51 -55.32 18.63
C GLU C 620 -29.20 -55.41 17.13
N GLY C 621 -27.91 -55.54 16.80
CA GLY C 621 -27.49 -55.65 15.42
C GLY C 621 -27.45 -54.35 14.66
N HIS C 622 -27.58 -53.23 15.38
CA HIS C 622 -27.47 -51.89 14.80
C HIS C 622 -26.04 -51.37 15.00
N VAL C 623 -25.29 -51.28 13.92
CA VAL C 623 -23.89 -50.85 13.96
C VAL C 623 -23.67 -49.74 12.96
N TRP C 624 -23.00 -48.67 13.41
CA TRP C 624 -22.68 -47.56 12.52
C TRP C 624 -21.18 -47.48 12.24
N LEU C 625 -20.83 -47.07 11.03
CA LEU C 625 -19.43 -46.92 10.62
C LEU C 625 -19.14 -45.45 10.38
N ALA C 626 -18.12 -44.96 11.07
CA ALA C 626 -17.60 -43.62 10.88
C ALA C 626 -16.32 -43.73 10.07
N ALA C 627 -16.42 -43.47 8.77
CA ALA C 627 -15.35 -43.77 7.81
C ALA C 627 -14.60 -42.53 7.32
N ARG C 628 -14.67 -41.45 8.11
CA ARG C 628 -14.10 -40.16 7.74
C ARG C 628 -14.68 -39.69 6.39
N GLU C 629 -13.81 -39.34 5.44
CA GLU C 629 -14.25 -38.90 4.12
C GLU C 629 -14.93 -40.04 3.33
N GLY C 630 -14.82 -41.27 3.83
CA GLY C 630 -15.57 -42.41 3.28
C GLY C 630 -17.04 -42.40 3.69
N GLY C 631 -17.43 -41.41 4.50
CA GLY C 631 -18.83 -41.17 4.84
C GLY C 631 -19.31 -41.81 6.13
N LEU C 632 -20.63 -41.94 6.25
CA LEU C 632 -21.27 -42.56 7.41
C LEU C 632 -22.15 -43.73 6.94
N TRP C 633 -21.97 -44.90 7.56
CA TRP C 633 -22.66 -46.11 7.13
C TRP C 633 -23.46 -46.74 8.28
N ARG C 634 -24.61 -47.32 7.95
CA ARG C 634 -25.43 -48.02 8.94
C ARG C 634 -25.79 -49.45 8.53
N SER C 635 -25.75 -50.36 9.50
CA SER C 635 -26.32 -51.69 9.36
C SER C 635 -27.39 -51.90 10.43
N THR C 636 -28.41 -52.70 10.09
CA THR C 636 -29.47 -53.07 11.03
C THR C 636 -29.57 -54.60 11.19
N ASP C 637 -28.68 -55.33 10.53
CA ASP C 637 -28.71 -56.79 10.60
C ASP C 637 -27.41 -57.45 11.10
N GLY C 638 -26.67 -56.75 11.95
CA GLY C 638 -25.44 -57.29 12.53
C GLY C 638 -24.21 -57.21 11.64
N GLY C 639 -24.29 -56.39 10.60
CA GLY C 639 -23.16 -56.12 9.73
C GLY C 639 -23.06 -56.97 8.49
N TYR C 640 -24.15 -57.68 8.16
CA TYR C 640 -24.22 -58.48 6.93
C TYR C 640 -24.47 -57.60 5.72
N THR C 641 -25.18 -56.49 5.93
CA THR C 641 -25.39 -55.50 4.88
C THR C 641 -25.29 -54.09 5.47
N PHE C 642 -24.65 -53.19 4.72
CA PHE C 642 -24.50 -51.78 5.12
C PHE C 642 -25.08 -50.83 4.09
N GLU C 643 -25.61 -49.71 4.58
CA GLU C 643 -26.07 -48.61 3.75
C GLU C 643 -25.23 -47.37 4.04
N LYS C 644 -24.59 -46.84 3.00
CA LYS C 644 -23.95 -45.54 3.07
C LYS C 644 -25.00 -44.43 3.01
N LEU C 645 -25.06 -43.61 4.05
CA LEU C 645 -25.99 -42.48 4.08
C LEU C 645 -25.51 -41.42 3.10
N SER C 646 -26.38 -41.07 2.16
CA SER C 646 -26.03 -40.20 1.04
C SER C 646 -25.97 -38.72 1.41
N ASN C 647 -26.56 -38.37 2.55
CA ASN C 647 -26.59 -36.98 2.99
C ASN C 647 -25.45 -36.57 3.93
N VAL C 648 -24.49 -37.47 4.13
CA VAL C 648 -23.29 -37.16 4.93
C VAL C 648 -22.03 -37.32 4.07
N ASP C 649 -21.18 -36.28 4.03
CA ASP C 649 -19.93 -36.33 3.27
C ASP C 649 -18.82 -37.00 4.08
N THR C 650 -18.58 -36.45 5.27
CA THR C 650 -17.52 -36.92 6.15
C THR C 650 -18.07 -37.11 7.56
N ALA C 651 -17.75 -38.25 8.15
CA ALA C 651 -18.09 -38.55 9.53
C ALA C 651 -16.89 -39.19 10.22
N HIS C 652 -16.19 -38.42 11.05
CA HIS C 652 -14.97 -38.90 11.71
C HIS C 652 -15.23 -39.84 12.88
N VAL C 653 -16.27 -39.50 13.66
CA VAL C 653 -16.69 -40.26 14.83
C VAL C 653 -18.22 -40.25 14.90
N VAL C 654 -18.80 -41.24 15.58
CA VAL C 654 -20.26 -41.35 15.69
C VAL C 654 -20.67 -41.71 17.13
N GLY C 655 -21.73 -41.07 17.62
CA GLY C 655 -22.21 -41.25 18.99
C GLY C 655 -23.71 -41.16 19.07
N PHE C 656 -24.27 -41.59 20.20
CA PHE C 656 -25.73 -41.63 20.42
C PHE C 656 -26.13 -41.05 21.76
N GLY C 657 -27.26 -40.34 21.77
CA GLY C 657 -27.85 -39.82 22.99
C GLY C 657 -29.35 -40.01 23.03
N LYS C 658 -29.98 -39.58 24.12
CA LYS C 658 -31.42 -39.73 24.31
C LYS C 658 -32.21 -39.36 23.05
N ALA C 659 -33.20 -40.18 22.71
CA ALA C 659 -34.08 -39.93 21.59
C ALA C 659 -34.81 -38.60 21.73
N ALA C 660 -35.10 -37.97 20.60
CA ALA C 660 -35.91 -36.75 20.58
C ALA C 660 -37.35 -37.06 21.00
N PRO C 661 -38.08 -36.07 21.55
CA PRO C 661 -39.47 -36.35 21.92
C PRO C 661 -40.27 -36.88 20.74
N GLY C 662 -40.90 -38.04 20.92
CA GLY C 662 -41.73 -38.65 19.86
C GLY C 662 -40.99 -39.54 18.87
N GLN C 663 -39.66 -39.52 18.92
CA GLN C 663 -38.84 -40.33 18.00
C GLN C 663 -38.52 -41.68 18.60
N ASP C 664 -38.49 -42.71 17.75
CA ASP C 664 -38.19 -44.07 18.18
C ASP C 664 -36.69 -44.38 18.21
N TYR C 665 -35.90 -43.55 17.53
CA TYR C 665 -34.44 -43.74 17.50
C TYR C 665 -33.70 -42.71 18.35
N ALA C 667 -30.90 -40.07 19.28
CA ALA C 667 -30.28 -39.03 18.49
C ALA C 667 -28.86 -39.45 18.13
N ILE C 668 -28.44 -39.13 16.91
CA ILE C 668 -27.11 -39.50 16.43
C ILE C 668 -26.26 -38.23 16.34
N TYR C 669 -25.03 -38.32 16.84
CA TYR C 669 -24.10 -37.21 16.79
C TYR C 669 -22.85 -37.62 16.03
N ILE C 670 -22.38 -36.72 15.17
CA ILE C 670 -21.13 -36.91 14.44
C ILE C 670 -20.33 -35.62 14.39
N THR C 671 -19.03 -35.77 14.15
CA THR C 671 -18.21 -34.66 13.70
C THR C 671 -17.80 -34.96 12.27
N GLY C 672 -17.72 -33.91 11.45
CA GLY C 672 -17.21 -34.07 10.09
C GLY C 672 -17.70 -32.99 9.17
N LYS C 673 -18.31 -33.41 8.06
CA LYS C 673 -18.73 -32.50 7.00
C LYS C 673 -20.05 -32.92 6.38
N ILE C 674 -20.95 -31.97 6.28
CA ILE C 674 -22.17 -32.05 5.53
C ILE C 674 -22.43 -30.83 4.66
N ASP C 675 -22.75 -31.05 3.40
CA ASP C 675 -22.93 -29.97 2.43
C ASP C 675 -21.84 -28.92 2.42
N ASN C 676 -20.60 -29.30 2.32
CA ASN C 676 -19.54 -28.31 2.48
C ASN C 676 -19.38 -27.45 3.77
N VAL C 677 -20.08 -27.81 4.84
CA VAL C 677 -19.96 -27.22 6.13
C VAL C 677 -19.26 -28.17 7.09
N LEU C 678 -18.20 -27.69 7.70
CA LEU C 678 -17.46 -28.46 8.71
C LEU C 678 -18.05 -28.18 10.09
N GLY C 679 -18.09 -29.20 10.94
CA GLY C 679 -18.56 -29.04 12.32
C GLY C 679 -19.16 -30.27 12.97
N PHE C 680 -20.12 -30.05 13.87
CA PHE C 680 -20.80 -31.13 14.58
C PHE C 680 -22.27 -31.15 14.15
N PHE C 681 -22.83 -32.35 13.98
CA PHE C 681 -24.16 -32.50 13.41
C PHE C 681 -25.00 -33.52 14.17
N ARG C 682 -26.29 -33.24 14.28
CA ARG C 682 -27.24 -34.10 14.97
C ARG C 682 -28.34 -34.58 14.04
N SER C 683 -28.69 -35.86 14.16
CA SER C 683 -29.89 -36.40 13.51
C SER C 683 -30.85 -36.96 14.57
N ASP C 684 -32.12 -36.57 14.47
CA ASP C 684 -33.13 -37.02 15.42
C ASP C 684 -34.00 -38.14 14.83
N ASP C 685 -33.81 -38.43 13.54
CA ASP C 685 -34.64 -39.36 12.78
C ASP C 685 -33.84 -40.46 12.06
N ALA C 686 -32.95 -41.13 12.80
CA ALA C 686 -32.18 -42.27 12.30
C ALA C 686 -31.30 -41.95 11.08
N GLY C 687 -31.02 -40.66 10.88
CA GLY C 687 -30.09 -40.21 9.84
C GLY C 687 -30.75 -39.70 8.58
N LYS C 688 -32.08 -39.53 8.60
CA LYS C 688 -32.82 -39.05 7.44
C LYS C 688 -32.52 -37.58 7.17
N THR C 689 -32.41 -36.79 8.24
CA THR C 689 -32.06 -35.38 8.16
C THR C 689 -30.99 -35.03 9.20
N TRP C 690 -30.25 -33.95 8.96
CA TRP C 690 -29.20 -33.52 9.87
C TRP C 690 -29.28 -32.03 10.08
N VAL C 691 -28.97 -31.60 11.30
CA VAL C 691 -28.78 -30.18 11.60
C VAL C 691 -27.36 -29.96 12.15
N ARG C 692 -26.75 -28.84 11.80
CA ARG C 692 -25.48 -28.43 12.42
C ARG C 692 -25.74 -27.89 13.82
N ILE C 693 -24.98 -28.40 14.79
CA ILE C 693 -25.16 -27.98 16.19
C ILE C 693 -24.05 -27.07 16.73
N ASN C 694 -22.92 -27.02 16.04
CA ASN C 694 -21.94 -25.98 16.36
C ASN C 694 -22.15 -24.75 15.49
N ASP C 695 -21.17 -23.84 15.50
CA ASP C 695 -21.23 -22.61 14.71
C ASP C 695 -19.81 -22.16 14.43
N ASP C 696 -19.69 -21.05 13.69
CA ASP C 696 -18.39 -20.50 13.30
C ASP C 696 -17.47 -20.17 14.47
N GLU C 697 -18.06 -19.80 15.61
CA GLU C 697 -17.32 -19.40 16.79
C GLU C 697 -16.93 -20.58 17.67
N HIS C 698 -17.42 -21.77 17.35
CA HIS C 698 -17.17 -22.95 18.18
C HIS C 698 -16.67 -24.16 17.39
N GLY C 699 -15.39 -24.12 17.03
CA GLY C 699 -14.75 -25.21 16.29
C GLY C 699 -14.05 -26.20 17.19
N TYR C 700 -13.14 -25.71 18.03
CA TYR C 700 -12.34 -26.51 18.98
C TYR C 700 -11.30 -27.46 18.36
N GLY C 701 -11.05 -27.34 17.06
CA GLY C 701 -9.93 -28.06 16.42
C GLY C 701 -10.20 -29.50 16.02
N ALA C 702 -9.29 -30.40 16.40
CA ALA C 702 -9.36 -31.81 15.98
C ALA C 702 -10.37 -32.56 16.86
N VAL C 703 -11.43 -33.08 16.23
CA VAL C 703 -12.52 -33.73 16.95
C VAL C 703 -12.85 -35.10 16.35
N ASP C 704 -11.80 -35.90 16.15
CA ASP C 704 -11.91 -37.19 15.50
C ASP C 704 -11.48 -38.36 16.39
N THR C 705 -11.62 -38.19 17.71
CA THR C 705 -11.27 -39.27 18.64
C THR C 705 -12.46 -39.89 19.38
N ALA C 706 -13.44 -39.10 19.80
CA ALA C 706 -14.61 -39.63 20.51
C ALA C 706 -15.79 -38.66 20.55
N ILE C 707 -16.98 -39.20 20.31
CA ILE C 707 -18.22 -38.46 20.52
C ILE C 707 -19.28 -39.36 21.18
N THR C 708 -20.06 -38.78 22.09
CA THR C 708 -21.23 -39.43 22.63
C THR C 708 -22.28 -38.42 23.02
N GLY C 709 -23.55 -38.75 22.74
CA GLY C 709 -24.65 -38.07 23.39
C GLY C 709 -24.78 -38.53 24.83
N ASP C 710 -25.86 -38.10 25.48
CA ASP C 710 -26.17 -38.50 26.85
C ASP C 710 -27.50 -39.28 26.81
N PRO C 711 -27.49 -40.55 27.27
CA PRO C 711 -28.73 -41.33 27.28
C PRO C 711 -29.82 -40.76 28.19
N ARG C 712 -29.46 -39.87 29.11
CA ARG C 712 -30.39 -39.30 30.09
C ARG C 712 -30.79 -37.84 29.83
N VAL C 713 -30.17 -37.19 28.84
CA VAL C 713 -30.41 -35.78 28.56
C VAL C 713 -30.52 -35.57 27.05
N TYR C 714 -31.72 -35.23 26.58
CA TYR C 714 -31.89 -35.00 25.15
C TYR C 714 -31.05 -33.80 24.70
N GLY C 715 -30.36 -33.98 23.57
CA GLY C 715 -29.70 -32.88 22.89
C GLY C 715 -28.25 -32.68 23.32
N ARG C 716 -27.91 -33.19 24.50
CA ARG C 716 -26.56 -33.04 25.06
C ARG C 716 -25.56 -33.92 24.32
N VAL C 717 -24.41 -33.33 23.97
CA VAL C 717 -23.35 -34.07 23.31
C VAL C 717 -22.01 -33.76 23.98
N TYR C 718 -21.16 -34.79 24.06
CA TYR C 718 -19.81 -34.64 24.60
C TYR C 718 -18.81 -34.98 23.51
N ILE C 719 -17.87 -34.07 23.29
CA ILE C 719 -16.89 -34.23 22.20
C ILE C 719 -15.48 -34.12 22.74
N ALA C 720 -14.65 -35.10 22.35
CA ALA C 720 -13.25 -35.11 22.68
C ALA C 720 -12.48 -34.20 21.71
N THR C 721 -11.69 -33.29 22.26
CA THR C 721 -10.83 -32.45 21.44
C THR C 721 -9.36 -32.83 21.69
N ASN C 722 -8.48 -32.34 20.84
CA ASN C 722 -7.06 -32.61 20.97
C ASN C 722 -6.33 -31.35 21.45
N GLY C 723 -6.56 -30.96 22.70
CA GLY C 723 -5.90 -29.79 23.28
C GLY C 723 -6.83 -28.72 23.85
N ARG C 724 -8.13 -28.93 23.72
CA ARG C 724 -9.13 -28.08 24.38
C ARG C 724 -10.03 -28.86 25.36
N GLY C 725 -9.51 -29.98 25.87
CA GLY C 725 -10.23 -30.79 26.84
C GLY C 725 -11.51 -31.42 26.29
N ILE C 726 -12.48 -31.61 27.17
CA ILE C 726 -13.77 -32.17 26.81
C ILE C 726 -14.73 -31.01 26.61
N VAL C 727 -15.39 -30.95 25.46
CA VAL C 727 -16.42 -29.96 25.26
C VAL C 727 -17.80 -30.61 25.26
N TYR C 728 -18.80 -29.90 25.77
CA TYR C 728 -20.17 -30.39 25.66
C TYR C 728 -21.11 -29.30 25.18
N GLY C 729 -22.13 -29.71 24.44
CA GLY C 729 -23.13 -28.79 23.92
C GLY C 729 -24.52 -29.25 24.28
N GLU C 730 -25.43 -28.28 24.41
CA GLU C 730 -26.84 -28.50 24.68
C GLU C 730 -27.65 -27.45 23.92
N PRO C 731 -28.86 -27.81 23.46
CA PRO C 731 -29.72 -26.81 22.81
C PRO C 731 -29.94 -25.57 23.67
N ALA C 732 -29.84 -24.39 23.05
CA ALA C 732 -29.96 -23.12 23.75
C ALA C 732 -31.40 -22.64 23.84
N SER C 733 -31.79 -22.21 25.03
CA SER C 733 -33.15 -21.70 25.31
C SER C 733 -33.29 -20.23 24.93
N VAL D 6 -13.14 16.30 -32.84
CA VAL D 6 -12.04 16.92 -33.63
C VAL D 6 -10.94 15.89 -33.96
N THR D 7 -10.58 15.80 -35.23
CA THR D 7 -9.52 14.89 -35.65
C THR D 7 -8.16 15.59 -35.63
N SER D 8 -7.09 14.79 -35.62
CA SER D 8 -5.72 15.30 -35.61
C SER D 8 -5.04 15.11 -36.97
N VAL D 9 -4.07 15.95 -37.28
CA VAL D 9 -3.19 15.76 -38.42
C VAL D 9 -1.73 15.78 -37.94
N PRO D 10 -0.86 14.92 -38.52
CA PRO D 10 0.52 14.85 -38.02
C PRO D 10 1.35 16.11 -38.32
N TYR D 11 1.95 16.67 -37.28
CA TYR D 11 2.82 17.85 -37.38
C TYR D 11 4.21 17.58 -36.81
N LYS D 12 5.19 18.30 -37.34
CA LYS D 12 6.54 18.35 -36.79
C LYS D 12 6.67 19.68 -36.02
N TRP D 13 7.06 19.59 -34.74
CA TRP D 13 7.22 20.76 -33.88
C TRP D 13 8.67 20.97 -33.53
N ASP D 14 9.06 22.23 -33.43
CA ASP D 14 10.41 22.61 -33.03
C ASP D 14 10.43 24.09 -32.60
N ASN D 15 11.53 24.50 -31.96
CA ASN D 15 11.77 25.90 -31.65
C ASN D 15 12.34 26.65 -32.83
N VAL D 16 11.87 27.89 -33.01
CA VAL D 16 12.62 28.86 -33.81
C VAL D 16 13.83 29.24 -32.96
N VAL D 17 15.01 29.23 -33.57
CA VAL D 17 16.24 29.43 -32.81
C VAL D 17 16.45 30.90 -32.47
N ILE D 18 16.51 31.18 -31.17
CA ILE D 18 17.01 32.44 -30.64
C ILE D 18 18.44 32.18 -30.18
N GLY D 19 18.65 31.04 -29.52
CA GLY D 19 19.99 30.61 -29.09
C GLY D 19 20.36 31.06 -27.69
N GLY D 20 21.08 30.20 -26.98
CA GLY D 20 21.66 30.55 -25.67
C GLY D 20 20.73 30.67 -24.49
N GLY D 21 19.51 30.15 -24.60
CA GLY D 21 18.56 30.18 -23.47
C GLY D 21 17.65 31.40 -23.52
N GLY D 22 18.18 32.54 -23.10
CA GLY D 22 17.41 33.79 -23.15
C GLY D 22 16.78 34.24 -21.83
N GLY D 23 16.78 33.36 -20.83
CA GLY D 23 16.22 33.66 -19.52
C GLY D 23 17.04 33.11 -18.37
N PHE D 24 16.44 33.05 -17.20
CA PHE D 24 17.10 32.61 -15.98
C PHE D 24 16.85 31.12 -15.73
N PRO D 26 17.63 28.88 -12.88
CA PRO D 26 18.10 28.96 -11.47
C PRO D 26 19.03 27.85 -11.00
N GLY D 27 19.06 26.72 -11.71
CA GLY D 27 19.85 25.59 -11.25
C GLY D 27 20.34 24.62 -12.32
N ILE D 28 21.54 24.10 -12.08
CA ILE D 28 22.17 23.06 -12.87
C ILE D 28 22.54 21.94 -11.90
N VAL D 29 22.22 20.70 -12.27
CA VAL D 29 22.47 19.57 -11.40
C VAL D 29 23.20 18.43 -12.12
N PHE D 30 24.42 18.16 -11.68
CA PHE D 30 25.17 17.01 -12.19
C PHE D 30 24.83 15.76 -11.41
N ASN D 31 24.66 14.64 -12.10
CA ASN D 31 24.60 13.35 -11.42
C ASN D 31 25.98 13.01 -10.82
N GLU D 32 25.98 12.52 -9.58
CA GLU D 32 27.22 12.26 -8.85
C GLU D 32 27.96 11.00 -9.29
N THR D 33 27.27 10.05 -9.93
CA THR D 33 27.91 8.79 -10.29
C THR D 33 27.91 8.50 -11.78
N GLU D 34 27.13 9.26 -12.53
CA GLU D 34 26.99 9.02 -13.95
C GLU D 34 27.60 10.17 -14.73
N LYS D 35 28.78 9.93 -15.29
CA LYS D 35 29.50 10.94 -16.08
C LYS D 35 28.64 11.44 -17.25
N ASP D 36 28.70 12.75 -17.49
CA ASP D 36 28.02 13.44 -18.58
C ASP D 36 26.49 13.47 -18.46
N LEU D 37 25.98 13.10 -17.30
CA LEU D 37 24.55 13.22 -17.04
C LEU D 37 24.30 14.48 -16.22
N ILE D 38 23.64 15.44 -16.85
CA ILE D 38 23.38 16.76 -16.28
C ILE D 38 21.95 17.16 -16.58
N TYR D 39 21.34 17.87 -15.64
CA TYR D 39 20.03 18.46 -15.84
C TYR D 39 20.09 19.95 -15.51
N ALA D 40 19.15 20.70 -16.06
CA ALA D 40 19.04 22.12 -15.76
C ALA D 40 17.56 22.47 -15.55
N ARG D 41 17.30 23.38 -14.62
CA ARG D 41 15.92 23.74 -14.30
C ARG D 41 15.65 25.19 -14.60
N ALA D 42 14.46 25.47 -15.13
CA ALA D 42 14.04 26.83 -15.46
C ALA D 42 13.02 27.34 -14.44
N ASP D 43 12.94 28.66 -14.31
CA ASP D 43 11.91 29.26 -13.47
C ASP D 43 10.53 29.33 -14.14
N ILE D 44 10.50 29.54 -15.46
CA ILE D 44 9.24 29.53 -16.21
C ILE D 44 9.26 28.58 -17.39
N GLY D 45 10.36 27.86 -17.58
CA GLY D 45 10.59 27.15 -18.83
C GLY D 45 10.89 25.67 -18.77
N GLY D 46 10.41 24.99 -17.72
CA GLY D 46 10.56 23.54 -17.64
C GLY D 46 11.96 23.12 -17.26
N ALA D 47 12.40 21.99 -17.80
CA ALA D 47 13.70 21.43 -17.44
C ALA D 47 14.30 20.74 -18.65
N TYR D 48 15.62 20.54 -18.59
CA TYR D 48 16.40 20.00 -19.69
C TYR D 48 17.40 18.95 -19.22
N ARG D 49 17.64 17.96 -20.07
CA ARG D 49 18.72 17.00 -19.87
C ARG D 49 19.82 17.27 -20.90
N TRP D 50 21.06 17.27 -20.45
CA TRP D 50 22.22 17.44 -21.33
C TRP D 50 22.37 16.25 -22.27
N ASP D 51 22.68 16.53 -23.54
CA ASP D 51 23.02 15.50 -24.52
C ASP D 51 24.49 15.64 -24.88
N PRO D 52 25.35 14.76 -24.33
CA PRO D 52 26.77 14.80 -24.65
C PRO D 52 27.08 14.47 -26.12
N SER D 53 26.20 13.72 -26.78
CA SER D 53 26.43 13.34 -28.17
C SER D 53 26.31 14.52 -29.15
N THR D 54 25.64 15.59 -28.74
CA THR D 54 25.45 16.77 -29.58
C THR D 54 25.87 18.06 -28.89
N GLU D 55 26.21 17.96 -27.61
CA GLU D 55 26.46 19.10 -26.73
C GLU D 55 25.32 20.13 -26.75
N THR D 56 24.11 19.61 -26.61
CA THR D 56 22.91 20.44 -26.56
C THR D 56 22.05 19.97 -25.40
N TRP D 57 21.11 20.84 -25.00
CA TRP D 57 20.18 20.54 -23.93
C TRP D 57 18.87 20.09 -24.56
N ILE D 58 18.21 19.12 -23.93
CA ILE D 58 16.95 18.55 -24.42
C ILE D 58 15.80 18.87 -23.45
N PRO D 59 14.73 19.54 -23.95
CA PRO D 59 13.61 19.91 -23.07
C PRO D 59 12.80 18.67 -22.67
N LEU D 60 12.37 18.61 -21.42
CA LEU D 60 11.77 17.40 -20.86
C LEU D 60 10.28 17.50 -20.51
N LEU D 61 9.74 18.72 -20.41
CA LEU D 61 8.40 18.90 -19.86
C LEU D 61 7.37 19.46 -20.84
N ASP D 62 7.65 19.39 -22.14
CA ASP D 62 6.79 20.01 -23.17
C ASP D 62 5.43 19.35 -23.35
N HIS D 63 5.23 18.19 -22.70
CA HIS D 63 3.90 17.54 -22.70
C HIS D 63 2.87 18.35 -21.93
N PHE D 64 3.32 19.19 -21.02
CA PHE D 64 2.42 19.98 -20.16
C PHE D 64 1.63 20.99 -20.98
N GLN D 65 0.31 20.86 -20.91
CA GLN D 65 -0.60 21.66 -21.73
C GLN D 65 -0.89 22.97 -21.02
N ASP D 67 -3.35 24.19 -19.35
CA ASP D 67 -3.96 24.12 -18.02
C ASP D 67 -2.98 23.63 -16.95
N GLU D 68 -1.76 23.29 -17.38
CA GLU D 68 -0.70 22.86 -16.45
C GLU D 68 0.61 23.62 -16.72
N TYR D 69 0.45 24.86 -17.21
CA TYR D 69 1.57 25.79 -17.39
C TYR D 69 2.43 25.94 -16.13
N SER D 70 1.78 25.90 -14.97
CA SER D 70 2.48 26.00 -13.69
C SER D 70 3.66 25.03 -13.52
N TYR D 71 3.53 23.83 -14.11
CA TYR D 71 4.54 22.79 -13.94
C TYR D 71 5.81 23.02 -14.81
N TYR D 72 5.79 24.06 -15.64
CA TYR D 72 7.05 24.61 -16.19
C TYR D 72 7.88 25.36 -15.14
N GLY D 73 7.30 25.65 -13.98
CA GLY D 73 8.06 26.26 -12.88
C GLY D 73 8.79 25.16 -12.12
N VAL D 74 10.10 25.04 -12.32
CA VAL D 74 10.87 23.94 -11.72
C VAL D 74 11.65 24.42 -10.49
N GLU D 75 11.02 24.19 -9.34
CA GLU D 75 11.53 24.55 -8.05
C GLU D 75 12.82 23.79 -7.73
N SER D 76 12.85 22.52 -8.11
CA SER D 76 13.99 21.67 -7.82
C SER D 76 14.07 20.49 -8.78
N ILE D 77 15.28 19.98 -9.00
CA ILE D 77 15.50 18.75 -9.76
C ILE D 77 16.54 17.88 -9.03
N ALA D 78 16.26 16.57 -8.96
CA ALA D 78 17.17 15.60 -8.36
C ALA D 78 17.38 14.40 -9.28
N THR D 79 18.65 14.06 -9.49
CA THR D 79 19.04 12.91 -10.31
C THR D 79 19.67 11.81 -9.46
N ASP D 80 19.16 10.60 -9.63
CA ASP D 80 19.45 9.47 -8.74
C ASP D 80 20.86 8.92 -8.97
N PRO D 81 21.73 8.96 -7.94
CA PRO D 81 23.12 8.48 -8.08
C PRO D 81 23.26 6.95 -7.98
N VAL D 82 22.23 6.28 -7.47
CA VAL D 82 22.18 4.82 -7.41
C VAL D 82 21.67 4.28 -8.74
N ASP D 83 20.55 4.82 -9.20
CA ASP D 83 19.98 4.49 -10.49
C ASP D 83 19.79 5.76 -11.33
N PRO D 84 20.79 6.09 -12.16
CA PRO D 84 20.76 7.34 -12.94
C PRO D 84 19.68 7.43 -14.03
N ASN D 85 18.91 6.37 -14.24
CA ASN D 85 17.70 6.44 -15.06
C ASN D 85 16.56 7.19 -14.37
N ARG D 86 16.62 7.28 -13.06
CA ARG D 86 15.60 8.00 -12.28
C ARG D 86 15.94 9.48 -12.13
N VAL D 87 14.93 10.31 -12.31
CA VAL D 87 15.03 11.75 -12.10
C VAL D 87 13.68 12.24 -11.58
N TYR D 88 13.73 13.25 -10.71
CA TYR D 88 12.54 13.79 -10.06
C TYR D 88 12.52 15.30 -10.14
N ILE D 89 11.31 15.85 -10.25
CA ILE D 89 11.13 17.31 -10.31
C ILE D 89 10.11 17.76 -9.30
N VAL D 90 10.43 18.83 -8.58
CA VAL D 90 9.39 19.54 -7.84
C VAL D 90 8.87 20.72 -8.69
N ALA D 91 7.60 20.61 -9.08
CA ALA D 91 7.05 21.48 -10.10
C ALA D 91 5.91 22.31 -9.54
N GLY D 92 5.81 23.55 -10.02
CA GLY D 92 4.80 24.50 -9.58
C GLY D 92 5.42 25.88 -9.56
N TYR D 94 4.00 29.32 -8.91
CA TYR D 94 3.68 30.38 -7.96
C TYR D 94 3.02 29.83 -6.71
N THR D 95 3.35 30.42 -5.57
CA THR D 95 2.73 30.05 -4.29
C THR D 95 1.46 30.87 -4.02
N ASN D 96 1.19 31.84 -4.90
CA ASN D 96 0.00 32.71 -4.80
C ASN D 96 -1.10 32.28 -5.78
N ASP D 97 -2.09 33.15 -5.97
CA ASP D 97 -3.28 32.79 -6.76
C ASP D 97 -3.15 33.00 -8.27
N TRP D 98 -1.95 33.36 -8.72
CA TRP D 98 -1.74 33.63 -10.15
C TRP D 98 -2.06 32.41 -11.01
N LEU D 99 -1.74 31.23 -10.51
CA LEU D 99 -2.18 29.97 -11.12
C LEU D 99 -2.84 29.07 -10.06
N PRO D 100 -3.85 28.27 -10.47
CA PRO D 100 -4.62 27.45 -9.51
C PRO D 100 -4.00 26.10 -9.07
N ASN D 101 -3.06 25.58 -9.86
CA ASN D 101 -2.52 24.23 -9.65
C ASN D 101 -1.84 24.07 -8.30
N GLY D 103 1.13 22.17 -6.22
CA GLY D 103 2.46 21.71 -6.59
C GLY D 103 2.46 20.21 -6.83
N ALA D 104 3.53 19.71 -7.44
CA ALA D 104 3.61 18.30 -7.79
C ALA D 104 5.03 17.81 -7.75
N ILE D 105 5.17 16.53 -7.43
CA ILE D 105 6.43 15.83 -7.62
C ILE D 105 6.29 15.00 -8.89
N LEU D 106 7.13 15.30 -9.88
CA LEU D 106 7.17 14.51 -11.11
C LEU D 106 8.25 13.44 -10.95
N ARG D 107 7.96 12.25 -11.46
CA ARG D 107 8.89 11.13 -11.38
C ARG D 107 9.08 10.47 -12.75
N SER D 108 10.32 10.14 -13.07
CA SER D 108 10.65 9.47 -14.33
C SER D 108 11.66 8.38 -14.06
N THR D 109 11.53 7.27 -14.79
CA THR D 109 12.52 6.22 -14.76
C THR D 109 13.29 6.13 -16.10
N ASP D 110 13.18 7.15 -16.92
CA ASP D 110 13.78 7.13 -18.22
C ASP D 110 14.45 8.46 -18.56
N ARG D 111 14.97 9.10 -17.53
CA ARG D 111 15.82 10.24 -17.61
C ARG D 111 15.07 11.48 -18.06
N GLY D 112 13.78 11.48 -17.75
CA GLY D 112 12.84 12.50 -18.04
C GLY D 112 12.23 12.46 -19.44
N GLU D 113 12.31 11.34 -20.09
CA GLU D 113 11.61 11.11 -21.37
C GLU D 113 10.11 11.02 -21.19
N THR D 114 9.67 10.32 -20.13
CA THR D 114 8.27 10.23 -19.75
C THR D 114 8.14 10.42 -18.24
N TRP D 115 6.99 10.91 -17.82
CA TRP D 115 6.74 11.29 -16.44
C TRP D 115 5.43 10.74 -15.88
N GLU D 116 5.42 10.50 -14.58
CA GLU D 116 4.19 10.45 -13.78
C GLU D 116 4.32 11.55 -12.74
N LYS D 117 3.22 11.88 -12.09
CA LYS D 117 3.23 12.96 -11.08
C LYS D 117 2.39 12.62 -9.87
N THR D 118 2.79 13.16 -8.73
CA THR D 118 1.98 13.12 -7.52
C THR D 118 1.65 14.55 -7.12
N ILE D 119 0.35 14.85 -7.01
CA ILE D 119 -0.09 16.18 -6.60
C ILE D 119 -0.05 16.30 -5.06
N LEU D 120 0.50 17.42 -4.60
CA LEU D 120 0.72 17.71 -3.19
C LEU D 120 -0.34 18.67 -2.67
N PRO D 121 -0.55 18.73 -1.33
CA PRO D 121 -1.50 19.69 -0.74
C PRO D 121 -0.95 21.10 -0.50
N PHE D 122 0.01 21.55 -1.31
CA PHE D 122 0.53 22.91 -1.25
C PHE D 122 1.19 23.25 -2.58
N LYS D 123 1.62 24.49 -2.73
CA LYS D 123 2.20 24.97 -3.97
C LYS D 123 3.73 25.04 -3.92
N GLY D 125 7.20 27.13 -5.73
CA GLY D 125 7.50 28.50 -6.12
C GLY D 125 8.60 28.60 -7.16
N GLY D 126 8.49 27.80 -8.23
CA GLY D 126 9.45 27.82 -9.33
C GLY D 126 9.87 29.20 -9.83
N ASN D 127 8.93 30.15 -9.86
CA ASN D 127 9.22 31.55 -10.24
C ASN D 127 8.98 32.55 -9.10
N PRO D 129 10.70 34.51 -5.38
CA PRO D 129 12.00 34.87 -4.81
C PRO D 129 12.78 33.70 -4.21
N GLY D 130 14.09 33.77 -4.38
CA GLY D 130 15.00 32.77 -3.82
C GLY D 130 15.10 31.48 -4.60
N ARG D 131 14.63 31.51 -5.84
CA ARG D 131 14.54 30.32 -6.71
C ARG D 131 15.86 29.60 -7.04
N SER D 132 17.00 30.29 -6.91
CA SER D 132 18.31 29.66 -7.12
C SER D 132 18.86 28.98 -5.86
N GLY D 134 18.89 26.09 -3.33
CA GLY D 134 18.57 24.68 -3.57
C GLY D 134 19.76 23.77 -3.42
N GLU D 135 19.60 22.48 -3.75
CA GLU D 135 18.35 21.93 -4.27
C GLU D 135 17.45 21.49 -3.13
N ARG D 136 16.18 21.89 -3.21
CA ARG D 136 15.18 21.54 -2.19
C ARG D 136 14.85 20.05 -2.20
N LEU D 137 15.00 19.41 -3.36
CA LEU D 137 14.68 18.00 -3.53
C LEU D 137 15.94 17.18 -3.66
N ALA D 138 16.06 16.13 -2.84
CA ALA D 138 17.25 15.30 -2.77
C ALA D 138 16.95 13.81 -2.59
N ILE D 139 17.77 12.97 -3.23
CA ILE D 139 17.66 11.51 -3.18
C ILE D 139 18.74 10.91 -2.26
N ASP D 140 18.34 10.02 -1.36
CA ASP D 140 19.25 9.31 -0.47
C ASP D 140 20.25 8.51 -1.32
N PRO D 141 21.57 8.80 -1.20
CA PRO D 141 22.57 8.19 -2.09
C PRO D 141 22.93 6.74 -1.72
N ASN D 142 22.45 6.28 -0.55
CA ASN D 142 22.60 4.90 -0.12
C ASN D 142 21.32 4.08 -0.34
N ASP D 143 20.17 4.67 -0.04
CA ASP D 143 18.88 4.00 -0.21
C ASP D 143 17.99 4.91 -1.05
N ASN D 144 17.94 4.64 -2.35
CA ASN D 144 17.30 5.57 -3.31
C ASN D 144 15.77 5.52 -3.33
N ARG D 145 15.20 4.66 -2.47
CA ARG D 145 13.77 4.71 -2.18
C ARG D 145 13.40 6.02 -1.50
N ILE D 146 14.35 6.60 -0.77
CA ILE D 146 14.09 7.76 0.10
C ILE D 146 14.42 9.10 -0.55
N LEU D 147 13.45 10.02 -0.50
CA LEU D 147 13.62 11.38 -1.00
C LEU D 147 13.14 12.40 0.03
N TYR D 148 13.80 13.55 0.08
CA TYR D 148 13.31 14.66 0.92
C TYR D 148 13.00 15.89 0.08
N LEU D 149 12.09 16.70 0.57
CA LEU D 149 11.68 17.91 -0.11
C LEU D 149 11.54 19.09 0.85
N GLY D 150 12.37 20.12 0.62
CA GLY D 150 12.17 21.40 1.27
C GLY D 150 11.07 22.18 0.58
N THR D 151 10.20 22.79 1.38
CA THR D 151 9.02 23.48 0.84
C THR D 151 8.99 24.95 1.26
N ARG D 152 8.19 25.72 0.53
CA ARG D 152 7.89 27.12 0.84
C ARG D 152 6.64 27.25 1.71
N CYS D 153 6.40 28.46 2.21
CA CYS D 153 5.14 28.86 2.85
C CYS D 153 4.85 28.19 4.19
N GLY D 154 5.89 27.75 4.88
CA GLY D 154 5.72 27.16 6.21
C GLY D 154 5.30 25.69 6.21
N ASN D 155 5.36 25.04 5.06
CA ASN D 155 5.01 23.62 4.96
C ASN D 155 6.10 22.65 5.43
N GLY D 156 7.27 23.19 5.73
CA GLY D 156 8.35 22.42 6.33
C GLY D 156 9.08 21.45 5.41
N LEU D 157 9.49 20.34 6.01
CA LEU D 157 10.23 19.29 5.32
C LEU D 157 9.32 18.10 5.05
N TRP D 158 9.28 17.68 3.79
CA TRP D 158 8.47 16.53 3.38
C TRP D 158 9.35 15.37 2.92
N ARG D 159 8.77 14.17 2.85
CA ARG D 159 9.55 12.96 2.59
C ARG D 159 8.74 11.88 1.90
N SER D 160 9.44 11.10 1.08
CA SER D 160 8.89 9.93 0.45
C SER D 160 9.83 8.75 0.73
N THR D 161 9.26 7.58 1.00
CA THR D 161 10.09 6.38 1.19
C THR D 161 9.77 5.31 0.15
N ASP D 162 9.06 5.72 -0.91
CA ASP D 162 8.66 4.81 -1.97
C ASP D 162 8.97 5.37 -3.37
N TYR D 163 10.19 5.89 -3.55
CA TYR D 163 10.63 6.47 -4.83
C TYR D 163 9.74 7.63 -5.32
N GLY D 164 9.32 8.50 -4.40
CA GLY D 164 8.60 9.72 -4.77
C GLY D 164 7.14 9.57 -5.16
N VAL D 165 6.59 8.37 -4.98
CA VAL D 165 5.18 8.12 -5.30
C VAL D 165 4.25 8.75 -4.26
N THR D 166 4.50 8.50 -2.97
CA THR D 166 3.70 9.13 -1.92
C THR D 166 4.58 9.97 -1.01
N TRP D 167 3.99 11.01 -0.43
CA TRP D 167 4.71 12.04 0.32
C TRP D 167 3.99 12.36 1.62
N SER D 168 4.76 12.52 2.69
CA SER D 168 4.21 12.91 3.97
C SER D 168 5.10 13.94 4.65
N LYS D 169 4.51 14.76 5.51
CA LYS D 169 5.25 15.78 6.23
C LYS D 169 6.18 15.13 7.25
N VAL D 170 7.40 15.65 7.38
CA VAL D 170 8.30 15.24 8.46
C VAL D 170 7.96 16.13 9.64
N GLU D 171 7.01 15.67 10.45
CA GLU D 171 6.47 16.44 11.57
C GLU D 171 7.53 16.86 12.59
N SER D 172 8.54 16.01 12.77
CA SER D 172 9.61 16.27 13.74
C SER D 172 10.61 17.36 13.32
N PHE D 173 10.60 17.76 12.06
CA PHE D 173 11.53 18.82 11.63
C PHE D 173 11.18 20.16 12.34
N PRO D 174 12.18 20.79 13.00
CA PRO D 174 11.95 21.90 13.94
C PRO D 174 11.53 23.24 13.35
N ASN D 175 11.97 23.56 12.13
CA ASN D 175 11.87 24.92 11.61
C ASN D 175 11.45 24.99 10.13
N PRO D 176 10.18 25.35 9.87
CA PRO D 176 9.71 25.50 8.49
C PRO D 176 10.22 26.79 7.83
N GLY D 177 10.80 27.68 8.62
CA GLY D 177 11.33 28.95 8.14
C GLY D 177 10.43 30.14 8.42
N THR D 178 11.04 31.32 8.50
CA THR D 178 10.30 32.58 8.59
C THR D 178 10.11 33.20 7.21
N ILE D 191 7.34 33.38 2.96
CA ILE D 191 8.16 32.38 3.63
C ILE D 191 8.92 31.56 2.58
N ILE D 192 10.23 31.76 2.53
CA ILE D 192 11.11 31.08 1.55
C ILE D 192 11.24 29.60 1.92
N GLY D 193 11.35 29.34 3.22
CA GLY D 193 11.22 28.01 3.76
C GLY D 193 12.49 27.19 3.77
N VAL D 194 12.30 25.89 3.57
CA VAL D 194 13.37 24.90 3.65
C VAL D 194 14.02 24.82 2.27
N VAL D 195 15.32 25.14 2.20
CA VAL D 195 15.95 25.43 0.90
C VAL D 195 16.85 24.34 0.30
N TRP D 196 17.44 23.51 1.15
CA TRP D 196 18.26 22.40 0.65
C TRP D 196 18.39 21.26 1.64
N VAL D 197 18.67 20.08 1.08
CA VAL D 197 18.89 18.85 1.86
C VAL D 197 20.18 18.21 1.37
N VAL D 198 21.11 17.96 2.29
CA VAL D 198 22.37 17.30 1.93
C VAL D 198 22.56 16.02 2.73
N PHE D 199 22.71 14.90 2.02
CA PHE D 199 22.97 13.63 2.65
C PHE D 199 24.45 13.45 2.92
N ASP D 200 24.78 12.90 4.09
CA ASP D 200 26.15 12.48 4.35
C ASP D 200 26.28 11.01 4.01
N LYS D 201 26.71 10.71 2.80
CA LYS D 201 26.78 9.34 2.28
C LYS D 201 27.64 8.41 3.14
N SER D 202 28.68 8.94 3.76
CA SER D 202 29.59 8.15 4.58
C SER D 202 28.95 7.64 5.88
N SER D 203 27.80 8.19 6.25
CA SER D 203 27.14 7.86 7.51
C SER D 203 26.37 6.53 7.46
N SER D 204 26.21 5.96 6.27
CA SER D 204 25.66 4.62 6.09
C SER D 204 26.37 3.94 4.93
N THR D 205 26.14 2.63 4.78
CA THR D 205 26.73 1.86 3.68
C THR D 205 25.66 1.60 2.61
N PRO D 206 26.08 1.29 1.36
CA PRO D 206 25.12 1.16 0.26
C PRO D 206 23.94 0.22 0.57
N GLY D 207 22.75 0.66 0.21
CA GLY D 207 21.54 -0.12 0.45
C GLY D 207 20.78 0.26 1.70
N ASN D 208 21.45 0.98 2.60
CA ASN D 208 20.86 1.33 3.90
C ASN D 208 20.48 2.82 4.02
N PRO D 209 19.35 3.12 4.69
CA PRO D 209 19.00 4.54 4.82
C PRO D 209 20.17 5.34 5.40
N THR D 210 20.49 6.46 4.75
CA THR D 210 21.55 7.35 5.20
C THR D 210 21.12 7.95 6.54
N LYS D 211 22.00 7.84 7.53
CA LYS D 211 21.64 8.22 8.89
C LYS D 211 21.85 9.71 9.18
N THR D 212 22.88 10.29 8.60
CA THR D 212 23.16 11.72 8.79
C THR D 212 22.72 12.56 7.60
N ILE D 213 21.85 13.54 7.88
CA ILE D 213 21.27 14.41 6.86
C ILE D 213 21.34 15.85 7.36
N TYR D 214 21.78 16.77 6.49
CA TYR D 214 21.82 18.20 6.81
C TYR D 214 20.75 18.95 6.02
N VAL D 215 20.08 19.87 6.69
CA VAL D 215 19.04 20.64 6.03
C VAL D 215 19.29 22.12 6.24
N GLY D 216 19.08 22.90 5.19
CA GLY D 216 19.20 24.35 5.26
C GLY D 216 17.85 25.03 5.22
N VAL D 217 17.69 26.03 6.06
CA VAL D 217 16.41 26.72 6.18
C VAL D 217 16.64 28.23 6.07
N ALA D 218 15.81 28.91 5.28
CA ALA D 218 15.85 30.36 5.18
C ALA D 218 15.33 31.02 6.47
N ASP D 219 16.20 31.07 7.46
CA ASP D 219 15.95 31.71 8.74
C ASP D 219 17.28 32.29 9.20
N LYS D 220 17.31 33.61 9.42
CA LYS D 220 18.54 34.30 9.84
C LYS D 220 18.96 33.95 11.27
N ASN D 221 17.99 33.52 12.08
CA ASN D 221 18.26 33.20 13.47
C ASN D 221 18.76 31.77 13.68
N GLU D 222 18.32 30.84 12.83
CA GLU D 222 18.70 29.43 12.93
C GLU D 222 18.37 28.69 11.64
N SER D 223 19.42 28.31 10.90
CA SER D 223 19.25 27.89 9.50
C SER D 223 19.73 26.47 9.18
N ILE D 224 20.70 25.97 9.95
CA ILE D 224 21.33 24.68 9.65
C ILE D 224 20.91 23.59 10.64
N TYR D 225 20.28 22.55 10.12
CA TYR D 225 19.78 21.43 10.94
C TYR D 225 20.39 20.08 10.55
N ARG D 226 20.49 19.19 11.52
CA ARG D 226 21.06 17.87 11.31
C ARG D 226 20.21 16.78 11.97
N SER D 227 20.08 15.65 11.29
CA SER D 227 19.60 14.41 11.89
C SER D 227 20.74 13.41 11.80
N THR D 228 20.90 12.60 12.84
CA THR D 228 21.86 11.49 12.81
C THR D 228 21.17 10.13 12.97
N ASP D 229 19.83 10.12 12.98
CA ASP D 229 19.07 8.87 13.06
C ASP D 229 18.17 8.64 11.82
N GLY D 230 18.66 9.06 10.65
CA GLY D 230 17.92 8.84 9.42
C GLY D 230 16.67 9.69 9.28
N GLY D 231 16.70 10.88 9.88
CA GLY D 231 15.63 11.85 9.71
C GLY D 231 14.45 11.71 10.66
N VAL D 232 14.58 10.86 11.69
CA VAL D 232 13.52 10.69 12.68
C VAL D 232 13.45 11.91 13.60
N THR D 233 14.62 12.36 14.07
CA THR D 233 14.72 13.54 14.93
C THR D 233 15.79 14.48 14.39
N TRP D 234 15.69 15.76 14.76
CA TRP D 234 16.50 16.84 14.21
C TRP D 234 16.99 17.76 15.31
N LYS D 235 18.20 18.31 15.13
CA LYS D 235 18.77 19.32 16.04
C LYS D 235 19.53 20.36 15.23
N ALA D 236 19.41 21.62 15.63
CA ALA D 236 20.21 22.70 15.05
C ALA D 236 21.69 22.41 15.29
N VAL D 237 22.52 22.62 14.26
CA VAL D 237 23.94 22.38 14.37
C VAL D 237 24.56 23.48 15.23
N PRO D 238 25.21 23.11 16.36
CA PRO D 238 25.75 24.11 17.29
C PRO D 238 26.90 24.93 16.71
N GLY D 239 26.88 26.23 17.02
CA GLY D 239 27.96 27.14 16.65
C GLY D 239 27.85 27.70 15.25
N GLN D 240 26.69 27.49 14.63
CA GLN D 240 26.44 28.00 13.28
C GLN D 240 26.37 29.53 13.30
N PRO D 241 26.78 30.18 12.18
CA PRO D 241 26.65 31.63 12.09
C PRO D 241 25.20 32.05 11.98
N LYS D 242 24.93 33.29 12.35
CA LYS D 242 23.58 33.85 12.34
C LYS D 242 23.52 35.16 11.56
N GLY D 243 22.34 35.47 11.03
CA GLY D 243 22.12 36.76 10.38
C GLY D 243 21.86 36.71 8.88
N LEU D 244 22.21 35.59 8.24
CA LEU D 244 21.98 35.43 6.80
C LEU D 244 21.30 34.11 6.45
N LEU D 245 20.96 33.96 5.17
CA LEU D 245 20.27 32.78 4.65
C LEU D 245 21.22 31.91 3.82
N PRO D 246 21.26 30.59 4.10
CA PRO D 246 22.11 29.65 3.36
C PRO D 246 21.61 29.34 1.94
N HIS D 247 22.35 29.72 0.91
CA HIS D 247 21.90 29.49 -0.46
C HIS D 247 22.16 28.07 -0.94
N HIS D 248 23.34 27.56 -0.60
CA HIS D 248 23.77 26.22 -1.01
C HIS D 248 24.58 25.61 0.13
N GLY D 249 24.54 24.28 0.21
CA GLY D 249 25.43 23.50 1.05
C GLY D 249 25.99 22.36 0.21
N VAL D 250 27.30 22.15 0.29
CA VAL D 250 27.96 21.04 -0.38
C VAL D 250 28.88 20.35 0.61
N LEU D 251 28.63 19.06 0.85
CA LEU D 251 29.51 18.26 1.70
C LEU D 251 30.61 17.63 0.87
N ALA D 252 31.84 18.11 1.07
CA ALA D 252 33.02 17.62 0.37
C ALA D 252 33.48 16.24 0.87
N SER D 253 34.30 15.55 0.08
CA SER D 253 34.79 14.22 0.43
C SER D 253 35.67 14.19 1.69
N ASN D 254 36.21 15.34 2.08
CA ASN D 254 37.02 15.42 3.30
C ASN D 254 36.20 15.72 4.58
N GLY D 255 34.87 15.71 4.46
CA GLY D 255 33.98 15.93 5.60
C GLY D 255 33.67 17.39 5.91
N LEU D 257 31.58 20.63 5.25
CA LEU D 257 30.32 21.10 4.67
C LEU D 257 30.46 22.59 4.36
N TYR D 258 30.59 22.91 3.08
CA TYR D 258 30.67 24.28 2.61
C TYR D 258 29.28 24.89 2.44
N ILE D 259 29.12 26.13 2.89
CA ILE D 259 27.83 26.83 2.85
C ILE D 259 28.01 28.31 2.45
N THR D 260 27.24 28.75 1.45
CA THR D 260 27.16 30.17 1.05
C THR D 260 25.94 30.87 1.67
N TYR D 261 26.13 32.14 2.04
CA TYR D 261 25.10 32.92 2.72
C TYR D 261 24.92 34.30 2.11
N GLY D 262 23.68 34.77 2.17
CA GLY D 262 23.33 36.10 1.70
C GLY D 262 22.07 36.58 2.40
N ASP D 263 21.77 37.88 2.30
CA ASP D 263 20.49 38.41 2.81
C ASP D 263 19.63 38.96 1.67
N GLY D 272 23.29 44.25 -0.34
CA GLY D 272 23.30 43.00 0.42
C GLY D 272 24.61 42.72 1.14
N LYS D 273 24.65 41.61 1.85
CA LYS D 273 25.85 41.13 2.55
C LYS D 273 25.98 39.63 2.31
N GLY D 274 27.21 39.12 2.42
CA GLY D 274 27.47 37.73 2.13
C GLY D 274 28.54 37.11 3.00
N GLN D 275 28.41 35.80 3.21
CA GLN D 275 29.41 35.02 3.91
C GLN D 275 29.56 33.63 3.28
N VAL D 276 30.74 33.05 3.45
CA VAL D 276 31.00 31.68 3.07
C VAL D 276 31.62 31.01 4.29
N TRP D 277 31.07 29.86 4.67
CA TRP D 277 31.56 29.11 5.83
C TRP D 277 31.83 27.66 5.46
N LYS D 278 32.68 27.01 6.25
CA LYS D 278 32.85 25.59 6.20
C LYS D 278 32.70 24.99 7.60
N PHE D 279 31.90 23.93 7.68
CA PHE D 279 31.63 23.22 8.93
C PHE D 279 32.33 21.87 8.85
N ASN D 280 33.24 21.62 9.79
CA ASN D 280 33.88 20.32 9.90
C ASN D 280 32.93 19.33 10.56
N THR D 281 32.31 18.46 9.76
CA THR D 281 31.34 17.47 10.24
C THR D 281 31.95 16.44 11.19
N ARG D 282 33.28 16.34 11.19
CA ARG D 282 34.00 15.39 12.02
C ARG D 282 34.32 15.94 13.42
N THR D 283 34.54 17.26 13.53
CA THR D 283 34.99 17.89 14.79
C THR D 283 33.99 18.90 15.33
N GLY D 284 33.11 19.39 14.46
CA GLY D 284 32.10 20.36 14.87
C GLY D 284 32.54 21.80 14.79
N GLU D 285 33.75 22.03 14.28
CA GLU D 285 34.28 23.39 14.12
C GLU D 285 33.72 24.10 12.88
N TRP D 286 33.33 25.36 13.08
CA TRP D 286 32.93 26.29 12.03
C TRP D 286 34.07 27.26 11.72
N ILE D 287 34.39 27.44 10.43
CA ILE D 287 35.45 28.36 9.99
C ILE D 287 34.93 29.30 8.90
N ASP D 288 35.07 30.60 9.14
CA ASP D 288 34.65 31.63 8.20
C ASP D 288 35.66 31.72 7.05
N ILE D 289 35.19 31.44 5.84
CA ILE D 289 36.07 31.50 4.66
C ILE D 289 35.60 32.52 3.62
N THR D 290 34.91 33.56 4.09
CA THR D 290 34.33 34.59 3.21
C THR D 290 35.43 35.32 2.43
N PRO D 291 35.35 35.30 1.08
CA PRO D 291 36.32 35.94 0.15
C PRO D 291 36.60 37.42 0.43
N ILE D 292 35.56 38.16 0.77
CA ILE D 292 35.69 39.55 1.19
C ILE D 292 35.09 39.61 2.60
N PRO D 293 35.87 40.06 3.60
CA PRO D 293 35.37 39.97 4.96
C PRO D 293 34.06 40.71 5.13
N TYR D 294 33.11 40.07 5.82
CA TYR D 294 31.80 40.63 6.14
C TYR D 294 31.92 42.03 6.77
N SER D 295 32.91 42.21 7.62
CA SER D 295 33.24 43.51 8.21
C SER D 295 33.60 44.62 7.23
N SER D 296 34.06 44.25 6.06
CA SER D 296 34.40 45.21 5.06
C SER D 296 33.24 45.76 4.33
N SER D 297 33.39 46.95 3.83
CA SER D 297 32.31 47.63 3.22
C SER D 297 32.44 47.33 1.76
N ASP D 298 33.53 46.64 1.42
CA ASP D 298 33.65 45.94 0.16
C ASP D 298 32.73 44.71 -0.01
N ASN D 299 32.38 44.11 1.11
CA ASN D 299 31.35 43.13 1.16
C ASN D 299 30.05 43.81 1.01
N ARG D 300 29.53 43.73 -0.17
CA ARG D 300 28.28 44.37 -0.47
C ARG D 300 27.37 43.54 -1.34
N PHE D 301 27.50 42.22 -1.28
CA PHE D 301 26.63 41.34 -1.96
C PHE D 301 26.60 40.03 -1.25
N CYS D 302 25.54 39.31 -1.48
CA CYS D 302 25.46 37.92 -1.23
C CYS D 302 26.53 37.10 -1.91
N PHE D 303 27.00 36.10 -1.21
CA PHE D 303 27.50 34.94 -1.85
C PHE D 303 26.45 33.86 -2.09
N ALA D 304 26.38 33.36 -3.31
CA ALA D 304 25.29 32.53 -3.76
C ALA D 304 25.78 31.19 -4.32
N GLY D 305 26.30 31.22 -5.55
CA GLY D 305 26.80 30.03 -6.21
C GLY D 305 27.89 29.37 -5.39
N LEU D 306 27.85 28.05 -5.32
CA LEU D 306 28.88 27.29 -4.61
C LEU D 306 29.20 26.03 -5.38
N ALA D 307 30.48 25.86 -5.71
CA ALA D 307 30.95 24.65 -6.36
C ALA D 307 32.10 24.06 -5.58
N VAL D 308 32.14 22.73 -5.51
CA VAL D 308 33.25 21.99 -4.91
C VAL D 308 33.70 20.92 -5.92
N ASP D 309 35.00 20.83 -6.12
CA ASP D 309 35.60 19.86 -7.00
C ASP D 309 35.56 18.49 -6.31
N ARG D 310 34.87 17.53 -6.93
CA ARG D 310 34.68 16.20 -6.35
C ARG D 310 36.02 15.47 -6.23
N GLN D 311 36.98 15.86 -7.05
CA GLN D 311 38.26 15.18 -7.11
C GLN D 311 39.32 15.87 -6.27
N ASN D 312 39.03 17.07 -5.80
CA ASN D 312 39.87 17.75 -4.81
C ASN D 312 38.99 18.63 -3.94
N PRO D 313 38.71 18.18 -2.69
CA PRO D 313 37.77 18.83 -1.77
C PRO D 313 38.24 20.21 -1.28
N ASP D 314 39.52 20.52 -1.48
CA ASP D 314 40.07 21.84 -1.20
C ASP D 314 39.83 22.84 -2.36
N ILE D 315 39.33 22.35 -3.49
CA ILE D 315 39.01 23.23 -4.62
C ILE D 315 37.53 23.62 -4.61
N ILE D 316 37.28 24.91 -4.42
CA ILE D 316 35.93 25.45 -4.27
C ILE D 316 35.80 26.78 -5.03
N VAL D 318 32.96 30.28 -5.40
CA VAL D 318 31.72 30.98 -5.05
C VAL D 318 31.50 32.15 -6.00
N THR D 319 30.25 32.57 -6.12
CA THR D 319 29.90 33.67 -7.00
C THR D 319 29.14 34.74 -6.21
N SER D 320 29.29 35.99 -6.64
CA SER D 320 28.52 37.08 -6.07
C SER D 320 27.12 37.11 -6.67
N ASN D 322 24.16 40.28 -5.87
CA ASN D 322 24.76 40.79 -7.11
C ASN D 322 25.64 42.00 -6.85
N ALA D 323 26.84 41.97 -7.43
CA ALA D 323 27.74 43.12 -7.38
C ALA D 323 27.26 44.18 -8.35
N TRP D 324 26.69 43.72 -9.47
CA TRP D 324 26.20 44.54 -10.59
C TRP D 324 27.30 45.27 -11.35
N TRP D 325 28.14 46.00 -10.62
CA TRP D 325 29.18 46.84 -11.21
C TRP D 325 30.53 46.50 -10.58
N PRO D 326 31.58 46.42 -11.41
CA PRO D 326 31.60 46.54 -12.86
C PRO D 326 31.13 45.23 -13.53
N ASP D 327 31.14 44.16 -12.76
CA ASP D 327 30.68 42.84 -13.19
C ASP D 327 30.57 42.02 -11.92
N GLU D 328 30.09 40.78 -12.05
CA GLU D 328 30.07 39.87 -10.91
C GLU D 328 31.46 39.35 -10.58
N TYR D 329 31.56 38.76 -9.39
CA TYR D 329 32.80 38.14 -8.92
C TYR D 329 32.65 36.62 -8.95
N ILE D 330 33.65 35.94 -9.50
CA ILE D 330 33.74 34.50 -9.43
C ILE D 330 35.04 34.18 -8.71
N PHE D 331 34.93 33.73 -7.46
CA PHE D 331 36.10 33.46 -6.63
C PHE D 331 36.45 31.97 -6.67
N ARG D 332 37.73 31.65 -6.83
CA ARG D 332 38.20 30.28 -6.77
C ARG D 332 39.26 30.14 -5.67
N SER D 333 39.18 29.04 -4.94
CA SER D 333 40.19 28.70 -3.95
C SER D 333 40.69 27.29 -4.20
N THR D 334 41.98 27.07 -3.97
CA THR D 334 42.54 25.72 -4.09
C THR D 334 43.05 25.20 -2.74
N ASP D 335 42.75 25.93 -1.67
CA ASP D 335 43.19 25.55 -0.32
C ASP D 335 42.06 25.54 0.71
N GLY D 336 40.85 25.16 0.28
CA GLY D 336 39.70 25.07 1.16
C GLY D 336 39.17 26.40 1.67
N GLY D 337 39.41 27.46 0.90
CA GLY D 337 38.92 28.78 1.24
C GLY D 337 39.82 29.60 2.15
N ALA D 338 41.03 29.10 2.41
CA ALA D 338 42.01 29.87 3.18
C ALA D 338 42.40 31.14 2.42
N THR D 339 42.63 30.98 1.12
CA THR D 339 42.85 32.13 0.21
C THR D 339 41.95 32.00 -1.02
N TRP D 340 41.64 33.14 -1.62
CA TRP D 340 40.80 33.20 -2.80
C TRP D 340 41.40 34.07 -3.90
N LYS D 341 41.08 33.73 -5.15
CA LYS D 341 41.39 34.59 -6.28
C LYS D 341 40.12 34.86 -7.09
N ASN D 342 39.91 36.11 -7.47
CA ASN D 342 38.81 36.49 -8.35
C ASN D 342 39.19 36.33 -9.83
N ILE D 343 38.19 36.05 -10.67
CA ILE D 343 38.40 35.83 -12.10
C ILE D 343 38.78 37.12 -12.86
N TRP D 344 38.64 38.27 -12.20
CA TRP D 344 39.16 39.55 -12.72
C TRP D 344 39.82 40.36 -11.59
N GLU D 345 40.63 41.34 -11.98
CA GLU D 345 41.27 42.27 -11.03
C GLU D 345 41.26 43.68 -11.57
N TRP D 346 41.34 44.66 -10.68
CA TRP D 346 41.54 46.03 -11.11
C TRP D 346 42.96 46.18 -11.65
N GLY D 347 43.07 46.79 -12.83
CA GLY D 347 44.36 47.17 -13.39
C GLY D 347 44.55 48.66 -13.16
N TYR D 349 43.19 52.08 -13.51
CA TYR D 349 41.82 52.46 -13.68
C TYR D 349 41.62 53.28 -14.95
N PRO D 350 40.75 52.82 -15.84
CA PRO D 350 39.61 51.99 -15.51
C PRO D 350 39.69 50.66 -16.17
N GLU D 351 40.88 50.28 -16.56
CA GLU D 351 41.23 48.92 -16.93
C GLU D 351 41.05 47.90 -15.84
N ARG D 352 40.65 46.71 -16.22
CA ARG D 352 40.62 45.52 -15.40
C ARG D 352 41.42 44.39 -16.07
N ILE D 353 42.08 43.57 -15.28
CA ILE D 353 42.79 42.38 -15.74
C ILE D 353 41.85 41.16 -15.68
N LEU D 354 41.78 40.46 -16.78
CA LEU D 354 40.84 39.41 -16.95
C LEU D 354 41.57 38.12 -17.01
N HIS D 355 41.15 37.22 -16.18
CA HIS D 355 41.66 35.89 -16.20
C HIS D 355 40.71 34.96 -16.90
N TYR D 356 39.97 35.49 -17.86
CA TYR D 356 39.01 34.77 -18.68
C TYR D 356 38.86 35.43 -20.07
N GLU D 357 38.29 34.71 -21.00
CA GLU D 357 37.72 35.25 -22.23
C GLU D 357 36.29 34.71 -22.32
N ILE D 358 35.39 35.46 -22.98
CA ILE D 358 34.05 34.95 -23.27
C ILE D 358 33.79 34.85 -24.78
N ASP D 359 33.43 33.65 -25.21
CA ASP D 359 33.04 33.38 -26.58
C ASP D 359 31.52 33.25 -26.65
N ILE D 360 30.88 34.19 -27.33
CA ILE D 360 29.42 34.20 -27.42
C ILE D 360 28.95 33.88 -28.85
N SER D 361 29.78 33.18 -29.62
CA SER D 361 29.42 32.80 -30.99
C SER D 361 28.14 31.93 -31.09
N ALA D 362 27.82 31.19 -30.03
CA ALA D 362 26.60 30.38 -29.98
C ALA D 362 25.34 31.16 -29.60
N ALA D 363 25.49 32.43 -29.19
CA ALA D 363 24.36 33.33 -28.93
C ALA D 363 24.85 34.77 -28.94
N PRO D 364 25.14 35.31 -30.15
CA PRO D 364 25.82 36.60 -30.30
C PRO D 364 25.06 37.82 -29.80
N TRP D 365 23.77 37.69 -29.50
CA TRP D 365 23.00 38.78 -28.86
C TRP D 365 23.49 39.12 -27.43
N LEU D 366 24.28 38.23 -26.82
CA LEU D 366 24.76 38.40 -25.44
C LEU D 366 25.62 39.65 -25.18
N ASP D 367 26.09 40.32 -26.22
CA ASP D 367 26.82 41.59 -26.02
C ASP D 367 25.91 42.80 -26.13
N TRP D 368 24.61 42.53 -26.35
CA TRP D 368 23.57 43.55 -26.52
C TRP D 368 23.87 44.52 -27.66
N GLY D 369 24.74 44.09 -28.58
CA GLY D 369 25.20 44.93 -29.69
C GLY D 369 25.81 46.25 -29.26
N THR D 370 26.29 46.30 -28.03
CA THR D 370 26.69 47.57 -27.39
C THR D 370 28.06 47.47 -26.75
N GLU D 371 28.95 48.38 -27.15
CA GLU D 371 30.25 48.58 -26.51
C GLU D 371 30.03 49.41 -25.26
N LYS D 372 30.61 48.95 -24.16
CA LYS D 372 30.54 49.67 -22.90
C LYS D 372 31.79 50.50 -22.65
N GLN D 373 31.64 51.47 -21.76
CA GLN D 373 32.77 52.28 -21.34
C GLN D 373 33.39 51.61 -20.12
N LEU D 374 34.71 51.41 -20.17
CA LEU D 374 35.45 50.80 -19.06
C LEU D 374 35.20 51.53 -17.74
N PRO D 375 35.21 50.80 -16.61
CA PRO D 375 35.58 49.38 -16.40
C PRO D 375 34.57 48.32 -16.86
N GLU D 376 33.41 48.75 -17.35
CA GLU D 376 32.40 47.83 -17.87
C GLU D 376 32.79 47.28 -19.24
N ILE D 377 32.48 46.00 -19.44
CA ILE D 377 32.76 45.27 -20.68
C ILE D 377 31.58 44.35 -21.03
N ASN D 378 31.08 44.46 -22.25
CA ASN D 378 30.15 43.49 -22.81
C ASN D 378 30.90 42.53 -23.75
N PRO D 379 30.59 41.21 -23.70
CA PRO D 379 29.62 40.58 -22.79
C PRO D 379 30.16 40.49 -21.36
N LYS D 380 29.25 40.59 -20.39
CA LYS D 380 29.56 40.42 -18.97
C LYS D 380 29.70 38.94 -18.60
N LEU D 381 30.43 38.67 -17.53
CA LEU D 381 30.41 37.33 -16.93
C LEU D 381 28.99 36.89 -16.64
N GLY D 382 28.18 37.83 -16.15
CA GLY D 382 26.76 37.58 -15.98
C GLY D 382 26.15 38.45 -14.91
N TRP D 383 25.02 37.99 -14.40
CA TRP D 383 24.27 38.57 -13.29
C TRP D 383 23.29 37.47 -12.86
N ILE D 385 23.91 35.17 -10.78
CA ILE D 385 24.70 33.94 -10.75
C ILE D 385 24.46 33.20 -9.42
N GLY D 386 23.33 32.50 -9.35
CA GLY D 386 22.89 31.83 -8.12
C GLY D 386 23.31 30.38 -8.04
N ASP D 387 23.99 29.89 -9.07
CA ASP D 387 24.44 28.51 -9.13
C ASP D 387 25.73 28.39 -9.95
N ILE D 388 26.66 27.59 -9.45
CA ILE D 388 27.89 27.26 -10.17
C ILE D 388 28.29 25.80 -9.87
N GLU D 389 28.75 25.11 -10.91
CA GLU D 389 29.05 23.70 -10.80
C GLU D 389 30.39 23.34 -11.41
N ILE D 390 31.16 22.52 -10.71
CA ILE D 390 32.30 21.83 -11.30
C ILE D 390 31.86 20.40 -11.64
N ASP D 391 32.12 19.98 -12.87
CA ASP D 391 31.84 18.61 -13.31
C ASP D 391 32.55 17.63 -12.37
N PRO D 392 31.78 16.74 -11.69
CA PRO D 392 32.43 15.82 -10.77
C PRO D 392 33.36 14.79 -11.43
N PHE D 393 33.30 14.66 -12.76
CA PHE D 393 34.22 13.79 -13.49
C PHE D 393 35.26 14.56 -14.31
N ASN D 394 35.35 15.87 -14.11
CA ASN D 394 36.24 16.71 -14.91
C ASN D 394 36.51 18.05 -14.25
N SER D 395 37.66 18.12 -13.58
CA SER D 395 38.11 19.33 -12.89
C SER D 395 38.24 20.55 -13.79
N ASP D 396 38.35 20.32 -15.09
CA ASP D 396 38.47 21.39 -16.07
C ASP D 396 37.13 21.93 -16.58
N ARG D 397 36.03 21.23 -16.28
CA ARG D 397 34.72 21.66 -16.77
C ARG D 397 33.85 22.27 -15.67
N TYR D 400 28.02 27.79 -15.07
CA TYR D 400 27.27 28.66 -14.16
C TYR D 400 26.09 29.32 -14.88
N VAL D 401 25.10 29.73 -14.09
CA VAL D 401 23.88 30.32 -14.63
C VAL D 401 23.92 31.84 -14.55
N THR D 402 23.22 32.51 -15.45
CA THR D 402 23.01 33.95 -15.39
C THR D 402 21.54 34.24 -15.67
N GLY D 403 21.12 35.49 -15.53
CA GLY D 403 19.76 35.88 -15.89
C GLY D 403 19.42 35.76 -17.38
N ALA D 404 20.41 35.47 -18.22
CA ALA D 404 20.16 35.36 -19.67
C ALA D 404 20.64 34.05 -20.32
N THR D 405 21.57 33.35 -19.69
CA THR D 405 22.18 32.19 -20.36
C THR D 405 22.81 31.21 -19.38
N ILE D 406 23.42 30.15 -19.90
CA ILE D 406 24.33 29.30 -19.14
C ILE D 406 25.69 29.38 -19.80
N TYR D 407 26.70 29.74 -19.01
CA TYR D 407 28.07 29.80 -19.49
C TYR D 407 28.87 28.64 -18.89
N GLY D 408 29.99 28.31 -19.53
CA GLY D 408 30.92 27.38 -18.94
C GLY D 408 32.22 27.23 -19.70
N CYS D 409 33.12 26.41 -19.17
CA CYS D 409 34.45 26.24 -19.77
C CYS D 409 34.90 24.80 -19.75
N ASP D 410 35.96 24.52 -20.50
CA ASP D 410 36.56 23.19 -20.61
C ASP D 410 38.02 23.21 -20.19
N ASN D 411 38.50 24.36 -19.72
CA ASN D 411 39.92 24.50 -19.36
C ASN D 411 40.16 25.14 -17.98
N LEU D 412 39.27 24.83 -17.03
CA LEU D 412 39.22 25.52 -15.73
C LEU D 412 40.55 25.62 -14.97
N THR D 413 41.28 24.50 -14.88
CA THR D 413 42.55 24.50 -14.11
C THR D 413 43.68 25.37 -14.68
N ASP D 414 43.56 25.82 -15.94
CA ASP D 414 44.51 26.79 -16.51
C ASP D 414 44.64 28.04 -15.62
N TRP D 415 43.53 28.40 -14.97
CA TRP D 415 43.47 29.52 -14.04
C TRP D 415 44.49 29.31 -12.94
N ASP D 416 44.62 28.06 -12.50
CA ASP D 416 45.56 27.68 -11.44
C ASP D 416 47.02 27.77 -11.86
N ARG D 417 47.28 27.85 -13.17
CA ARG D 417 48.64 27.99 -13.66
C ARG D 417 48.91 29.29 -14.44
N GLY D 418 48.12 30.32 -14.13
CA GLY D 418 48.29 31.65 -14.72
C GLY D 418 47.72 31.82 -16.12
N GLY D 419 46.89 30.87 -16.56
CA GLY D 419 46.25 30.95 -17.86
C GLY D 419 44.88 31.57 -17.75
N LYS D 420 44.25 31.83 -18.89
CA LYS D 420 42.89 32.38 -18.93
C LYS D 420 41.83 31.28 -19.06
N VAL D 421 40.75 31.43 -18.30
CA VAL D 421 39.57 30.56 -18.41
C VAL D 421 38.83 30.89 -19.70
N LYS D 422 38.63 29.88 -20.54
CA LYS D 422 37.92 30.13 -21.78
C LYS D 422 36.43 29.80 -21.69
N ILE D 423 35.65 30.84 -21.44
CA ILE D 423 34.21 30.73 -21.22
C ILE D 423 33.47 30.84 -22.55
N GLU D 424 32.47 29.98 -22.73
CA GLU D 424 31.57 30.06 -23.85
C GLU D 424 30.13 29.77 -23.42
N VAL D 425 29.20 30.04 -24.32
CA VAL D 425 27.79 29.69 -24.12
C VAL D 425 27.62 28.16 -24.09
N LYS D 426 27.11 27.65 -22.97
CA LYS D 426 26.80 26.23 -22.84
C LYS D 426 25.30 25.97 -22.83
N ALA D 427 24.51 26.93 -23.29
CA ALA D 427 23.05 26.85 -23.22
C ALA D 427 22.36 26.45 -24.52
N THR D 428 23.11 25.96 -25.51
CA THR D 428 22.52 25.57 -26.79
C THR D 428 21.46 24.46 -26.65
N GLY D 429 20.29 24.70 -27.24
CA GLY D 429 19.12 23.83 -27.07
C GLY D 429 18.09 24.37 -26.10
N ILE D 430 18.53 25.24 -25.19
CA ILE D 430 17.63 25.89 -24.27
C ILE D 430 17.00 27.06 -25.00
N GLU D 431 15.68 27.18 -24.85
CA GLU D 431 14.91 28.29 -25.38
C GLU D 431 13.90 28.65 -24.29
N GLU D 432 14.17 29.75 -23.60
CA GLU D 432 13.45 30.10 -22.39
C GLU D 432 12.72 31.46 -22.42
N CYS D 433 12.75 32.13 -23.57
CA CYS D 433 12.11 33.43 -23.70
C CYS D 433 10.59 33.40 -23.49
N ALA D 434 10.10 34.47 -22.87
CA ALA D 434 8.70 34.80 -22.87
C ALA D 434 8.46 35.66 -24.12
N VAL D 435 7.63 35.13 -25.01
CA VAL D 435 7.41 35.74 -26.31
C VAL D 435 6.07 36.48 -26.29
N LEU D 436 6.11 37.74 -26.72
CA LEU D 436 5.01 38.67 -26.51
C LEU D 436 4.22 39.01 -27.77
N ASP D 437 4.88 39.01 -28.92
CA ASP D 437 4.23 39.21 -30.23
C ASP D 437 5.10 38.63 -31.35
N LEU D 438 4.43 38.31 -32.46
CA LEU D 438 5.05 37.70 -33.63
C LEU D 438 4.34 38.11 -34.92
N VAL D 439 5.12 38.39 -35.95
CA VAL D 439 4.61 38.62 -37.30
C VAL D 439 5.40 37.82 -38.35
N SER D 440 4.68 37.31 -39.34
CA SER D 440 5.29 36.60 -40.47
C SER D 440 4.92 37.41 -41.71
N PRO D 441 5.78 38.35 -42.13
CA PRO D 441 5.40 39.23 -43.24
C PRO D 441 5.43 38.53 -44.61
N PRO D 442 4.64 39.03 -45.57
CA PRO D 442 4.58 38.45 -46.91
C PRO D 442 5.86 38.69 -47.75
N GLU D 443 6.69 39.64 -47.35
CA GLU D 443 8.02 39.87 -47.92
C GLU D 443 9.04 40.06 -46.79
N GLY D 444 10.29 39.72 -47.04
CA GLY D 444 11.34 39.81 -46.02
C GLY D 444 11.55 38.49 -45.30
N ALA D 445 11.91 38.57 -44.01
CA ALA D 445 12.18 37.39 -43.19
C ALA D 445 10.91 36.56 -42.94
N PRO D 446 11.05 35.23 -42.73
CA PRO D 446 9.85 34.46 -42.37
C PRO D 446 9.21 34.89 -41.05
N LEU D 447 9.97 35.48 -40.14
CA LEU D 447 9.45 35.81 -38.82
C LEU D 447 10.20 36.95 -38.17
N VAL D 448 9.44 37.84 -37.51
CA VAL D 448 10.01 38.91 -36.71
C VAL D 448 9.30 38.87 -35.35
N SER D 449 10.09 38.88 -34.28
CA SER D 449 9.56 38.61 -32.94
C SER D 449 9.65 39.81 -32.00
N ALA D 450 8.83 39.79 -30.97
CA ALA D 450 8.91 40.74 -29.86
C ALA D 450 8.88 39.91 -28.60
N VAL D 451 9.93 40.00 -27.80
CA VAL D 451 10.08 39.11 -26.65
C VAL D 451 10.46 39.88 -25.37
N GLY D 452 10.19 39.27 -24.22
CA GLY D 452 10.67 39.79 -22.96
C GLY D 452 12.19 39.77 -22.87
N ASP D 453 12.76 40.85 -22.36
CA ASP D 453 14.12 40.84 -21.84
C ASP D 453 15.14 41.02 -22.97
N LEU D 454 14.86 40.42 -24.12
CA LEU D 454 15.78 40.47 -25.26
C LEU D 454 15.19 41.29 -26.40
N VAL D 455 14.03 41.90 -26.15
CA VAL D 455 13.41 42.81 -27.13
C VAL D 455 12.74 42.08 -28.31
N GLY D 456 13.53 41.29 -29.05
CA GLY D 456 13.02 40.61 -30.22
C GLY D 456 14.02 40.62 -31.36
N PHE D 457 13.74 39.80 -32.38
CA PHE D 457 14.69 39.63 -33.47
C PHE D 457 14.01 39.51 -34.83
N VAL D 458 14.80 39.72 -35.87
CA VAL D 458 14.47 39.28 -37.21
C VAL D 458 15.03 37.86 -37.29
N HIS D 459 14.21 36.94 -37.78
CA HIS D 459 14.60 35.55 -37.95
C HIS D 459 14.67 35.26 -39.44
N ASP D 460 15.85 35.43 -40.02
CA ASP D 460 16.09 35.19 -41.45
C ASP D 460 16.02 33.69 -41.76
N ASP D 461 16.50 32.90 -40.81
CA ASP D 461 16.53 31.46 -40.92
C ASP D 461 16.02 30.88 -39.60
N LEU D 462 14.92 30.15 -39.64
CA LEU D 462 14.34 29.60 -38.42
C LEU D 462 15.28 28.65 -37.67
N LYS D 463 16.33 28.19 -38.36
CA LYS D 463 17.29 27.23 -37.80
C LYS D 463 18.57 27.87 -37.29
N VAL D 464 18.75 29.17 -37.55
CA VAL D 464 19.96 29.88 -37.15
C VAL D 464 19.59 31.01 -36.20
N GLY D 465 20.28 31.06 -35.06
CA GLY D 465 20.08 32.12 -34.07
C GLY D 465 20.46 33.49 -34.60
N PRO D 466 19.67 34.53 -34.25
CA PRO D 466 20.01 35.90 -34.66
C PRO D 466 21.26 36.42 -33.95
N LYS D 467 21.91 37.40 -34.57
CA LYS D 467 23.13 37.98 -34.03
C LYS D 467 22.85 39.13 -33.06
N LYS D 468 21.71 39.80 -33.25
CA LYS D 468 21.42 41.04 -32.51
C LYS D 468 19.92 41.27 -32.35
N HIS D 470 16.52 43.84 -31.75
CA HIS D 470 16.01 45.04 -32.45
C HIS D 470 16.63 46.36 -32.00
N VAL D 471 16.52 46.63 -30.70
CA VAL D 471 16.90 47.91 -30.07
C VAL D 471 17.48 47.58 -28.69
N PRO D 472 18.81 47.60 -28.55
CA PRO D 472 19.50 47.21 -27.31
C PRO D 472 19.19 48.03 -26.06
N SER D 473 18.70 49.27 -26.23
CA SER D 473 18.30 50.08 -25.10
C SER D 473 16.88 49.77 -24.61
N TYR D 474 16.18 48.88 -25.31
CA TYR D 474 14.88 48.38 -24.84
C TYR D 474 15.08 47.20 -23.91
N SER D 475 14.10 46.96 -23.05
CA SER D 475 14.12 45.76 -22.21
C SER D 475 13.23 44.67 -22.82
N SER D 476 11.94 44.95 -23.00
CA SER D 476 11.02 43.98 -23.59
C SER D 476 10.28 44.59 -24.77
N GLY D 477 10.23 43.85 -25.87
CA GLY D 477 9.38 44.21 -27.01
C GLY D 477 8.02 43.61 -26.74
N THR D 478 6.98 44.45 -26.72
CA THR D 478 5.66 44.02 -26.27
C THR D 478 4.65 43.92 -27.43
N GLY D 479 4.98 44.57 -28.55
CA GLY D 479 4.11 44.57 -29.71
C GLY D 479 4.84 44.89 -31.00
N ILE D 480 4.42 44.24 -32.08
CA ILE D 480 5.00 44.48 -33.40
C ILE D 480 3.93 44.37 -34.50
N ASP D 481 4.03 45.21 -35.52
CA ASP D 481 3.17 45.10 -36.70
C ASP D 481 3.94 45.60 -37.93
N TYR D 482 3.47 45.20 -39.11
CA TYR D 482 4.05 45.62 -40.38
C TYR D 482 2.88 46.15 -41.23
N ALA D 483 3.19 46.99 -42.21
CA ALA D 483 2.18 47.46 -43.16
C ALA D 483 1.96 46.36 -44.19
N GLU D 484 0.71 45.89 -44.31
CA GLU D 484 0.43 44.69 -45.11
C GLU D 484 0.87 44.85 -46.57
N LEU D 485 0.64 46.04 -47.12
CA LEU D 485 0.89 46.32 -48.53
C LEU D 485 2.23 47.02 -48.71
N VAL D 486 2.86 47.38 -47.61
CA VAL D 486 4.23 47.91 -47.59
C VAL D 486 5.03 47.14 -46.52
N PRO D 487 5.28 45.82 -46.75
CA PRO D 487 5.71 44.96 -45.63
C PRO D 487 7.12 45.21 -45.10
N ASN D 488 7.91 46.02 -45.80
CA ASN D 488 9.19 46.48 -45.27
C ASN D 488 9.04 47.48 -44.11
N PHE D 489 7.88 48.13 -44.03
CA PHE D 489 7.61 49.11 -42.96
C PHE D 489 7.02 48.43 -41.72
N ALA D 491 6.57 48.66 -37.11
CA ALA D 491 6.60 49.43 -35.87
C ALA D 491 6.75 48.46 -34.70
N LEU D 492 7.64 48.80 -33.77
CA LEU D 492 7.87 48.02 -32.55
C LEU D 492 7.66 48.89 -31.32
N VAL D 493 6.80 48.44 -30.40
CA VAL D 493 6.64 49.13 -29.11
C VAL D 493 7.24 48.29 -27.99
N ALA D 494 7.71 48.97 -26.94
CA ALA D 494 8.53 48.29 -25.97
C ALA D 494 8.54 48.97 -24.61
N LYS D 495 9.10 48.26 -23.64
CA LYS D 495 9.47 48.85 -22.36
C LYS D 495 10.97 49.07 -22.33
N ALA D 496 11.42 49.99 -21.47
CA ALA D 496 12.83 50.35 -21.42
C ALA D 496 13.24 50.71 -19.99
N VAL D 501 14.84 56.75 -23.40
CA VAL D 501 14.72 56.35 -24.80
C VAL D 501 13.24 56.31 -25.21
N LYS D 502 12.94 56.64 -26.47
CA LYS D 502 11.56 56.63 -26.96
C LYS D 502 11.15 55.18 -27.24
N LYS D 503 10.02 54.77 -26.69
CA LYS D 503 9.64 53.36 -26.60
C LYS D 503 8.80 52.81 -27.77
N ILE D 504 8.80 53.55 -28.87
CA ILE D 504 8.35 53.03 -30.17
C ILE D 504 9.48 53.21 -31.18
N SER D 505 9.68 52.21 -32.03
CA SER D 505 10.66 52.30 -33.10
C SER D 505 10.00 51.98 -34.42
N PHE D 506 10.51 52.56 -35.50
CA PHE D 506 10.05 52.23 -36.85
C PHE D 506 11.18 51.65 -37.71
N SER D 507 10.80 50.82 -38.66
CA SER D 507 11.74 50.21 -39.58
C SER D 507 11.23 50.35 -41.01
N TYR D 508 12.14 50.67 -41.93
CA TYR D 508 11.84 50.76 -43.36
C TYR D 508 12.41 49.58 -44.12
N ASP D 509 13.19 48.74 -43.44
CA ASP D 509 13.85 47.62 -44.10
C ASP D 509 13.45 46.25 -43.52
N GLY D 510 12.17 46.11 -43.16
CA GLY D 510 11.66 44.85 -42.66
C GLY D 510 12.30 44.39 -41.36
N GLY D 511 12.73 45.34 -40.53
CA GLY D 511 13.19 45.02 -39.19
C GLY D 511 14.67 44.92 -38.99
N ARG D 512 15.46 45.07 -40.06
CA ARG D 512 16.92 45.00 -39.95
C ARG D 512 17.43 46.17 -39.10
N ASN D 513 16.92 47.36 -39.41
CA ASN D 513 17.35 48.59 -38.74
C ASN D 513 16.15 49.36 -38.21
N TRP D 514 16.32 49.95 -37.03
CA TRP D 514 15.25 50.67 -36.35
C TRP D 514 15.67 52.08 -35.98
N PHE D 515 14.69 52.99 -36.01
CA PHE D 515 14.87 54.36 -35.53
C PHE D 515 13.72 54.77 -34.60
N GLN D 516 14.03 55.66 -33.67
CA GLN D 516 13.04 56.17 -32.73
C GLN D 516 12.64 57.56 -33.18
N PRO D 517 11.34 57.88 -33.08
CA PRO D 517 10.83 59.21 -33.40
C PRO D 517 11.16 60.20 -32.27
N PRO D 518 10.90 61.51 -32.50
CA PRO D 518 11.15 62.47 -31.42
C PRO D 518 10.12 62.41 -30.30
N ASN D 519 8.93 61.86 -30.58
CA ASN D 519 7.87 61.82 -29.59
C ASN D 519 7.21 60.46 -29.41
N GLU D 520 6.72 60.23 -28.21
CA GLU D 520 5.90 59.06 -27.90
C GLU D 520 4.42 59.45 -27.79
N ALA D 521 3.54 58.44 -27.93
CA ALA D 521 2.15 58.55 -27.52
C ALA D 521 2.13 58.75 -26.00
N PRO D 522 1.08 59.44 -25.47
CA PRO D 522 0.97 59.54 -24.02
C PRO D 522 1.04 58.16 -23.38
N ASN D 523 1.97 57.99 -22.43
CA ASN D 523 2.22 56.69 -21.81
C ASN D 523 2.91 56.84 -20.46
N SER D 524 2.86 55.80 -19.64
CA SER D 524 3.58 55.77 -18.38
C SER D 524 4.81 54.89 -18.48
N VAL D 525 4.68 53.74 -19.14
CA VAL D 525 5.77 52.76 -19.18
C VAL D 525 6.02 52.24 -20.59
N GLY D 526 5.59 53.00 -21.60
CA GLY D 526 5.58 52.52 -22.97
C GLY D 526 4.82 51.20 -23.03
N GLY D 527 5.40 50.23 -23.72
CA GLY D 527 4.83 48.90 -23.85
C GLY D 527 3.51 48.88 -24.58
N GLY D 528 2.64 47.93 -24.23
CA GLY D 528 1.34 47.77 -24.87
C GLY D 528 1.45 47.18 -26.26
N SER D 529 0.57 47.62 -27.15
CA SER D 529 0.47 47.05 -28.49
C SER D 529 0.57 48.12 -29.57
N VAL D 530 0.74 47.68 -30.82
CA VAL D 530 0.87 48.58 -31.98
C VAL D 530 0.13 48.02 -33.21
N ALA D 531 -0.55 48.89 -33.96
CA ALA D 531 -1.24 48.52 -35.18
C ALA D 531 -0.79 49.42 -36.32
N VAL D 532 -0.38 48.81 -37.43
CA VAL D 532 0.14 49.55 -38.58
C VAL D 532 -0.82 49.51 -39.78
N ALA D 533 -1.12 50.69 -40.33
CA ALA D 533 -2.02 50.80 -41.49
C ALA D 533 -1.53 49.97 -42.67
N ALA D 534 -2.46 49.36 -43.39
CA ALA D 534 -2.15 48.54 -44.58
C ALA D 534 -1.18 49.25 -45.53
N ASP D 535 -1.36 50.56 -45.71
CA ASP D 535 -0.55 51.35 -46.63
C ASP D 535 0.60 52.12 -45.97
N ALA D 536 0.85 51.84 -44.69
CA ALA D 536 1.94 52.45 -43.89
C ALA D 536 1.79 53.95 -43.62
N LYS D 537 0.59 54.49 -43.80
CA LYS D 537 0.35 55.93 -43.63
C LYS D 537 0.01 56.36 -42.20
N SER D 538 -0.38 55.41 -41.37
CA SER D 538 -0.62 55.70 -39.96
C SER D 538 -0.32 54.49 -39.08
N VAL D 539 -0.09 54.77 -37.80
CA VAL D 539 0.30 53.77 -36.82
C VAL D 539 -0.41 54.14 -35.52
N ILE D 540 -1.13 53.18 -34.94
CA ILE D 540 -1.75 53.38 -33.64
C ILE D 540 -0.95 52.65 -32.56
N TRP D 541 -0.56 53.39 -31.54
CA TRP D 541 0.11 52.81 -30.37
C TRP D 541 -0.90 52.84 -29.21
N THR D 542 -1.18 51.68 -28.64
CA THR D 542 -1.95 51.57 -27.40
C THR D 542 -0.98 51.17 -26.27
N PRO D 543 -0.37 52.16 -25.60
CA PRO D 543 0.64 51.81 -24.61
C PRO D 543 0.00 51.17 -23.39
N GLU D 544 0.80 50.46 -22.60
CA GLU D 544 0.32 49.80 -21.39
C GLU D 544 -0.34 50.79 -20.45
N ASN D 545 -1.56 50.44 -20.01
CA ASN D 545 -2.41 51.28 -19.14
C ASN D 545 -2.67 52.68 -19.69
N ALA D 546 -2.67 52.81 -21.02
CA ALA D 546 -2.96 54.08 -21.65
C ALA D 546 -3.91 53.90 -22.84
N SER D 547 -4.42 55.03 -23.33
CA SER D 547 -5.35 55.05 -24.44
C SER D 547 -4.63 54.96 -25.78
N PRO D 548 -5.30 54.37 -26.79
CA PRO D 548 -4.78 54.35 -28.16
C PRO D 548 -4.48 55.75 -28.70
N ALA D 549 -3.32 55.90 -29.34
CA ALA D 549 -2.97 57.16 -29.98
C ALA D 549 -2.42 56.89 -31.37
N VAL D 550 -2.75 57.79 -32.30
CA VAL D 550 -2.35 57.63 -33.69
C VAL D 550 -1.30 58.65 -34.14
N THR D 551 -0.40 58.21 -35.02
CA THR D 551 0.52 59.12 -35.70
C THR D 551 0.40 58.97 -37.23
N THR D 552 0.46 60.10 -37.93
CA THR D 552 0.46 60.10 -39.39
C THR D 552 1.78 60.63 -39.96
N ASP D 553 2.76 60.81 -39.07
CA ASP D 553 4.05 61.38 -39.45
C ASP D 553 5.22 60.66 -38.77
N ASN D 554 5.09 59.34 -38.59
CA ASN D 554 6.14 58.50 -38.01
C ASN D 554 6.59 58.92 -36.61
N GLY D 555 5.64 59.33 -35.78
CA GLY D 555 5.92 59.67 -34.39
C GLY D 555 6.40 61.09 -34.11
N ASN D 556 6.41 61.96 -35.12
CA ASN D 556 6.65 63.39 -34.86
C ASN D 556 5.56 63.98 -33.98
N SER D 557 4.30 63.58 -34.22
CA SER D 557 3.18 63.98 -33.39
C SER D 557 2.17 62.86 -33.23
N TRP D 558 1.46 62.87 -32.09
CA TRP D 558 0.43 61.88 -31.78
C TRP D 558 -0.87 62.55 -31.43
N LYS D 559 -1.96 61.89 -31.81
CA LYS D 559 -3.29 62.34 -31.47
C LYS D 559 -4.02 61.18 -30.81
N VAL D 560 -4.62 61.44 -29.65
CA VAL D 560 -5.37 60.41 -28.93
C VAL D 560 -6.61 60.03 -29.76
N CYS D 561 -6.78 58.73 -30.01
CA CYS D 561 -7.91 58.24 -30.82
C CYS D 561 -9.22 58.52 -30.10
N THR D 562 -10.19 59.11 -30.79
CA THR D 562 -11.48 59.40 -30.15
C THR D 562 -12.26 58.13 -29.84
N ASN D 563 -12.92 58.15 -28.68
CA ASN D 563 -13.87 57.13 -28.24
C ASN D 563 -13.27 55.82 -27.73
N LEU D 564 -11.95 55.71 -27.77
CA LEU D 564 -11.25 54.55 -27.19
C LEU D 564 -10.66 54.90 -25.82
N GLY D 565 -10.05 53.93 -25.17
CA GLY D 565 -9.48 54.15 -23.85
C GLY D 565 -8.59 53.02 -23.41
N GLY D 567 -6.96 49.79 -22.14
CA GLY D 567 -7.39 48.39 -22.31
C GLY D 567 -7.94 48.01 -23.68
N ALA D 568 -8.22 49.00 -24.53
CA ALA D 568 -8.74 48.75 -25.89
C ALA D 568 -7.83 47.81 -26.69
N VAL D 569 -8.44 46.89 -27.43
CA VAL D 569 -7.71 45.93 -28.26
C VAL D 569 -7.87 46.36 -29.71
N VAL D 570 -6.77 46.83 -30.30
CA VAL D 570 -6.79 47.54 -31.56
C VAL D 570 -6.07 46.74 -32.63
N ALA D 571 -6.62 46.74 -33.85
CA ALA D 571 -5.96 46.14 -35.00
C ALA D 571 -6.25 46.94 -36.25
N SER D 572 -5.34 46.85 -37.21
CA SER D 572 -5.52 47.52 -38.49
C SER D 572 -6.15 46.58 -39.51
N ASP D 573 -6.93 47.13 -40.44
CA ASP D 573 -7.35 46.39 -41.61
C ASP D 573 -6.11 46.09 -42.47
N ARG D 574 -6.11 44.96 -43.16
CA ARG D 574 -4.94 44.54 -43.94
C ARG D 574 -5.01 44.96 -45.41
N VAL D 575 -6.13 45.56 -45.81
CA VAL D 575 -6.33 45.94 -47.20
C VAL D 575 -6.47 47.44 -47.34
N ASN D 576 -7.32 48.03 -46.50
CA ASN D 576 -7.62 49.45 -46.55
C ASN D 576 -6.87 50.22 -45.45
N GLY D 577 -5.92 51.05 -45.86
CA GLY D 577 -5.11 51.83 -44.92
C GLY D 577 -5.89 52.79 -44.04
N LYS D 578 -7.10 53.12 -44.45
CA LYS D 578 -7.96 54.05 -43.71
C LYS D 578 -8.71 53.38 -42.55
N LYS D 579 -8.70 52.05 -42.53
CA LYS D 579 -9.54 51.28 -41.61
C LYS D 579 -8.78 50.61 -40.46
N PHE D 580 -9.23 50.91 -39.24
CA PHE D 580 -8.75 50.28 -38.02
C PHE D 580 -9.96 49.83 -37.20
N TYR D 581 -9.74 48.91 -36.27
CA TYR D 581 -10.80 48.28 -35.49
C TYR D 581 -10.40 48.25 -34.02
N ALA D 582 -11.40 48.22 -33.14
CA ALA D 582 -11.13 48.09 -31.72
C ALA D 582 -12.27 47.46 -30.95
N PHE D 583 -11.92 46.57 -30.05
CA PHE D 583 -12.83 46.11 -29.03
C PHE D 583 -12.46 46.88 -27.77
N TYR D 584 -13.41 47.62 -27.22
CA TYR D 584 -13.14 48.44 -26.05
C TYR D 584 -14.36 48.47 -25.13
N ASN D 585 -14.15 48.09 -23.88
CA ASN D 585 -15.22 48.04 -22.86
C ASN D 585 -16.50 47.33 -23.30
N GLY D 586 -16.34 46.15 -23.89
CA GLY D 586 -17.48 45.34 -24.34
C GLY D 586 -18.14 45.80 -25.62
N LYS D 587 -17.57 46.80 -26.29
CA LYS D 587 -18.14 47.32 -27.54
C LYS D 587 -17.12 47.30 -28.67
N PHE D 588 -17.62 47.26 -29.90
CA PHE D 588 -16.76 47.27 -31.07
C PHE D 588 -16.79 48.60 -31.80
N TYR D 589 -15.63 49.00 -32.31
CA TYR D 589 -15.44 50.29 -32.95
C TYR D 589 -14.71 50.17 -34.26
N ILE D 590 -15.10 51.00 -35.22
CA ILE D 590 -14.40 51.12 -36.48
C ILE D 590 -13.84 52.54 -36.65
N SER D 591 -12.69 52.65 -37.29
CA SER D 591 -12.19 53.93 -37.76
C SER D 591 -12.12 53.83 -39.27
N THR D 592 -12.55 54.88 -39.95
CA THR D 592 -12.45 54.94 -41.43
C THR D 592 -11.62 56.14 -41.91
N ASP D 593 -10.92 56.80 -41.00
CA ASP D 593 -10.04 57.92 -41.33
C ASP D 593 -8.57 57.68 -40.91
N GLY D 594 -8.13 56.43 -40.96
CA GLY D 594 -6.76 56.10 -40.64
C GLY D 594 -6.44 56.09 -39.16
N GLY D 595 -7.48 55.95 -38.33
CA GLY D 595 -7.31 55.83 -36.88
C GLY D 595 -7.51 57.11 -36.07
N LEU D 596 -7.83 58.21 -36.73
CA LEU D 596 -8.08 59.47 -36.01
C LEU D 596 -9.32 59.37 -35.12
N THR D 597 -10.40 58.86 -35.67
CA THR D 597 -11.63 58.75 -34.93
C THR D 597 -12.22 57.35 -35.04
N PHE D 598 -12.80 56.89 -33.94
CA PHE D 598 -13.50 55.61 -33.90
C PHE D 598 -14.98 55.81 -33.57
N THR D 599 -15.81 54.94 -34.13
CA THR D 599 -17.24 54.96 -33.91
C THR D 599 -17.70 53.58 -33.46
N ASP D 600 -18.49 53.57 -32.39
CA ASP D 600 -19.16 52.37 -31.93
C ASP D 600 -20.03 51.81 -33.08
N THR D 601 -19.76 50.57 -33.51
CA THR D 601 -20.53 49.96 -34.59
C THR D 601 -21.92 49.51 -34.12
N LYS D 602 -22.12 49.50 -32.80
CA LYS D 602 -23.38 49.07 -32.17
C LYS D 602 -23.73 47.64 -32.57
N ALA D 603 -22.71 46.78 -32.59
CA ALA D 603 -22.86 45.37 -32.92
C ALA D 603 -23.81 44.67 -31.93
N PRO D 604 -24.86 44.02 -32.47
CA PRO D 604 -25.92 43.40 -31.65
C PRO D 604 -25.47 42.22 -30.76
N GLN D 605 -24.45 41.49 -31.20
CA GLN D 605 -23.98 40.33 -30.44
C GLN D 605 -22.46 40.31 -30.39
N LEU D 606 -21.93 40.28 -29.17
CA LEU D 606 -20.49 40.34 -28.91
C LEU D 606 -20.16 39.55 -27.65
N PRO D 607 -18.92 39.04 -27.56
CA PRO D 607 -18.47 38.45 -26.28
C PRO D 607 -18.29 39.57 -25.25
N LYS D 608 -18.27 39.20 -23.97
CA LYS D 608 -18.09 40.18 -22.89
C LYS D 608 -16.70 40.82 -22.90
N SER D 609 -15.71 40.05 -23.34
CA SER D 609 -14.32 40.50 -23.34
C SER D 609 -13.53 39.77 -24.42
N VAL D 610 -12.41 40.33 -24.83
CA VAL D 610 -11.52 39.64 -25.77
C VAL D 610 -10.08 39.71 -25.29
N ASN D 611 -9.29 38.72 -25.70
CA ASN D 611 -7.84 38.77 -25.52
C ASN D 611 -7.18 39.45 -26.72
N LYS D 612 -7.62 39.11 -27.93
CA LYS D 612 -7.00 39.59 -29.16
C LYS D 612 -8.05 39.81 -30.22
N ILE D 613 -7.79 40.76 -31.10
CA ILE D 613 -8.55 40.88 -32.36
C ILE D 613 -7.55 40.94 -33.51
N LYS D 614 -7.96 40.47 -34.69
CA LYS D 614 -7.07 40.49 -35.84
C LYS D 614 -7.85 40.48 -37.14
N ALA D 615 -7.43 41.34 -38.07
CA ALA D 615 -7.98 41.39 -39.42
C ALA D 615 -7.18 40.48 -40.35
N VAL D 616 -7.78 40.17 -41.50
CA VAL D 616 -7.26 39.12 -42.39
C VAL D 616 -6.62 39.73 -43.64
N PRO D 617 -5.36 39.35 -43.96
CA PRO D 617 -4.75 39.76 -45.22
C PRO D 617 -5.62 39.38 -46.40
N GLY D 618 -5.78 40.31 -47.34
CA GLY D 618 -6.59 40.09 -48.54
C GLY D 618 -8.10 40.18 -48.37
N LYS D 619 -8.57 40.44 -47.15
CA LYS D 619 -10.01 40.47 -46.88
C LYS D 619 -10.43 41.74 -46.11
N GLU D 620 -10.82 42.78 -46.84
CA GLU D 620 -11.22 44.04 -46.22
C GLU D 620 -12.47 43.86 -45.38
N GLY D 621 -12.40 44.27 -44.12
CA GLY D 621 -13.54 44.19 -43.21
C GLY D 621 -13.70 42.86 -42.49
N HIS D 622 -12.79 41.92 -42.73
CA HIS D 622 -12.75 40.68 -41.97
C HIS D 622 -11.90 40.85 -40.71
N VAL D 623 -12.55 40.81 -39.55
CA VAL D 623 -11.88 40.88 -38.24
C VAL D 623 -12.36 39.69 -37.45
N TRP D 624 -11.45 39.05 -36.72
CA TRP D 624 -11.77 37.92 -35.87
C TRP D 624 -11.53 38.27 -34.40
N LEU D 625 -12.40 37.79 -33.52
CA LEU D 625 -12.21 38.00 -32.08
C LEU D 625 -11.80 36.70 -31.40
N ALA D 626 -10.68 36.73 -30.69
CA ALA D 626 -10.28 35.63 -29.83
C ALA D 626 -10.68 35.99 -28.39
N ALA D 627 -11.75 35.38 -27.90
CA ALA D 627 -12.36 35.78 -26.62
C ALA D 627 -12.08 34.80 -25.48
N ARG D 628 -11.01 34.02 -25.63
CA ARG D 628 -10.68 32.98 -24.65
C ARG D 628 -11.89 32.03 -24.49
N GLU D 629 -12.35 31.79 -23.26
CA GLU D 629 -13.53 30.93 -23.02
C GLU D 629 -14.82 31.53 -23.57
N GLY D 630 -14.76 32.81 -23.98
CA GLY D 630 -15.87 33.46 -24.69
C GLY D 630 -16.01 33.04 -26.15
N GLY D 631 -15.05 32.27 -26.65
CA GLY D 631 -15.13 31.66 -27.96
C GLY D 631 -14.32 32.37 -29.04
N LEU D 632 -14.60 31.99 -30.29
CA LEU D 632 -14.04 32.63 -31.47
C LEU D 632 -15.15 33.25 -32.30
N TRP D 633 -14.99 34.52 -32.64
CA TRP D 633 -16.00 35.27 -33.38
C TRP D 633 -15.44 35.84 -34.68
N ARG D 634 -16.30 36.03 -35.68
CA ARG D 634 -15.87 36.58 -36.96
C ARG D 634 -16.83 37.66 -37.44
N SER D 635 -16.26 38.68 -38.06
CA SER D 635 -17.03 39.69 -38.79
C SER D 635 -16.44 39.77 -40.19
N THR D 636 -17.32 39.92 -41.18
CA THR D 636 -16.92 40.15 -42.56
C THR D 636 -17.39 41.52 -43.06
N ASP D 637 -17.94 42.33 -42.15
CA ASP D 637 -18.44 43.66 -42.52
C ASP D 637 -17.84 44.83 -41.70
N GLY D 638 -16.61 44.65 -41.26
CA GLY D 638 -15.91 45.72 -40.56
C GLY D 638 -16.26 45.84 -39.10
N GLY D 639 -16.90 44.79 -38.57
CA GLY D 639 -17.22 44.74 -37.16
C GLY D 639 -18.61 45.23 -36.77
N TYR D 640 -19.50 45.38 -37.75
CA TYR D 640 -20.90 45.71 -37.47
C TYR D 640 -21.73 44.52 -37.04
N THR D 641 -21.41 43.35 -37.56
CA THR D 641 -22.02 42.11 -37.11
C THR D 641 -20.93 41.06 -36.88
N PHE D 642 -21.06 40.30 -35.79
CA PHE D 642 -20.19 39.18 -35.50
C PHE D 642 -20.99 37.88 -35.37
N GLU D 643 -20.39 36.80 -35.88
CA GLU D 643 -20.89 35.45 -35.64
C GLU D 643 -19.94 34.75 -34.66
N LYS D 644 -20.50 34.18 -33.59
CA LYS D 644 -19.75 33.27 -32.72
C LYS D 644 -19.70 31.89 -33.38
N LEU D 645 -18.49 31.37 -33.62
CA LEU D 645 -18.35 30.05 -34.23
C LEU D 645 -18.76 28.99 -33.23
N SER D 646 -19.81 28.22 -33.56
CA SER D 646 -20.36 27.27 -32.61
C SER D 646 -19.48 26.03 -32.38
N ASN D 647 -18.49 25.82 -33.25
CA ASN D 647 -17.62 24.65 -33.15
C ASN D 647 -16.27 24.90 -32.44
N VAL D 648 -16.12 26.08 -31.83
CA VAL D 648 -14.93 26.38 -31.03
C VAL D 648 -15.35 26.74 -29.60
N ASP D 649 -14.78 26.04 -28.61
CA ASP D 649 -15.05 26.33 -27.20
C ASP D 649 -14.23 27.55 -26.74
N THR D 650 -12.90 27.45 -26.87
CA THR D 650 -11.99 28.47 -26.36
C THR D 650 -10.98 28.83 -27.45
N ALA D 651 -10.78 30.13 -27.65
CA ALA D 651 -9.72 30.63 -28.54
C ALA D 651 -8.99 31.78 -27.87
N HIS D 652 -7.76 31.52 -27.43
CA HIS D 652 -6.96 32.54 -26.75
C HIS D 652 -6.36 33.55 -27.70
N VAL D 653 -5.87 33.05 -28.84
CA VAL D 653 -5.24 33.87 -29.87
C VAL D 653 -5.68 33.35 -31.25
N VAL D 654 -5.60 34.22 -32.26
CA VAL D 654 -6.01 33.85 -33.63
C VAL D 654 -5.02 34.39 -34.65
N GLY D 655 -4.70 33.57 -35.65
CA GLY D 655 -3.76 33.97 -36.69
C GLY D 655 -4.03 33.30 -38.02
N PHE D 656 -3.35 33.77 -39.06
CA PHE D 656 -3.64 33.36 -40.44
C PHE D 656 -2.38 33.02 -41.20
N GLY D 657 -2.49 31.99 -42.03
CA GLY D 657 -1.41 31.60 -42.94
C GLY D 657 -1.94 31.35 -44.34
N LYS D 658 -1.01 31.03 -45.25
CA LYS D 658 -1.33 30.68 -46.64
C LYS D 658 -2.55 29.74 -46.72
N ALA D 659 -3.48 30.04 -47.64
CA ALA D 659 -4.64 29.21 -47.92
C ALA D 659 -4.23 27.81 -48.36
N ALA D 660 -4.97 26.79 -47.93
CA ALA D 660 -4.82 25.44 -48.47
C ALA D 660 -5.11 25.46 -49.97
N PRO D 661 -4.50 24.54 -50.74
CA PRO D 661 -4.70 24.55 -52.20
C PRO D 661 -6.17 24.55 -52.58
N GLY D 662 -6.56 25.48 -53.45
CA GLY D 662 -7.94 25.56 -53.94
C GLY D 662 -8.97 26.00 -52.93
N GLN D 663 -8.52 26.65 -51.85
CA GLN D 663 -9.44 27.27 -50.88
C GLN D 663 -9.38 28.77 -51.03
N ASP D 664 -10.52 29.42 -50.86
CA ASP D 664 -10.62 30.88 -51.02
C ASP D 664 -10.55 31.63 -49.69
N TYR D 665 -10.04 30.97 -48.65
CA TYR D 665 -9.74 31.64 -47.39
C TYR D 665 -8.41 31.16 -46.85
N ALA D 667 -5.72 29.88 -44.24
CA ALA D 667 -5.82 28.93 -43.12
C ALA D 667 -5.80 29.72 -41.80
N ILE D 668 -6.63 29.28 -40.85
CA ILE D 668 -6.78 29.92 -39.56
C ILE D 668 -6.19 29.04 -38.47
N TYR D 669 -5.43 29.67 -37.57
CA TYR D 669 -4.78 28.97 -36.48
C TYR D 669 -5.20 29.59 -35.14
N ILE D 670 -5.52 28.71 -34.18
CA ILE D 670 -5.88 29.15 -32.85
C ILE D 670 -5.18 28.29 -31.81
N THR D 671 -5.06 28.80 -30.59
CA THR D 671 -4.80 27.94 -29.44
C THR D 671 -6.03 28.05 -28.56
N GLY D 672 -6.34 26.99 -27.84
CA GLY D 672 -7.51 26.98 -26.99
C GLY D 672 -8.09 25.59 -26.86
N LYS D 673 -9.41 25.49 -27.02
CA LYS D 673 -10.12 24.25 -26.79
C LYS D 673 -11.26 24.05 -27.77
N ILE D 674 -11.30 22.85 -28.34
CA ILE D 674 -12.39 22.40 -29.20
C ILE D 674 -12.81 21.01 -28.69
N ASP D 675 -14.11 20.82 -28.46
CA ASP D 675 -14.68 19.52 -28.04
C ASP D 675 -13.92 18.85 -26.89
N ASN D 676 -13.64 19.64 -25.85
CA ASN D 676 -12.87 19.21 -24.69
C ASN D 676 -11.42 18.75 -24.90
N VAL D 677 -10.83 19.12 -26.02
CA VAL D 677 -9.40 18.92 -26.21
C VAL D 677 -8.68 20.29 -26.21
N LEU D 678 -7.72 20.45 -25.31
CA LEU D 678 -6.88 21.64 -25.30
C LEU D 678 -5.76 21.45 -26.30
N GLY D 679 -5.41 22.51 -27.01
CA GLY D 679 -4.29 22.46 -27.94
C GLY D 679 -4.29 23.55 -28.97
N PHE D 680 -3.65 23.25 -30.12
CA PHE D 680 -3.56 24.15 -31.25
C PHE D 680 -4.36 23.54 -32.38
N PHE D 681 -5.08 24.39 -33.11
CA PHE D 681 -6.03 23.93 -34.11
C PHE D 681 -5.90 24.73 -35.39
N ARG D 682 -6.14 24.08 -36.52
CA ARG D 682 -6.15 24.74 -37.81
C ARG D 682 -7.49 24.56 -38.51
N SER D 683 -7.94 25.59 -39.23
CA SER D 683 -9.06 25.45 -40.15
C SER D 683 -8.66 25.88 -41.55
N ASP D 684 -8.95 25.03 -42.52
CA ASP D 684 -8.65 25.31 -43.92
C ASP D 684 -9.87 25.84 -44.68
N ASP D 685 -11.00 25.91 -43.99
CA ASP D 685 -12.26 26.26 -44.66
C ASP D 685 -13.03 27.35 -43.96
N ALA D 686 -12.32 28.43 -43.62
CA ALA D 686 -12.91 29.62 -42.95
C ALA D 686 -13.65 29.29 -41.66
N GLY D 687 -13.22 28.23 -40.98
CA GLY D 687 -13.75 27.89 -39.68
C GLY D 687 -14.87 26.88 -39.68
N LYS D 688 -15.25 26.36 -40.86
CA LYS D 688 -16.32 25.34 -40.94
C LYS D 688 -15.91 24.08 -40.18
N THR D 689 -14.66 23.68 -40.36
CA THR D 689 -14.12 22.50 -39.69
C THR D 689 -12.71 22.77 -39.14
N TRP D 690 -12.34 22.08 -38.08
CA TRP D 690 -11.04 22.23 -37.44
C TRP D 690 -10.35 20.89 -37.28
N VAL D 691 -9.02 20.91 -37.33
CA VAL D 691 -8.18 19.76 -37.00
C VAL D 691 -7.15 20.14 -35.93
N ARG D 692 -6.86 19.21 -35.04
CA ARG D 692 -5.82 19.41 -34.04
C ARG D 692 -4.43 19.21 -34.66
N ILE D 693 -3.56 20.19 -34.46
CA ILE D 693 -2.24 20.16 -35.08
C ILE D 693 -1.09 19.88 -34.09
N ASN D 694 -1.37 19.90 -32.78
CA ASN D 694 -0.38 19.41 -31.83
C ASN D 694 -0.77 18.02 -31.31
N ASP D 695 -0.12 17.57 -30.24
CA ASP D 695 -0.42 16.30 -29.61
C ASP D 695 -0.08 16.41 -28.13
N ASP D 696 -0.23 15.32 -27.39
CA ASP D 696 -0.03 15.32 -25.95
C ASP D 696 1.42 15.58 -25.56
N GLU D 697 2.35 15.34 -26.47
CA GLU D 697 3.78 15.57 -26.19
C GLU D 697 4.23 16.98 -26.49
N HIS D 698 3.38 17.77 -27.15
CA HIS D 698 3.76 19.10 -27.59
C HIS D 698 2.77 20.17 -27.16
N GLY D 699 2.74 20.44 -25.85
CA GLY D 699 1.91 21.49 -25.25
C GLY D 699 2.58 22.85 -25.17
N TYR D 700 3.76 22.90 -24.55
CA TYR D 700 4.58 24.13 -24.40
C TYR D 700 4.00 25.21 -23.47
N GLY D 701 2.98 24.84 -22.69
CA GLY D 701 2.44 25.72 -21.66
C GLY D 701 1.49 26.82 -22.12
N ALA D 702 1.74 28.03 -21.63
CA ALA D 702 0.91 29.19 -21.89
C ALA D 702 1.19 29.71 -23.29
N VAL D 703 0.14 29.71 -24.12
CA VAL D 703 0.23 30.03 -25.53
C VAL D 703 -0.91 31.01 -25.86
N ASP D 704 -1.05 32.05 -25.04
CA ASP D 704 -2.13 33.03 -25.16
C ASP D 704 -1.64 34.46 -25.42
N THR D 705 -0.46 34.59 -26.02
CA THR D 705 0.08 35.91 -26.34
C THR D 705 0.16 36.22 -27.85
N ALA D 706 0.51 35.24 -28.68
CA ALA D 706 0.61 35.49 -30.13
C ALA D 706 0.60 34.21 -30.96
N ILE D 707 -0.06 34.28 -32.12
CA ILE D 707 0.01 33.18 -33.09
C ILE D 707 -0.08 33.74 -34.50
N THR D 708 0.69 33.19 -35.42
CA THR D 708 0.51 33.53 -36.81
C THR D 708 0.86 32.36 -37.72
N GLY D 709 0.11 32.21 -38.81
CA GLY D 709 0.55 31.33 -39.87
C GLY D 709 1.59 32.06 -40.69
N ASP D 710 2.01 31.44 -41.78
CA ASP D 710 3.02 32.02 -42.66
C ASP D 710 2.36 32.23 -44.01
N PRO D 711 2.29 33.49 -44.47
CA PRO D 711 1.59 33.79 -45.73
C PRO D 711 2.26 33.16 -46.96
N ARG D 712 3.48 32.67 -46.81
CA ARG D 712 4.23 32.08 -47.94
C ARG D 712 4.37 30.55 -47.86
N VAL D 713 4.07 29.97 -46.71
CA VAL D 713 4.20 28.52 -46.52
C VAL D 713 2.91 27.93 -45.96
N TYR D 714 2.24 27.10 -46.77
CA TYR D 714 1.03 26.43 -46.30
C TYR D 714 1.35 25.52 -45.12
N GLY D 715 0.50 25.57 -44.09
CA GLY D 715 0.60 24.64 -42.96
C GLY D 715 1.46 25.13 -41.80
N ARG D 716 2.40 26.02 -42.08
CA ARG D 716 3.31 26.52 -41.05
C ARG D 716 2.60 27.48 -40.10
N VAL D 717 2.89 27.32 -38.81
CA VAL D 717 2.36 28.18 -37.76
C VAL D 717 3.46 28.52 -36.75
N TYR D 718 3.47 29.75 -36.27
CA TYR D 718 4.41 30.16 -35.21
C TYR D 718 3.61 30.53 -33.97
N ILE D 719 4.03 30.00 -32.83
CA ILE D 719 3.35 30.22 -31.58
C ILE D 719 4.29 30.78 -30.50
N ALA D 720 3.85 31.87 -29.88
CA ALA D 720 4.55 32.48 -28.75
C ALA D 720 4.28 31.67 -27.48
N THR D 721 5.33 31.30 -26.74
CA THR D 721 5.17 30.63 -25.46
C THR D 721 5.69 31.51 -24.35
N ASN D 722 5.35 31.16 -23.11
CA ASN D 722 5.80 31.91 -21.95
C ASN D 722 6.88 31.14 -21.19
N GLY D 723 8.04 31.02 -21.81
CA GLY D 723 9.17 30.35 -21.20
C GLY D 723 9.73 29.20 -22.02
N ARG D 724 9.15 28.94 -23.18
CA ARG D 724 9.73 27.97 -24.11
C ARG D 724 10.06 28.58 -25.48
N GLY D 725 10.25 29.89 -25.50
CA GLY D 725 10.60 30.60 -26.73
C GLY D 725 9.51 30.63 -27.77
N ILE D 726 9.92 30.67 -29.04
CA ILE D 726 9.02 30.63 -30.18
C ILE D 726 9.03 29.21 -30.69
N VAL D 727 7.85 28.60 -30.78
CA VAL D 727 7.72 27.28 -31.39
C VAL D 727 7.08 27.42 -32.77
N TYR D 728 7.44 26.53 -33.67
CA TYR D 728 6.76 26.45 -34.96
C TYR D 728 6.44 25.03 -35.36
N GLY D 729 5.35 24.88 -36.11
CA GLY D 729 4.89 23.57 -36.57
C GLY D 729 4.62 23.60 -38.06
N GLU D 730 4.89 22.47 -38.71
CA GLU D 730 4.55 22.24 -40.12
C GLU D 730 4.01 20.83 -40.25
N PRO D 731 3.11 20.59 -41.23
CA PRO D 731 2.65 19.21 -41.45
C PRO D 731 3.82 18.24 -41.63
N ALA D 732 3.73 17.08 -40.97
CA ALA D 732 4.83 16.10 -40.95
C ALA D 732 4.93 15.38 -42.30
N SER D 733 6.13 15.40 -42.87
CA SER D 733 6.41 14.86 -44.20
C SER D 733 6.89 13.40 -44.19
#